data_8H0Y
#
_entry.id   8H0Y
#
_cell.length_a   1.00
_cell.length_b   1.00
_cell.length_c   1.00
_cell.angle_alpha   90.00
_cell.angle_beta   90.00
_cell.angle_gamma   90.00
#
_symmetry.space_group_name_H-M   'P 1'
#
loop_
_entity.id
_entity.type
_entity.pdbx_description
1 polymer 'Spike glycoprotein'
2 non-polymer 'LINOLEIC ACID'
3 non-polymer 2-acetamido-2-deoxy-beta-D-glucopyranose
4 non-polymer 'BILIVERDINE IX ALPHA'
#
_entity_poly.entity_id   1
_entity_poly.type   'polypeptide(L)'
_entity_poly.pdbx_seq_one_letter_code
;ETGTDLDRCTTFDDVQAPNYTQHTSSMRGVYYPDEIFRSDTLYLTQDLFLPFYSNVTGFHTINHTFGNPVIPFKDGIYFA
ATEKSNVVRGWVFGSTMNNKSQSVIIINNSTNVVIRACNFELCDNPFFAVSKPMGTQTHTMIFDNAFNCTFEYISDAFSL
DVSEKSGNFKHLREFVFKNKDGFLYVYKGYQPIDVVRDLPSGFNTLKPIFKLPLGINITNFRAILTAFSPAQDIWGTSAA
AYFVGYLKPTTFMLKYDENGTITDAVDCSQNPLAELKCSVKSFEIDKGIYQTSNFRVVPSGDVVRFPNITNLCPFGEVFN
ATKFPSVYAWERKKISNCVADYSVLYNSTFFSTFKCYGVCATKLNDLCFSNVYADSFVVKGDDVRQIAPGQTGVIADYNY
KLPDDFMGCVLAWNTRNIDATSTGNYNYKYRYLRHGKLRPFERDISNVPFSPDGKPCTPPALNCYWPLNDYGFYTTTGIG
YQPYRVVVLSFELLNAPATVCGPKLSTDLIKNQCVNFNFNGLTGTGVLTPSSKRFQPFQQFGRDVSDFTDSVRDPKTSEI
LDISPCSFGGVSVITPGTNASSEVAVLYQDVNCTDVSTAIHADQLTPAWRIYSTGNNVFQTQAGCLIGAEHVDTSYECDI
PIGAGICASYHTVSLLRSTSQKSIVAYTMSLGADSSIAYSNNTIAIPTNFSISITTEVMPVSMAKTSVDCNMYICGDSTE
CANLLLQYGSFCTQLNRALSGIAAEQDRNTREVFAQVKQMYKTPTLKYFGGFNFSQILPDPLKPTKRSFIEDLLFNKVTL
ADAGFMKQYGECLGDINARDLICAQKFNGLTVLPPLLTDDMIAAYTAALVSGTATAGWTFGAGAALQIPFAMQMAYRFNG
IGVTQNVLYENQKQIANQFNKAISQIQESLTTTSTALGKLQDVVNQNAQALNTLVKQLSSNFGAISSVLNDILSRLCKVE
AEVQIDRLITGRLQSLQTYVTQQLIRAAEIRASANLAATKMSECVLGQSKRVDFCGKGYHLMSFPQAAPHGVVFLHVTYV
PSQERNFTTAPAICHEGKAYFPREGVFVFNGTSWFITQRNFFSPQIITTDNTFVSGNCDVVIGIINNTVYDPLQPELDSF
KEELDKYFKNHTSPDVDLGDISGINASVVNIQKEIDRLNEVAKNLNESLIDLQELGKYEQYIKGSGRENLYFQGGGGSGY
IPEAPRDGQAYVRKDGEWVLLSTFLGHHHHHH
;
_entity_poly.pdbx_strand_id   B,A,C
#
# COMPACT_ATOMS: atom_id res chain seq x y z
N THR A 21 28.30 -45.02 22.64
CA THR A 21 27.67 -44.16 23.63
C THR A 21 27.17 -42.86 23.02
N GLN A 22 26.49 -42.98 21.88
CA GLN A 22 25.85 -41.85 21.21
C GLN A 22 24.42 -42.24 20.90
N HIS A 23 23.47 -41.39 21.27
CA HIS A 23 22.06 -41.68 21.03
C HIS A 23 21.38 -40.42 20.50
N THR A 24 20.06 -40.49 20.34
CA THR A 24 19.30 -39.41 19.72
C THR A 24 18.25 -38.89 20.70
N SER A 25 17.97 -37.59 20.58
CA SER A 25 16.90 -36.95 21.34
C SER A 25 15.71 -36.81 20.39
N SER A 26 14.79 -37.76 20.47
CA SER A 26 13.66 -37.83 19.55
C SER A 26 12.50 -37.02 20.12
N MET A 27 12.37 -35.77 19.66
CA MET A 27 11.29 -34.86 20.05
C MET A 27 11.24 -34.65 21.56
N ARG A 28 12.41 -34.52 22.18
CA ARG A 28 12.53 -34.46 23.63
C ARG A 28 13.23 -33.19 24.03
N GLY A 29 12.73 -32.53 25.07
CA GLY A 29 13.39 -31.34 25.59
C GLY A 29 12.70 -30.03 25.28
N VAL A 30 11.37 -30.04 25.20
CA VAL A 30 10.58 -28.86 24.92
C VAL A 30 10.00 -28.34 26.23
N TYR A 31 10.24 -27.07 26.53
CA TYR A 31 9.77 -26.47 27.77
C TYR A 31 8.80 -25.34 27.46
N TYR A 32 8.19 -24.82 28.52
CA TYR A 32 7.28 -23.70 28.36
C TYR A 32 8.09 -22.43 28.13
N PRO A 33 7.96 -21.77 26.97
CA PRO A 33 8.84 -20.63 26.68
C PRO A 33 8.45 -19.35 27.39
N ASP A 34 7.24 -19.27 27.92
CA ASP A 34 6.71 -18.01 28.40
C ASP A 34 5.66 -18.31 29.46
N GLU A 35 5.38 -17.30 30.29
CA GLU A 35 4.54 -17.41 31.47
C GLU A 35 3.15 -16.80 31.28
N ILE A 36 2.59 -16.93 30.07
CA ILE A 36 1.28 -16.39 29.73
C ILE A 36 0.41 -17.53 29.23
N PHE A 37 -0.82 -17.60 29.74
CA PHE A 37 -1.76 -18.65 29.35
C PHE A 37 -2.18 -18.49 27.90
N ARG A 38 -2.11 -19.60 27.15
CA ARG A 38 -2.58 -19.66 25.78
C ARG A 38 -3.32 -20.97 25.58
N SER A 39 -4.33 -20.96 24.71
CA SER A 39 -5.10 -22.16 24.44
C SER A 39 -5.66 -22.11 23.03
N ASP A 40 -5.74 -23.29 22.41
CA ASP A 40 -6.30 -23.48 21.06
C ASP A 40 -5.57 -22.63 20.02
N THR A 41 -4.26 -22.47 20.19
CA THR A 41 -3.47 -21.65 19.30
C THR A 41 -2.28 -22.44 18.79
N LEU A 42 -1.63 -21.88 17.76
CA LEU A 42 -0.36 -22.37 17.24
C LEU A 42 0.64 -21.23 17.35
N TYR A 43 1.55 -21.34 18.31
CA TYR A 43 2.43 -20.24 18.67
C TYR A 43 3.82 -20.48 18.13
N LEU A 44 4.35 -19.51 17.41
CA LEU A 44 5.67 -19.61 16.80
C LEU A 44 6.67 -18.83 17.65
N THR A 45 7.75 -19.49 18.06
CA THR A 45 8.72 -18.86 18.96
C THR A 45 10.12 -19.22 18.51
N GLN A 46 11.09 -18.44 18.98
CA GLN A 46 12.50 -18.65 18.64
C GLN A 46 13.33 -18.50 19.91
N ASP A 47 14.09 -19.54 20.27
CA ASP A 47 14.79 -19.56 21.55
C ASP A 47 15.85 -20.65 21.50
N LEU A 48 16.48 -20.91 22.64
CA LEU A 48 17.50 -21.95 22.74
C LEU A 48 16.82 -23.29 23.01
N PHE A 49 16.78 -24.15 22.01
CA PHE A 49 16.10 -25.43 22.10
C PHE A 49 17.06 -26.56 21.78
N LEU A 50 16.74 -27.74 22.28
CA LEU A 50 17.43 -28.95 21.88
C LEU A 50 16.81 -29.46 20.59
N PRO A 51 17.54 -29.48 19.48
CA PRO A 51 16.93 -29.81 18.19
C PRO A 51 16.49 -31.27 18.10
N PHE A 52 15.46 -31.50 17.28
CA PHE A 52 14.88 -32.82 17.17
C PHE A 52 15.85 -33.78 16.49
N TYR A 53 15.92 -35.01 17.02
CA TYR A 53 16.78 -36.08 16.51
C TYR A 53 18.25 -35.66 16.46
N SER A 54 18.72 -35.09 17.55
CA SER A 54 20.10 -34.63 17.67
C SER A 54 20.88 -35.54 18.60
N ASN A 55 22.20 -35.40 18.54
CA ASN A 55 23.10 -36.26 19.28
C ASN A 55 23.01 -35.98 20.79
N VAL A 56 22.99 -37.04 21.58
CA VAL A 56 23.18 -36.96 23.02
C VAL A 56 24.24 -37.98 23.41
N THR A 57 24.96 -37.68 24.48
CA THR A 57 26.00 -38.54 25.00
C THR A 57 25.51 -39.21 26.26
N GLY A 58 25.63 -40.54 26.32
CA GLY A 58 25.23 -41.30 27.48
C GLY A 58 26.41 -41.58 28.39
N PHE A 59 26.12 -41.66 29.69
CA PHE A 59 27.11 -42.01 30.70
C PHE A 59 26.50 -43.10 31.56
N HIS A 60 27.12 -44.28 31.52
CA HIS A 60 26.69 -45.45 32.28
C HIS A 60 27.75 -45.78 33.31
N THR A 61 27.31 -46.01 34.55
CA THR A 61 28.23 -46.31 35.63
C THR A 61 28.04 -47.73 36.15
N ASN A 68 32.54 -39.99 36.46
CA ASN A 68 31.91 -38.72 36.13
C ASN A 68 32.94 -37.61 35.84
N PRO A 69 33.24 -37.40 34.57
CA PRO A 69 34.22 -36.37 34.21
C PRO A 69 33.62 -34.97 34.21
N VAL A 70 34.42 -33.98 33.83
CA VAL A 70 33.97 -32.60 33.73
C VAL A 70 33.51 -32.38 32.29
N ILE A 71 32.23 -32.06 32.14
CA ILE A 71 31.60 -31.89 30.83
C ILE A 71 31.46 -30.40 30.57
N PRO A 72 31.85 -29.89 29.40
CA PRO A 72 31.69 -28.46 29.12
C PRO A 72 30.24 -28.02 29.02
N PHE A 73 30.00 -26.78 29.43
CA PHE A 73 28.69 -26.15 29.41
C PHE A 73 28.69 -25.14 28.28
N LYS A 74 27.84 -25.35 27.27
CA LYS A 74 27.87 -24.55 26.05
C LYS A 74 26.47 -24.06 25.71
N ASP A 75 26.16 -22.82 26.12
CA ASP A 75 24.87 -22.17 25.86
C ASP A 75 23.69 -22.93 26.44
N GLY A 76 23.91 -23.73 27.46
CA GLY A 76 22.82 -24.46 28.09
C GLY A 76 22.84 -25.93 27.72
N ILE A 77 22.30 -26.75 28.61
CA ILE A 77 22.30 -28.20 28.42
C ILE A 77 20.94 -28.78 28.76
N TYR A 78 20.71 -29.97 28.20
CA TYR A 78 19.61 -30.85 28.57
C TYR A 78 20.21 -32.06 29.27
N PHE A 79 19.71 -32.37 30.46
CA PHE A 79 20.22 -33.43 31.30
C PHE A 79 19.10 -34.41 31.60
N ALA A 80 19.36 -35.70 31.43
CA ALA A 80 18.34 -36.71 31.70
C ALA A 80 18.93 -37.78 32.60
N ALA A 81 18.19 -38.16 33.63
CA ALA A 81 18.61 -39.19 34.57
C ALA A 81 17.64 -40.35 34.50
N THR A 82 18.18 -41.56 34.32
CA THR A 82 17.41 -42.79 34.27
C THR A 82 17.88 -43.69 35.39
N GLU A 83 17.00 -43.97 36.34
CA GLU A 83 17.34 -44.74 37.52
C GLU A 83 16.09 -45.31 38.20
N ASN A 86 17.78 -43.37 42.80
CA ASN A 86 18.26 -42.25 43.59
C ASN A 86 19.77 -42.29 43.77
N VAL A 87 20.50 -42.24 42.66
CA VAL A 87 21.95 -42.23 42.66
C VAL A 87 22.49 -40.85 42.27
N VAL A 88 21.94 -40.27 41.21
CA VAL A 88 22.28 -38.89 40.88
C VAL A 88 21.63 -37.96 41.89
N ARG A 89 22.43 -37.05 42.46
CA ARG A 89 21.96 -36.18 43.52
C ARG A 89 22.02 -34.70 43.22
N GLY A 90 22.84 -34.28 42.26
CA GLY A 90 22.93 -32.87 41.96
C GLY A 90 24.13 -32.57 41.09
N TRP A 91 24.43 -31.29 40.97
CA TRP A 91 25.44 -30.80 40.04
C TRP A 91 26.27 -29.70 40.69
N VAL A 92 27.46 -29.51 40.13
CA VAL A 92 28.34 -28.39 40.43
C VAL A 92 28.58 -27.64 39.13
N PHE A 93 28.31 -26.33 39.13
CA PHE A 93 28.55 -25.50 37.97
C PHE A 93 29.63 -24.48 38.28
N GLY A 94 30.56 -24.32 37.35
CA GLY A 94 31.65 -23.37 37.55
C GLY A 94 32.42 -23.16 36.27
N SER A 95 33.57 -22.52 36.41
CA SER A 95 34.46 -22.29 35.28
C SER A 95 35.79 -23.01 35.43
N THR A 96 36.52 -22.76 36.52
CA THR A 96 37.78 -23.45 36.78
C THR A 96 37.62 -24.62 37.73
N MET A 97 36.50 -24.71 38.44
CA MET A 97 36.23 -25.73 39.47
C MET A 97 37.35 -25.76 40.50
N ASN A 98 37.53 -24.63 41.17
CA ASN A 98 38.74 -24.38 41.96
C ASN A 98 38.47 -23.29 42.97
N ASN A 99 39.49 -22.97 43.76
CA ASN A 99 39.50 -21.83 44.66
C ASN A 99 39.62 -20.49 43.96
N LYS A 100 39.95 -20.49 42.67
CA LYS A 100 40.20 -19.23 41.98
C LYS A 100 38.92 -18.58 41.46
N SER A 101 37.78 -19.28 41.52
CA SER A 101 36.56 -18.78 40.93
C SER A 101 35.35 -19.18 41.76
N GLN A 102 34.24 -18.49 41.48
CA GLN A 102 32.95 -18.84 42.06
C GLN A 102 32.39 -20.10 41.42
N SER A 103 31.69 -20.89 42.22
CA SER A 103 30.98 -22.07 41.76
C SER A 103 29.64 -22.12 42.48
N VAL A 104 28.74 -22.97 41.98
CA VAL A 104 27.44 -23.18 42.62
C VAL A 104 27.16 -24.68 42.66
N ILE A 105 26.72 -25.17 43.82
CA ILE A 105 26.24 -26.54 43.94
C ILE A 105 24.73 -26.52 44.10
N ILE A 106 24.07 -27.39 43.34
CA ILE A 106 22.65 -27.65 43.50
C ILE A 106 22.53 -29.12 43.83
N ILE A 107 22.13 -29.46 45.06
CA ILE A 107 22.18 -30.85 45.46
C ILE A 107 20.99 -31.19 46.35
N ASN A 108 20.50 -32.42 46.20
CA ASN A 108 19.40 -32.97 46.98
C ASN A 108 19.98 -33.98 47.95
N ASN A 109 20.33 -33.52 49.15
CA ASN A 109 20.61 -34.48 50.21
C ASN A 109 19.30 -35.07 50.72
N SER A 110 19.40 -36.06 51.59
CA SER A 110 18.23 -36.89 51.92
C SER A 110 17.13 -36.12 52.62
N THR A 111 17.39 -34.91 53.11
CA THR A 111 16.38 -34.13 53.81
C THR A 111 15.83 -32.99 52.95
N ASN A 112 16.72 -32.14 52.41
CA ASN A 112 16.30 -30.92 51.74
C ASN A 112 16.91 -30.85 50.34
N VAL A 113 16.58 -29.76 49.64
CA VAL A 113 17.23 -29.39 48.38
C VAL A 113 17.97 -28.08 48.66
N VAL A 114 19.29 -28.11 48.53
CA VAL A 114 20.12 -26.96 48.91
C VAL A 114 20.90 -26.47 47.71
N ILE A 115 20.84 -25.15 47.49
CA ILE A 115 21.60 -24.47 46.45
C ILE A 115 22.53 -23.50 47.14
N ARG A 116 23.82 -23.57 46.80
CA ARG A 116 24.83 -22.78 47.50
C ARG A 116 25.83 -22.28 46.46
N ALA A 117 25.83 -20.96 46.24
CA ALA A 117 26.79 -20.34 45.32
C ALA A 117 27.88 -19.71 46.17
N CYS A 118 29.06 -20.32 46.13
CA CYS A 118 30.18 -19.90 46.96
C CYS A 118 31.51 -20.07 46.25
N ASN A 119 32.58 -19.84 47.00
CA ASN A 119 33.97 -19.87 46.54
C ASN A 119 34.65 -20.94 47.38
N PHE A 120 34.58 -22.18 46.92
CA PHE A 120 34.99 -23.33 47.72
C PHE A 120 35.81 -24.31 46.89
N GLU A 121 36.66 -25.06 47.59
CA GLU A 121 37.64 -25.94 46.96
C GLU A 121 36.98 -27.28 46.66
N LEU A 122 36.93 -27.64 45.39
CA LEU A 122 36.24 -28.84 44.94
C LEU A 122 37.21 -30.01 45.06
N CYS A 123 36.95 -30.90 46.02
CA CYS A 123 37.69 -32.13 46.11
C CYS A 123 37.34 -33.05 44.94
N ASP A 124 38.30 -33.88 44.56
CA ASP A 124 38.07 -34.84 43.49
C ASP A 124 37.07 -35.91 43.95
N ASN A 125 36.27 -36.38 42.99
CA ASN A 125 35.23 -37.41 43.16
C ASN A 125 34.24 -37.06 44.27
N PRO A 126 33.31 -36.13 44.04
CA PRO A 126 32.24 -35.91 45.01
C PRO A 126 31.36 -37.16 45.16
N PHE A 127 30.92 -37.43 46.38
CA PHE A 127 30.28 -38.70 46.67
C PHE A 127 29.43 -38.58 47.94
N PHE A 128 28.57 -39.59 48.14
CA PHE A 128 27.62 -39.68 49.25
C PHE A 128 26.75 -38.44 49.38
N ALA A 129 26.26 -37.95 48.24
CA ALA A 129 25.31 -36.83 48.16
C ALA A 129 25.79 -35.58 48.87
N MET A 141 33.16 -34.54 51.72
CA MET A 141 32.71 -35.48 50.70
C MET A 141 32.50 -34.78 49.35
N ILE A 142 32.20 -33.48 49.39
CA ILE A 142 32.13 -32.66 48.21
C ILE A 142 33.20 -31.58 48.21
N PHE A 143 33.34 -30.87 49.33
CA PHE A 143 34.33 -29.82 49.49
C PHE A 143 34.94 -29.95 50.88
N ASP A 144 35.87 -29.06 51.20
CA ASP A 144 36.43 -28.99 52.54
C ASP A 144 36.08 -27.69 53.25
N ASN A 145 36.35 -26.54 52.64
CA ASN A 145 35.99 -25.25 53.22
C ASN A 145 35.42 -24.33 52.16
N ALA A 146 34.63 -23.36 52.63
CA ALA A 146 33.98 -22.38 51.77
C ALA A 146 34.16 -21.00 52.36
N PHE A 147 34.32 -19.99 51.51
CA PHE A 147 34.56 -18.65 51.98
C PHE A 147 34.01 -17.65 50.97
N ASN A 148 33.89 -16.40 51.41
CA ASN A 148 33.59 -15.23 50.57
C ASN A 148 32.28 -15.37 49.81
N CYS A 149 31.22 -15.91 50.41
CA CYS A 149 30.23 -16.43 49.49
C CYS A 149 28.86 -15.79 49.57
N THR A 150 28.14 -15.93 48.47
CA THR A 150 27.08 -15.02 48.05
C THR A 150 25.68 -15.59 48.24
N PHE A 151 25.38 -16.74 47.64
CA PHE A 151 23.97 -17.14 47.51
C PHE A 151 23.69 -18.42 48.29
N GLU A 152 22.53 -18.43 48.95
CA GLU A 152 22.10 -19.51 49.81
C GLU A 152 20.62 -19.76 49.59
N TYR A 153 20.22 -21.01 49.41
CA TYR A 153 18.81 -21.36 49.37
C TYR A 153 18.64 -22.76 49.93
N ILE A 154 17.70 -22.92 50.86
CA ILE A 154 17.38 -24.20 51.46
C ILE A 154 15.88 -24.42 51.36
N SER A 155 15.47 -25.56 50.81
CA SER A 155 14.06 -25.89 50.65
C SER A 155 13.47 -26.47 51.93
N ASP A 156 12.26 -26.99 51.84
CA ASP A 156 11.55 -27.56 52.98
C ASP A 156 11.93 -29.04 53.16
N ALA A 157 11.37 -29.63 54.21
CA ALA A 157 11.74 -30.98 54.58
C ALA A 157 11.07 -32.01 53.67
N PHE A 158 11.76 -33.13 53.47
CA PHE A 158 11.22 -34.26 52.74
C PHE A 158 10.84 -35.39 53.69
N LYS A 170 11.00 -47.87 36.85
CA LYS A 170 12.01 -46.82 36.83
C LYS A 170 11.39 -45.44 36.63
N HIS A 171 12.24 -44.43 36.58
CA HIS A 171 11.82 -43.06 36.38
C HIS A 171 12.73 -42.40 35.35
N LEU A 172 12.23 -41.34 34.73
CA LEU A 172 13.04 -40.48 33.87
C LEU A 172 12.88 -39.05 34.37
N ARG A 173 13.98 -38.45 34.77
CA ARG A 173 13.99 -37.08 35.26
C ARG A 173 14.72 -36.20 34.25
N GLU A 174 14.07 -35.13 33.80
CA GLU A 174 14.60 -34.29 32.75
C GLU A 174 14.77 -32.86 33.26
N PHE A 175 15.91 -32.27 32.95
CA PHE A 175 16.26 -30.92 33.37
C PHE A 175 16.80 -30.15 32.17
N VAL A 176 16.45 -28.87 32.10
CA VAL A 176 17.07 -27.95 31.15
C VAL A 176 17.70 -26.82 31.93
N PHE A 177 18.99 -26.57 31.70
CA PHE A 177 19.75 -25.52 32.35
C PHE A 177 20.20 -24.51 31.31
N LYS A 178 19.92 -23.23 31.55
CA LYS A 178 20.46 -22.19 30.68
C LYS A 178 20.89 -20.99 31.50
N ASN A 179 21.85 -20.23 30.98
CA ASN A 179 22.45 -19.10 31.68
C ASN A 179 22.29 -17.85 30.83
N LYS A 180 21.65 -16.82 31.37
CA LYS A 180 21.41 -15.62 30.59
C LYS A 180 21.22 -14.43 31.52
N ASP A 181 22.00 -13.37 31.30
CA ASP A 181 21.92 -12.10 32.05
C ASP A 181 22.08 -12.31 33.55
N GLY A 182 22.99 -13.19 33.94
CA GLY A 182 23.21 -13.45 35.34
C GLY A 182 22.17 -14.31 36.00
N PHE A 183 21.25 -14.88 35.24
CA PHE A 183 20.22 -15.76 35.77
C PHE A 183 20.45 -17.17 35.25
N LEU A 184 20.35 -18.15 36.13
CA LEU A 184 20.36 -19.56 35.75
C LEU A 184 18.92 -20.05 35.78
N TYR A 185 18.41 -20.42 34.60
CA TYR A 185 17.06 -20.95 34.49
C TYR A 185 17.12 -22.46 34.54
N VAL A 186 16.29 -23.05 35.41
CA VAL A 186 16.18 -24.49 35.58
C VAL A 186 14.73 -24.88 35.32
N TYR A 187 14.54 -25.78 34.35
CA TYR A 187 13.24 -26.37 34.03
C TYR A 187 13.29 -27.87 34.31
N LYS A 188 12.17 -28.42 34.81
CA LYS A 188 12.12 -29.81 35.25
C LYS A 188 10.88 -30.52 34.72
N GLY A 189 11.06 -31.78 34.32
CA GLY A 189 9.95 -32.67 34.04
C GLY A 189 10.24 -34.07 34.52
N TYR A 190 9.18 -34.85 34.71
CA TYR A 190 9.31 -36.21 35.21
C TYR A 190 8.37 -37.13 34.44
N GLN A 191 8.85 -38.33 34.12
CA GLN A 191 8.06 -39.25 33.32
C GLN A 191 8.33 -40.68 33.76
N PRO A 192 7.29 -41.46 34.07
CA PRO A 192 7.51 -42.85 34.47
C PRO A 192 7.68 -43.77 33.27
N ILE A 193 8.78 -44.53 33.30
CA ILE A 193 9.08 -45.53 32.28
C ILE A 193 9.35 -46.86 32.97
N ASP A 194 9.47 -47.91 32.15
CA ASP A 194 9.70 -49.25 32.68
C ASP A 194 10.70 -50.05 31.84
N VAL A 195 11.28 -49.48 30.79
CA VAL A 195 12.21 -50.20 29.95
C VAL A 195 13.61 -50.07 30.53
N VAL A 196 14.47 -51.05 30.26
CA VAL A 196 15.87 -50.98 30.70
C VAL A 196 16.84 -51.19 29.55
N ARG A 197 17.08 -50.13 28.77
CA ARG A 197 18.30 -50.11 27.96
C ARG A 197 18.96 -48.74 27.93
N ASP A 198 18.16 -47.69 27.74
CA ASP A 198 18.69 -46.41 27.28
C ASP A 198 17.52 -45.42 27.34
N LEU A 199 17.74 -44.20 26.82
CA LEU A 199 16.72 -43.16 26.82
C LEU A 199 15.54 -43.56 25.93
N PRO A 200 14.32 -43.62 26.46
CA PRO A 200 13.16 -43.91 25.62
C PRO A 200 12.77 -42.71 24.77
N SER A 201 11.92 -42.97 23.79
CA SER A 201 11.41 -41.93 22.90
C SER A 201 10.09 -41.40 23.43
N GLY A 202 9.77 -40.17 23.05
CA GLY A 202 8.50 -39.59 23.45
C GLY A 202 8.53 -38.08 23.34
N PHE A 203 7.59 -37.45 24.06
CA PHE A 203 7.43 -36.00 24.04
C PHE A 203 6.94 -35.59 25.43
N ASN A 204 7.84 -35.05 26.24
CA ASN A 204 7.50 -34.59 27.58
C ASN A 204 7.82 -33.10 27.67
N THR A 205 6.91 -32.34 28.28
CA THR A 205 7.04 -30.90 28.36
C THR A 205 7.44 -30.49 29.77
N LEU A 206 8.47 -29.66 29.86
CA LEU A 206 9.08 -29.29 31.14
C LEU A 206 8.57 -27.94 31.61
N LYS A 207 8.30 -27.85 32.89
CA LYS A 207 7.84 -26.62 33.52
C LYS A 207 8.99 -25.93 34.24
N PRO A 208 8.96 -24.60 34.34
CA PRO A 208 10.04 -23.91 35.05
C PRO A 208 9.92 -24.08 36.55
N ILE A 209 11.07 -24.27 37.21
CA ILE A 209 11.13 -24.34 38.66
C ILE A 209 12.02 -23.25 39.25
N PHE A 210 13.18 -22.96 38.63
CA PHE A 210 14.12 -22.04 39.25
C PHE A 210 14.58 -20.97 38.28
N LYS A 211 14.81 -19.78 38.83
CA LYS A 211 15.44 -18.64 38.13
C LYS A 211 16.37 -18.00 39.14
N LEU A 212 17.63 -18.43 39.14
CA LEU A 212 18.56 -18.11 40.23
C LEU A 212 19.46 -16.96 39.83
N PRO A 213 19.47 -15.86 40.58
CA PRO A 213 20.34 -14.70 40.29
C PRO A 213 21.76 -14.86 40.83
N LEU A 214 22.60 -15.54 40.06
CA LEU A 214 23.93 -15.93 40.52
C LEU A 214 25.04 -15.06 39.98
N GLY A 215 25.01 -14.73 38.69
CA GLY A 215 26.08 -13.94 38.08
C GLY A 215 27.40 -14.67 37.99
N ILE A 216 27.38 -15.95 37.63
CA ILE A 216 28.58 -16.79 37.58
C ILE A 216 29.00 -16.95 36.13
N ASN A 217 30.32 -16.96 35.90
CA ASN A 217 30.87 -17.50 34.66
C ASN A 217 30.76 -19.01 34.71
N ILE A 218 29.82 -19.58 33.96
CA ILE A 218 29.63 -21.03 33.91
C ILE A 218 30.11 -21.53 32.57
N THR A 219 31.16 -22.34 32.58
CA THR A 219 31.65 -23.01 31.38
C THR A 219 31.74 -24.52 31.51
N ASN A 220 31.80 -25.06 32.72
CA ASN A 220 31.94 -26.49 32.96
C ASN A 220 30.94 -26.94 34.01
N PHE A 221 30.68 -28.24 34.04
CA PHE A 221 29.83 -28.80 35.08
C PHE A 221 30.19 -30.26 35.29
N ARG A 222 29.65 -30.83 36.36
CA ARG A 222 29.96 -32.19 36.78
C ARG A 222 28.85 -32.67 37.71
N ALA A 223 28.38 -33.90 37.48
CA ALA A 223 27.30 -34.43 38.29
C ALA A 223 27.83 -35.00 39.61
N ILE A 224 26.93 -35.19 40.56
CA ILE A 224 27.25 -35.72 41.88
C ILE A 224 26.49 -37.02 42.07
N LEU A 225 27.20 -38.07 42.46
CA LEU A 225 26.64 -39.41 42.56
C LEU A 225 26.94 -40.00 43.94
N THR A 226 26.09 -40.92 44.38
CA THR A 226 26.34 -41.67 45.59
C THR A 226 27.24 -42.86 45.28
N ALA A 227 28.23 -43.09 46.13
CA ALA A 227 29.18 -44.18 45.90
C ALA A 227 28.72 -45.47 46.58
N ALA A 240 21.24 -46.98 36.58
CA ALA A 240 21.68 -45.62 36.84
C ALA A 240 22.52 -45.09 35.68
N ALA A 241 21.95 -44.16 34.92
CA ALA A 241 22.67 -43.56 33.80
C ALA A 241 22.21 -42.13 33.61
N TYR A 242 23.06 -41.32 32.98
CA TYR A 242 22.67 -39.95 32.70
C TYR A 242 23.12 -39.52 31.31
N PHE A 243 22.26 -38.76 30.63
CA PHE A 243 22.43 -38.36 29.25
C PHE A 243 22.53 -36.85 29.18
N VAL A 244 23.43 -36.36 28.30
CA VAL A 244 23.70 -34.94 28.15
C VAL A 244 23.53 -34.54 26.70
N GLY A 245 22.75 -33.48 26.45
CA GLY A 245 22.64 -32.91 25.13
C GLY A 245 22.79 -31.40 25.21
N TYR A 246 23.02 -30.78 24.05
CA TYR A 246 23.36 -29.36 23.97
C TYR A 246 22.27 -28.59 23.24
N LEU A 247 22.05 -27.34 23.67
CA LEU A 247 21.02 -26.49 23.09
C LEU A 247 21.60 -25.58 22.03
N LYS A 248 20.81 -25.33 20.98
CA LYS A 248 21.14 -24.42 19.90
C LYS A 248 19.99 -23.44 19.68
N PRO A 249 20.27 -22.25 19.15
CA PRO A 249 19.17 -21.30 18.86
C PRO A 249 18.36 -21.74 17.65
N THR A 250 17.07 -21.97 17.85
CA THR A 250 16.21 -22.57 16.84
C THR A 250 14.82 -21.94 16.94
N THR A 251 14.10 -21.96 15.81
CA THR A 251 12.71 -21.57 15.76
C THR A 251 11.83 -22.80 15.86
N PHE A 252 10.89 -22.80 16.80
CA PHE A 252 9.97 -23.89 17.01
C PHE A 252 8.53 -23.41 16.88
N MET A 253 7.63 -24.36 16.67
CA MET A 253 6.20 -24.10 16.56
C MET A 253 5.47 -24.99 17.54
N LEU A 254 4.75 -24.40 18.47
CA LEU A 254 4.14 -25.12 19.58
C LEU A 254 2.62 -25.13 19.42
N LYS A 255 2.01 -26.25 19.79
CA LYS A 255 0.57 -26.40 19.76
C LYS A 255 0.03 -26.44 21.18
N TYR A 256 -0.94 -25.60 21.48
CA TYR A 256 -1.52 -25.52 22.80
C TYR A 256 -2.86 -26.24 22.83
N ASP A 257 -3.04 -27.07 23.85
CA ASP A 257 -4.26 -27.84 24.04
C ASP A 257 -5.40 -26.90 24.45
N GLU A 258 -6.62 -27.43 24.47
CA GLU A 258 -7.77 -26.66 24.95
C GLU A 258 -7.67 -26.34 26.44
N ASN A 259 -6.82 -27.03 27.18
CA ASN A 259 -6.59 -26.78 28.59
C ASN A 259 -5.31 -26.00 28.86
N GLY A 260 -4.68 -25.46 27.82
CA GLY A 260 -3.47 -24.69 28.00
C GLY A 260 -2.19 -25.49 28.13
N THR A 261 -2.16 -26.70 27.59
CA THR A 261 -0.98 -27.56 27.66
C THR A 261 -0.32 -27.66 26.29
N ILE A 262 1.01 -27.67 26.28
CA ILE A 262 1.75 -27.90 25.04
C ILE A 262 1.76 -29.39 24.75
N THR A 263 1.14 -29.78 23.63
CA THR A 263 1.03 -31.18 23.27
C THR A 263 1.90 -31.59 22.08
N ASP A 264 2.13 -30.70 21.13
CA ASP A 264 2.93 -31.01 19.96
C ASP A 264 3.85 -29.84 19.64
N ALA A 265 4.94 -30.15 18.96
CA ALA A 265 5.89 -29.14 18.53
C ALA A 265 6.52 -29.54 17.21
N VAL A 266 6.91 -28.53 16.44
CA VAL A 266 7.55 -28.73 15.14
C VAL A 266 8.87 -27.97 15.15
N ASP A 267 9.95 -28.67 14.81
CA ASP A 267 11.27 -28.08 14.67
C ASP A 267 11.43 -27.65 13.22
N CYS A 268 11.43 -26.33 12.98
CA CYS A 268 11.30 -25.79 11.63
C CYS A 268 12.53 -26.01 10.76
N SER A 269 13.64 -26.47 11.31
CA SER A 269 14.87 -26.63 10.56
C SER A 269 15.36 -28.07 10.59
N GLN A 270 14.43 -29.02 10.65
CA GLN A 270 14.78 -30.43 10.66
C GLN A 270 14.85 -31.00 9.26
N ASN A 271 13.89 -30.63 8.41
CA ASN A 271 13.74 -31.16 7.07
C ASN A 271 12.80 -30.24 6.29
N PRO A 272 12.80 -30.31 4.94
CA PRO A 272 11.96 -29.36 4.17
C PRO A 272 10.46 -29.43 4.46
N LEU A 273 9.94 -30.59 4.85
CA LEU A 273 8.53 -30.68 5.22
C LEU A 273 8.22 -29.83 6.44
N ALA A 274 9.13 -29.82 7.43
CA ALA A 274 8.93 -28.97 8.59
C ALA A 274 9.05 -27.49 8.27
N GLU A 275 9.94 -27.13 7.33
CA GLU A 275 10.00 -25.76 6.85
C GLU A 275 8.68 -25.35 6.21
N LEU A 276 8.09 -26.25 5.42
CA LEU A 276 6.79 -25.96 4.82
C LEU A 276 5.70 -25.82 5.88
N LYS A 277 5.70 -26.69 6.88
CA LYS A 277 4.70 -26.61 7.95
C LYS A 277 4.82 -25.31 8.74
N CYS A 278 6.05 -24.88 9.02
CA CYS A 278 6.23 -23.62 9.73
C CYS A 278 5.92 -22.42 8.84
N SER A 279 6.09 -22.57 7.52
CA SER A 279 5.78 -21.48 6.62
C SER A 279 4.28 -21.25 6.51
N VAL A 280 3.50 -22.32 6.31
CA VAL A 280 2.06 -22.15 6.18
C VAL A 280 1.34 -22.12 7.52
N LYS A 281 2.07 -22.36 8.63
CA LYS A 281 1.54 -22.29 9.99
C LYS A 281 0.38 -23.27 10.21
N SER A 282 0.63 -24.53 9.89
CA SER A 282 -0.36 -25.57 10.13
C SER A 282 0.35 -26.91 10.28
N PHE A 283 -0.32 -27.83 10.97
CA PHE A 283 0.16 -29.19 11.14
C PHE A 283 -0.28 -30.12 10.02
N GLU A 284 -1.22 -29.68 9.18
CA GLU A 284 -1.82 -30.52 8.15
C GLU A 284 -1.59 -29.89 6.79
N ILE A 285 -1.07 -30.67 5.84
CA ILE A 285 -0.72 -30.20 4.51
C ILE A 285 -1.50 -31.01 3.49
N ASP A 286 -2.06 -30.33 2.49
CA ASP A 286 -2.79 -30.97 1.42
C ASP A 286 -1.84 -31.53 0.36
N LYS A 287 -2.41 -32.31 -0.56
CA LYS A 287 -1.65 -32.83 -1.68
C LYS A 287 -1.27 -31.71 -2.64
N GLY A 288 -0.02 -31.70 -3.09
CA GLY A 288 0.39 -30.71 -4.05
C GLY A 288 1.90 -30.56 -4.10
N ILE A 289 2.32 -29.43 -4.66
CA ILE A 289 3.71 -29.02 -4.74
C ILE A 289 3.82 -27.59 -4.26
N TYR A 290 4.78 -27.33 -3.39
CA TYR A 290 4.89 -26.03 -2.73
C TYR A 290 6.30 -25.50 -2.90
N GLN A 291 6.41 -24.17 -2.92
CA GLN A 291 7.70 -23.49 -3.05
C GLN A 291 8.17 -23.12 -1.65
N THR A 292 9.30 -23.67 -1.23
CA THR A 292 9.84 -23.30 0.06
C THR A 292 10.97 -22.30 -0.13
N SER A 293 11.67 -21.97 0.95
CA SER A 293 12.78 -21.04 0.85
C SER A 293 13.93 -21.64 0.04
N ASN A 294 14.75 -20.77 -0.51
CA ASN A 294 15.83 -21.17 -1.40
C ASN A 294 16.89 -21.96 -0.64
N PHE A 295 17.80 -22.57 -1.40
CA PHE A 295 18.83 -23.41 -0.80
C PHE A 295 19.81 -22.56 -0.01
N ARG A 296 20.08 -22.97 1.23
CA ARG A 296 20.85 -22.16 2.16
C ARG A 296 21.97 -23.01 2.75
N VAL A 297 23.16 -22.43 2.83
CA VAL A 297 24.28 -23.08 3.50
C VAL A 297 24.67 -22.26 4.71
N VAL A 298 25.40 -22.88 5.62
CA VAL A 298 25.79 -22.29 6.89
C VAL A 298 27.25 -21.89 6.80
N PRO A 299 27.64 -20.69 7.24
CA PRO A 299 29.06 -20.32 7.26
C PRO A 299 29.86 -21.20 8.20
N SER A 300 31.07 -21.55 7.79
CA SER A 300 31.94 -22.46 8.51
C SER A 300 33.35 -21.89 8.60
N GLY A 301 33.44 -20.63 8.99
CA GLY A 301 34.75 -20.00 9.15
C GLY A 301 34.68 -18.52 9.47
N ASP A 302 35.78 -17.96 9.94
CA ASP A 302 35.89 -16.54 10.26
C ASP A 302 37.12 -15.97 9.60
N VAL A 303 36.98 -14.84 8.92
CA VAL A 303 38.08 -14.15 8.29
C VAL A 303 38.10 -12.71 8.80
N VAL A 304 39.16 -12.35 9.51
CA VAL A 304 39.34 -10.99 10.02
C VAL A 304 40.60 -10.42 9.37
N ARG A 305 40.44 -9.31 8.67
CA ARG A 305 41.56 -8.70 7.95
C ARG A 305 41.63 -7.22 8.30
N PHE A 306 42.72 -6.83 8.95
CA PHE A 306 43.00 -5.47 9.36
C PHE A 306 44.37 -5.09 8.81
N PRO A 307 44.65 -3.81 8.61
CA PRO A 307 46.01 -3.40 8.26
C PRO A 307 46.96 -3.68 9.41
N ASN A 308 48.23 -3.90 9.06
CA ASN A 308 49.22 -4.27 10.06
C ASN A 308 49.87 -3.00 10.61
N ILE A 309 49.44 -2.62 11.80
CA ILE A 309 49.94 -1.43 12.50
C ILE A 309 50.57 -1.89 13.79
N THR A 310 51.79 -1.40 14.08
CA THR A 310 52.57 -1.86 15.21
C THR A 310 52.82 -0.77 16.24
N ASN A 311 52.09 0.34 16.17
CA ASN A 311 52.35 1.50 17.02
C ASN A 311 51.14 1.80 17.89
N LEU A 312 51.37 2.03 19.18
CA LEU A 312 50.32 2.51 20.05
C LEU A 312 49.98 3.96 19.70
N CYS A 313 48.81 4.39 20.12
CA CYS A 313 48.41 5.65 19.52
C CYS A 313 48.65 6.78 20.51
N PRO A 314 49.10 7.98 20.06
CA PRO A 314 49.64 8.96 21.02
C PRO A 314 48.63 9.58 21.97
N PHE A 315 48.22 8.83 22.99
CA PHE A 315 47.35 9.37 24.03
C PHE A 315 48.11 10.35 24.91
N GLY A 316 49.35 10.02 25.26
CA GLY A 316 50.11 10.87 26.17
C GLY A 316 50.58 12.17 25.55
N GLU A 317 50.73 12.20 24.23
CA GLU A 317 51.10 13.44 23.56
C GLU A 317 49.91 14.38 23.43
N VAL A 318 48.70 13.84 23.35
CA VAL A 318 47.51 14.67 23.13
C VAL A 318 46.91 15.10 24.45
N PHE A 319 46.57 14.13 25.31
CA PHE A 319 45.92 14.47 26.57
C PHE A 319 46.90 15.07 27.56
N ASN A 320 48.07 14.46 27.71
CA ASN A 320 49.05 14.87 28.71
C ASN A 320 50.05 15.86 28.13
N ALA A 321 49.56 16.93 27.52
CA ALA A 321 50.43 17.96 26.96
C ALA A 321 50.69 19.04 28.01
N THR A 322 51.74 19.83 27.78
CA THR A 322 52.13 20.83 28.75
C THR A 322 51.20 22.04 28.71
N LYS A 323 50.75 22.45 27.51
CA LYS A 323 49.87 23.60 27.42
C LYS A 323 48.87 23.38 26.29
N PHE A 324 47.69 23.95 26.46
CA PHE A 324 46.62 23.95 25.47
C PHE A 324 46.36 25.35 24.97
N PRO A 325 45.76 25.50 23.79
CA PRO A 325 45.43 26.85 23.29
C PRO A 325 44.09 27.34 23.84
N SER A 326 43.81 28.61 23.57
CA SER A 326 42.53 29.19 23.91
C SER A 326 41.45 28.68 22.96
N VAL A 327 40.19 28.90 23.33
CA VAL A 327 39.09 28.35 22.54
C VAL A 327 38.96 29.08 21.20
N TYR A 328 39.29 30.37 21.14
CA TYR A 328 39.16 31.08 19.88
C TYR A 328 40.26 30.67 18.90
N ALA A 329 41.47 30.43 19.39
CA ALA A 329 42.55 29.87 18.59
C ALA A 329 42.75 28.38 18.88
N TRP A 330 41.73 27.57 18.61
CA TRP A 330 41.81 26.14 18.89
C TRP A 330 42.78 25.46 17.92
N GLU A 331 43.29 24.29 18.32
CA GLU A 331 44.34 23.68 17.51
C GLU A 331 43.95 22.28 17.03
N ARG A 332 44.38 21.94 15.82
CA ARG A 332 43.98 20.71 15.15
C ARG A 332 45.21 19.87 14.80
N LYS A 333 45.15 18.58 15.12
CA LYS A 333 46.23 17.64 14.85
C LYS A 333 45.68 16.44 14.11
N LYS A 334 46.48 15.87 13.20
CA LYS A 334 46.10 14.69 12.44
C LYS A 334 46.62 13.43 13.12
N ILE A 335 45.73 12.45 13.31
CA ILE A 335 46.08 11.17 13.90
C ILE A 335 46.11 10.13 12.79
N SER A 336 47.23 9.41 12.67
CA SER A 336 47.39 8.45 11.59
C SER A 336 48.33 7.34 12.00
N ASN A 337 48.08 6.15 11.45
CA ASN A 337 48.98 4.98 11.54
C ASN A 337 49.18 4.53 12.99
N CYS A 338 48.09 4.39 13.73
CA CYS A 338 48.17 4.06 15.14
C CYS A 338 47.14 2.99 15.47
N VAL A 339 47.24 2.45 16.69
CA VAL A 339 46.29 1.46 17.21
C VAL A 339 45.62 2.07 18.43
N ALA A 340 44.30 2.23 18.39
CA ALA A 340 43.55 2.94 19.42
C ALA A 340 42.86 1.93 20.34
N ASP A 341 43.59 1.46 21.34
CA ASP A 341 43.02 0.52 22.29
C ASP A 341 42.50 1.17 23.56
N TYR A 342 43.10 2.29 23.98
CA TYR A 342 42.61 3.22 25.01
C TYR A 342 42.38 2.61 26.39
N SER A 343 42.74 1.34 26.59
CA SER A 343 42.68 0.75 27.92
C SER A 343 43.83 1.20 28.80
N VAL A 344 44.93 1.68 28.20
CA VAL A 344 46.09 2.14 28.93
C VAL A 344 45.79 3.35 29.80
N LEU A 345 44.70 4.05 29.52
CA LEU A 345 44.25 5.19 30.31
C LEU A 345 43.52 4.76 31.58
N TYR A 346 43.38 3.46 31.83
CA TYR A 346 42.51 3.00 32.91
C TYR A 346 43.18 3.02 34.28
N ASN A 347 44.46 3.39 34.39
CA ASN A 347 45.04 3.74 35.67
C ASN A 347 45.39 5.21 35.84
N SER A 348 45.41 6.01 34.77
CA SER A 348 45.95 7.36 34.85
C SER A 348 44.90 8.45 34.64
N THR A 349 44.21 8.46 33.50
CA THR A 349 43.41 9.61 33.09
C THR A 349 41.92 9.28 33.19
N PHE A 350 41.16 10.20 33.77
CA PHE A 350 39.74 10.02 33.98
C PHE A 350 39.00 11.26 33.49
N PHE A 351 37.93 11.02 32.75
CA PHE A 351 37.23 12.08 32.02
C PHE A 351 35.91 12.40 32.70
N SER A 352 35.64 13.70 32.86
CA SER A 352 34.36 14.10 33.42
C SER A 352 33.24 13.95 32.39
N THR A 353 33.53 14.26 31.12
CA THR A 353 32.55 13.99 30.07
C THR A 353 33.21 13.19 28.96
N PHE A 354 32.44 12.27 28.38
CA PHE A 354 32.86 11.49 27.22
C PHE A 354 31.59 11.10 26.47
N LYS A 355 31.36 11.71 25.31
CA LYS A 355 30.12 11.46 24.58
C LYS A 355 30.41 11.30 23.09
N CYS A 356 29.85 10.26 22.47
CA CYS A 356 30.11 9.95 21.08
C CYS A 356 28.85 10.09 20.24
N TYR A 357 29.03 10.49 18.99
CA TYR A 357 27.95 10.79 18.05
C TYR A 357 28.19 10.02 16.77
N GLY A 358 27.19 9.27 16.34
CA GLY A 358 27.26 8.49 15.13
C GLY A 358 27.66 7.03 15.30
N VAL A 359 27.87 6.58 16.54
CA VAL A 359 28.38 5.24 16.81
C VAL A 359 28.12 4.93 18.28
N CYS A 360 27.90 3.66 18.59
CA CYS A 360 27.82 3.22 19.98
C CYS A 360 29.23 3.07 20.53
N ALA A 361 29.42 3.50 21.77
CA ALA A 361 30.75 3.48 22.39
C ALA A 361 31.28 2.08 22.61
N THR A 362 30.41 1.07 22.72
CA THR A 362 30.85 -0.28 22.97
C THR A 362 31.47 -0.95 21.75
N LYS A 363 31.35 -0.37 20.56
CA LYS A 363 31.86 -0.96 19.34
C LYS A 363 33.14 -0.33 18.84
N LEU A 364 33.72 0.61 19.58
CA LEU A 364 34.92 1.30 19.14
C LEU A 364 36.13 0.37 19.01
N ASN A 365 36.11 -0.77 19.69
CA ASN A 365 37.18 -1.76 19.56
C ASN A 365 37.04 -2.62 18.31
N ASP A 366 35.91 -2.56 17.60
CA ASP A 366 35.67 -3.43 16.48
C ASP A 366 35.82 -2.75 15.13
N LEU A 367 36.02 -1.44 15.10
CA LEU A 367 36.01 -0.66 13.87
C LEU A 367 37.41 -0.14 13.57
N CYS A 368 37.54 0.48 12.39
CA CYS A 368 38.79 1.09 11.97
C CYS A 368 38.45 2.39 11.24
N PHE A 369 39.15 3.47 11.59
CA PHE A 369 38.69 4.84 11.36
C PHE A 369 39.52 5.53 10.29
N SER A 370 38.88 6.43 9.53
CA SER A 370 39.44 6.87 8.25
C SER A 370 40.29 8.14 8.35
N ASN A 371 39.70 9.26 8.74
CA ASN A 371 40.39 10.56 8.73
C ASN A 371 40.27 11.16 10.12
N VAL A 372 41.20 10.84 11.01
CA VAL A 372 41.06 11.20 12.41
C VAL A 372 41.77 12.53 12.67
N TYR A 373 41.01 13.48 13.19
CA TYR A 373 41.56 14.77 13.62
C TYR A 373 41.18 15.01 15.06
N ALA A 374 42.07 15.66 15.80
CA ALA A 374 41.89 15.98 17.21
C ALA A 374 42.01 17.48 17.40
N ASP A 375 40.97 18.09 17.98
CA ASP A 375 40.92 19.52 18.24
C ASP A 375 41.05 19.74 19.73
N SER A 376 41.95 20.62 20.13
CA SER A 376 42.25 20.89 21.53
C SER A 376 41.97 22.33 21.86
N PHE A 377 41.34 22.55 23.03
CA PHE A 377 41.19 23.88 23.60
C PHE A 377 40.83 23.77 25.09
N VAL A 378 40.65 24.94 25.72
CA VAL A 378 40.35 25.06 27.14
C VAL A 378 39.15 25.98 27.30
N VAL A 379 38.14 25.52 28.07
CA VAL A 379 36.99 26.36 28.42
C VAL A 379 36.82 26.36 29.93
N LYS A 380 35.75 27.00 30.42
CA LYS A 380 35.41 26.91 31.82
C LYS A 380 34.33 25.85 32.01
N GLY A 381 33.92 25.66 33.27
CA GLY A 381 33.04 24.55 33.59
C GLY A 381 31.65 24.66 33.00
N ASP A 382 31.09 25.87 32.95
CA ASP A 382 29.75 26.07 32.43
C ASP A 382 29.68 26.04 30.91
N ASP A 383 30.82 26.14 30.22
CA ASP A 383 30.84 26.22 28.77
C ASP A 383 31.02 24.86 28.11
N VAL A 384 31.14 23.78 28.88
CA VAL A 384 31.38 22.47 28.30
C VAL A 384 30.13 21.93 27.61
N ARG A 385 28.95 22.32 28.10
CA ARG A 385 27.69 21.85 27.52
C ARG A 385 27.44 22.42 26.12
N GLN A 386 28.21 23.42 25.69
CA GLN A 386 28.03 24.02 24.38
C GLN A 386 28.84 23.35 23.29
N ILE A 387 29.72 22.41 23.63
CA ILE A 387 30.44 21.63 22.63
C ILE A 387 29.55 20.42 22.35
N ALA A 388 28.58 20.63 21.46
CA ALA A 388 27.56 19.67 21.07
C ALA A 388 26.91 20.20 19.80
N PRO A 389 26.35 19.35 18.95
CA PRO A 389 25.64 19.86 17.76
C PRO A 389 24.35 20.54 18.16
N GLY A 390 24.06 21.67 17.52
CA GLY A 390 22.84 22.41 17.77
C GLY A 390 22.80 23.14 19.09
N GLN A 391 23.76 24.01 19.33
CA GLN A 391 23.86 24.75 20.58
C GLN A 391 23.96 26.24 20.29
N THR A 392 23.54 27.04 21.27
CA THR A 392 23.72 28.48 21.22
C THR A 392 24.40 28.92 22.52
N GLY A 393 25.07 30.06 22.43
CA GLY A 393 25.93 30.52 23.51
C GLY A 393 27.15 31.19 22.90
N VAL A 394 28.01 31.79 23.73
CA VAL A 394 29.11 32.58 23.19
C VAL A 394 30.14 31.69 22.51
N ILE A 395 30.40 30.50 23.06
CA ILE A 395 31.39 29.60 22.47
C ILE A 395 30.88 29.02 21.16
N ALA A 396 29.61 28.60 21.13
CA ALA A 396 29.07 28.00 19.92
C ALA A 396 28.85 29.02 18.82
N ASP A 397 28.56 30.27 19.18
CA ASP A 397 28.35 31.31 18.18
C ASP A 397 29.66 31.83 17.61
N TYR A 398 30.61 32.21 18.48
CA TYR A 398 31.76 32.98 18.04
C TYR A 398 33.11 32.28 18.16
N ASN A 399 33.18 31.09 18.76
CA ASN A 399 34.47 30.49 19.03
C ASN A 399 34.68 29.13 18.37
N TYR A 400 33.74 28.20 18.54
CA TYR A 400 33.93 26.84 18.03
C TYR A 400 32.56 26.21 17.80
N LYS A 401 32.27 25.86 16.56
CA LYS A 401 31.00 25.26 16.20
C LYS A 401 31.22 23.87 15.63
N LEU A 402 30.29 22.95 15.95
CA LEU A 402 30.24 21.60 15.41
C LEU A 402 29.14 21.47 14.37
N PRO A 403 29.34 20.64 13.35
CA PRO A 403 28.27 20.38 12.38
C PRO A 403 27.08 19.69 13.00
N ASP A 404 25.92 19.87 12.36
CA ASP A 404 24.72 19.17 12.77
C ASP A 404 24.86 17.67 12.58
N ASP A 405 25.49 17.25 11.48
CA ASP A 405 25.75 15.84 11.19
C ASP A 405 27.15 15.44 11.64
N PHE A 406 27.42 15.62 12.92
CA PHE A 406 28.76 15.40 13.45
C PHE A 406 28.96 13.92 13.77
N MET A 407 30.10 13.37 13.35
CA MET A 407 30.47 11.99 13.68
C MET A 407 31.81 12.02 14.40
N GLY A 408 31.82 11.60 15.65
CA GLY A 408 33.02 11.65 16.46
C GLY A 408 32.68 11.73 17.93
N CYS A 409 33.70 12.02 18.74
CA CYS A 409 33.54 11.98 20.19
C CYS A 409 34.10 13.24 20.82
N VAL A 410 33.51 13.62 21.96
CA VAL A 410 33.91 14.80 22.73
C VAL A 410 34.33 14.33 24.11
N LEU A 411 35.51 14.78 24.56
CA LEU A 411 36.10 14.38 25.83
C LEU A 411 36.49 15.63 26.60
N ALA A 412 36.12 15.71 27.87
CA ALA A 412 36.50 16.86 28.68
C ALA A 412 36.85 16.44 30.08
N TRP A 413 37.83 17.12 30.67
CA TRP A 413 38.24 16.82 32.03
C TRP A 413 38.77 18.05 32.74
N ASN A 414 38.60 18.06 34.06
CA ASN A 414 38.97 19.19 34.92
C ASN A 414 40.48 19.25 35.11
N THR A 415 41.04 20.44 34.95
CA THR A 415 42.47 20.69 35.13
C THR A 415 42.69 21.90 36.03
N ARG A 416 42.02 21.91 37.18
CA ARG A 416 42.12 23.04 38.11
C ARG A 416 43.52 23.12 38.73
N ASN A 417 44.13 21.97 39.02
CA ASN A 417 45.44 21.97 39.65
C ASN A 417 46.56 22.42 38.72
N ILE A 418 46.33 22.46 37.41
CA ILE A 418 47.35 22.84 36.45
C ILE A 418 47.10 24.25 35.90
N ASP A 419 45.86 24.55 35.54
CA ASP A 419 45.54 25.76 34.79
C ASP A 419 45.10 26.93 35.66
N ALA A 420 44.98 26.74 36.98
CA ALA A 420 44.52 27.80 37.86
C ALA A 420 45.63 28.18 38.82
N THR A 421 45.89 29.48 38.93
CA THR A 421 46.90 30.04 39.82
C THR A 421 46.18 30.78 40.94
N SER A 422 46.75 30.74 42.15
CA SER A 422 46.13 31.36 43.32
C SER A 422 46.03 32.88 43.22
N THR A 423 46.78 33.50 42.31
CA THR A 423 46.62 34.93 42.02
C THR A 423 45.92 35.17 40.68
N GLY A 424 45.38 34.13 40.07
CA GLY A 424 44.68 34.26 38.82
C GLY A 424 45.54 33.83 37.64
N ASN A 425 44.88 33.37 36.58
CA ASN A 425 45.54 32.93 35.35
C ASN A 425 44.78 33.56 34.19
N TYR A 426 45.17 34.77 33.80
CA TYR A 426 44.52 35.48 32.71
C TYR A 426 45.21 35.24 31.38
N ASN A 427 45.40 33.96 31.03
CA ASN A 427 46.05 33.57 29.79
C ASN A 427 45.09 33.08 28.72
N TYR A 428 43.93 32.57 29.11
CA TYR A 428 42.98 31.99 28.18
C TYR A 428 41.89 33.01 27.86
N LYS A 429 41.62 33.19 26.57
CA LYS A 429 40.73 34.24 26.10
C LYS A 429 39.64 33.63 25.22
N TYR A 430 38.57 34.38 25.05
CA TYR A 430 37.47 33.97 24.17
C TYR A 430 36.88 35.21 23.53
N ARG A 431 36.31 35.04 22.33
CA ARG A 431 35.71 36.14 21.61
C ARG A 431 34.24 36.26 21.97
N TYR A 432 33.78 37.48 22.25
CA TYR A 432 32.40 37.70 22.62
C TYR A 432 31.71 38.78 21.78
N LEU A 433 32.39 39.35 20.79
CA LEU A 433 31.80 40.35 19.92
C LEU A 433 32.16 40.01 18.48
N ARG A 434 31.14 39.76 17.65
CA ARG A 434 31.37 39.43 16.27
C ARG A 434 30.16 39.85 15.46
N HIS A 435 30.37 40.03 14.14
CA HIS A 435 29.30 40.49 13.27
C HIS A 435 28.43 39.36 12.73
N GLY A 436 28.90 38.11 12.82
CA GLY A 436 28.10 36.99 12.38
C GLY A 436 28.55 35.71 13.05
N LYS A 437 27.68 34.71 13.00
CA LYS A 437 28.01 33.43 13.58
C LYS A 437 29.00 32.68 12.71
N LEU A 438 29.90 31.95 13.36
CA LEU A 438 30.88 31.14 12.66
C LEU A 438 30.21 29.98 11.92
N ARG A 439 30.79 29.62 10.79
CA ARG A 439 30.46 28.38 10.12
C ARG A 439 31.10 27.21 10.86
N PRO A 440 30.62 25.98 10.66
CA PRO A 440 31.22 24.84 11.37
C PRO A 440 32.69 24.63 11.01
N PHE A 441 33.47 24.34 12.06
CA PHE A 441 34.91 24.08 11.97
C PHE A 441 35.68 25.25 11.35
N GLU A 442 35.23 26.47 11.64
CA GLU A 442 35.89 27.69 11.20
C GLU A 442 36.59 28.35 12.39
N ARG A 443 37.73 28.97 12.11
CA ARG A 443 38.57 29.58 13.13
C ARG A 443 38.75 31.05 12.82
N ASP A 444 38.84 31.87 13.87
CA ASP A 444 39.03 33.32 13.72
C ASP A 444 40.07 33.79 14.72
N ILE A 445 41.14 34.41 14.21
CA ILE A 445 42.31 34.81 15.00
C ILE A 445 42.45 36.32 15.09
N SER A 446 41.65 37.07 14.34
CA SER A 446 41.81 38.52 14.27
C SER A 446 41.46 39.19 15.60
N ASN A 447 42.11 40.33 15.85
CA ASN A 447 41.91 41.13 17.05
C ASN A 447 41.68 42.59 16.68
N VAL A 448 40.81 42.82 15.71
CA VAL A 448 40.43 44.15 15.25
C VAL A 448 39.39 44.72 16.21
N PRO A 449 39.46 46.00 16.60
CA PRO A 449 38.43 46.56 17.48
C PRO A 449 37.05 46.55 16.84
N PHE A 450 36.04 46.38 17.67
CA PHE A 450 34.67 46.13 17.24
C PHE A 450 33.81 47.36 17.46
N SER A 451 32.97 47.67 16.47
CA SER A 451 31.95 48.70 16.56
C SER A 451 30.61 48.13 16.12
N PRO A 452 29.51 48.55 16.74
CA PRO A 452 28.19 48.04 16.32
C PRO A 452 27.85 48.31 14.87
N ASP A 453 28.22 49.48 14.34
CA ASP A 453 28.21 49.68 12.91
C ASP A 453 29.53 49.19 12.31
N GLY A 454 29.52 48.96 11.01
CA GLY A 454 30.68 48.37 10.37
C GLY A 454 31.87 49.27 10.20
N LYS A 455 31.78 50.53 10.60
CA LYS A 455 32.88 51.47 10.37
C LYS A 455 34.06 51.16 11.28
N PRO A 456 35.29 51.18 10.75
CA PRO A 456 36.47 51.04 11.62
C PRO A 456 36.61 52.22 12.57
N CYS A 457 37.15 51.94 13.74
CA CYS A 457 37.24 52.94 14.80
C CYS A 457 38.58 52.80 15.50
N THR A 458 38.71 53.49 16.64
CA THR A 458 39.89 53.46 17.49
C THR A 458 39.44 53.19 18.92
N PRO A 459 40.19 52.39 19.68
CA PRO A 459 39.67 51.86 20.95
C PRO A 459 39.89 52.73 22.18
N PRO A 460 40.24 54.03 22.10
CA PRO A 460 39.79 54.93 23.17
C PRO A 460 38.55 55.74 22.85
N ALA A 461 38.02 55.63 21.63
CA ALA A 461 36.83 56.39 21.26
C ALA A 461 35.58 55.75 21.85
N LEU A 462 34.42 56.27 21.46
CA LEU A 462 33.16 55.79 21.96
C LEU A 462 32.60 54.70 21.05
N ASN A 463 31.96 53.70 21.69
CA ASN A 463 31.34 52.56 20.99
C ASN A 463 32.36 51.79 20.15
N CYS A 464 33.58 51.67 20.66
CA CYS A 464 34.64 50.91 20.01
C CYS A 464 35.31 50.05 21.08
N TYR A 465 35.03 48.75 21.05
CA TYR A 465 35.48 47.83 22.08
C TYR A 465 36.52 46.86 21.52
N TRP A 466 37.17 46.16 22.42
CA TRP A 466 38.11 45.08 22.11
C TRP A 466 37.37 43.75 22.13
N PRO A 467 37.48 42.93 21.07
CA PRO A 467 36.59 41.77 20.94
C PRO A 467 36.91 40.58 21.84
N LEU A 468 38.13 40.45 22.33
CA LEU A 468 38.53 39.29 23.11
C LEU A 468 38.41 39.60 24.60
N ASN A 469 38.16 38.56 25.40
CA ASN A 469 37.84 38.72 26.81
C ASN A 469 38.46 37.57 27.58
N ASP A 470 38.77 37.81 28.85
CA ASP A 470 39.61 36.93 29.64
C ASP A 470 38.80 36.01 30.55
N TYR A 471 39.11 34.72 30.49
CA TYR A 471 38.91 33.82 31.63
C TYR A 471 39.86 34.16 32.77
N GLY A 472 39.29 34.44 33.93
CA GLY A 472 40.07 34.59 35.14
C GLY A 472 39.94 33.36 36.00
N PHE A 473 41.00 32.55 36.06
CA PHE A 473 40.95 31.24 36.69
C PHE A 473 41.59 31.31 38.07
N TYR A 474 40.75 31.31 39.10
CA TYR A 474 41.19 31.36 40.49
C TYR A 474 40.99 29.99 41.14
N THR A 475 41.83 29.71 42.14
CA THR A 475 41.78 28.42 42.81
C THR A 475 40.57 28.31 43.73
N THR A 476 40.06 29.44 44.22
CA THR A 476 39.01 29.47 45.24
C THR A 476 37.64 29.78 44.66
N THR A 477 37.27 29.21 43.52
CA THR A 477 35.97 29.44 42.92
C THR A 477 35.21 28.13 42.76
N GLY A 478 33.94 28.24 42.40
CA GLY A 478 33.11 27.07 42.18
C GLY A 478 33.48 26.39 40.88
N ILE A 479 32.95 25.17 40.72
CA ILE A 479 33.37 24.30 39.62
C ILE A 479 32.84 24.82 38.28
N GLY A 480 31.86 25.71 38.29
CA GLY A 480 31.42 26.35 37.06
C GLY A 480 32.39 27.40 36.55
N TYR A 481 33.29 27.88 37.40
CA TYR A 481 34.31 28.85 37.02
C TYR A 481 35.71 28.26 37.12
N GLN A 482 35.85 26.97 36.86
CA GLN A 482 37.12 26.29 36.89
C GLN A 482 37.51 25.82 35.49
N PRO A 483 38.80 25.74 35.17
CA PRO A 483 39.20 25.38 33.82
C PRO A 483 38.94 23.92 33.50
N TYR A 484 38.65 23.67 32.22
CA TYR A 484 38.43 22.33 31.68
C TYR A 484 39.16 22.22 30.37
N ARG A 485 39.83 21.09 30.15
CA ARG A 485 40.50 20.80 28.89
C ARG A 485 39.58 19.92 28.06
N VAL A 486 39.40 20.29 26.79
CA VAL A 486 38.47 19.63 25.89
C VAL A 486 39.21 19.18 24.64
N VAL A 487 39.01 17.91 24.26
CA VAL A 487 39.49 17.33 23.03
C VAL A 487 38.30 16.79 22.24
N VAL A 488 38.20 17.18 20.98
CA VAL A 488 37.16 16.70 20.07
C VAL A 488 37.83 15.86 18.99
N LEU A 489 37.37 14.62 18.85
CA LEU A 489 37.90 13.69 17.84
C LEU A 489 36.87 13.53 16.73
N SER A 490 37.33 13.65 15.49
CA SER A 490 36.45 13.54 14.33
C SER A 490 37.02 12.55 13.33
N PHE A 491 36.16 11.70 12.78
CA PHE A 491 36.58 10.64 11.86
C PHE A 491 35.43 10.28 10.93
N GLU A 492 35.66 9.27 10.11
CA GLU A 492 34.67 8.70 9.19
C GLU A 492 34.73 7.19 9.27
N LEU A 493 33.63 6.53 8.89
CA LEU A 493 33.49 5.09 9.08
C LEU A 493 33.05 4.39 7.81
N LEU A 494 33.82 3.36 7.42
CA LEU A 494 33.40 2.33 6.46
C LEU A 494 33.11 2.89 5.06
N ASN A 495 33.87 3.90 4.66
CA ASN A 495 33.69 4.47 3.33
C ASN A 495 35.00 4.79 2.62
N ALA A 496 36.15 4.59 3.24
CA ALA A 496 37.41 5.14 2.76
C ALA A 496 38.54 4.28 3.31
N PRO A 497 39.74 4.38 2.73
CA PRO A 497 40.89 3.70 3.32
C PRO A 497 41.19 4.20 4.72
N ALA A 498 41.65 3.29 5.58
CA ALA A 498 41.79 3.57 7.00
C ALA A 498 43.16 3.13 7.48
N THR A 499 43.71 3.88 8.45
CA THR A 499 45.00 3.55 9.04
C THR A 499 45.00 3.59 10.56
N VAL A 500 43.87 3.88 11.20
CA VAL A 500 43.75 3.88 12.65
C VAL A 500 42.70 2.84 13.01
N CYS A 501 43.13 1.70 13.54
CA CYS A 501 42.25 0.58 13.83
C CYS A 501 42.24 0.29 15.32
N GLY A 502 41.38 -0.64 15.72
CA GLY A 502 41.29 -1.08 17.08
C GLY A 502 42.12 -2.32 17.37
N PRO A 503 42.11 -2.77 18.62
CA PRO A 503 42.92 -3.94 19.03
C PRO A 503 42.28 -5.30 18.71
N LYS A 504 42.46 -5.76 17.48
CA LYS A 504 41.84 -6.99 17.03
C LYS A 504 42.83 -7.81 16.21
N LEU A 505 42.91 -9.10 16.50
CA LEU A 505 43.80 -10.00 15.78
C LEU A 505 43.25 -10.30 14.39
N SER A 506 44.15 -10.67 13.49
CA SER A 506 43.80 -11.01 12.12
C SER A 506 43.78 -12.52 11.93
N THR A 507 43.39 -12.93 10.72
CA THR A 507 43.23 -14.33 10.35
C THR A 507 43.60 -14.45 8.88
N ASP A 508 44.03 -15.64 8.47
CA ASP A 508 44.35 -15.87 7.07
C ASP A 508 43.09 -15.91 6.20
N LEU A 509 43.29 -15.71 4.90
CA LEU A 509 42.18 -15.68 3.96
C LEU A 509 41.66 -17.09 3.68
N ILE A 510 40.37 -17.18 3.38
CA ILE A 510 39.72 -18.43 3.00
C ILE A 510 38.94 -18.18 1.71
N LYS A 511 39.21 -18.97 0.68
CA LYS A 511 38.59 -18.80 -0.63
C LYS A 511 37.61 -19.93 -0.91
N ASN A 512 36.54 -19.58 -1.65
CA ASN A 512 35.56 -20.53 -2.18
C ASN A 512 34.86 -21.32 -1.07
N GLN A 513 34.32 -20.59 -0.10
CA GLN A 513 33.64 -21.17 1.05
C GLN A 513 32.87 -20.07 1.75
N CYS A 514 31.63 -20.35 2.15
CA CYS A 514 30.84 -19.35 2.86
C CYS A 514 31.41 -19.18 4.26
N VAL A 515 31.76 -17.94 4.61
CA VAL A 515 32.37 -17.60 5.89
C VAL A 515 31.76 -16.30 6.40
N ASN A 516 31.98 -16.05 7.69
CA ASN A 516 31.81 -14.71 8.23
C ASN A 516 33.10 -13.94 8.01
N PHE A 517 32.97 -12.69 7.57
CA PHE A 517 34.16 -11.88 7.31
C PHE A 517 34.03 -10.53 8.01
N ASN A 518 35.20 -9.96 8.34
CA ASN A 518 35.32 -8.66 8.99
C ASN A 518 36.48 -7.94 8.29
N PHE A 519 36.15 -7.18 7.24
CA PHE A 519 37.14 -6.42 6.48
C PHE A 519 37.09 -4.98 6.95
N ASN A 520 38.09 -4.59 7.75
CA ASN A 520 38.25 -3.22 8.27
C ASN A 520 37.03 -2.73 9.04
N GLY A 521 36.38 -3.62 9.78
CA GLY A 521 35.17 -3.28 10.49
C GLY A 521 33.90 -3.49 9.71
N LEU A 522 33.99 -3.93 8.46
CA LEU A 522 32.81 -4.25 7.66
C LEU A 522 32.55 -5.74 7.80
N THR A 523 31.48 -6.09 8.50
CA THR A 523 31.16 -7.48 8.80
C THR A 523 30.11 -8.01 7.83
N GLY A 524 30.15 -9.31 7.59
CA GLY A 524 29.17 -9.91 6.71
C GLY A 524 29.37 -11.40 6.59
N THR A 525 28.62 -12.01 5.68
CA THR A 525 28.68 -13.44 5.42
C THR A 525 28.65 -13.65 3.92
N GLY A 526 29.50 -14.55 3.42
CA GLY A 526 29.50 -14.82 2.00
C GLY A 526 30.73 -15.59 1.58
N VAL A 527 30.92 -15.65 0.26
CA VAL A 527 31.98 -16.40 -0.39
C VAL A 527 32.92 -15.40 -1.08
N LEU A 528 34.22 -15.56 -0.84
CA LEU A 528 35.23 -14.65 -1.38
C LEU A 528 35.90 -15.29 -2.59
N THR A 529 36.06 -14.52 -3.66
CA THR A 529 36.61 -15.01 -4.92
C THR A 529 37.62 -13.99 -5.42
N PRO A 530 38.72 -14.42 -6.03
CA PRO A 530 39.63 -13.45 -6.66
C PRO A 530 38.96 -12.69 -7.80
N SER A 531 39.32 -11.42 -7.94
CA SER A 531 38.64 -10.49 -8.83
C SER A 531 39.58 -9.98 -9.91
N SER A 532 38.98 -9.53 -11.01
CA SER A 532 39.70 -8.89 -12.10
C SER A 532 39.49 -7.39 -12.14
N LYS A 533 38.73 -6.83 -11.19
CA LYS A 533 38.55 -5.39 -11.11
C LYS A 533 39.84 -4.70 -10.71
N ARG A 534 40.01 -3.48 -11.19
CA ARG A 534 41.15 -2.64 -10.84
C ARG A 534 40.66 -1.42 -10.08
N PHE A 535 41.21 -1.22 -8.89
CA PHE A 535 40.80 -0.15 -8.00
C PHE A 535 41.79 1.00 -8.11
N GLN A 536 41.28 2.23 -8.03
CA GLN A 536 42.13 3.39 -7.92
C GLN A 536 42.73 3.44 -6.50
N PRO A 537 43.84 4.15 -6.32
CA PRO A 537 44.47 4.18 -4.99
C PRO A 537 43.62 4.79 -3.88
N PHE A 538 42.61 5.60 -4.20
CA PHE A 538 41.75 6.18 -3.18
C PHE A 538 40.50 5.36 -2.91
N GLN A 539 40.33 4.21 -3.57
CA GLN A 539 39.11 3.42 -3.46
C GLN A 539 39.37 2.15 -2.67
N GLN A 540 38.42 1.79 -1.82
CA GLN A 540 38.52 0.63 -0.94
C GLN A 540 37.41 -0.38 -1.12
N PHE A 541 36.17 0.07 -1.31
CA PHE A 541 35.03 -0.82 -1.46
C PHE A 541 34.37 -0.61 -2.82
N GLY A 542 33.46 -1.51 -3.17
CA GLY A 542 32.68 -1.40 -4.37
C GLY A 542 31.23 -1.81 -4.18
N ARG A 543 30.31 -1.12 -4.83
CA ARG A 543 28.89 -1.40 -4.68
C ARG A 543 28.26 -1.62 -6.06
N ASP A 544 27.24 -2.48 -6.10
CA ASP A 544 26.49 -2.74 -7.31
C ASP A 544 25.26 -1.84 -7.39
N VAL A 545 24.34 -2.17 -8.30
CA VAL A 545 23.17 -1.34 -8.56
C VAL A 545 22.20 -1.28 -7.37
N SER A 546 22.31 -2.21 -6.43
CA SER A 546 21.44 -2.23 -5.26
C SER A 546 22.18 -1.89 -3.97
N ASP A 547 23.33 -1.20 -4.09
CA ASP A 547 24.13 -0.71 -2.96
C ASP A 547 24.58 -1.83 -2.02
N PHE A 548 24.82 -3.00 -2.58
CA PHE A 548 25.38 -4.12 -1.83
C PHE A 548 26.88 -4.12 -2.04
N THR A 549 27.65 -4.20 -0.96
CA THR A 549 29.10 -4.21 -1.04
C THR A 549 29.55 -5.52 -1.67
N ASP A 550 29.99 -5.47 -2.92
CA ASP A 550 30.31 -6.67 -3.66
C ASP A 550 31.79 -6.84 -3.96
N SER A 551 32.61 -5.81 -3.74
CA SER A 551 34.03 -5.90 -3.97
C SER A 551 34.78 -5.22 -2.84
N VAL A 552 35.91 -5.81 -2.46
CA VAL A 552 36.74 -5.26 -1.39
C VAL A 552 38.19 -5.37 -1.82
N ARG A 553 39.04 -4.53 -1.21
CA ARG A 553 40.48 -4.64 -1.35
C ARG A 553 41.06 -5.17 -0.05
N ASP A 554 41.92 -6.19 -0.15
CA ASP A 554 42.51 -6.78 1.03
C ASP A 554 43.50 -5.79 1.66
N PRO A 555 43.38 -5.49 2.96
CA PRO A 555 44.24 -4.46 3.55
C PRO A 555 45.64 -4.93 3.89
N LYS A 556 45.95 -6.22 3.76
CA LYS A 556 47.29 -6.72 4.02
C LYS A 556 48.08 -6.91 2.73
N THR A 557 47.55 -7.70 1.80
CA THR A 557 48.12 -7.90 0.47
C THR A 557 47.13 -7.35 -0.54
N SER A 558 47.46 -6.23 -1.17
CA SER A 558 46.47 -5.39 -1.86
C SER A 558 45.99 -6.08 -3.13
N GLU A 559 44.98 -6.94 -2.96
CA GLU A 559 44.29 -7.58 -4.05
C GLU A 559 42.80 -7.37 -3.91
N ILE A 560 42.09 -7.46 -5.03
CA ILE A 560 40.65 -7.21 -5.07
C ILE A 560 39.92 -8.54 -5.00
N LEU A 561 38.85 -8.58 -4.20
CA LEU A 561 38.06 -9.78 -4.00
C LEU A 561 36.58 -9.48 -4.18
N ASP A 562 35.90 -10.36 -4.89
CA ASP A 562 34.45 -10.32 -5.01
C ASP A 562 33.80 -11.10 -3.88
N ILE A 563 32.72 -10.56 -3.35
CA ILE A 563 31.94 -11.19 -2.30
C ILE A 563 30.59 -11.58 -2.87
N SER A 564 30.26 -12.86 -2.80
CA SER A 564 28.99 -13.33 -3.31
C SER A 564 28.17 -13.96 -2.18
N PRO A 565 26.84 -13.94 -2.27
CA PRO A 565 26.04 -14.66 -1.29
C PRO A 565 26.23 -16.17 -1.42
N CYS A 566 25.95 -16.87 -0.33
CA CYS A 566 26.05 -18.33 -0.33
C CYS A 566 24.69 -19.01 -0.22
N SER A 567 23.63 -18.35 -0.69
CA SER A 567 22.31 -18.94 -0.81
C SER A 567 21.80 -18.72 -2.22
N PHE A 568 21.36 -19.79 -2.88
CA PHE A 568 21.08 -19.74 -4.30
C PHE A 568 20.21 -20.92 -4.71
N GLY A 569 19.28 -20.67 -5.63
CA GLY A 569 18.49 -21.73 -6.21
C GLY A 569 17.24 -22.08 -5.45
N GLY A 570 16.11 -22.24 -6.15
CA GLY A 570 14.84 -22.49 -5.50
C GLY A 570 14.59 -23.96 -5.25
N VAL A 571 13.77 -24.23 -4.22
CA VAL A 571 13.48 -25.58 -3.77
C VAL A 571 11.96 -25.75 -3.70
N SER A 572 11.46 -26.84 -4.28
CA SER A 572 10.06 -27.20 -4.20
C SER A 572 9.90 -28.54 -3.52
N VAL A 573 8.79 -28.69 -2.80
CA VAL A 573 8.46 -29.90 -2.05
C VAL A 573 7.18 -30.47 -2.63
N ILE A 574 7.26 -31.70 -3.14
CA ILE A 574 6.11 -32.44 -3.65
C ILE A 574 5.63 -33.38 -2.54
N THR A 575 4.36 -33.29 -2.21
CA THR A 575 3.81 -34.17 -1.19
C THR A 575 2.42 -34.65 -1.58
N PRO A 576 2.06 -35.87 -1.17
CA PRO A 576 0.63 -36.20 -1.04
C PRO A 576 0.07 -35.56 0.22
N GLY A 577 -1.17 -35.87 0.56
CA GLY A 577 -1.70 -35.40 1.83
C GLY A 577 -0.92 -35.97 3.00
N THR A 578 -0.80 -35.17 4.06
CA THR A 578 -0.03 -35.63 5.21
C THR A 578 -0.81 -36.59 6.09
N ASN A 579 -2.11 -36.77 5.85
CA ASN A 579 -2.86 -37.85 6.46
C ASN A 579 -2.75 -39.15 5.68
N ALA A 580 -2.11 -39.14 4.52
CA ALA A 580 -1.91 -40.32 3.71
C ALA A 580 -0.51 -40.89 3.78
N SER A 581 0.51 -40.05 3.95
CA SER A 581 1.88 -40.50 4.11
C SER A 581 2.69 -39.39 4.75
N SER A 582 3.95 -39.71 5.06
CA SER A 582 4.88 -38.76 5.65
C SER A 582 6.09 -38.48 4.79
N GLU A 583 6.32 -39.25 3.73
CA GLU A 583 7.45 -39.01 2.85
C GLU A 583 7.12 -37.93 1.83
N VAL A 584 8.16 -37.21 1.42
CA VAL A 584 8.03 -36.13 0.43
C VAL A 584 9.13 -36.30 -0.60
N ALA A 585 8.94 -35.63 -1.74
CA ALA A 585 9.98 -35.55 -2.77
C ALA A 585 10.44 -34.11 -2.88
N VAL A 586 11.72 -33.93 -3.18
CA VAL A 586 12.32 -32.59 -3.23
C VAL A 586 12.82 -32.35 -4.64
N LEU A 587 12.42 -31.22 -5.22
CA LEU A 587 12.92 -30.80 -6.52
C LEU A 587 13.79 -29.56 -6.34
N TYR A 588 15.03 -29.67 -6.78
CA TYR A 588 15.99 -28.57 -6.76
C TYR A 588 16.13 -28.06 -8.18
N GLN A 589 15.63 -26.85 -8.42
CA GLN A 589 15.97 -26.15 -9.64
C GLN A 589 17.42 -25.68 -9.55
N ASP A 590 18.00 -25.40 -10.73
CA ASP A 590 19.35 -24.82 -10.84
C ASP A 590 20.44 -25.73 -10.29
N VAL A 591 20.31 -27.04 -10.50
CA VAL A 591 21.36 -27.98 -10.18
C VAL A 591 21.23 -29.18 -11.12
N ASN A 592 22.36 -29.79 -11.46
CA ASN A 592 22.42 -30.87 -12.43
C ASN A 592 22.86 -32.14 -11.72
N CYS A 593 22.16 -33.24 -11.96
CA CYS A 593 22.47 -34.51 -11.32
C CYS A 593 22.67 -35.63 -12.36
N TRP A 609 26.12 -32.84 -4.27
CA TRP A 609 25.95 -31.54 -4.89
C TRP A 609 25.32 -30.59 -3.89
N ARG A 610 24.68 -29.53 -4.37
CA ARG A 610 24.02 -28.58 -3.48
C ARG A 610 22.59 -29.03 -3.19
N ILE A 611 22.49 -30.17 -2.52
CA ILE A 611 21.21 -30.71 -2.08
C ILE A 611 21.24 -30.78 -0.56
N TYR A 612 20.12 -31.19 0.05
CA TYR A 612 20.05 -31.21 1.51
C TYR A 612 20.52 -32.56 2.05
N SER A 613 19.86 -33.64 1.65
CA SER A 613 20.22 -34.99 2.11
C SER A 613 19.75 -35.97 1.06
N THR A 614 20.70 -36.61 0.37
CA THR A 614 20.35 -37.54 -0.69
C THR A 614 19.68 -38.78 -0.12
N GLY A 615 18.85 -39.42 -0.94
CA GLY A 615 18.11 -40.59 -0.52
C GLY A 615 18.39 -41.82 -1.36
N ASN A 616 17.33 -42.49 -1.81
CA ASN A 616 17.45 -43.72 -2.56
C ASN A 616 17.36 -43.50 -4.07
N ASN A 617 16.49 -42.61 -4.52
CA ASN A 617 16.29 -42.34 -5.94
C ASN A 617 16.64 -40.88 -6.22
N VAL A 618 17.50 -40.68 -7.22
CA VAL A 618 17.90 -39.34 -7.67
C VAL A 618 17.93 -39.36 -9.19
N PHE A 619 17.23 -38.43 -9.83
CA PHE A 619 17.33 -38.36 -11.29
C PHE A 619 17.03 -36.96 -11.78
N GLN A 620 17.45 -36.70 -13.01
CA GLN A 620 17.42 -35.36 -13.61
C GLN A 620 16.27 -35.25 -14.59
N THR A 621 15.43 -34.24 -14.40
CA THR A 621 14.33 -33.93 -15.29
C THR A 621 14.64 -32.66 -16.07
N GLN A 622 13.68 -32.24 -16.89
CA GLN A 622 13.80 -30.96 -17.58
C GLN A 622 13.59 -29.80 -16.63
N ALA A 623 12.83 -30.01 -15.55
CA ALA A 623 12.62 -28.94 -14.57
C ALA A 623 13.82 -28.78 -13.65
N GLY A 624 14.45 -29.88 -13.25
CA GLY A 624 15.57 -29.82 -12.34
C GLY A 624 15.87 -31.19 -11.78
N CYS A 625 16.67 -31.20 -10.72
CA CYS A 625 17.01 -32.46 -10.06
C CYS A 625 15.87 -32.88 -9.13
N LEU A 626 15.45 -34.13 -9.24
CA LEU A 626 14.35 -34.65 -8.45
C LEU A 626 14.88 -35.78 -7.56
N ILE A 627 14.59 -35.69 -6.27
CA ILE A 627 15.12 -36.61 -5.27
C ILE A 627 13.96 -37.15 -4.44
N GLY A 628 13.86 -38.47 -4.36
CA GLY A 628 12.85 -39.12 -3.56
C GLY A 628 11.70 -39.74 -4.32
N ALA A 629 11.74 -39.74 -5.66
CA ALA A 629 10.66 -40.23 -6.47
C ALA A 629 11.17 -41.26 -7.46
N GLU A 630 10.35 -42.28 -7.73
CA GLU A 630 10.69 -43.28 -8.72
C GLU A 630 10.27 -42.83 -10.10
N HIS A 631 11.01 -43.27 -11.11
CA HIS A 631 10.72 -42.95 -12.51
C HIS A 631 10.09 -44.16 -13.18
N VAL A 632 9.00 -43.91 -13.91
CA VAL A 632 8.33 -44.95 -14.68
C VAL A 632 8.34 -44.54 -16.14
N ASP A 633 8.10 -45.51 -17.01
CA ASP A 633 8.12 -45.29 -18.45
C ASP A 633 6.73 -45.26 -19.06
N THR A 634 5.69 -45.29 -18.25
CA THR A 634 4.32 -45.19 -18.74
C THR A 634 3.84 -43.74 -18.61
N SER A 635 3.19 -43.25 -19.65
CA SER A 635 2.57 -41.93 -19.60
C SER A 635 1.13 -42.04 -19.09
N TYR A 636 0.76 -41.11 -18.24
CA TYR A 636 -0.58 -41.07 -17.67
C TYR A 636 -1.11 -39.65 -17.75
N GLU A 637 -2.42 -39.50 -17.68
CA GLU A 637 -2.99 -38.23 -17.28
C GLU A 637 -2.55 -37.95 -15.84
N CYS A 638 -2.14 -36.72 -15.57
CA CYS A 638 -1.33 -36.50 -14.39
C CYS A 638 -2.05 -35.71 -13.33
N ASP A 639 -1.67 -35.96 -12.08
CA ASP A 639 -2.35 -35.46 -10.88
C ASP A 639 -1.67 -34.24 -10.29
N ILE A 640 -0.35 -34.30 -10.07
CA ILE A 640 0.41 -33.20 -9.50
C ILE A 640 1.33 -32.65 -10.58
N PRO A 641 1.12 -31.42 -11.05
CA PRO A 641 1.96 -30.87 -12.13
C PRO A 641 3.28 -30.34 -11.60
N ILE A 642 4.38 -31.00 -11.98
CA ILE A 642 5.70 -30.50 -11.62
C ILE A 642 6.16 -29.42 -12.60
N GLY A 643 6.11 -29.71 -13.89
CA GLY A 643 6.47 -28.73 -14.89
C GLY A 643 7.38 -29.31 -15.95
N ALA A 644 7.51 -28.56 -17.05
CA ALA A 644 8.28 -28.95 -18.25
C ALA A 644 7.83 -30.29 -18.81
N GLY A 645 6.55 -30.61 -18.67
CA GLY A 645 6.01 -31.86 -19.12
C GLY A 645 6.10 -33.00 -18.15
N ILE A 646 6.64 -32.78 -16.95
CA ILE A 646 6.77 -33.83 -15.95
C ILE A 646 5.67 -33.66 -14.91
N CYS A 647 5.04 -34.77 -14.54
CA CYS A 647 4.01 -34.81 -13.52
C CYS A 647 4.31 -35.94 -12.54
N ALA A 648 3.68 -35.88 -11.37
CA ALA A 648 3.94 -36.86 -10.31
C ALA A 648 2.63 -37.33 -9.71
N SER A 649 2.69 -38.50 -9.07
CA SER A 649 1.51 -39.06 -8.41
C SER A 649 1.98 -40.03 -7.33
N TYR A 650 1.00 -40.57 -6.60
CA TYR A 650 1.23 -41.47 -5.48
C TYR A 650 0.59 -42.81 -5.80
N HIS A 651 1.40 -43.78 -6.24
CA HIS A 651 0.88 -45.05 -6.73
C HIS A 651 1.51 -46.20 -5.98
N THR A 652 1.26 -47.40 -6.49
CA THR A 652 1.81 -48.63 -5.90
C THR A 652 2.79 -49.30 -6.86
N GLN A 661 2.87 -51.30 -0.69
CA GLN A 661 3.89 -50.28 -0.44
C GLN A 661 3.80 -49.15 -1.48
N LYS A 662 3.05 -48.11 -1.15
CA LYS A 662 2.90 -46.97 -2.03
C LYS A 662 4.19 -46.16 -2.10
N SER A 663 4.30 -45.36 -3.16
CA SER A 663 5.46 -44.52 -3.37
C SER A 663 5.10 -43.40 -4.33
N ILE A 664 5.97 -42.40 -4.39
CA ILE A 664 5.81 -41.26 -5.29
C ILE A 664 6.49 -41.59 -6.61
N VAL A 665 5.75 -41.46 -7.70
CA VAL A 665 6.28 -41.75 -9.03
C VAL A 665 6.19 -40.49 -9.88
N ALA A 666 7.14 -40.35 -10.80
CA ALA A 666 7.21 -39.23 -11.72
C ALA A 666 7.23 -39.75 -13.14
N TYR A 667 6.53 -39.05 -14.04
CA TYR A 667 6.36 -39.52 -15.40
C TYR A 667 6.13 -38.33 -16.31
N THR A 668 6.01 -38.60 -17.60
CA THR A 668 5.67 -37.61 -18.60
C THR A 668 4.16 -37.66 -18.84
N MET A 669 3.53 -36.49 -18.83
CA MET A 669 2.08 -36.44 -18.97
C MET A 669 1.66 -36.83 -20.39
N SER A 670 0.43 -37.33 -20.50
CA SER A 670 -0.11 -37.83 -21.75
C SER A 670 -0.98 -36.75 -22.39
N LEU A 671 -0.73 -36.48 -23.66
CA LEU A 671 -1.46 -35.41 -24.34
C LEU A 671 -2.87 -35.83 -24.71
N GLY A 672 -3.06 -37.07 -25.12
CA GLY A 672 -4.39 -37.53 -25.46
C GLY A 672 -4.33 -38.91 -26.09
N ALA A 673 -5.51 -39.37 -26.51
CA ALA A 673 -5.63 -40.66 -27.16
C ALA A 673 -5.02 -40.61 -28.56
N ASP A 674 -4.58 -41.77 -29.03
CA ASP A 674 -3.95 -41.89 -30.35
C ASP A 674 -4.99 -42.35 -31.36
N SER A 675 -5.09 -41.63 -32.47
CA SER A 675 -6.04 -41.97 -33.52
C SER A 675 -5.47 -41.55 -34.87
N SER A 676 -6.07 -42.06 -35.93
CA SER A 676 -5.70 -41.69 -37.28
C SER A 676 -6.90 -41.92 -38.19
N ILE A 677 -7.31 -40.87 -38.91
CA ILE A 677 -8.39 -40.95 -39.88
C ILE A 677 -7.77 -40.88 -41.26
N ALA A 678 -7.97 -41.93 -42.06
CA ALA A 678 -7.35 -42.01 -43.36
C ALA A 678 -8.13 -41.16 -44.37
N TYR A 679 -7.44 -40.24 -45.02
CA TYR A 679 -8.07 -39.36 -45.99
C TYR A 679 -8.25 -40.10 -47.30
N SER A 680 -9.51 -40.18 -47.76
CA SER A 680 -9.84 -40.72 -49.06
C SER A 680 -10.65 -39.66 -49.79
N ASN A 681 -10.37 -39.48 -51.08
CA ASN A 681 -10.96 -38.39 -51.84
C ASN A 681 -12.19 -38.81 -52.63
N ASN A 682 -12.76 -39.98 -52.35
CA ASN A 682 -14.05 -40.32 -52.94
C ASN A 682 -15.00 -41.03 -51.98
N THR A 683 -14.67 -41.13 -50.69
CA THR A 683 -15.53 -41.78 -49.72
C THR A 683 -15.94 -40.80 -48.64
N ILE A 684 -17.11 -41.04 -48.04
CA ILE A 684 -17.63 -40.19 -46.99
C ILE A 684 -18.12 -41.06 -45.84
N ALA A 685 -18.14 -40.48 -44.65
CA ALA A 685 -18.65 -41.15 -43.46
C ALA A 685 -19.92 -40.45 -42.99
N ILE A 686 -20.98 -41.21 -42.80
CA ILE A 686 -22.28 -40.63 -42.43
C ILE A 686 -22.82 -41.38 -41.22
N PRO A 687 -23.31 -40.68 -40.19
CA PRO A 687 -23.86 -41.37 -39.02
C PRO A 687 -25.23 -41.96 -39.30
N THR A 688 -25.54 -43.02 -38.56
CA THR A 688 -26.79 -43.74 -38.74
C THR A 688 -27.66 -43.75 -37.49
N ASN A 689 -27.19 -43.20 -36.37
CA ASN A 689 -27.97 -43.29 -35.15
C ASN A 689 -27.55 -42.11 -34.28
N PHE A 690 -28.23 -41.91 -33.16
CA PHE A 690 -27.91 -40.74 -32.36
C PHE A 690 -28.18 -40.99 -30.89
N SER A 691 -27.66 -40.09 -30.06
CA SER A 691 -27.82 -40.13 -28.61
C SER A 691 -28.21 -38.75 -28.11
N ILE A 692 -28.94 -38.74 -27.00
CA ILE A 692 -29.33 -37.50 -26.32
C ILE A 692 -28.49 -37.41 -25.05
N SER A 693 -27.63 -36.40 -24.98
CA SER A 693 -26.75 -36.26 -23.83
C SER A 693 -27.09 -35.00 -23.05
N ILE A 694 -26.98 -35.09 -21.73
CA ILE A 694 -27.21 -33.96 -20.84
C ILE A 694 -25.90 -33.68 -20.11
N THR A 695 -25.43 -32.44 -20.20
CA THR A 695 -24.15 -32.01 -19.64
C THR A 695 -24.43 -30.94 -18.59
N THR A 696 -23.74 -31.00 -17.47
CA THR A 696 -23.90 -30.01 -16.41
C THR A 696 -22.77 -28.99 -16.47
N GLU A 697 -23.07 -27.77 -16.03
CA GLU A 697 -22.07 -26.70 -16.03
C GLU A 697 -22.36 -25.74 -14.89
N VAL A 698 -21.38 -25.53 -14.00
CA VAL A 698 -21.57 -24.74 -12.79
C VAL A 698 -20.78 -23.44 -12.88
N MET A 699 -21.41 -22.33 -12.51
CA MET A 699 -20.83 -21.00 -12.66
C MET A 699 -21.08 -20.14 -11.42
N PRO A 700 -20.07 -19.43 -10.94
CA PRO A 700 -20.28 -18.49 -9.83
C PRO A 700 -20.93 -17.20 -10.28
N VAL A 701 -21.73 -16.61 -9.38
CA VAL A 701 -22.51 -15.42 -9.67
C VAL A 701 -22.18 -14.28 -8.71
N SER A 702 -22.17 -14.56 -7.42
CA SER A 702 -21.91 -13.54 -6.42
C SER A 702 -20.93 -14.05 -5.37
N MET A 703 -20.50 -13.15 -4.49
CA MET A 703 -19.72 -13.52 -3.33
C MET A 703 -20.29 -12.79 -2.11
N ALA A 704 -19.61 -12.94 -0.97
CA ALA A 704 -20.14 -12.44 0.28
C ALA A 704 -19.93 -10.93 0.41
N LYS A 705 -20.94 -10.24 0.93
CA LYS A 705 -20.87 -8.81 1.17
C LYS A 705 -20.32 -8.57 2.57
N THR A 706 -19.23 -7.80 2.64
CA THR A 706 -18.54 -7.58 3.90
C THR A 706 -18.50 -6.09 4.23
N SER A 707 -18.27 -5.80 5.50
CA SER A 707 -18.19 -4.43 5.98
C SER A 707 -17.23 -4.38 7.16
N VAL A 708 -16.47 -3.29 7.27
CA VAL A 708 -15.50 -3.12 8.34
C VAL A 708 -15.75 -1.78 9.02
N ASP A 709 -15.28 -1.69 10.26
CA ASP A 709 -15.29 -0.48 11.06
C ASP A 709 -13.86 -0.17 11.47
N CYS A 710 -13.31 0.94 10.97
CA CYS A 710 -11.92 1.28 11.29
C CYS A 710 -11.72 1.54 12.77
N ASN A 711 -12.68 2.17 13.43
CA ASN A 711 -12.50 2.57 14.82
C ASN A 711 -12.40 1.35 15.73
N MET A 712 -13.18 0.30 15.45
CA MET A 712 -13.08 -0.92 16.24
C MET A 712 -11.89 -1.77 15.85
N TYR A 713 -11.49 -1.75 14.57
CA TYR A 713 -10.37 -2.56 14.14
C TYR A 713 -9.05 -1.99 14.63
N ILE A 714 -8.86 -0.68 14.53
CA ILE A 714 -7.57 -0.07 14.77
C ILE A 714 -7.35 0.26 16.24
N CYS A 715 -8.34 0.89 16.87
CA CYS A 715 -8.19 1.34 18.24
C CYS A 715 -8.87 0.41 19.25
N GLY A 716 -10.10 -0.01 18.96
CA GLY A 716 -10.83 -0.83 19.91
C GLY A 716 -11.78 0.00 20.74
N ASP A 717 -11.40 0.30 21.98
CA ASP A 717 -12.23 1.08 22.88
C ASP A 717 -11.41 2.10 23.67
N SER A 718 -10.28 2.54 23.11
CA SER A 718 -9.43 3.52 23.77
C SER A 718 -9.60 4.88 23.10
N THR A 719 -9.91 5.89 23.90
CA THR A 719 -10.19 7.22 23.37
C THR A 719 -8.93 7.97 22.95
N GLU A 720 -7.76 7.61 23.49
CA GLU A 720 -6.52 8.25 23.05
C GLU A 720 -6.21 7.89 21.60
N CYS A 721 -6.30 6.61 21.25
CA CYS A 721 -6.13 6.20 19.86
C CYS A 721 -7.22 6.79 18.98
N ALA A 722 -8.45 6.85 19.50
CA ALA A 722 -9.57 7.39 18.73
C ALA A 722 -9.33 8.86 18.39
N ASN A 723 -8.82 9.64 19.34
CA ASN A 723 -8.49 11.03 19.05
C ASN A 723 -7.29 11.14 18.13
N LEU A 724 -6.33 10.23 18.24
CA LEU A 724 -5.18 10.28 17.34
C LEU A 724 -5.52 9.83 15.93
N LEU A 725 -6.66 9.16 15.74
CA LEU A 725 -7.06 8.70 14.42
C LEU A 725 -7.75 9.77 13.58
N LEU A 726 -8.10 10.92 14.17
CA LEU A 726 -8.80 11.95 13.39
C LEU A 726 -7.94 12.57 12.31
N GLN A 727 -6.61 12.58 12.47
CA GLN A 727 -5.75 13.09 11.41
C GLN A 727 -5.82 12.21 10.16
N TYR A 728 -5.93 10.90 10.36
CA TYR A 728 -6.13 9.93 9.29
C TYR A 728 -7.61 9.83 8.92
N GLY A 729 -8.24 10.97 8.62
CA GLY A 729 -9.69 11.02 8.62
C GLY A 729 -10.36 10.54 7.36
N SER A 730 -9.78 10.89 6.20
CA SER A 730 -10.37 10.52 4.92
C SER A 730 -9.92 9.15 4.44
N PHE A 731 -9.17 8.42 5.25
CA PHE A 731 -8.62 7.13 4.84
C PHE A 731 -9.57 5.96 5.10
N CYS A 732 -10.68 6.19 5.80
CA CYS A 732 -11.67 5.15 6.01
C CYS A 732 -13.00 5.40 5.32
N THR A 733 -13.34 6.64 5.01
CA THR A 733 -14.48 6.87 4.13
C THR A 733 -14.21 6.29 2.75
N GLN A 734 -12.94 6.30 2.33
CA GLN A 734 -12.54 5.66 1.09
C GLN A 734 -12.78 4.14 1.14
N LEU A 735 -12.39 3.50 2.24
CA LEU A 735 -12.53 2.06 2.37
C LEU A 735 -13.99 1.64 2.44
N ASN A 736 -14.80 2.39 3.21
CA ASN A 736 -16.22 2.10 3.30
C ASN A 736 -16.91 2.32 1.96
N ARG A 737 -16.50 3.34 1.22
CA ARG A 737 -17.07 3.59 -0.11
C ARG A 737 -16.76 2.43 -1.07
N ALA A 738 -15.52 1.93 -1.04
CA ALA A 738 -15.16 0.81 -1.90
C ALA A 738 -15.94 -0.45 -1.55
N LEU A 739 -16.03 -0.76 -0.26
CA LEU A 739 -16.72 -1.97 0.16
C LEU A 739 -18.22 -1.89 -0.11
N SER A 740 -18.82 -0.70 0.00
CA SER A 740 -20.24 -0.59 -0.30
C SER A 740 -20.50 -0.65 -1.80
N GLY A 741 -19.56 -0.18 -2.62
CA GLY A 741 -19.66 -0.42 -4.05
C GLY A 741 -19.66 -1.89 -4.40
N ILE A 742 -18.78 -2.66 -3.76
CA ILE A 742 -18.75 -4.12 -3.99
C ILE A 742 -20.07 -4.76 -3.54
N ALA A 743 -20.58 -4.34 -2.37
CA ALA A 743 -21.80 -4.91 -1.83
C ALA A 743 -23.02 -4.60 -2.71
N ALA A 744 -23.05 -3.46 -3.38
CA ALA A 744 -24.14 -3.19 -4.31
C ALA A 744 -23.96 -4.00 -5.60
N GLU A 745 -22.71 -4.18 -6.04
CA GLU A 745 -22.45 -4.92 -7.28
C GLU A 745 -22.86 -6.38 -7.17
N GLN A 746 -22.76 -6.98 -5.98
CA GLN A 746 -23.17 -8.38 -5.83
C GLN A 746 -24.67 -8.57 -6.08
N ASP A 747 -25.50 -7.69 -5.53
CA ASP A 747 -26.94 -7.78 -5.75
C ASP A 747 -27.29 -7.47 -7.19
N ARG A 748 -26.57 -6.52 -7.82
CA ARG A 748 -26.76 -6.27 -9.24
C ARG A 748 -26.46 -7.50 -10.07
N ASN A 749 -25.39 -8.23 -9.73
CA ASN A 749 -25.04 -9.48 -10.42
C ASN A 749 -26.17 -10.49 -10.34
N THR A 750 -26.67 -10.74 -9.13
CA THR A 750 -27.71 -11.75 -8.96
C THR A 750 -28.99 -11.37 -9.70
N ARG A 751 -29.38 -10.09 -9.64
CA ARG A 751 -30.57 -9.65 -10.34
C ARG A 751 -30.43 -9.77 -11.85
N GLU A 752 -29.27 -9.41 -12.40
CA GLU A 752 -29.10 -9.45 -13.84
C GLU A 752 -28.96 -10.87 -14.37
N VAL A 753 -28.59 -11.83 -13.52
CA VAL A 753 -28.61 -13.21 -13.99
C VAL A 753 -30.01 -13.82 -13.90
N PHE A 754 -30.64 -13.73 -12.72
CA PHE A 754 -31.83 -14.55 -12.50
C PHE A 754 -33.15 -13.88 -12.88
N ALA A 755 -33.23 -12.56 -12.82
CA ALA A 755 -34.50 -11.87 -13.10
C ALA A 755 -34.57 -11.50 -14.59
N GLN A 756 -34.71 -12.55 -15.40
CA GLN A 756 -34.83 -12.38 -16.85
C GLN A 756 -36.29 -12.24 -17.27
N VAL A 757 -37.17 -13.05 -16.72
CA VAL A 757 -38.58 -13.05 -17.10
C VAL A 757 -39.33 -11.98 -16.34
N LYS A 758 -40.34 -11.42 -17.00
CA LYS A 758 -41.19 -10.40 -16.43
C LYS A 758 -42.48 -10.96 -15.84
N GLN A 759 -42.69 -12.28 -15.94
CA GLN A 759 -43.89 -12.91 -15.43
C GLN A 759 -43.52 -14.19 -14.71
N MET A 760 -44.25 -14.51 -13.65
CA MET A 760 -43.97 -15.67 -12.83
C MET A 760 -44.98 -16.76 -13.15
N TYR A 761 -44.61 -17.66 -14.06
CA TYR A 761 -45.50 -18.71 -14.50
C TYR A 761 -45.68 -19.76 -13.41
N LYS A 762 -46.91 -20.27 -13.31
CA LYS A 762 -47.19 -21.33 -12.35
C LYS A 762 -46.57 -22.64 -12.79
N THR A 763 -46.11 -23.41 -11.82
CA THR A 763 -45.69 -24.77 -12.09
C THR A 763 -46.90 -25.61 -12.47
N PRO A 764 -46.88 -26.29 -13.61
CA PRO A 764 -48.05 -27.08 -14.02
C PRO A 764 -48.31 -28.25 -13.09
N THR A 765 -49.56 -28.68 -13.06
CA THR A 765 -49.92 -29.81 -12.19
C THR A 765 -49.40 -31.11 -12.77
N LEU A 766 -49.38 -31.24 -14.09
CA LEU A 766 -48.83 -32.40 -14.76
C LEU A 766 -47.36 -32.13 -15.11
N LYS A 767 -46.50 -33.12 -14.83
CA LYS A 767 -45.07 -33.02 -15.13
C LYS A 767 -44.64 -34.08 -16.14
N TYR A 768 -45.45 -34.33 -17.15
CA TYR A 768 -45.18 -35.38 -18.14
C TYR A 768 -45.68 -34.90 -19.49
N PHE A 769 -44.76 -34.49 -20.36
CA PHE A 769 -45.09 -33.82 -21.61
C PHE A 769 -44.61 -34.68 -22.78
N GLY A 770 -45.52 -35.49 -23.33
CA GLY A 770 -45.20 -36.27 -24.50
C GLY A 770 -44.22 -37.40 -24.25
N GLY A 771 -44.13 -37.87 -23.01
CA GLY A 771 -43.18 -38.89 -22.64
C GLY A 771 -41.94 -38.36 -21.93
N PHE A 772 -41.74 -37.06 -21.92
CA PHE A 772 -40.59 -36.44 -21.27
C PHE A 772 -40.95 -36.12 -19.83
N ASN A 773 -40.20 -36.69 -18.89
CA ASN A 773 -40.50 -36.59 -17.47
C ASN A 773 -39.74 -35.39 -16.89
N PHE A 774 -40.48 -34.40 -16.41
CA PHE A 774 -39.91 -33.15 -15.91
C PHE A 774 -39.95 -33.04 -14.39
N SER A 775 -40.27 -34.12 -13.68
CA SER A 775 -40.56 -34.03 -12.25
C SER A 775 -39.32 -33.83 -11.40
N GLN A 776 -38.13 -34.09 -11.93
CA GLN A 776 -36.91 -33.96 -11.15
C GLN A 776 -36.31 -32.56 -11.16
N ILE A 777 -36.82 -31.68 -12.02
CA ILE A 777 -36.30 -30.32 -12.12
C ILE A 777 -37.41 -29.29 -11.89
N LEU A 778 -38.53 -29.72 -11.32
CA LEU A 778 -39.65 -28.85 -10.99
C LEU A 778 -40.05 -29.08 -9.55
N PRO A 779 -40.57 -28.06 -8.88
CA PRO A 779 -41.04 -28.25 -7.50
C PRO A 779 -42.28 -29.12 -7.42
N ASP A 780 -42.46 -29.74 -6.27
CA ASP A 780 -43.61 -30.60 -6.02
C ASP A 780 -44.31 -30.17 -4.74
N PRO A 781 -45.64 -30.32 -4.67
CA PRO A 781 -46.36 -29.87 -3.47
C PRO A 781 -46.24 -30.80 -2.27
N LEU A 782 -45.94 -32.08 -2.49
CA LEU A 782 -45.87 -33.02 -1.36
C LEU A 782 -44.62 -32.81 -0.52
N LYS A 783 -43.50 -32.48 -1.15
CA LYS A 783 -42.27 -32.24 -0.41
C LYS A 783 -42.36 -30.92 0.36
N PRO A 784 -41.96 -30.89 1.63
CA PRO A 784 -42.09 -29.66 2.43
C PRO A 784 -41.28 -28.49 1.91
N THR A 785 -40.12 -28.72 1.31
CA THR A 785 -39.35 -27.60 0.78
C THR A 785 -39.94 -27.13 -0.55
N LYS A 786 -39.46 -25.98 -1.00
CA LYS A 786 -40.02 -25.34 -2.19
C LYS A 786 -39.18 -25.56 -3.44
N ARG A 787 -37.91 -25.90 -3.29
CA ARG A 787 -37.02 -26.08 -4.43
C ARG A 787 -37.18 -27.48 -5.02
N SER A 788 -36.29 -27.83 -5.95
CA SER A 788 -36.37 -29.10 -6.66
C SER A 788 -35.52 -30.17 -5.99
N PHE A 789 -35.54 -31.37 -6.56
CA PHE A 789 -34.71 -32.47 -6.06
C PHE A 789 -33.24 -32.23 -6.38
N ILE A 790 -32.95 -31.85 -7.63
CA ILE A 790 -31.58 -31.60 -8.03
C ILE A 790 -31.04 -30.35 -7.33
N GLU A 791 -31.90 -29.36 -7.11
CA GLU A 791 -31.50 -28.20 -6.32
C GLU A 791 -31.24 -28.57 -4.86
N ASP A 792 -32.01 -29.52 -4.32
CA ASP A 792 -31.73 -30.04 -2.98
C ASP A 792 -30.36 -30.67 -2.90
N LEU A 793 -30.02 -31.49 -3.89
CA LEU A 793 -28.69 -32.12 -3.90
C LEU A 793 -27.59 -31.09 -4.04
N LEU A 794 -27.79 -30.09 -4.90
CA LEU A 794 -26.78 -29.05 -5.09
C LEU A 794 -26.59 -28.22 -3.83
N PHE A 795 -27.68 -27.89 -3.13
CA PHE A 795 -27.56 -27.14 -1.90
C PHE A 795 -26.98 -27.97 -0.76
N ASN A 796 -27.03 -29.29 -0.86
CA ASN A 796 -26.36 -30.12 0.13
C ASN A 796 -24.93 -30.48 -0.25
N LYS A 797 -24.50 -30.23 -1.48
CA LYS A 797 -23.12 -30.53 -1.85
C LYS A 797 -22.13 -29.53 -1.26
N VAL A 798 -22.46 -28.25 -1.29
CA VAL A 798 -21.52 -27.20 -0.89
C VAL A 798 -21.76 -26.86 0.58
N THR A 799 -20.71 -26.99 1.38
CA THR A 799 -20.78 -26.65 2.80
C THR A 799 -20.47 -25.17 3.01
N LEU A 800 -21.00 -24.63 4.10
CA LEU A 800 -20.81 -23.22 4.41
C LEU A 800 -19.98 -23.05 5.68
N PHE A 805 -23.78 -17.72 11.39
CA PHE A 805 -23.67 -16.27 11.48
C PHE A 805 -24.69 -15.72 12.46
N MET A 806 -25.48 -16.61 13.07
CA MET A 806 -26.56 -16.20 13.96
C MET A 806 -26.06 -15.92 15.38
N LYS A 807 -24.97 -15.16 15.48
CA LYS A 807 -24.34 -14.87 16.75
C LYS A 807 -24.91 -13.59 17.34
N GLN A 808 -25.04 -13.58 18.66
CA GLN A 808 -25.52 -12.42 19.41
C GLN A 808 -24.58 -12.23 20.59
N TYR A 809 -24.83 -11.16 21.37
CA TYR A 809 -24.00 -10.92 22.55
C TYR A 809 -24.22 -11.97 23.61
N GLY A 810 -25.46 -12.45 23.76
CA GLY A 810 -25.70 -13.54 24.68
C GLY A 810 -25.23 -14.88 24.16
N GLU A 811 -25.13 -15.02 22.83
CA GLU A 811 -24.75 -16.29 22.24
C GLU A 811 -23.31 -16.67 22.57
N CYS A 812 -22.38 -15.75 22.33
CA CYS A 812 -20.97 -15.99 22.60
C CYS A 812 -20.48 -14.99 23.64
N LEU A 813 -20.47 -15.42 24.90
CA LEU A 813 -19.99 -14.62 26.02
C LEU A 813 -19.75 -15.52 27.23
N ARG A 819 -13.19 -21.00 21.15
CA ARG A 819 -12.63 -19.89 20.37
C ARG A 819 -13.28 -19.80 19.01
N ASP A 820 -14.49 -19.23 18.97
CA ASP A 820 -15.22 -19.09 17.71
C ASP A 820 -14.55 -18.04 16.84
N LEU A 821 -14.38 -18.37 15.55
CA LEU A 821 -13.76 -17.43 14.63
C LEU A 821 -14.70 -16.32 14.20
N ILE A 822 -16.00 -16.62 14.08
CA ILE A 822 -16.96 -15.62 13.63
C ILE A 822 -17.19 -14.57 14.70
N CYS A 823 -17.29 -14.98 15.96
CA CYS A 823 -17.43 -14.02 17.04
C CYS A 823 -16.15 -13.21 17.23
N ALA A 824 -15.00 -13.81 16.98
CA ALA A 824 -13.74 -13.07 17.00
C ALA A 824 -13.68 -12.04 15.88
N GLN A 825 -14.23 -12.37 14.72
CA GLN A 825 -14.36 -11.38 13.65
C GLN A 825 -15.28 -10.25 14.06
N LYS A 826 -16.42 -10.58 14.66
CA LYS A 826 -17.43 -9.57 14.99
C LYS A 826 -16.97 -8.65 16.11
N PHE A 827 -16.15 -9.15 17.03
CA PHE A 827 -15.66 -8.31 18.11
C PHE A 827 -14.62 -7.29 17.64
N ASN A 828 -14.04 -7.50 16.46
CA ASN A 828 -13.02 -6.61 15.91
C ASN A 828 -13.54 -5.77 14.76
N GLY A 829 -14.86 -5.69 14.60
CA GLY A 829 -15.46 -4.74 13.67
C GLY A 829 -15.71 -5.25 12.28
N LEU A 830 -15.67 -6.56 12.05
CA LEU A 830 -15.85 -7.15 10.73
C LEU A 830 -17.18 -7.87 10.68
N THR A 831 -18.05 -7.47 9.75
CA THR A 831 -19.38 -8.04 9.65
C THR A 831 -19.67 -8.48 8.22
N VAL A 832 -20.59 -9.43 8.09
CA VAL A 832 -21.06 -9.94 6.80
C VAL A 832 -22.54 -9.64 6.68
N LEU A 833 -22.95 -9.07 5.55
CA LEU A 833 -24.32 -8.65 5.27
C LEU A 833 -25.07 -9.70 4.47
N PRO A 834 -26.37 -9.86 4.71
CA PRO A 834 -27.12 -10.90 3.99
C PRO A 834 -27.41 -10.47 2.56
N PRO A 835 -27.59 -11.42 1.65
CA PRO A 835 -28.01 -11.07 0.29
C PRO A 835 -29.46 -10.59 0.26
N LEU A 836 -29.75 -9.76 -0.74
CA LEU A 836 -31.09 -9.19 -0.86
C LEU A 836 -32.12 -10.23 -1.23
N LEU A 837 -31.76 -11.17 -2.10
CA LEU A 837 -32.68 -12.20 -2.56
C LEU A 837 -32.48 -13.47 -1.74
N THR A 838 -33.55 -13.93 -1.10
CA THR A 838 -33.54 -15.22 -0.41
C THR A 838 -33.40 -16.34 -1.44
N ASP A 839 -32.86 -17.48 -1.01
CA ASP A 839 -32.73 -18.63 -1.90
C ASP A 839 -34.07 -19.13 -2.41
N ASP A 840 -35.16 -18.89 -1.66
CA ASP A 840 -36.48 -19.29 -2.13
C ASP A 840 -36.94 -18.44 -3.31
N MET A 841 -36.58 -17.16 -3.33
CA MET A 841 -36.91 -16.32 -4.48
C MET A 841 -36.14 -16.75 -5.73
N ILE A 842 -34.88 -17.14 -5.57
CA ILE A 842 -34.09 -17.62 -6.70
C ILE A 842 -34.65 -18.95 -7.21
N ALA A 843 -35.09 -19.80 -6.29
CA ALA A 843 -35.75 -21.05 -6.69
C ALA A 843 -37.06 -20.78 -7.43
N ALA A 844 -37.80 -19.75 -6.99
CA ALA A 844 -39.02 -19.36 -7.69
C ALA A 844 -38.73 -18.87 -9.10
N TYR A 845 -37.65 -18.10 -9.27
CA TYR A 845 -37.25 -17.62 -10.59
C TYR A 845 -36.88 -18.78 -11.51
N THR A 846 -36.11 -19.75 -11.00
CA THR A 846 -35.73 -20.87 -11.83
C THR A 846 -36.91 -21.78 -12.15
N ALA A 847 -37.85 -21.92 -11.21
CA ALA A 847 -39.06 -22.68 -11.50
C ALA A 847 -39.89 -22.02 -12.58
N ALA A 848 -39.99 -20.68 -12.56
CA ALA A 848 -40.67 -19.95 -13.61
C ALA A 848 -40.01 -20.15 -14.96
N LEU A 849 -38.67 -20.14 -14.99
CA LEU A 849 -37.95 -20.33 -16.24
C LEU A 849 -38.17 -21.73 -16.80
N VAL A 850 -38.10 -22.76 -15.95
CA VAL A 850 -38.30 -24.13 -16.41
C VAL A 850 -39.74 -24.35 -16.88
N SER A 851 -40.71 -23.78 -16.16
CA SER A 851 -42.11 -23.90 -16.58
C SER A 851 -42.37 -23.20 -17.91
N GLY A 852 -41.77 -22.03 -18.12
CA GLY A 852 -41.93 -21.35 -19.39
C GLY A 852 -41.30 -22.10 -20.54
N THR A 853 -40.14 -22.71 -20.29
CA THR A 853 -39.52 -23.54 -21.33
C THR A 853 -40.37 -24.76 -21.65
N ALA A 854 -40.92 -25.40 -20.61
CA ALA A 854 -41.69 -26.63 -20.82
C ALA A 854 -43.07 -26.36 -21.41
N THR A 855 -43.59 -25.14 -21.29
CA THR A 855 -44.94 -24.85 -21.73
C THR A 855 -45.00 -23.95 -22.96
N ALA A 856 -44.19 -22.89 -23.00
CA ALA A 856 -44.28 -21.91 -24.07
C ALA A 856 -43.11 -21.98 -25.06
N GLY A 857 -42.07 -22.72 -24.75
CA GLY A 857 -40.98 -22.90 -25.69
C GLY A 857 -39.93 -21.81 -25.65
N TRP A 858 -39.71 -21.16 -26.79
CA TRP A 858 -38.69 -20.14 -26.93
C TRP A 858 -39.28 -18.74 -27.06
N THR A 859 -40.60 -18.63 -27.21
CA THR A 859 -41.21 -17.37 -27.62
C THR A 859 -41.34 -16.37 -26.48
N PHE A 860 -41.26 -16.83 -25.23
CA PHE A 860 -41.48 -15.92 -24.11
C PHE A 860 -40.27 -15.04 -23.83
N GLY A 861 -39.10 -15.40 -24.37
CA GLY A 861 -37.94 -14.53 -24.23
C GLY A 861 -38.06 -13.24 -25.03
N ALA A 862 -38.60 -13.33 -26.24
CA ALA A 862 -38.77 -12.18 -27.13
C ALA A 862 -40.27 -11.96 -27.35
N GLY A 863 -40.89 -11.20 -26.45
CA GLY A 863 -42.31 -10.96 -26.53
C GLY A 863 -43.11 -11.73 -25.49
N ALA A 864 -44.40 -11.86 -25.76
CA ALA A 864 -45.28 -12.62 -24.90
C ALA A 864 -45.17 -14.11 -25.18
N ALA A 865 -45.54 -14.91 -24.19
CA ALA A 865 -45.46 -16.36 -24.31
C ALA A 865 -46.56 -16.89 -25.21
N LEU A 866 -46.24 -17.93 -25.97
CA LEU A 866 -47.20 -18.60 -26.83
C LEU A 866 -47.19 -20.09 -26.54
N GLN A 867 -48.35 -20.66 -26.28
CA GLN A 867 -48.44 -22.08 -25.96
C GLN A 867 -48.17 -22.94 -27.19
N ILE A 868 -47.50 -24.07 -26.98
CA ILE A 868 -47.18 -25.01 -28.03
C ILE A 868 -46.99 -26.39 -27.38
N PRO A 869 -47.49 -27.46 -27.98
CA PRO A 869 -47.21 -28.80 -27.44
C PRO A 869 -45.73 -29.12 -27.50
N PHE A 870 -45.27 -29.91 -26.53
CA PHE A 870 -43.83 -30.10 -26.33
C PHE A 870 -43.19 -30.88 -27.47
N ALA A 871 -43.91 -31.84 -28.05
CA ALA A 871 -43.33 -32.62 -29.14
C ALA A 871 -43.13 -31.77 -30.39
N MET A 872 -44.04 -30.83 -30.66
CA MET A 872 -43.83 -29.94 -31.80
C MET A 872 -42.69 -28.96 -31.53
N GLN A 873 -42.52 -28.53 -30.29
CA GLN A 873 -41.37 -27.71 -29.94
C GLN A 873 -40.07 -28.47 -30.13
N MET A 874 -40.04 -29.75 -29.75
CA MET A 874 -38.85 -30.56 -29.95
C MET A 874 -38.58 -30.82 -31.43
N ALA A 875 -39.64 -30.94 -32.24
CA ALA A 875 -39.45 -31.07 -33.69
C ALA A 875 -38.87 -29.78 -34.27
N TYR A 876 -39.30 -28.64 -33.76
CA TYR A 876 -38.72 -27.36 -34.16
C TYR A 876 -37.24 -27.27 -33.76
N ARG A 877 -36.89 -27.82 -32.59
CA ARG A 877 -35.49 -27.80 -32.18
C ARG A 877 -34.64 -28.72 -33.05
N PHE A 878 -35.21 -29.87 -33.44
CA PHE A 878 -34.50 -30.76 -34.37
C PHE A 878 -34.33 -30.10 -35.74
N ASN A 879 -35.32 -29.34 -36.18
CA ASN A 879 -35.27 -28.70 -37.49
C ASN A 879 -34.18 -27.64 -37.56
N GLY A 880 -33.86 -26.98 -36.45
CA GLY A 880 -32.84 -25.96 -36.39
C GLY A 880 -31.43 -26.49 -36.23
N ILE A 881 -31.24 -27.79 -36.39
CA ILE A 881 -29.94 -28.42 -36.30
C ILE A 881 -29.50 -28.98 -37.65
N GLY A 882 -30.45 -29.38 -38.49
CA GLY A 882 -30.13 -29.94 -39.79
C GLY A 882 -30.80 -31.28 -39.98
N VAL A 883 -31.39 -31.79 -38.92
CA VAL A 883 -32.13 -33.03 -38.95
C VAL A 883 -33.59 -32.70 -39.28
N THR A 884 -34.23 -33.54 -40.08
CA THR A 884 -35.58 -33.23 -40.52
C THR A 884 -36.60 -33.48 -39.41
N GLN A 885 -37.84 -33.08 -39.68
CA GLN A 885 -38.88 -33.06 -38.67
C GLN A 885 -39.40 -34.46 -38.37
N ASN A 886 -39.31 -35.38 -39.33
CA ASN A 886 -39.85 -36.72 -39.14
C ASN A 886 -39.00 -37.55 -38.19
N VAL A 887 -37.70 -37.26 -38.10
CA VAL A 887 -36.80 -38.08 -37.29
C VAL A 887 -37.20 -38.06 -35.82
N LEU A 888 -37.82 -36.98 -35.37
CA LEU A 888 -38.42 -36.98 -34.04
C LEU A 888 -39.67 -37.85 -33.99
N TYR A 889 -40.53 -37.76 -35.01
CA TYR A 889 -41.87 -38.35 -34.91
C TYR A 889 -41.85 -39.86 -35.08
N GLU A 890 -40.99 -40.41 -35.93
CA GLU A 890 -40.82 -41.86 -35.95
C GLU A 890 -39.88 -42.39 -34.88
N ASN A 891 -39.30 -41.55 -34.02
CA ASN A 891 -38.41 -42.03 -32.97
C ASN A 891 -38.71 -41.32 -31.65
N GLN A 892 -39.98 -41.10 -31.34
CA GLN A 892 -40.32 -40.26 -30.20
C GLN A 892 -40.08 -40.98 -28.87
N LYS A 893 -40.48 -42.25 -28.76
CA LYS A 893 -40.36 -42.96 -27.51
C LYS A 893 -38.90 -43.21 -27.14
N GLN A 894 -38.07 -43.50 -28.15
CA GLN A 894 -36.64 -43.66 -27.92
C GLN A 894 -36.00 -42.39 -27.36
N ILE A 895 -36.33 -41.25 -27.95
CA ILE A 895 -35.73 -39.98 -27.52
C ILE A 895 -36.23 -39.60 -26.13
N ALA A 896 -37.51 -39.85 -25.85
CA ALA A 896 -38.03 -39.61 -24.50
C ALA A 896 -37.35 -40.48 -23.46
N ASN A 897 -37.14 -41.77 -23.78
CA ASN A 897 -36.49 -42.67 -22.84
C ASN A 897 -35.04 -42.27 -22.60
N GLN A 898 -34.34 -41.85 -23.66
CA GLN A 898 -32.96 -41.41 -23.49
C GLN A 898 -32.87 -40.13 -22.66
N PHE A 899 -33.81 -39.22 -22.85
CA PHE A 899 -33.87 -38.01 -22.03
C PHE A 899 -34.07 -38.34 -20.56
N ASN A 900 -35.01 -39.23 -20.26
CA ASN A 900 -35.26 -39.62 -18.87
C ASN A 900 -34.06 -40.34 -18.26
N LYS A 901 -33.43 -41.22 -19.03
CA LYS A 901 -32.26 -41.94 -18.53
C LYS A 901 -31.09 -40.99 -18.26
N ALA A 902 -30.89 -39.98 -19.11
CA ALA A 902 -29.81 -39.03 -18.88
C ALA A 902 -30.09 -38.15 -17.66
N ILE A 903 -31.36 -37.81 -17.42
CA ILE A 903 -31.71 -37.07 -16.20
C ILE A 903 -31.42 -37.91 -14.97
N SER A 904 -31.76 -39.20 -15.02
CA SER A 904 -31.47 -40.08 -13.89
C SER A 904 -29.97 -40.24 -13.65
N GLN A 905 -29.19 -40.28 -14.74
CA GLN A 905 -27.74 -40.36 -14.60
C GLN A 905 -27.16 -39.09 -13.96
N ILE A 906 -27.68 -37.93 -14.34
CA ILE A 906 -27.26 -36.67 -13.72
C ILE A 906 -27.58 -36.68 -12.23
N GLN A 907 -28.77 -37.16 -11.87
CA GLN A 907 -29.17 -37.22 -10.46
C GLN A 907 -28.28 -38.16 -9.66
N GLU A 908 -27.94 -39.33 -10.22
CA GLU A 908 -27.07 -40.26 -9.52
C GLU A 908 -25.66 -39.71 -9.36
N SER A 909 -25.11 -39.10 -10.42
CA SER A 909 -23.77 -38.54 -10.35
C SER A 909 -23.69 -37.35 -9.41
N LEU A 910 -24.81 -36.66 -9.19
CA LEU A 910 -24.81 -35.59 -8.20
C LEU A 910 -24.98 -36.13 -6.78
N THR A 911 -25.79 -37.18 -6.61
CA THR A 911 -26.02 -37.71 -5.27
C THR A 911 -24.86 -38.56 -4.76
N THR A 912 -23.97 -39.02 -5.65
CA THR A 912 -22.75 -39.63 -5.17
C THR A 912 -21.75 -38.53 -4.78
N THR A 913 -20.84 -38.88 -3.87
CA THR A 913 -19.85 -37.92 -3.42
C THR A 913 -18.74 -37.76 -4.45
N SER A 914 -18.34 -36.51 -4.67
CA SER A 914 -17.35 -36.17 -5.68
C SER A 914 -16.80 -34.77 -5.37
N THR A 915 -16.05 -34.22 -6.32
CA THR A 915 -15.50 -32.89 -6.22
C THR A 915 -16.13 -31.92 -7.22
N ALA A 916 -17.34 -32.20 -7.68
CA ALA A 916 -18.08 -31.23 -8.46
C ALA A 916 -18.51 -30.08 -7.56
N LEU A 917 -18.93 -28.99 -8.19
CA LEU A 917 -19.24 -27.72 -7.51
C LEU A 917 -18.05 -27.22 -6.70
N GLY A 918 -16.84 -27.40 -7.27
CA GLY A 918 -15.64 -27.08 -6.54
C GLY A 918 -15.29 -25.60 -6.51
N LYS A 919 -15.70 -24.85 -7.52
CA LYS A 919 -15.33 -23.44 -7.58
C LYS A 919 -16.22 -22.56 -6.71
N LEU A 920 -17.47 -22.96 -6.46
CA LEU A 920 -18.26 -22.27 -5.46
C LEU A 920 -17.67 -22.44 -4.06
N GLN A 921 -17.21 -23.66 -3.77
CA GLN A 921 -16.51 -23.93 -2.52
C GLN A 921 -15.21 -23.14 -2.45
N ASP A 922 -14.52 -22.99 -3.58
CA ASP A 922 -13.30 -22.18 -3.63
C ASP A 922 -13.61 -20.73 -3.28
N VAL A 923 -14.72 -20.20 -3.78
CA VAL A 923 -15.10 -18.81 -3.51
C VAL A 923 -15.37 -18.61 -2.01
N VAL A 924 -16.16 -19.49 -1.41
CA VAL A 924 -16.47 -19.32 0.01
C VAL A 924 -15.22 -19.52 0.88
N ASN A 925 -14.32 -20.42 0.48
CA ASN A 925 -13.07 -20.63 1.20
C ASN A 925 -12.19 -19.39 1.15
N GLN A 926 -12.11 -18.75 -0.02
CA GLN A 926 -11.28 -17.56 -0.17
C GLN A 926 -11.78 -16.42 0.70
N ASN A 927 -13.10 -16.22 0.73
CA ASN A 927 -13.64 -15.14 1.58
C ASN A 927 -13.36 -15.39 3.06
N ALA A 928 -13.57 -16.63 3.51
CA ALA A 928 -13.31 -16.96 4.92
C ALA A 928 -11.83 -16.77 5.26
N GLN A 929 -10.94 -17.18 4.35
CA GLN A 929 -9.51 -17.06 4.59
C GLN A 929 -9.08 -15.59 4.70
N ALA A 930 -9.64 -14.72 3.86
CA ALA A 930 -9.28 -13.31 3.93
C ALA A 930 -9.71 -12.68 5.25
N LEU A 931 -10.92 -13.01 5.72
CA LEU A 931 -11.35 -12.45 7.01
C LEU A 931 -10.51 -12.96 8.16
N ASN A 932 -10.13 -14.25 8.13
CA ASN A 932 -9.27 -14.79 9.18
C ASN A 932 -7.88 -14.16 9.15
N THR A 933 -7.37 -13.84 7.96
CA THR A 933 -6.09 -13.14 7.87
C THR A 933 -6.15 -11.76 8.49
N LEU A 934 -7.26 -11.03 8.28
CA LEU A 934 -7.41 -9.75 8.98
C LEU A 934 -7.43 -9.92 10.50
N VAL A 935 -8.11 -10.95 11.00
CA VAL A 935 -8.15 -11.12 12.45
C VAL A 935 -6.78 -11.47 13.01
N LYS A 936 -6.03 -12.35 12.33
CA LYS A 936 -4.71 -12.74 12.84
C LYS A 936 -3.64 -11.67 12.63
N GLN A 937 -3.80 -10.75 11.68
CA GLN A 937 -2.80 -9.71 11.49
C GLN A 937 -2.82 -8.63 12.55
N LEU A 938 -3.61 -8.79 13.59
CA LEU A 938 -3.81 -7.76 14.60
C LEU A 938 -2.90 -7.97 15.80
N SER A 939 -1.96 -8.90 15.70
CA SER A 939 -0.99 -9.20 16.76
C SER A 939 0.43 -8.98 16.28
N SER A 940 0.65 -7.89 15.55
CA SER A 940 1.98 -7.45 15.14
C SER A 940 2.25 -6.10 15.79
N ASN A 941 3.51 -5.83 16.12
CA ASN A 941 3.83 -4.56 16.74
C ASN A 941 4.32 -3.51 15.76
N PHE A 942 4.70 -3.92 14.54
CA PHE A 942 4.94 -3.02 13.42
C PHE A 942 6.09 -2.03 13.68
N GLY A 943 7.00 -2.38 14.59
CA GLY A 943 8.05 -1.48 14.99
C GLY A 943 7.85 -0.78 16.31
N ALA A 944 6.82 -1.14 17.07
CA ALA A 944 6.59 -0.61 18.40
C ALA A 944 7.08 -1.61 19.45
N ILE A 945 6.92 -1.25 20.72
CA ILE A 945 7.41 -2.13 21.78
C ILE A 945 6.46 -3.29 22.01
N SER A 946 5.18 -3.12 21.73
CA SER A 946 4.22 -4.21 21.84
C SER A 946 3.05 -3.95 20.90
N SER A 947 2.19 -4.95 20.77
CA SER A 947 1.03 -4.87 19.90
C SER A 947 -0.25 -4.52 20.64
N VAL A 948 -0.18 -4.29 21.95
CA VAL A 948 -1.32 -3.91 22.76
C VAL A 948 -1.24 -2.41 23.01
N LEU A 949 -2.36 -1.72 22.86
CA LEU A 949 -2.37 -0.28 23.17
C LEU A 949 -2.42 -0.02 24.67
N ASN A 950 -3.08 -0.90 25.42
CA ASN A 950 -3.32 -0.66 26.85
C ASN A 950 -2.02 -0.64 27.65
N ASP A 951 -1.10 -1.57 27.38
CA ASP A 951 0.12 -1.58 28.16
C ASP A 951 1.12 -0.51 27.72
N ILE A 952 1.07 -0.07 26.47
CA ILE A 952 1.97 1.00 26.07
C ILE A 952 1.41 2.36 26.46
N LEU A 953 0.13 2.45 26.81
CA LEU A 953 -0.37 3.63 27.49
C LEU A 953 -0.19 3.56 29.00
N SER A 954 -0.16 2.35 29.55
CA SER A 954 -0.08 2.17 30.99
C SER A 954 1.32 2.41 31.56
N ARG A 955 2.35 2.53 30.72
CA ARG A 955 3.69 2.68 31.28
C ARG A 955 4.57 3.68 30.54
N LEU A 956 4.05 4.44 29.59
CA LEU A 956 4.89 5.37 28.84
C LEU A 956 4.40 6.80 29.02
N CYS A 957 5.35 7.73 28.92
CA CYS A 957 5.06 9.15 28.86
C CYS A 957 4.29 9.45 27.57
N LYS A 958 3.70 10.64 27.50
CA LYS A 958 2.77 10.93 26.41
C LYS A 958 3.46 10.99 25.06
N VAL A 959 4.57 11.75 24.97
CA VAL A 959 5.19 12.08 23.68
C VAL A 959 5.72 10.82 22.98
N GLU A 960 6.34 9.91 23.74
CA GLU A 960 6.75 8.63 23.17
C GLU A 960 5.54 7.76 22.83
N ALA A 961 4.45 7.93 23.58
CA ALA A 961 3.25 7.13 23.34
C ALA A 961 2.62 7.47 22.00
N GLU A 962 2.59 8.74 21.57
CA GLU A 962 2.09 8.96 20.20
C GLU A 962 2.98 8.33 19.14
N VAL A 963 4.30 8.23 19.39
CA VAL A 963 5.18 7.59 18.42
C VAL A 963 4.80 6.11 18.25
N GLN A 964 4.66 5.41 19.37
CA GLN A 964 4.32 3.98 19.27
C GLN A 964 2.91 3.77 18.73
N ILE A 965 1.97 4.62 19.13
CA ILE A 965 0.59 4.50 18.66
C ILE A 965 0.51 4.75 17.16
N ASP A 966 1.24 5.74 16.65
CA ASP A 966 1.24 6.02 15.21
C ASP A 966 1.86 4.88 14.41
N ARG A 967 2.89 4.22 14.95
CA ARG A 967 3.43 3.04 14.27
C ARG A 967 2.37 1.94 14.15
N LEU A 968 1.66 1.66 15.27
CA LEU A 968 0.60 0.65 15.23
C LEU A 968 -0.53 1.05 14.28
N ILE A 969 -0.87 2.33 14.27
CA ILE A 969 -1.97 2.84 13.45
C ILE A 969 -1.66 2.68 11.97
N THR A 970 -0.43 3.04 11.57
CA THR A 970 -0.07 2.90 10.16
C THR A 970 -0.03 1.44 9.74
N GLY A 971 0.45 0.55 10.63
CA GLY A 971 0.44 -0.87 10.29
C GLY A 971 -0.96 -1.42 10.05
N ARG A 972 -1.89 -1.10 10.95
CA ARG A 972 -3.25 -1.62 10.80
C ARG A 972 -3.97 -1.00 9.62
N LEU A 973 -3.67 0.27 9.32
CA LEU A 973 -4.26 0.92 8.15
C LEU A 973 -3.78 0.29 6.87
N GLN A 974 -2.49 -0.09 6.79
CA GLN A 974 -2.00 -0.80 5.62
C GLN A 974 -2.66 -2.17 5.48
N SER A 975 -2.93 -2.85 6.61
CA SER A 975 -3.61 -4.15 6.55
C SER A 975 -5.00 -4.01 5.93
N LEU A 976 -5.76 -3.02 6.39
CA LEU A 976 -7.11 -2.81 5.84
C LEU A 976 -7.07 -2.43 4.36
N GLN A 977 -6.08 -1.61 3.96
CA GLN A 977 -5.96 -1.23 2.55
C GLN A 977 -5.66 -2.43 1.66
N THR A 978 -4.77 -3.32 2.12
CA THR A 978 -4.48 -4.54 1.36
C THR A 978 -5.72 -5.41 1.19
N TYR A 979 -6.50 -5.54 2.27
CA TYR A 979 -7.73 -6.33 2.19
C TYR A 979 -8.70 -5.76 1.17
N VAL A 980 -8.87 -4.43 1.16
CA VAL A 980 -9.82 -3.82 0.24
C VAL A 980 -9.37 -3.98 -1.21
N THR A 981 -8.06 -3.87 -1.47
CA THR A 981 -7.57 -4.05 -2.83
C THR A 981 -7.80 -5.47 -3.35
N GLN A 982 -7.52 -6.48 -2.52
CA GLN A 982 -7.77 -7.86 -2.93
C GLN A 982 -9.26 -8.10 -3.17
N GLN A 983 -10.12 -7.49 -2.34
CA GLN A 983 -11.56 -7.63 -2.54
C GLN A 983 -12.01 -7.03 -3.86
N LEU A 984 -11.45 -5.88 -4.25
CA LEU A 984 -11.83 -5.27 -5.52
C LEU A 984 -11.43 -6.13 -6.70
N ILE A 985 -10.25 -6.76 -6.63
CA ILE A 985 -9.82 -7.62 -7.73
C ILE A 985 -10.70 -8.87 -7.84
N ARG A 986 -11.01 -9.49 -6.71
CA ARG A 986 -11.90 -10.65 -6.72
C ARG A 986 -13.30 -10.29 -7.19
N ALA A 987 -13.77 -9.08 -6.86
CA ALA A 987 -15.07 -8.63 -7.31
C ALA A 987 -15.12 -8.46 -8.83
N ALA A 988 -14.03 -7.97 -9.42
CA ALA A 988 -13.97 -7.87 -10.88
C ALA A 988 -14.05 -9.24 -11.54
N GLU A 989 -13.34 -10.24 -10.98
CA GLU A 989 -13.41 -11.58 -11.55
C GLU A 989 -14.81 -12.18 -11.45
N ILE A 990 -15.46 -12.01 -10.28
CA ILE A 990 -16.83 -12.49 -10.09
C ILE A 990 -17.80 -11.80 -11.06
N ARG A 991 -17.58 -10.51 -11.31
CA ARG A 991 -18.47 -9.78 -12.21
C ARG A 991 -18.34 -10.28 -13.65
N ALA A 992 -17.12 -10.60 -14.09
CA ALA A 992 -16.96 -11.19 -15.41
C ALA A 992 -17.68 -12.54 -15.52
N SER A 993 -17.57 -13.37 -14.47
CA SER A 993 -18.26 -14.65 -14.47
C SER A 993 -19.78 -14.47 -14.51
N ALA A 994 -20.30 -13.48 -13.78
CA ALA A 994 -21.74 -13.25 -13.74
C ALA A 994 -22.27 -12.72 -15.07
N ASN A 995 -21.47 -11.90 -15.76
CA ASN A 995 -21.87 -11.46 -17.10
C ASN A 995 -21.93 -12.62 -18.08
N LEU A 996 -20.96 -13.54 -17.99
CA LEU A 996 -21.02 -14.73 -18.85
C LEU A 996 -22.24 -15.58 -18.54
N ALA A 997 -22.59 -15.72 -17.25
CA ALA A 997 -23.79 -16.48 -16.88
C ALA A 997 -25.05 -15.82 -17.40
N ALA A 998 -25.11 -14.49 -17.37
CA ALA A 998 -26.29 -13.78 -17.86
C ALA A 998 -26.47 -13.96 -19.37
N THR A 999 -25.38 -13.84 -20.15
CA THR A 999 -25.56 -14.05 -21.58
C THR A 999 -25.82 -15.52 -21.91
N LYS A 1000 -25.30 -16.45 -21.10
CA LYS A 1000 -25.59 -17.86 -21.35
C LYS A 1000 -27.05 -18.18 -21.07
N MET A 1001 -27.63 -17.57 -20.04
CA MET A 1001 -29.06 -17.79 -19.79
C MET A 1001 -29.92 -17.12 -20.84
N SER A 1002 -29.51 -15.96 -21.34
CA SER A 1002 -30.33 -15.30 -22.37
C SER A 1002 -30.24 -16.01 -23.71
N GLU A 1003 -29.09 -16.59 -24.05
CA GLU A 1003 -28.91 -17.22 -25.36
C GLU A 1003 -29.09 -18.73 -25.36
N CYS A 1004 -29.31 -19.36 -24.22
CA CYS A 1004 -29.41 -20.82 -24.25
C CYS A 1004 -30.65 -21.37 -23.57
N VAL A 1005 -31.21 -20.64 -22.61
CA VAL A 1005 -32.49 -21.03 -22.04
C VAL A 1005 -33.64 -20.41 -22.81
N LEU A 1006 -33.43 -19.19 -23.31
CA LEU A 1006 -34.46 -18.45 -24.02
C LEU A 1006 -34.39 -18.63 -25.52
N GLY A 1007 -33.46 -19.45 -26.01
CA GLY A 1007 -33.38 -19.71 -27.44
C GLY A 1007 -32.48 -20.89 -27.72
N GLN A 1008 -32.21 -21.09 -28.99
CA GLN A 1008 -31.30 -22.13 -29.46
C GLN A 1008 -30.09 -21.46 -30.09
N SER A 1009 -28.89 -21.88 -29.69
CA SER A 1009 -27.66 -21.23 -30.12
C SER A 1009 -26.95 -22.03 -31.19
N LYS A 1010 -26.39 -21.31 -32.17
CA LYS A 1010 -25.57 -21.89 -33.23
C LYS A 1010 -24.09 -21.81 -32.94
N ARG A 1011 -23.69 -21.15 -31.85
CA ARG A 1011 -22.28 -21.03 -31.52
C ARG A 1011 -21.75 -22.37 -31.03
N VAL A 1012 -20.60 -22.79 -31.56
CA VAL A 1012 -20.05 -24.10 -31.25
C VAL A 1012 -19.50 -24.11 -29.83
N ASP A 1013 -19.89 -25.12 -29.05
CA ASP A 1013 -19.43 -25.39 -27.68
C ASP A 1013 -19.76 -24.27 -26.71
N PHE A 1014 -20.69 -23.37 -27.07
CA PHE A 1014 -21.13 -22.36 -26.11
C PHE A 1014 -22.00 -22.99 -25.04
N CYS A 1015 -22.84 -23.94 -25.42
CA CYS A 1015 -23.77 -24.58 -24.50
C CYS A 1015 -23.68 -26.09 -24.70
N GLY A 1016 -22.74 -26.71 -23.99
CA GLY A 1016 -22.57 -28.15 -24.05
C GLY A 1016 -21.65 -28.58 -25.18
N LYS A 1017 -21.49 -29.89 -25.29
CA LYS A 1017 -20.72 -30.50 -26.37
C LYS A 1017 -21.68 -31.21 -27.31
N GLY A 1018 -21.77 -30.73 -28.54
CA GLY A 1018 -22.66 -31.32 -29.53
C GLY A 1018 -23.50 -30.27 -30.21
N TYR A 1019 -24.67 -30.67 -30.69
CA TYR A 1019 -25.63 -29.75 -31.28
C TYR A 1019 -26.66 -29.40 -30.22
N HIS A 1020 -26.78 -28.11 -29.92
CA HIS A 1020 -27.58 -27.68 -28.79
C HIS A 1020 -29.06 -27.83 -29.08
N LEU A 1021 -29.79 -28.46 -28.15
CA LEU A 1021 -31.23 -28.56 -28.21
C LEU A 1021 -31.89 -27.68 -27.15
N MET A 1022 -31.57 -27.88 -25.87
CA MET A 1022 -32.20 -27.09 -24.81
C MET A 1022 -31.24 -26.84 -23.66
N SER A 1023 -31.71 -26.06 -22.69
CA SER A 1023 -30.98 -25.83 -21.46
C SER A 1023 -31.98 -25.55 -20.35
N PHE A 1024 -31.62 -25.96 -19.12
CA PHE A 1024 -32.44 -25.74 -17.93
C PHE A 1024 -31.57 -25.17 -16.82
N PRO A 1025 -32.01 -24.09 -16.16
CA PRO A 1025 -31.23 -23.54 -15.05
C PRO A 1025 -31.65 -24.07 -13.69
N GLN A 1026 -30.67 -24.25 -12.81
CA GLN A 1026 -30.90 -24.61 -11.42
C GLN A 1026 -30.04 -23.73 -10.53
N ALA A 1027 -30.55 -23.44 -9.34
CA ALA A 1027 -29.86 -22.55 -8.42
C ALA A 1027 -28.86 -23.32 -7.56
N ALA A 1028 -27.74 -22.68 -7.28
CA ALA A 1028 -26.70 -23.24 -6.43
C ALA A 1028 -26.26 -22.14 -5.48
N PRO A 1029 -25.67 -22.51 -4.32
CA PRO A 1029 -25.15 -21.47 -3.41
C PRO A 1029 -24.12 -20.57 -4.07
N HIS A 1030 -24.48 -19.28 -4.19
CA HIS A 1030 -23.70 -18.25 -4.88
C HIS A 1030 -23.46 -18.59 -6.36
N GLY A 1031 -24.37 -19.32 -7.00
CA GLY A 1031 -24.10 -19.65 -8.39
C GLY A 1031 -25.29 -20.27 -9.10
N VAL A 1032 -25.04 -20.66 -10.33
CA VAL A 1032 -26.04 -21.27 -11.18
C VAL A 1032 -25.45 -22.53 -11.79
N VAL A 1033 -26.33 -23.48 -12.14
CA VAL A 1033 -25.95 -24.71 -12.82
C VAL A 1033 -26.87 -24.87 -14.02
N PHE A 1034 -26.28 -24.98 -15.20
CA PHE A 1034 -27.02 -25.22 -16.44
C PHE A 1034 -26.96 -26.70 -16.78
N LEU A 1035 -28.10 -27.27 -17.13
CA LEU A 1035 -28.19 -28.60 -17.70
C LEU A 1035 -28.49 -28.43 -19.20
N HIS A 1036 -27.50 -28.76 -20.03
CA HIS A 1036 -27.58 -28.60 -21.48
C HIS A 1036 -27.95 -29.93 -22.11
N VAL A 1037 -28.99 -29.92 -22.93
CA VAL A 1037 -29.45 -31.11 -23.65
C VAL A 1037 -29.00 -30.96 -25.10
N THR A 1038 -28.22 -31.95 -25.57
CA THR A 1038 -27.56 -31.90 -26.87
C THR A 1038 -27.73 -33.22 -27.62
N TYR A 1039 -27.57 -33.12 -28.93
CA TYR A 1039 -27.69 -34.22 -29.88
C TYR A 1039 -26.30 -34.68 -30.29
N VAL A 1040 -26.04 -35.98 -30.21
CA VAL A 1040 -24.73 -36.54 -30.53
C VAL A 1040 -24.91 -37.61 -31.60
N PRO A 1041 -24.32 -37.45 -32.79
CA PRO A 1041 -24.42 -38.50 -33.80
C PRO A 1041 -23.47 -39.66 -33.51
N SER A 1042 -23.87 -40.85 -33.95
CA SER A 1042 -23.09 -42.05 -33.66
C SER A 1042 -23.40 -43.12 -34.70
N GLN A 1043 -22.54 -44.15 -34.70
CA GLN A 1043 -22.62 -45.32 -35.57
C GLN A 1043 -22.53 -44.95 -37.04
N GLU A 1044 -21.39 -44.35 -37.40
CA GLU A 1044 -21.15 -43.91 -38.77
C GLU A 1044 -20.78 -45.08 -39.66
N ARG A 1045 -20.86 -44.86 -40.97
CA ARG A 1045 -20.43 -45.85 -41.94
C ARG A 1045 -19.98 -45.16 -43.21
N ASN A 1046 -19.24 -45.91 -44.04
CA ASN A 1046 -18.67 -45.39 -45.26
C ASN A 1046 -19.64 -45.49 -46.43
N PHE A 1047 -19.51 -44.56 -47.37
CA PHE A 1047 -20.26 -44.56 -48.62
C PHE A 1047 -19.35 -44.03 -49.71
N THR A 1048 -19.66 -44.37 -50.95
CA THR A 1048 -18.91 -43.84 -52.08
C THR A 1048 -19.66 -42.61 -52.60
N THR A 1049 -18.98 -41.48 -52.70
CA THR A 1049 -19.65 -40.22 -52.94
C THR A 1049 -19.08 -39.50 -54.15
N ALA A 1050 -19.92 -38.67 -54.77
CA ALA A 1050 -19.61 -37.94 -55.98
C ALA A 1050 -20.10 -36.50 -55.83
N PRO A 1051 -19.46 -35.54 -56.51
CA PRO A 1051 -19.93 -34.15 -56.41
C PRO A 1051 -21.23 -33.88 -57.16
N ALA A 1052 -21.38 -34.40 -58.36
CA ALA A 1052 -22.55 -34.12 -59.19
C ALA A 1052 -22.79 -35.31 -60.09
N ILE A 1053 -23.95 -35.31 -60.77
CA ILE A 1053 -24.27 -36.39 -61.70
C ILE A 1053 -24.58 -35.81 -63.07
N CYS A 1054 -24.14 -36.50 -64.12
CA CYS A 1054 -24.41 -36.08 -65.50
C CYS A 1054 -25.58 -36.87 -66.06
N HIS A 1055 -26.53 -36.15 -66.65
CA HIS A 1055 -27.70 -36.75 -67.30
C HIS A 1055 -28.03 -35.92 -68.52
N GLU A 1056 -28.16 -36.58 -69.67
CA GLU A 1056 -28.40 -35.95 -70.98
C GLU A 1056 -27.42 -34.81 -71.26
N GLY A 1057 -26.18 -34.99 -70.83
CA GLY A 1057 -25.16 -33.98 -71.05
C GLY A 1057 -25.29 -32.73 -70.22
N LYS A 1058 -25.99 -32.76 -69.09
CA LYS A 1058 -26.00 -31.64 -68.17
C LYS A 1058 -25.87 -32.13 -66.74
N ALA A 1059 -25.34 -31.26 -65.88
CA ALA A 1059 -24.91 -31.62 -64.54
C ALA A 1059 -25.98 -31.26 -63.51
N TYR A 1060 -26.17 -32.16 -62.55
CA TYR A 1060 -27.13 -31.99 -61.47
C TYR A 1060 -26.39 -32.01 -60.14
N PHE A 1061 -26.67 -31.00 -59.31
CA PHE A 1061 -26.11 -30.79 -57.98
C PHE A 1061 -27.21 -30.91 -56.94
N PRO A 1062 -26.90 -31.40 -55.74
CA PRO A 1062 -27.93 -31.50 -54.70
C PRO A 1062 -28.26 -30.14 -54.10
N ARG A 1063 -29.51 -29.99 -53.67
CA ARG A 1063 -29.92 -28.79 -52.95
C ARG A 1063 -29.46 -28.85 -51.50
N GLU A 1064 -29.97 -29.84 -50.76
CA GLU A 1064 -29.57 -30.09 -49.38
C GLU A 1064 -29.22 -31.56 -49.25
N GLY A 1065 -27.97 -31.85 -48.95
CA GLY A 1065 -27.50 -33.21 -48.76
C GLY A 1065 -26.31 -33.51 -49.64
N VAL A 1066 -25.96 -34.79 -49.68
CA VAL A 1066 -24.87 -35.30 -50.52
C VAL A 1066 -25.36 -36.51 -51.29
N PHE A 1067 -24.71 -36.76 -52.42
CA PHE A 1067 -24.95 -37.96 -53.23
C PHE A 1067 -24.11 -39.10 -52.66
N VAL A 1068 -24.76 -40.23 -52.38
CA VAL A 1068 -24.07 -41.38 -51.82
C VAL A 1068 -24.37 -42.62 -52.64
N PHE A 1069 -23.49 -43.60 -52.51
CA PHE A 1069 -23.58 -44.88 -53.19
C PHE A 1069 -23.30 -45.95 -52.15
N ASN A 1070 -24.24 -46.87 -52.01
CA ASN A 1070 -24.24 -47.88 -50.96
C ASN A 1070 -23.91 -49.28 -51.48
N GLY A 1071 -23.66 -49.42 -52.78
CA GLY A 1071 -23.36 -50.69 -53.39
C GLY A 1071 -24.22 -51.03 -54.59
N THR A 1072 -25.46 -50.58 -54.62
CA THR A 1072 -26.37 -50.88 -55.72
C THR A 1072 -26.74 -49.65 -56.53
N SER A 1073 -27.24 -48.59 -55.89
CA SER A 1073 -27.72 -47.43 -56.61
C SER A 1073 -27.41 -46.17 -55.82
N TRP A 1074 -27.44 -45.03 -56.53
CA TRP A 1074 -27.09 -43.74 -55.96
C TRP A 1074 -28.32 -43.08 -55.36
N PHE A 1075 -28.17 -42.56 -54.14
CA PHE A 1075 -29.21 -41.84 -53.42
C PHE A 1075 -28.70 -40.47 -53.02
N ILE A 1076 -29.58 -39.69 -52.43
CA ILE A 1076 -29.25 -38.37 -51.87
C ILE A 1076 -29.72 -38.34 -50.43
N THR A 1077 -28.85 -37.89 -49.53
CA THR A 1077 -29.15 -37.97 -48.11
C THR A 1077 -28.71 -36.69 -47.40
N GLN A 1078 -29.34 -36.44 -46.26
CA GLN A 1078 -28.89 -35.39 -45.35
C GLN A 1078 -27.63 -35.83 -44.63
N ARG A 1079 -26.84 -34.85 -44.19
CA ARG A 1079 -25.50 -35.12 -43.72
C ARG A 1079 -25.45 -35.71 -42.31
N ASN A 1080 -26.39 -35.35 -41.45
CA ASN A 1080 -26.29 -35.74 -40.05
C ASN A 1080 -26.94 -37.09 -39.77
N PHE A 1081 -28.00 -37.42 -40.48
CA PHE A 1081 -28.71 -38.68 -40.31
C PHE A 1081 -28.76 -39.39 -41.65
N PHE A 1082 -28.67 -40.71 -41.64
CA PHE A 1082 -28.71 -41.48 -42.88
C PHE A 1082 -30.15 -41.85 -43.19
N SER A 1083 -30.72 -41.22 -44.22
CA SER A 1083 -32.04 -41.57 -44.72
C SER A 1083 -32.01 -41.37 -46.23
N PRO A 1084 -31.93 -42.44 -47.00
CA PRO A 1084 -31.78 -42.30 -48.46
C PRO A 1084 -33.04 -41.79 -49.13
N GLN A 1085 -32.86 -41.09 -50.24
CA GLN A 1085 -33.95 -40.55 -51.02
C GLN A 1085 -33.71 -40.83 -52.50
N ILE A 1086 -34.77 -40.82 -53.27
CA ILE A 1086 -34.68 -40.99 -54.72
C ILE A 1086 -34.23 -39.68 -55.33
N ILE A 1087 -33.23 -39.74 -56.21
CA ILE A 1087 -32.71 -38.55 -56.88
C ILE A 1087 -33.73 -38.14 -57.94
N THR A 1088 -34.54 -37.13 -57.64
CA THR A 1088 -35.52 -36.62 -58.59
C THR A 1088 -35.15 -35.20 -58.98
N THR A 1089 -36.02 -34.58 -59.78
CA THR A 1089 -35.82 -33.19 -60.18
C THR A 1089 -36.14 -32.23 -59.05
N ASP A 1090 -36.88 -32.68 -58.03
CA ASP A 1090 -37.16 -31.84 -56.87
C ASP A 1090 -35.93 -31.65 -56.01
N ASN A 1091 -35.14 -32.70 -55.81
CA ASN A 1091 -34.01 -32.65 -54.88
C ASN A 1091 -32.82 -31.89 -55.45
N THR A 1092 -32.69 -31.83 -56.77
CA THR A 1092 -31.46 -31.36 -57.39
C THR A 1092 -31.72 -30.11 -58.22
N PHE A 1093 -30.64 -29.48 -58.66
CA PHE A 1093 -30.73 -28.36 -59.60
C PHE A 1093 -29.62 -28.49 -60.63
N VAL A 1094 -29.80 -27.75 -61.73
CA VAL A 1094 -28.99 -27.87 -62.92
C VAL A 1094 -28.10 -26.64 -63.06
N SER A 1095 -26.86 -26.85 -63.49
CA SER A 1095 -25.96 -25.75 -63.79
C SER A 1095 -24.93 -26.21 -64.80
N GLY A 1096 -25.06 -25.73 -66.04
CA GLY A 1096 -24.04 -26.02 -67.04
C GLY A 1096 -24.15 -27.42 -67.62
N ASN A 1097 -23.00 -27.97 -67.97
CA ASN A 1097 -22.91 -29.29 -68.58
C ASN A 1097 -21.80 -30.09 -67.91
N CYS A 1098 -21.90 -31.42 -68.03
CA CYS A 1098 -20.96 -32.34 -67.38
C CYS A 1098 -19.65 -32.43 -68.18
N ASP A 1099 -18.94 -31.31 -68.22
CA ASP A 1099 -17.72 -31.21 -69.01
C ASP A 1099 -16.54 -30.62 -68.25
N VAL A 1100 -16.77 -29.97 -67.11
CA VAL A 1100 -15.70 -29.27 -66.40
C VAL A 1100 -15.59 -29.69 -64.93
N VAL A 1101 -16.63 -30.25 -64.31
CA VAL A 1101 -16.57 -30.64 -62.91
C VAL A 1101 -15.68 -31.88 -62.77
N ILE A 1102 -14.80 -31.84 -61.78
CA ILE A 1102 -13.84 -32.93 -61.57
C ILE A 1102 -14.50 -34.02 -60.74
N GLY A 1103 -14.60 -35.22 -61.31
CA GLY A 1103 -15.17 -36.34 -60.62
C GLY A 1103 -16.64 -36.58 -60.83
N ILE A 1104 -17.22 -36.07 -61.91
CA ILE A 1104 -18.64 -36.25 -62.17
C ILE A 1104 -18.89 -37.67 -62.68
N ILE A 1105 -20.09 -38.18 -62.39
CA ILE A 1105 -20.47 -39.54 -62.74
C ILE A 1105 -21.71 -39.51 -63.63
N ASN A 1106 -22.10 -40.69 -64.09
CA ASN A 1106 -23.31 -40.86 -64.90
C ASN A 1106 -24.38 -41.57 -64.09
N ASN A 1107 -25.58 -41.02 -64.09
CA ASN A 1107 -26.73 -41.65 -63.45
C ASN A 1107 -27.98 -41.08 -64.11
N THR A 1108 -29.14 -41.35 -63.51
CA THR A 1108 -30.42 -40.88 -64.02
C THR A 1108 -31.12 -40.03 -62.96
N VAL A 1109 -31.97 -39.12 -63.43
CA VAL A 1109 -32.78 -38.27 -62.56
C VAL A 1109 -34.24 -38.59 -62.83
N TYR A 1110 -34.96 -39.00 -61.78
CA TYR A 1110 -36.36 -39.33 -61.93
C TYR A 1110 -37.19 -38.07 -62.15
N ASP A 1111 -38.16 -38.16 -63.04
CA ASP A 1111 -39.05 -37.03 -63.33
C ASP A 1111 -40.47 -37.43 -62.99
N PRO A 1112 -41.15 -36.72 -62.08
CA PRO A 1112 -42.55 -37.05 -61.77
C PRO A 1112 -43.50 -36.90 -62.95
N LEU A 1113 -43.17 -36.06 -63.93
CA LEU A 1113 -44.01 -35.88 -65.10
C LEU A 1113 -43.39 -36.57 -66.32
N THR B 21 -37.42 24.47 36.95
CA THR B 21 -36.04 24.91 37.10
C THR B 21 -35.09 24.01 36.32
N GLN B 22 -35.63 23.22 35.40
CA GLN B 22 -34.84 22.41 34.49
C GLN B 22 -35.28 22.72 33.08
N HIS B 23 -34.33 23.07 32.21
CA HIS B 23 -34.65 23.40 30.82
C HIS B 23 -33.66 22.74 29.88
N THR B 24 -33.77 23.02 28.59
CA THR B 24 -32.94 22.38 27.58
C THR B 24 -32.05 23.41 26.88
N SER B 25 -30.87 22.96 26.48
CA SER B 25 -29.92 23.78 25.73
C SER B 25 -30.09 23.44 24.26
N SER B 26 -31.09 24.06 23.62
CA SER B 26 -31.46 23.72 22.26
C SER B 26 -30.44 24.30 21.29
N MET B 27 -29.34 23.56 21.14
CA MET B 27 -28.31 23.78 20.11
C MET B 27 -27.65 25.15 20.32
N ARG B 28 -27.08 25.30 21.53
CA ARG B 28 -26.39 26.52 21.92
C ARG B 28 -25.11 26.17 22.66
N GLY B 29 -24.22 27.15 22.76
CA GLY B 29 -22.99 26.99 23.51
C GLY B 29 -21.82 26.52 22.67
N VAL B 30 -21.59 27.19 21.54
CA VAL B 30 -20.51 26.85 20.63
C VAL B 30 -19.63 28.08 20.46
N TYR B 31 -18.31 27.87 20.43
CA TYR B 31 -17.34 28.95 20.42
C TYR B 31 -16.26 28.66 19.39
N TYR B 32 -15.49 29.71 19.08
CA TYR B 32 -14.38 29.56 18.14
C TYR B 32 -13.28 28.73 18.79
N PRO B 33 -12.78 27.69 18.12
CA PRO B 33 -11.81 26.79 18.75
C PRO B 33 -10.35 27.16 18.53
N ASP B 34 -10.05 28.13 17.67
CA ASP B 34 -8.68 28.41 17.25
C ASP B 34 -8.57 29.87 16.86
N GLU B 35 -7.40 30.24 16.34
CA GLU B 35 -7.15 31.59 15.84
C GLU B 35 -6.75 31.56 14.37
N ILE B 36 -7.23 30.57 13.63
CA ILE B 36 -6.87 30.35 12.23
C ILE B 36 -8.09 30.70 11.38
N PHE B 37 -7.88 31.53 10.37
CA PHE B 37 -8.96 31.94 9.48
C PHE B 37 -9.26 30.82 8.49
N ARG B 38 -10.52 30.38 8.45
CA ARG B 38 -10.99 29.38 7.51
C ARG B 38 -12.29 29.85 6.89
N SER B 39 -12.45 29.65 5.59
CA SER B 39 -13.66 30.05 4.89
C SER B 39 -14.15 28.92 3.99
N ASP B 40 -15.47 28.71 4.00
CA ASP B 40 -16.16 27.74 3.13
C ASP B 40 -15.62 26.32 3.30
N THR B 41 -15.48 25.90 4.55
CA THR B 41 -14.96 24.58 4.87
C THR B 41 -15.80 23.93 5.96
N LEU B 42 -15.73 22.60 6.01
CA LEU B 42 -16.24 21.82 7.13
C LEU B 42 -15.05 21.41 7.98
N TYR B 43 -15.10 21.75 9.26
CA TYR B 43 -14.00 21.50 10.18
C TYR B 43 -14.53 20.65 11.33
N LEU B 44 -13.98 19.46 11.50
CA LEU B 44 -14.46 18.53 12.51
C LEU B 44 -13.41 18.46 13.61
N THR B 45 -13.85 18.64 14.86
CA THR B 45 -12.94 18.80 15.98
C THR B 45 -13.52 18.08 17.19
N GLN B 46 -12.75 18.04 18.27
CA GLN B 46 -13.14 17.35 19.49
C GLN B 46 -12.62 18.14 20.68
N ASP B 47 -13.52 18.57 21.55
CA ASP B 47 -13.14 19.43 22.67
C ASP B 47 -14.24 19.39 23.72
N LEU B 48 -14.17 20.28 24.70
CA LEU B 48 -15.19 20.40 25.73
C LEU B 48 -16.31 21.28 25.20
N PHE B 49 -17.46 20.66 24.91
CA PHE B 49 -18.60 21.35 24.34
C PHE B 49 -19.84 21.06 25.17
N LEU B 50 -20.79 21.98 25.11
CA LEU B 50 -22.09 21.75 25.72
C LEU B 50 -22.93 20.89 24.79
N PRO B 51 -23.38 19.70 25.23
CA PRO B 51 -24.14 18.82 24.33
C PRO B 51 -25.47 19.42 23.91
N PHE B 52 -25.86 19.13 22.68
CA PHE B 52 -27.12 19.65 22.14
C PHE B 52 -28.31 19.01 22.85
N TYR B 53 -29.30 19.85 23.17
CA TYR B 53 -30.53 19.45 23.85
C TYR B 53 -30.24 18.76 25.18
N SER B 54 -29.28 19.30 25.92
CA SER B 54 -28.90 18.77 27.23
C SER B 54 -29.51 19.63 28.33
N ASN B 55 -29.41 19.13 29.55
CA ASN B 55 -30.06 19.76 30.70
C ASN B 55 -29.31 21.01 31.12
N VAL B 56 -30.05 22.10 31.33
CA VAL B 56 -29.53 23.30 31.96
C VAL B 56 -30.41 23.60 33.17
N THR B 57 -29.83 24.27 34.15
CA THR B 57 -30.54 24.62 35.37
C THR B 57 -30.76 26.13 35.41
N GLY B 58 -32.01 26.53 35.61
CA GLY B 58 -32.37 27.93 35.66
C GLY B 58 -32.51 28.42 37.08
N PHE B 59 -32.11 29.68 37.30
CA PHE B 59 -32.22 30.34 38.58
C PHE B 59 -32.95 31.65 38.34
N HIS B 60 -34.12 31.80 38.96
CA HIS B 60 -35.00 32.94 38.76
C HIS B 60 -35.16 33.70 40.07
N THR B 61 -35.33 35.01 39.96
CA THR B 61 -35.51 35.87 41.13
C THR B 61 -36.92 35.75 41.69
N ASN B 68 -28.86 32.73 45.77
CA ASN B 68 -27.77 32.22 44.94
C ASN B 68 -26.81 31.30 45.70
N PRO B 69 -26.86 30.00 45.39
CA PRO B 69 -26.01 29.05 46.11
C PRO B 69 -24.63 28.93 45.50
N VAL B 70 -23.81 28.04 46.04
CA VAL B 70 -22.47 27.77 45.53
C VAL B 70 -22.58 26.62 44.54
N ILE B 71 -22.74 26.95 43.27
CA ILE B 71 -22.87 25.93 42.21
C ILE B 71 -21.51 25.29 41.98
N PRO B 72 -21.42 23.96 41.96
CA PRO B 72 -20.12 23.31 41.72
C PRO B 72 -19.63 23.52 40.31
N PHE B 73 -18.31 23.52 40.17
CA PHE B 73 -17.62 23.72 38.90
C PHE B 73 -17.08 22.36 38.45
N LYS B 74 -17.35 22.00 37.20
CA LYS B 74 -16.90 20.72 36.66
C LYS B 74 -16.43 20.98 35.23
N ASP B 75 -15.10 21.06 35.06
CA ASP B 75 -14.30 21.31 33.85
C ASP B 75 -14.98 22.21 32.82
N GLY B 76 -15.49 23.34 33.27
CA GLY B 76 -16.08 24.33 32.39
C GLY B 76 -17.58 24.40 32.56
N ILE B 77 -18.12 25.60 32.36
CA ILE B 77 -19.56 25.82 32.41
C ILE B 77 -19.96 26.75 31.27
N TYR B 78 -21.24 26.70 30.93
CA TYR B 78 -21.90 27.67 30.09
C TYR B 78 -22.86 28.46 30.98
N PHE B 79 -22.69 29.78 31.00
CA PHE B 79 -23.48 30.66 31.84
C PHE B 79 -24.22 31.64 30.96
N ALA B 80 -25.54 31.66 31.07
CA ALA B 80 -26.36 32.55 30.28
C ALA B 80 -27.17 33.45 31.19
N ALA B 81 -27.24 34.73 30.86
CA ALA B 81 -27.94 35.72 31.67
C ALA B 81 -28.99 36.41 30.82
N THR B 82 -30.24 36.40 31.29
CA THR B 82 -31.35 37.12 30.70
C THR B 82 -31.86 38.13 31.71
N GLU B 83 -31.79 39.40 31.36
CA GLU B 83 -32.23 40.46 32.27
C GLU B 83 -32.50 41.72 31.49
N LYS B 84 -33.05 42.71 32.20
CA LYS B 84 -33.35 44.01 31.63
C LYS B 84 -32.87 45.17 32.49
N SER B 85 -32.35 44.91 33.69
CA SER B 85 -31.86 45.95 34.58
C SER B 85 -30.42 45.73 35.01
N ASN B 86 -29.71 44.78 34.38
CA ASN B 86 -28.29 44.47 34.62
C ASN B 86 -28.05 44.10 36.09
N VAL B 87 -28.63 42.97 36.48
CA VAL B 87 -28.53 42.50 37.86
C VAL B 87 -27.29 41.64 38.07
N VAL B 88 -26.99 40.73 37.14
CA VAL B 88 -25.78 39.91 37.25
C VAL B 88 -24.57 40.77 36.93
N ARG B 89 -23.60 40.82 37.84
CA ARG B 89 -22.49 41.75 37.69
C ARG B 89 -21.15 41.09 37.94
N GLY B 90 -21.09 39.78 37.86
CA GLY B 90 -19.81 39.09 37.96
C GLY B 90 -19.91 37.79 38.73
N TRP B 91 -18.73 37.22 39.00
CA TRP B 91 -18.62 35.88 39.57
C TRP B 91 -17.44 35.81 40.53
N VAL B 92 -17.48 34.80 41.39
CA VAL B 92 -16.37 34.39 42.24
C VAL B 92 -16.03 32.95 41.91
N PHE B 93 -14.76 32.68 41.65
CA PHE B 93 -14.28 31.32 41.40
C PHE B 93 -13.24 30.97 42.45
N GLY B 94 -13.21 29.70 42.84
CA GLY B 94 -12.29 29.25 43.85
C GLY B 94 -12.55 27.80 44.20
N SER B 95 -12.00 27.38 45.34
CA SER B 95 -12.18 26.02 45.82
C SER B 95 -12.98 25.95 47.10
N THR B 96 -12.57 26.67 48.14
CA THR B 96 -13.20 26.54 49.45
C THR B 96 -14.13 27.69 49.82
N MET B 97 -14.08 28.81 49.08
CA MET B 97 -14.77 30.05 49.43
C MET B 97 -14.44 30.48 50.85
N ASN B 98 -13.15 30.49 51.16
CA ASN B 98 -12.67 30.57 52.53
C ASN B 98 -11.43 31.46 52.54
N ASN B 99 -10.92 31.76 53.73
CA ASN B 99 -9.69 32.53 53.83
C ASN B 99 -8.48 31.73 53.36
N LYS B 100 -8.58 30.40 53.32
CA LYS B 100 -7.42 29.51 53.28
C LYS B 100 -7.11 29.00 51.89
N SER B 101 -7.57 29.70 50.85
CA SER B 101 -7.24 29.34 49.48
C SER B 101 -7.35 30.58 48.61
N GLN B 102 -6.70 30.51 47.45
CA GLN B 102 -6.74 31.61 46.51
C GLN B 102 -8.04 31.59 45.72
N SER B 103 -8.62 32.77 45.50
CA SER B 103 -9.87 32.91 44.75
C SER B 103 -9.75 34.09 43.81
N VAL B 104 -10.56 34.06 42.75
CA VAL B 104 -10.58 35.13 41.75
C VAL B 104 -12.00 35.67 41.66
N ILE B 105 -12.12 36.99 41.64
CA ILE B 105 -13.39 37.66 41.40
C ILE B 105 -13.30 38.38 40.07
N ILE B 106 -14.37 38.28 39.28
CA ILE B 106 -14.53 39.02 38.04
C ILE B 106 -15.78 39.87 38.23
N ILE B 107 -15.63 41.19 38.20
CA ILE B 107 -16.70 42.08 38.63
C ILE B 107 -16.88 43.22 37.64
N ASN B 108 -18.09 43.78 37.63
CA ASN B 108 -18.48 44.90 36.78
C ASN B 108 -19.13 45.99 37.64
N ASN B 109 -18.37 46.57 38.57
CA ASN B 109 -18.73 47.87 39.10
C ASN B 109 -19.03 48.87 38.00
N SER B 110 -19.81 49.91 38.30
CA SER B 110 -20.21 50.88 37.30
C SER B 110 -19.01 51.56 36.65
N THR B 111 -18.91 51.39 35.33
CA THR B 111 -17.91 52.02 34.45
C THR B 111 -16.48 51.52 34.68
N ASN B 112 -16.31 50.24 35.04
CA ASN B 112 -15.05 49.49 35.08
C ASN B 112 -15.34 48.00 35.00
N VAL B 113 -14.32 47.23 34.64
CA VAL B 113 -14.32 45.77 34.73
C VAL B 113 -13.07 45.35 35.47
N VAL B 114 -13.23 44.67 36.61
CA VAL B 114 -12.12 44.39 37.52
C VAL B 114 -11.96 42.89 37.67
N ILE B 115 -10.74 42.39 37.45
CA ILE B 115 -10.41 40.99 37.66
C ILE B 115 -9.32 40.92 38.71
N ARG B 116 -9.54 40.13 39.76
CA ARG B 116 -8.60 40.16 40.87
C ARG B 116 -8.51 38.80 41.54
N ALA B 117 -7.28 38.29 41.72
CA ALA B 117 -7.03 36.98 42.30
C ALA B 117 -6.17 37.14 43.53
N CYS B 118 -6.75 36.86 44.70
CA CYS B 118 -6.15 37.09 46.01
C CYS B 118 -6.70 36.06 47.00
N ASN B 119 -6.30 36.18 48.27
CA ASN B 119 -6.95 35.47 49.37
C ASN B 119 -8.08 36.35 49.91
N PHE B 120 -9.32 35.90 49.74
CA PHE B 120 -10.48 36.70 50.09
C PHE B 120 -11.20 36.10 51.29
N GLU B 121 -11.60 36.97 52.22
CA GLU B 121 -12.53 36.59 53.29
C GLU B 121 -13.92 36.85 52.76
N LEU B 122 -14.46 35.87 52.04
CA LEU B 122 -15.69 36.06 51.29
C LEU B 122 -16.90 36.05 52.22
N CYS B 123 -17.73 37.08 52.11
CA CYS B 123 -18.96 37.15 52.89
C CYS B 123 -19.97 36.13 52.38
N ASP B 124 -20.96 35.83 53.23
CA ASP B 124 -21.99 34.87 52.86
C ASP B 124 -22.87 35.40 51.73
N ASN B 125 -23.19 36.68 51.76
CA ASN B 125 -24.05 37.31 50.75
C ASN B 125 -23.29 38.43 50.04
N PRO B 126 -22.75 38.20 48.85
CA PRO B 126 -22.13 39.29 48.09
C PRO B 126 -23.13 40.03 47.22
N PHE B 127 -23.15 41.36 47.32
CA PHE B 127 -24.23 42.14 46.73
C PHE B 127 -23.79 43.60 46.57
N PHE B 128 -24.53 44.32 45.72
CA PHE B 128 -24.07 45.57 45.08
C PHE B 128 -22.69 45.42 44.44
N ALA B 129 -22.64 44.56 43.43
CA ALA B 129 -21.50 44.43 42.51
C ALA B 129 -20.18 44.11 43.19
N MET B 141 -18.42 44.49 50.84
CA MET B 141 -19.70 44.25 50.20
C MET B 141 -19.71 42.91 49.45
N ILE B 142 -18.54 42.49 48.95
CA ILE B 142 -18.38 41.18 48.34
C ILE B 142 -17.19 40.47 49.00
N PHE B 143 -16.31 41.25 49.62
CA PHE B 143 -15.27 40.70 50.48
C PHE B 143 -15.08 41.61 51.68
N ASP B 144 -14.30 41.14 52.65
CA ASP B 144 -13.96 41.92 53.82
C ASP B 144 -12.51 42.42 53.77
N ASN B 145 -11.55 41.51 53.64
CA ASN B 145 -10.14 41.83 53.56
C ASN B 145 -9.49 41.04 52.44
N ALA B 146 -8.45 41.60 51.85
CA ALA B 146 -7.72 40.95 50.77
C ALA B 146 -6.23 41.04 51.05
N PHE B 147 -5.53 39.92 50.92
CA PHE B 147 -4.09 39.85 51.15
C PHE B 147 -3.52 38.74 50.30
N ASN B 148 -2.20 38.76 50.15
CA ASN B 148 -1.45 37.83 49.29
C ASN B 148 -1.99 37.85 47.86
N CYS B 149 -2.14 39.06 47.32
CA CYS B 149 -2.74 39.23 46.01
C CYS B 149 -1.78 38.79 44.92
N THR B 150 -2.28 37.99 43.99
CA THR B 150 -1.47 37.41 42.93
C THR B 150 -1.75 38.03 41.57
N PHE B 151 -3.02 38.19 41.18
CA PHE B 151 -3.33 38.69 39.85
C PHE B 151 -4.26 39.89 39.97
N GLU B 152 -4.12 40.84 39.04
CA GLU B 152 -4.93 42.05 39.12
C GLU B 152 -4.98 42.68 37.73
N TYR B 153 -6.19 43.04 37.29
CA TYR B 153 -6.38 43.63 35.96
C TYR B 153 -7.56 44.58 36.00
N ILE B 154 -7.38 45.77 35.44
CA ILE B 154 -8.42 46.79 35.32
C ILE B 154 -8.59 47.13 33.86
N SER B 155 -9.82 47.02 33.36
CA SER B 155 -10.12 47.44 32.01
C SER B 155 -10.27 48.95 31.94
N ASP B 156 -10.31 49.48 30.72
CA ASP B 156 -10.48 50.91 30.54
C ASP B 156 -11.91 51.31 30.91
N ALA B 157 -12.10 52.58 31.23
CA ALA B 157 -13.37 53.05 31.78
C ALA B 157 -14.49 52.97 30.74
N PHE B 158 -15.62 52.44 31.18
CA PHE B 158 -16.80 52.29 30.31
C PHE B 158 -17.49 53.62 30.12
N LYS B 170 -34.53 41.61 27.75
CA LYS B 170 -34.28 42.38 26.54
C LYS B 170 -32.87 42.13 26.02
N HIS B 171 -32.06 41.43 26.80
CA HIS B 171 -30.71 41.07 26.41
C HIS B 171 -30.43 39.62 26.75
N LEU B 172 -29.51 39.01 26.00
CA LEU B 172 -29.00 37.68 26.28
C LEU B 172 -27.49 37.73 26.26
N ARG B 173 -26.85 37.51 27.41
CA ARG B 173 -25.40 37.50 27.49
C ARG B 173 -24.93 36.09 27.82
N GLU B 174 -24.07 35.54 26.98
CA GLU B 174 -23.64 34.15 27.09
C GLU B 174 -22.14 34.10 27.29
N PHE B 175 -21.69 33.26 28.22
CA PHE B 175 -20.28 33.07 28.50
C PHE B 175 -19.96 31.60 28.62
N VAL B 176 -18.75 31.24 28.20
CA VAL B 176 -18.19 29.91 28.43
C VAL B 176 -16.93 30.08 29.25
N PHE B 177 -16.84 29.34 30.36
CA PHE B 177 -15.68 29.37 31.24
C PHE B 177 -15.03 28.00 31.27
N LYS B 178 -13.72 27.94 31.04
CA LYS B 178 -13.04 26.66 31.15
C LYS B 178 -11.63 26.82 31.70
N ASN B 179 -11.23 25.88 32.55
CA ASN B 179 -9.96 25.90 33.25
C ASN B 179 -9.05 24.82 32.69
N LYS B 180 -7.88 25.21 32.20
CA LYS B 180 -7.00 24.25 31.53
C LYS B 180 -5.56 24.76 31.56
N ASP B 181 -4.66 23.93 32.09
CA ASP B 181 -3.20 24.16 32.09
C ASP B 181 -2.83 25.50 32.72
N GLY B 182 -3.50 25.85 33.81
CA GLY B 182 -3.24 27.11 34.46
C GLY B 182 -3.74 28.32 33.71
N PHE B 183 -4.73 28.16 32.85
CA PHE B 183 -5.36 29.27 32.15
C PHE B 183 -6.86 29.15 32.28
N LEU B 184 -7.52 30.28 32.58
CA LEU B 184 -8.97 30.38 32.58
C LEU B 184 -9.39 31.07 31.29
N TYR B 185 -10.12 30.35 30.44
CA TYR B 185 -10.61 30.86 29.17
C TYR B 185 -12.03 31.35 29.35
N VAL B 186 -12.29 32.58 28.89
CA VAL B 186 -13.60 33.20 28.95
C VAL B 186 -14.00 33.59 27.53
N TYR B 187 -15.13 33.04 27.08
CA TYR B 187 -15.73 33.31 25.78
C TYR B 187 -17.06 34.03 25.97
N LYS B 188 -17.35 35.02 25.13
CA LYS B 188 -18.52 35.87 25.30
C LYS B 188 -19.32 36.00 24.01
N GLY B 189 -20.64 36.08 24.15
CA GLY B 189 -21.51 36.42 23.03
C GLY B 189 -22.75 37.12 23.54
N TYR B 190 -23.47 37.77 22.61
CA TYR B 190 -24.61 38.60 22.95
C TYR B 190 -25.69 38.51 21.88
N GLN B 191 -26.95 38.44 22.33
CA GLN B 191 -28.11 38.49 21.42
C GLN B 191 -29.18 39.46 21.91
N PRO B 192 -29.75 40.27 21.02
CA PRO B 192 -30.85 41.15 21.42
C PRO B 192 -32.22 40.48 21.34
N ILE B 193 -32.55 39.66 22.35
CA ILE B 193 -33.89 39.09 22.40
C ILE B 193 -34.89 40.15 22.85
N ASP B 194 -36.15 39.96 22.45
CA ASP B 194 -37.18 40.92 22.85
C ASP B 194 -37.76 40.58 24.22
N VAL B 195 -38.48 39.46 24.31
CA VAL B 195 -39.08 39.00 25.55
C VAL B 195 -38.96 37.48 25.61
N VAL B 196 -38.81 36.96 26.82
CA VAL B 196 -38.72 35.52 27.05
C VAL B 196 -38.98 35.25 28.54
N ARG B 197 -39.36 34.02 28.87
CA ARG B 197 -39.42 33.60 30.27
C ARG B 197 -38.59 32.33 30.49
N ASP B 198 -37.68 32.05 29.56
CA ASP B 198 -36.86 30.86 29.60
C ASP B 198 -35.60 31.15 28.77
N LEU B 199 -34.86 30.11 28.43
CA LEU B 199 -33.74 30.25 27.51
C LEU B 199 -34.27 30.08 26.09
N PRO B 200 -34.20 31.10 25.24
CA PRO B 200 -34.79 30.97 23.89
C PRO B 200 -33.97 30.09 22.97
N SER B 201 -34.64 29.43 22.02
CA SER B 201 -33.96 28.59 21.05
C SER B 201 -33.20 29.43 20.04
N GLY B 202 -32.16 28.88 19.45
CA GLY B 202 -31.41 29.58 18.44
C GLY B 202 -30.01 29.01 18.33
N PHE B 203 -29.14 29.81 17.70
CA PHE B 203 -27.75 29.46 17.49
C PHE B 203 -26.91 30.73 17.57
N ASN B 204 -25.80 30.67 18.30
CA ASN B 204 -24.90 31.81 18.38
C ASN B 204 -23.49 31.30 18.67
N THR B 205 -22.50 31.98 18.09
CA THR B 205 -21.11 31.63 18.26
C THR B 205 -20.45 32.65 19.18
N LEU B 206 -19.69 32.14 20.16
CA LEU B 206 -19.05 32.99 21.15
C LEU B 206 -17.58 33.22 20.76
N LYS B 207 -17.08 34.41 21.02
CA LYS B 207 -15.73 34.76 20.66
C LYS B 207 -14.82 34.76 21.89
N PRO B 208 -13.53 34.48 21.73
CA PRO B 208 -12.62 34.51 22.89
C PRO B 208 -12.32 35.93 23.31
N ILE B 209 -12.46 36.20 24.60
CA ILE B 209 -12.13 37.53 25.11
C ILE B 209 -11.06 37.46 26.20
N PHE B 210 -10.97 36.35 26.94
CA PHE B 210 -10.00 36.31 28.03
C PHE B 210 -9.29 34.97 28.09
N LYS B 211 -8.00 35.01 28.40
CA LYS B 211 -7.20 33.83 28.72
C LYS B 211 -6.28 34.23 29.86
N LEU B 212 -6.74 34.02 31.10
CA LEU B 212 -6.12 34.55 32.32
C LEU B 212 -5.19 33.53 32.94
N PRO B 213 -3.94 33.89 33.23
CA PRO B 213 -2.95 32.96 33.82
C PRO B 213 -2.99 32.91 35.34
N LEU B 214 -4.02 32.27 35.88
CA LEU B 214 -4.27 32.35 37.32
C LEU B 214 -3.65 31.20 38.11
N GLY B 215 -3.71 29.98 37.59
CA GLY B 215 -3.20 28.83 38.32
C GLY B 215 -3.99 28.50 39.57
N ILE B 216 -5.32 28.61 39.51
CA ILE B 216 -6.19 28.47 40.67
C ILE B 216 -6.89 27.12 40.62
N ASN B 217 -7.01 26.48 41.77
CA ASN B 217 -7.83 25.29 41.95
C ASN B 217 -9.30 25.70 41.96
N ILE B 218 -9.96 25.65 40.82
CA ILE B 218 -11.34 26.09 40.71
C ILE B 218 -12.24 24.85 40.74
N THR B 219 -13.04 24.73 41.80
CA THR B 219 -14.01 23.64 41.92
C THR B 219 -15.40 24.12 42.30
N ASN B 220 -15.58 25.38 42.68
CA ASN B 220 -16.88 25.94 43.00
C ASN B 220 -16.97 27.33 42.41
N PHE B 221 -18.19 27.83 42.23
CA PHE B 221 -18.38 29.22 41.84
C PHE B 221 -19.72 29.72 42.34
N ARG B 222 -19.86 31.05 42.36
CA ARG B 222 -21.07 31.72 42.81
C ARG B 222 -21.24 33.00 42.01
N ALA B 223 -22.46 33.29 41.58
CA ALA B 223 -22.74 34.52 40.87
C ALA B 223 -22.89 35.69 41.85
N ILE B 224 -22.77 36.90 41.32
CA ILE B 224 -22.86 38.12 42.10
C ILE B 224 -23.95 39.00 41.52
N LEU B 225 -24.88 39.43 42.37
CA LEU B 225 -26.08 40.12 41.96
C LEU B 225 -26.18 41.46 42.67
N THR B 226 -26.97 42.36 42.09
CA THR B 226 -27.31 43.59 42.78
C THR B 226 -28.46 43.34 43.76
N ALA B 227 -28.72 44.34 44.60
CA ALA B 227 -29.79 44.24 45.58
C ALA B 227 -30.53 45.57 45.71
N ALA B 239 -35.84 42.06 38.48
CA ALA B 239 -36.10 40.71 37.97
C ALA B 239 -35.05 40.31 36.93
N ALA B 240 -34.59 39.07 37.02
CA ALA B 240 -33.56 38.56 36.14
C ALA B 240 -33.59 37.03 36.20
N ALA B 241 -32.77 36.41 35.36
CA ALA B 241 -32.63 34.96 35.37
C ALA B 241 -31.26 34.59 34.85
N TYR B 242 -30.70 33.51 35.40
CA TYR B 242 -29.44 32.99 34.88
C TYR B 242 -29.46 31.47 34.84
N PHE B 243 -28.89 30.92 33.78
CA PHE B 243 -28.92 29.49 33.49
C PHE B 243 -27.50 28.95 33.43
N VAL B 244 -27.33 27.73 33.94
CA VAL B 244 -26.03 27.08 34.07
C VAL B 244 -26.10 25.72 33.37
N GLY B 245 -25.11 25.46 32.51
CA GLY B 245 -24.97 24.16 31.90
C GLY B 245 -23.52 23.69 31.95
N TYR B 246 -23.33 22.41 31.72
CA TYR B 246 -22.02 21.76 31.91
C TYR B 246 -21.46 21.25 30.59
N LEU B 247 -20.15 21.40 30.43
CA LEU B 247 -19.45 20.97 29.23
C LEU B 247 -18.92 19.55 29.39
N LYS B 248 -18.91 18.81 28.28
CA LYS B 248 -18.46 17.44 28.23
C LYS B 248 -17.50 17.25 27.06
N PRO B 249 -16.60 16.25 27.13
CA PRO B 249 -15.73 15.99 25.97
C PRO B 249 -16.49 15.36 24.82
N THR B 250 -16.65 16.09 23.72
CA THR B 250 -17.53 15.70 22.63
C THR B 250 -16.88 16.07 21.31
N THR B 251 -17.25 15.35 20.26
CA THR B 251 -16.83 15.61 18.89
C THR B 251 -17.91 16.40 18.17
N PHE B 252 -17.52 17.49 17.52
CA PHE B 252 -18.43 18.36 16.80
C PHE B 252 -17.93 18.56 15.38
N MET B 253 -18.83 19.00 14.50
CA MET B 253 -18.47 19.40 13.15
C MET B 253 -19.02 20.79 12.90
N LEU B 254 -18.21 21.67 12.31
CA LEU B 254 -18.52 23.08 12.20
C LEU B 254 -18.49 23.51 10.74
N LYS B 255 -19.38 24.42 10.36
CA LYS B 255 -19.44 24.94 9.01
C LYS B 255 -19.09 26.42 9.00
N TYR B 256 -18.18 26.80 8.11
CA TYR B 256 -17.72 28.17 7.97
C TYR B 256 -18.34 28.82 6.74
N ASP B 257 -18.59 30.12 6.81
CA ASP B 257 -19.12 30.87 5.69
C ASP B 257 -17.99 31.21 4.71
N GLU B 258 -18.30 32.08 3.74
CA GLU B 258 -17.28 32.67 2.90
C GLU B 258 -16.59 33.85 3.55
N ASN B 259 -17.07 34.28 4.72
CA ASN B 259 -16.47 35.36 5.48
C ASN B 259 -15.72 34.86 6.71
N GLY B 260 -15.72 33.55 6.97
CA GLY B 260 -15.03 33.00 8.11
C GLY B 260 -15.84 32.91 9.39
N THR B 261 -17.17 32.88 9.29
CA THR B 261 -18.04 32.83 10.46
C THR B 261 -18.60 31.42 10.62
N ILE B 262 -18.57 30.91 11.85
CA ILE B 262 -19.18 29.62 12.16
C ILE B 262 -20.68 29.83 12.29
N THR B 263 -21.45 29.24 11.37
CA THR B 263 -22.87 29.48 11.30
C THR B 263 -23.74 28.27 11.57
N ASP B 264 -23.22 27.05 11.45
CA ASP B 264 -24.03 25.88 11.74
C ASP B 264 -23.11 24.75 12.17
N ALA B 265 -23.63 23.88 13.04
CA ALA B 265 -22.81 22.83 13.65
C ALA B 265 -23.63 21.56 13.81
N VAL B 266 -22.90 20.45 13.92
CA VAL B 266 -23.49 19.13 14.12
C VAL B 266 -22.82 18.47 15.32
N ASP B 267 -23.64 18.03 16.29
CA ASP B 267 -23.20 17.22 17.41
C ASP B 267 -23.50 15.77 17.10
N CYS B 268 -22.54 14.89 17.39
CA CYS B 268 -22.60 13.49 16.96
C CYS B 268 -22.98 12.54 18.07
N SER B 269 -23.86 12.92 18.98
CA SER B 269 -24.25 11.99 20.04
C SER B 269 -25.74 12.00 20.39
N GLN B 270 -26.57 12.77 19.68
CA GLN B 270 -27.97 12.91 20.06
C GLN B 270 -28.90 12.00 19.25
N ASN B 271 -28.72 11.96 17.95
CA ASN B 271 -29.57 11.20 17.05
C ASN B 271 -28.72 10.28 16.19
N PRO B 272 -29.30 9.19 15.67
CA PRO B 272 -28.62 8.45 14.60
C PRO B 272 -28.38 9.27 13.35
N LEU B 273 -29.26 10.25 13.09
CA LEU B 273 -29.15 11.06 11.88
C LEU B 273 -27.90 11.93 11.89
N ALA B 274 -27.63 12.61 13.01
CA ALA B 274 -26.44 13.46 13.08
C ALA B 274 -25.17 12.63 13.14
N GLU B 275 -25.25 11.46 13.78
CA GLU B 275 -24.14 10.50 13.74
C GLU B 275 -23.83 10.08 12.30
N LEU B 276 -24.86 9.90 11.48
CA LEU B 276 -24.66 9.63 10.07
C LEU B 276 -24.08 10.85 9.35
N LYS B 277 -24.59 12.05 9.66
CA LYS B 277 -24.18 13.26 8.97
C LYS B 277 -22.70 13.56 9.18
N CYS B 278 -22.22 13.42 10.40
CA CYS B 278 -20.79 13.57 10.65
C CYS B 278 -20.02 12.28 10.43
N SER B 279 -20.70 11.17 10.18
CA SER B 279 -20.02 9.94 9.76
C SER B 279 -19.59 10.00 8.30
N VAL B 280 -20.29 10.76 7.47
CA VAL B 280 -19.92 10.95 6.07
C VAL B 280 -19.46 12.37 5.81
N LYS B 281 -19.34 13.20 6.86
CA LYS B 281 -18.86 14.58 6.79
C LYS B 281 -19.68 15.44 5.82
N SER B 282 -21.00 15.40 5.99
CA SER B 282 -21.90 16.18 5.16
C SER B 282 -23.09 16.63 5.98
N PHE B 283 -23.80 17.63 5.47
CA PHE B 283 -24.96 18.17 6.16
C PHE B 283 -26.27 17.76 5.49
N GLU B 284 -26.25 17.43 4.22
CA GLU B 284 -27.41 16.92 3.50
C GLU B 284 -27.11 15.51 3.00
N ILE B 285 -27.98 14.57 3.34
CA ILE B 285 -27.77 13.16 3.05
C ILE B 285 -28.79 12.72 2.00
N ASP B 286 -28.38 11.80 1.13
CA ASP B 286 -29.24 11.29 0.07
C ASP B 286 -30.19 10.22 0.63
N LYS B 287 -30.85 9.50 -0.26
CA LYS B 287 -31.82 8.48 0.10
C LYS B 287 -31.17 7.11 0.07
N GLY B 288 -31.30 6.35 1.15
CA GLY B 288 -30.78 5.01 1.17
C GLY B 288 -30.50 4.52 2.58
N ILE B 289 -29.71 3.45 2.64
CA ILE B 289 -29.29 2.83 3.89
C ILE B 289 -27.78 2.94 4.00
N TYR B 290 -27.29 3.32 5.18
CA TYR B 290 -25.87 3.54 5.40
C TYR B 290 -25.41 2.87 6.68
N GLN B 291 -24.22 2.29 6.62
CA GLN B 291 -23.56 1.79 7.83
C GLN B 291 -22.92 2.95 8.56
N THR B 292 -23.01 2.94 9.89
CA THR B 292 -22.53 4.07 10.67
C THR B 292 -21.61 3.60 11.79
N SER B 293 -21.04 4.58 12.49
CA SER B 293 -20.00 4.37 13.48
C SER B 293 -20.61 4.17 14.86
N ASN B 294 -19.79 4.31 15.92
CA ASN B 294 -20.20 4.00 17.28
C ASN B 294 -20.02 5.21 18.18
N PHE B 295 -20.58 6.36 17.79
CA PHE B 295 -20.40 7.58 18.56
C PHE B 295 -21.41 7.66 19.69
N ARG B 296 -21.54 6.60 20.48
CA ARG B 296 -22.58 6.50 21.50
C ARG B 296 -22.05 6.30 22.91
N VAL B 297 -21.24 5.27 23.12
CA VAL B 297 -21.17 4.56 24.39
C VAL B 297 -20.10 5.19 25.27
N VAL B 298 -20.44 5.41 26.54
CA VAL B 298 -19.49 5.86 27.55
C VAL B 298 -19.41 4.76 28.61
N PRO B 299 -18.24 4.53 29.20
CA PRO B 299 -18.13 3.48 30.23
C PRO B 299 -18.79 3.89 31.54
N SER B 300 -19.19 2.87 32.31
CA SER B 300 -19.98 3.10 33.51
C SER B 300 -19.13 3.60 34.68
N GLY B 301 -18.19 2.78 35.13
CA GLY B 301 -17.46 3.09 36.35
C GLY B 301 -16.02 2.65 36.36
N ASP B 302 -15.47 2.42 37.56
CA ASP B 302 -14.07 2.10 37.76
C ASP B 302 -13.92 0.90 38.67
N VAL B 303 -13.02 -0.01 38.31
CA VAL B 303 -12.69 -1.17 39.12
C VAL B 303 -11.17 -1.22 39.27
N VAL B 304 -10.69 -1.16 40.50
CA VAL B 304 -9.25 -1.24 40.78
C VAL B 304 -9.01 -2.44 41.67
N ARG B 305 -8.18 -3.37 41.21
CA ARG B 305 -7.87 -4.58 41.97
C ARG B 305 -6.36 -4.69 42.11
N PHE B 306 -5.90 -4.78 43.35
CA PHE B 306 -4.49 -4.84 43.68
C PHE B 306 -4.32 -5.90 44.78
N PRO B 307 -3.14 -6.50 44.88
CA PRO B 307 -2.86 -7.39 46.01
C PRO B 307 -2.90 -6.65 47.34
N ASN B 308 -3.31 -7.36 48.38
CA ASN B 308 -3.44 -6.75 49.71
C ASN B 308 -2.13 -6.93 50.48
N ILE B 309 -1.28 -5.92 50.37
CA ILE B 309 0.00 -5.86 51.06
C ILE B 309 -0.06 -4.67 52.01
N THR B 310 0.38 -4.87 53.26
CA THR B 310 0.30 -3.83 54.28
C THR B 310 1.67 -3.33 54.72
N ASN B 311 2.75 -3.88 54.21
CA ASN B 311 4.09 -3.60 54.71
C ASN B 311 4.74 -2.48 53.88
N LEU B 312 5.22 -1.46 54.56
CA LEU B 312 6.02 -0.44 53.91
C LEU B 312 7.36 -1.02 53.49
N CYS B 313 7.87 -0.55 52.39
CA CYS B 313 8.92 -1.29 51.72
C CYS B 313 10.28 -0.81 52.22
N PRO B 314 11.28 -1.71 52.39
CA PRO B 314 12.47 -1.35 53.18
C PRO B 314 13.37 -0.31 52.56
N PHE B 315 12.95 0.96 52.62
CA PHE B 315 13.77 2.04 52.09
C PHE B 315 14.96 2.32 52.99
N GLY B 316 14.76 2.32 54.30
CA GLY B 316 15.85 2.60 55.23
C GLY B 316 16.85 1.47 55.34
N GLU B 317 16.46 0.25 54.99
CA GLU B 317 17.39 -0.87 54.99
C GLU B 317 18.32 -0.83 53.78
N VAL B 318 17.82 -0.37 52.63
CA VAL B 318 18.60 -0.34 51.40
C VAL B 318 19.41 0.95 51.30
N PHE B 319 18.80 2.09 51.60
CA PHE B 319 19.48 3.38 51.42
C PHE B 319 20.28 3.81 52.65
N ASN B 320 19.72 3.63 53.85
CA ASN B 320 20.44 4.00 55.07
C ASN B 320 21.20 2.82 55.65
N ALA B 321 22.00 2.14 54.83
CA ALA B 321 22.81 1.04 55.31
C ALA B 321 24.12 1.56 55.90
N THR B 322 24.78 0.71 56.67
CA THR B 322 26.04 1.10 57.30
C THR B 322 27.19 1.08 56.30
N LYS B 323 27.20 0.10 55.40
CA LYS B 323 28.28 -0.02 54.42
C LYS B 323 27.75 -0.60 53.13
N PHE B 324 28.28 -0.13 52.01
CA PHE B 324 28.12 -0.75 50.70
C PHE B 324 29.40 -1.45 50.26
N PRO B 325 29.30 -2.44 49.38
CA PRO B 325 30.50 -3.11 48.89
C PRO B 325 31.22 -2.30 47.82
N SER B 326 32.35 -2.84 47.38
CA SER B 326 33.10 -2.26 46.27
C SER B 326 32.35 -2.48 44.97
N VAL B 327 32.82 -1.82 43.91
CA VAL B 327 32.12 -1.89 42.64
C VAL B 327 32.42 -3.22 41.94
N TYR B 328 33.55 -3.85 42.24
CA TYR B 328 33.82 -5.16 41.67
C TYR B 328 33.15 -6.29 42.43
N ALA B 329 32.76 -6.05 43.69
CA ALA B 329 32.07 -7.04 44.49
C ALA B 329 30.67 -6.58 44.86
N TRP B 330 29.96 -6.03 43.88
CA TRP B 330 28.65 -5.41 44.11
C TRP B 330 27.64 -6.43 44.59
N GLU B 331 26.64 -5.96 45.33
CA GLU B 331 25.75 -6.91 46.00
C GLU B 331 24.31 -6.77 45.52
N ARG B 332 23.60 -7.91 45.50
CA ARG B 332 22.26 -8.01 44.96
C ARG B 332 21.29 -8.48 46.04
N LYS B 333 20.12 -7.83 46.12
CA LYS B 333 19.11 -8.12 47.11
C LYS B 333 17.75 -8.23 46.43
N LYS B 334 16.88 -9.11 46.93
CA LYS B 334 15.55 -9.27 46.37
C LYS B 334 14.53 -8.51 47.19
N ILE B 335 13.63 -7.80 46.50
CA ILE B 335 12.57 -7.03 47.13
C ILE B 335 11.25 -7.72 46.85
N SER B 336 10.48 -7.99 47.90
CA SER B 336 9.26 -8.77 47.77
C SER B 336 8.28 -8.40 48.86
N ASN B 337 6.99 -8.41 48.51
CA ASN B 337 5.86 -8.21 49.44
C ASN B 337 5.96 -6.85 50.15
N CYS B 338 5.89 -5.78 49.37
CA CYS B 338 6.06 -4.46 49.95
C CYS B 338 5.28 -3.44 49.13
N VAL B 339 5.07 -2.26 49.71
CA VAL B 339 4.37 -1.16 49.06
C VAL B 339 5.38 -0.05 48.81
N ALA B 340 5.59 0.29 47.54
CA ALA B 340 6.63 1.23 47.14
C ALA B 340 6.09 2.66 47.18
N ASP B 341 5.96 3.17 48.40
CA ASP B 341 5.54 4.57 48.63
C ASP B 341 6.79 5.38 48.91
N TYR B 342 7.42 5.88 47.85
CA TYR B 342 8.68 6.61 47.98
C TYR B 342 8.50 8.04 48.42
N SER B 343 7.26 8.47 48.70
CA SER B 343 7.03 9.82 49.20
C SER B 343 7.63 10.03 50.58
N VAL B 344 7.76 8.96 51.37
CA VAL B 344 8.31 9.04 52.71
C VAL B 344 9.78 9.46 52.74
N LEU B 345 10.45 9.48 51.59
CA LEU B 345 11.81 9.95 51.47
C LEU B 345 11.89 11.45 51.19
N TYR B 346 10.77 12.16 51.21
CA TYR B 346 10.78 13.55 50.76
C TYR B 346 11.27 14.54 51.81
N ASN B 347 11.49 14.11 53.06
CA ASN B 347 12.17 14.96 54.02
C ASN B 347 13.61 14.56 54.32
N SER B 348 14.03 13.34 53.99
CA SER B 348 15.31 12.82 54.49
C SER B 348 16.36 12.62 53.41
N THR B 349 16.08 11.83 52.38
CA THR B 349 17.09 11.40 51.42
C THR B 349 16.89 12.12 50.09
N PHE B 350 17.96 12.71 49.57
CA PHE B 350 17.90 13.46 48.32
C PHE B 350 18.96 12.92 47.36
N PHE B 351 18.54 12.66 46.13
CA PHE B 351 19.35 11.96 45.14
C PHE B 351 19.85 12.93 44.10
N SER B 352 21.14 12.84 43.77
CA SER B 352 21.68 13.67 42.72
C SER B 352 21.46 13.07 41.34
N THR B 353 21.33 11.74 41.24
CA THR B 353 21.01 11.08 39.99
C THR B 353 19.80 10.17 40.20
N PHE B 354 18.80 10.31 39.34
CA PHE B 354 17.67 9.38 39.33
C PHE B 354 17.17 9.29 37.89
N LYS B 355 17.36 8.12 37.26
CA LYS B 355 17.03 7.96 35.85
C LYS B 355 16.41 6.59 35.62
N CYS B 356 15.24 6.56 34.97
CA CYS B 356 14.50 5.33 34.75
C CYS B 356 14.45 4.98 33.27
N TYR B 357 14.55 3.69 32.96
CA TYR B 357 14.58 3.16 31.61
C TYR B 357 13.41 2.21 31.43
N GLY B 358 12.71 2.35 30.32
CA GLY B 358 11.60 1.49 29.97
C GLY B 358 10.26 1.89 30.52
N VAL B 359 10.19 2.94 31.34
CA VAL B 359 8.96 3.31 32.01
C VAL B 359 9.03 4.80 32.35
N CYS B 360 7.90 5.47 32.20
CA CYS B 360 7.79 6.87 32.61
C CYS B 360 7.87 6.97 34.13
N ALA B 361 8.56 8.00 34.61
CA ALA B 361 8.72 8.19 36.05
C ALA B 361 7.42 8.61 36.72
N THR B 362 6.50 9.21 35.98
CA THR B 362 5.25 9.71 36.56
C THR B 362 4.20 8.63 36.73
N LYS B 363 4.47 7.40 36.28
CA LYS B 363 3.51 6.31 36.37
C LYS B 363 3.91 5.22 37.35
N LEU B 364 5.02 5.38 38.07
CA LEU B 364 5.47 4.39 39.04
C LEU B 364 4.47 4.19 40.17
N ASN B 365 3.59 5.16 40.41
CA ASN B 365 2.56 5.03 41.44
C ASN B 365 1.37 4.21 40.98
N ASP B 366 1.22 3.94 39.68
CA ASP B 366 0.05 3.27 39.15
C ASP B 366 0.31 1.85 38.70
N LEU B 367 1.49 1.31 38.99
CA LEU B 367 1.90 0.02 38.46
C LEU B 367 2.24 -0.94 39.59
N CYS B 368 2.37 -2.21 39.24
CA CYS B 368 2.87 -3.24 40.15
C CYS B 368 3.98 -4.01 39.46
N PHE B 369 5.02 -4.34 40.22
CA PHE B 369 6.29 -4.80 39.67
C PHE B 369 6.53 -6.25 40.03
N SER B 370 7.14 -7.01 39.11
CA SER B 370 7.15 -8.47 39.22
C SER B 370 8.37 -9.02 39.97
N ASN B 371 9.56 -8.77 39.45
CA ASN B 371 10.79 -9.39 39.97
C ASN B 371 11.78 -8.29 40.32
N VAL B 372 11.69 -7.77 41.54
CA VAL B 372 12.42 -6.57 41.93
C VAL B 372 13.74 -6.97 42.57
N TYR B 373 14.84 -6.45 42.02
CA TYR B 373 16.16 -6.65 42.57
C TYR B 373 16.87 -5.31 42.72
N ALA B 374 17.71 -5.22 43.74
CA ALA B 374 18.47 -4.00 44.04
C ALA B 374 19.94 -4.34 44.11
N ASP B 375 20.75 -3.68 43.29
CA ASP B 375 22.20 -3.81 43.31
C ASP B 375 22.80 -2.59 43.97
N SER B 376 23.76 -2.80 44.84
CA SER B 376 24.40 -1.73 45.59
C SER B 376 25.90 -1.77 45.40
N PHE B 377 26.49 -0.58 45.23
CA PHE B 377 27.94 -0.40 45.24
C PHE B 377 28.29 1.08 45.42
N VAL B 378 29.60 1.35 45.49
CA VAL B 378 30.13 2.69 45.69
C VAL B 378 31.16 2.97 44.60
N VAL B 379 31.02 4.10 43.91
CA VAL B 379 31.97 4.55 42.90
C VAL B 379 32.45 5.95 43.26
N LYS B 380 33.27 6.53 42.39
CA LYS B 380 33.63 7.94 42.50
C LYS B 380 32.65 8.77 41.69
N GLY B 381 32.85 10.09 41.69
CA GLY B 381 31.87 10.97 41.10
C GLY B 381 31.86 10.95 39.58
N ASP B 382 33.03 10.76 38.97
CA ASP B 382 33.15 10.75 37.52
C ASP B 382 32.63 9.46 36.90
N ASP B 383 32.50 8.38 37.66
CA ASP B 383 32.12 7.09 37.12
C ASP B 383 30.62 6.84 37.16
N VAL B 384 29.83 7.76 37.69
CA VAL B 384 28.38 7.56 37.77
C VAL B 384 27.75 7.59 36.38
N ARG B 385 28.34 8.35 35.46
CA ARG B 385 27.85 8.41 34.08
C ARG B 385 27.99 7.09 33.33
N GLN B 386 28.77 6.14 33.84
CA GLN B 386 28.96 4.85 33.19
C GLN B 386 27.92 3.82 33.59
N ILE B 387 27.04 4.14 34.53
CA ILE B 387 25.96 3.23 34.92
C ILE B 387 24.78 3.55 34.01
N ALA B 388 24.77 2.94 32.84
CA ALA B 388 23.81 3.20 31.77
C ALA B 388 23.92 2.07 30.76
N PRO B 389 22.85 1.82 29.99
CA PRO B 389 22.84 0.64 29.09
C PRO B 389 23.98 0.55 28.08
N GLY B 390 24.25 1.59 27.29
CA GLY B 390 25.38 1.49 26.40
C GLY B 390 26.50 2.44 26.74
N GLN B 391 27.58 1.91 27.32
CA GLN B 391 28.66 2.73 27.84
C GLN B 391 29.97 1.96 27.74
N THR B 392 31.07 2.71 27.72
CA THR B 392 32.40 2.14 27.79
C THR B 392 33.18 2.88 28.86
N GLY B 393 34.25 2.24 29.33
CA GLY B 393 35.03 2.76 30.44
C GLY B 393 35.45 1.64 31.36
N VAL B 394 36.13 1.95 32.47
CA VAL B 394 36.66 0.89 33.30
C VAL B 394 35.55 0.18 34.08
N ILE B 395 34.56 0.94 34.56
CA ILE B 395 33.46 0.33 35.31
C ILE B 395 32.55 -0.47 34.38
N ALA B 396 32.23 0.08 33.21
CA ALA B 396 31.32 -0.59 32.30
C ALA B 396 31.94 -1.79 31.61
N ASP B 397 33.27 -1.92 31.63
CA ASP B 397 33.95 -3.05 31.02
C ASP B 397 34.35 -4.13 32.02
N TYR B 398 34.91 -3.76 33.17
CA TYR B 398 35.50 -4.76 34.04
C TYR B 398 34.77 -4.92 35.37
N ASN B 399 33.82 -4.05 35.71
CA ASN B 399 33.22 -4.08 37.03
C ASN B 399 31.72 -4.35 37.03
N TYR B 400 30.93 -3.59 36.27
CA TYR B 400 29.47 -3.70 36.31
C TYR B 400 28.92 -3.29 34.97
N LYS B 401 28.16 -4.16 34.33
CA LYS B 401 27.54 -3.86 33.05
C LYS B 401 26.04 -4.07 33.11
N LEU B 402 25.29 -3.19 32.47
CA LEU B 402 23.86 -3.17 32.24
C LEU B 402 23.53 -3.70 30.85
N PRO B 403 22.43 -4.42 30.70
CA PRO B 403 22.04 -4.91 29.37
C PRO B 403 21.58 -3.79 28.46
N ASP B 404 21.57 -4.09 27.17
CA ASP B 404 21.13 -3.09 26.19
C ASP B 404 19.64 -2.78 26.33
N ASP B 405 18.82 -3.80 26.54
CA ASP B 405 17.40 -3.62 26.83
C ASP B 405 17.13 -3.71 28.32
N PHE B 406 17.72 -2.78 29.06
CA PHE B 406 17.53 -2.69 30.50
C PHE B 406 16.23 -1.95 30.78
N MET B 407 15.43 -2.47 31.72
CA MET B 407 14.26 -1.76 32.20
C MET B 407 14.32 -1.71 33.72
N GLY B 408 14.36 -0.49 34.27
CA GLY B 408 14.61 -0.33 35.68
C GLY B 408 14.94 1.12 35.98
N CYS B 409 15.62 1.35 37.10
CA CYS B 409 15.97 2.71 37.50
C CYS B 409 17.34 2.72 38.17
N VAL B 410 18.08 3.81 37.96
CA VAL B 410 19.40 4.00 38.55
C VAL B 410 19.35 5.22 39.46
N LEU B 411 19.81 5.05 40.70
CA LEU B 411 19.80 6.10 41.71
C LEU B 411 21.21 6.26 42.26
N ALA B 412 21.63 7.50 42.45
CA ALA B 412 22.96 7.78 42.97
C ALA B 412 22.93 9.02 43.85
N TRP B 413 23.71 9.00 44.92
CA TRP B 413 23.82 10.18 45.78
C TRP B 413 25.21 10.30 46.39
N ASN B 414 25.55 11.53 46.78
CA ASN B 414 26.87 11.87 47.29
C ASN B 414 27.00 11.49 48.75
N THR B 415 28.11 10.85 49.11
CA THR B 415 28.32 10.32 50.44
C THR B 415 29.73 10.72 50.92
N ARG B 416 30.00 12.02 50.88
CA ARG B 416 31.30 12.52 51.28
C ARG B 416 31.43 12.63 52.80
N ASN B 417 30.32 12.77 53.51
CA ASN B 417 30.35 12.90 54.96
C ASN B 417 30.51 11.57 55.67
N ILE B 418 30.36 10.45 54.98
CA ILE B 418 30.44 9.12 55.58
C ILE B 418 31.65 8.36 55.08
N ASP B 419 31.85 8.32 53.77
CA ASP B 419 32.84 7.45 53.16
C ASP B 419 34.20 8.11 52.96
N ALA B 420 34.34 9.40 53.26
CA ALA B 420 35.60 10.11 53.08
C ALA B 420 36.14 10.52 54.44
N THR B 421 37.42 10.29 54.66
CA THR B 421 38.12 10.69 55.87
C THR B 421 39.22 11.68 55.51
N SER B 422 39.57 12.53 56.48
CA SER B 422 40.64 13.49 56.27
C SER B 422 41.99 12.80 56.12
N THR B 423 42.17 11.64 56.76
CA THR B 423 43.37 10.86 56.55
C THR B 423 43.39 10.23 55.16
N GLY B 424 42.26 9.68 54.73
CA GLY B 424 42.16 9.02 53.45
C GLY B 424 41.56 7.62 53.57
N ASN B 425 40.48 7.36 52.85
CA ASN B 425 39.79 6.08 52.89
C ASN B 425 40.22 5.25 51.70
N TYR B 426 40.77 4.06 51.97
CA TYR B 426 41.31 3.19 50.94
C TYR B 426 40.67 1.81 50.95
N ASN B 427 39.41 1.73 51.37
CA ASN B 427 38.76 0.43 51.51
C ASN B 427 38.01 0.00 50.26
N TYR B 428 37.78 0.92 49.33
CA TYR B 428 37.03 0.59 48.12
C TYR B 428 37.97 0.37 46.94
N LYS B 429 37.59 -0.56 46.07
CA LYS B 429 38.47 -1.06 45.02
C LYS B 429 37.71 -1.15 43.71
N TYR B 430 38.48 -1.26 42.63
CA TYR B 430 37.92 -1.51 41.30
C TYR B 430 38.95 -2.25 40.46
N ARG B 431 38.47 -3.07 39.54
CA ARG B 431 39.35 -3.84 38.66
C ARG B 431 39.67 -3.02 37.42
N TYR B 432 40.95 -2.89 37.10
CA TYR B 432 41.38 -2.16 35.92
C TYR B 432 42.15 -3.03 34.94
N LEU B 433 42.26 -4.33 35.19
CA LEU B 433 43.00 -5.24 34.33
C LEU B 433 42.20 -6.52 34.17
N ARG B 434 41.91 -6.89 32.92
CA ARG B 434 41.18 -8.12 32.65
C ARG B 434 41.49 -8.56 31.23
N HIS B 435 41.27 -9.84 30.96
CA HIS B 435 41.50 -10.41 29.64
C HIS B 435 40.28 -10.35 28.74
N GLY B 436 39.20 -9.73 29.18
CA GLY B 436 38.00 -9.57 28.38
C GLY B 436 37.01 -8.64 29.03
N LYS B 437 35.80 -8.59 28.51
CA LYS B 437 34.75 -7.73 29.06
C LYS B 437 33.68 -8.59 29.73
N LEU B 438 33.08 -8.05 30.78
CA LEU B 438 32.07 -8.77 31.52
C LEU B 438 30.77 -8.85 30.72
N ARG B 439 30.01 -9.91 30.96
CA ARG B 439 28.66 -10.05 30.45
C ARG B 439 27.73 -9.17 31.28
N PRO B 440 26.52 -8.90 30.79
CA PRO B 440 25.55 -8.19 31.62
C PRO B 440 25.23 -8.92 32.91
N PHE B 441 25.26 -8.17 34.02
CA PHE B 441 25.01 -8.68 35.37
C PHE B 441 25.94 -9.81 35.75
N GLU B 442 27.20 -9.73 35.33
CA GLU B 442 28.22 -10.71 35.67
C GLU B 442 29.18 -10.11 36.68
N ARG B 443 29.71 -10.97 37.55
CA ARG B 443 30.60 -10.56 38.62
C ARG B 443 31.90 -11.35 38.53
N ASP B 444 32.99 -10.75 39.01
CA ASP B 444 34.31 -11.37 39.02
C ASP B 444 35.05 -10.87 40.25
N ILE B 445 35.17 -11.72 41.27
CA ILE B 445 35.76 -11.30 42.53
C ILE B 445 37.05 -12.06 42.82
N SER B 446 37.77 -12.45 41.77
CA SER B 446 39.03 -13.14 41.96
C SER B 446 40.17 -12.13 42.13
N ASN B 447 41.31 -12.63 42.59
CA ASN B 447 42.48 -11.79 42.82
C ASN B 447 43.75 -12.47 42.31
N VAL B 448 43.68 -13.08 41.13
CA VAL B 448 44.82 -13.72 40.50
C VAL B 448 45.68 -12.64 39.83
N PRO B 449 47.01 -12.68 39.98
CA PRO B 449 47.86 -11.69 39.30
C PRO B 449 47.78 -11.80 37.78
N PHE B 450 47.93 -10.65 37.13
CA PHE B 450 47.64 -10.49 35.72
C PHE B 450 48.93 -10.34 34.92
N SER B 451 48.93 -10.88 33.71
CA SER B 451 50.02 -10.77 32.76
C SER B 451 49.46 -10.40 31.40
N PRO B 452 50.19 -9.60 30.62
CA PRO B 452 49.70 -9.22 29.28
C PRO B 452 49.52 -10.41 28.34
N ASP B 453 50.33 -11.45 28.49
CA ASP B 453 50.07 -12.73 27.87
C ASP B 453 49.34 -13.65 28.84
N GLY B 454 48.83 -14.75 28.32
CA GLY B 454 47.94 -15.58 29.12
C GLY B 454 48.58 -16.45 30.17
N LYS B 455 49.90 -16.50 30.25
CA LYS B 455 50.56 -17.40 31.18
C LYS B 455 50.43 -16.88 32.61
N PRO B 456 50.37 -17.79 33.60
CA PRO B 456 50.45 -17.36 35.00
C PRO B 456 51.85 -16.84 35.32
N CYS B 457 51.90 -15.96 36.32
CA CYS B 457 53.17 -15.39 36.74
C CYS B 457 53.16 -15.16 38.24
N THR B 458 54.35 -15.13 38.81
CA THR B 458 54.70 -14.77 40.19
C THR B 458 54.56 -13.26 40.38
N PRO B 459 54.10 -12.83 41.55
CA PRO B 459 53.72 -11.40 41.74
C PRO B 459 54.85 -10.40 41.50
N PRO B 460 56.00 -10.47 42.18
CA PRO B 460 56.89 -9.30 42.16
C PRO B 460 57.77 -9.21 40.92
N ALA B 461 57.59 -10.08 39.93
CA ALA B 461 58.48 -10.14 38.77
C ALA B 461 58.08 -9.11 37.73
N LEU B 462 58.65 -9.24 36.54
CA LEU B 462 58.42 -8.32 35.43
C LEU B 462 57.16 -8.71 34.68
N ASN B 463 56.39 -7.68 34.27
CA ASN B 463 55.14 -7.84 33.52
C ASN B 463 54.13 -8.73 34.23
N CYS B 464 54.04 -8.57 35.55
CA CYS B 464 53.02 -9.24 36.35
C CYS B 464 52.46 -8.23 37.34
N TYR B 465 51.15 -7.99 37.26
CA TYR B 465 50.51 -6.93 38.02
C TYR B 465 49.37 -7.48 38.85
N TRP B 466 49.02 -6.75 39.90
CA TRP B 466 47.83 -7.02 40.71
C TRP B 466 46.62 -6.34 40.06
N PRO B 467 45.54 -7.07 39.78
CA PRO B 467 44.48 -6.54 38.92
C PRO B 467 43.56 -5.53 39.57
N LEU B 468 43.66 -5.28 40.86
CA LEU B 468 42.74 -4.41 41.57
C LEU B 468 43.43 -3.11 41.97
N ASN B 469 42.65 -2.03 42.04
CA ASN B 469 43.15 -0.69 42.30
C ASN B 469 42.29 -0.04 43.36
N ASP B 470 42.89 0.89 44.09
CA ASP B 470 42.25 1.51 45.24
C ASP B 470 41.66 2.87 44.90
N TYR B 471 40.46 3.11 45.40
CA TYR B 471 39.91 4.46 45.43
C TYR B 471 40.47 5.19 46.65
N GLY B 472 41.06 6.36 46.42
CA GLY B 472 41.56 7.15 47.52
C GLY B 472 40.65 8.32 47.82
N PHE B 473 39.90 8.25 48.91
CA PHE B 473 38.83 9.21 49.18
C PHE B 473 39.26 10.14 50.30
N TYR B 474 39.56 11.38 49.95
CA TYR B 474 39.91 12.43 50.89
C TYR B 474 38.77 13.44 51.02
N THR B 475 38.76 14.15 52.14
CA THR B 475 37.70 15.12 52.38
C THR B 475 37.88 16.37 51.53
N THR B 476 39.12 16.69 51.15
CA THR B 476 39.46 17.96 50.53
C THR B 476 39.80 17.83 49.05
N THR B 477 39.03 17.03 48.31
CA THR B 477 39.21 16.88 46.88
C THR B 477 38.01 17.44 46.14
N GLY B 478 38.14 17.52 44.81
CA GLY B 478 37.05 17.96 43.97
C GLY B 478 35.93 16.92 43.91
N ILE B 479 34.79 17.36 43.39
CA ILE B 479 33.59 16.52 43.45
C ILE B 479 33.66 15.37 42.43
N GLY B 480 34.60 15.43 41.48
CA GLY B 480 34.82 14.28 40.63
C GLY B 480 35.59 13.16 41.28
N TYR B 481 36.18 13.41 42.45
CA TYR B 481 36.93 12.41 43.20
C TYR B 481 36.33 12.17 44.57
N GLN B 482 35.02 12.38 44.70
CA GLN B 482 34.30 12.17 45.94
C GLN B 482 33.41 10.93 45.83
N PRO B 483 33.18 10.21 46.93
CA PRO B 483 32.46 8.95 46.82
C PRO B 483 30.97 9.14 46.57
N TYR B 484 30.39 8.19 45.85
CA TYR B 484 28.97 8.18 45.50
C TYR B 484 28.43 6.78 45.73
N ARG B 485 27.25 6.71 46.35
CA ARG B 485 26.56 5.44 46.56
C ARG B 485 25.52 5.27 45.46
N VAL B 486 25.54 4.10 44.81
CA VAL B 486 24.69 3.82 43.67
C VAL B 486 23.86 2.57 43.96
N VAL B 487 22.56 2.67 43.69
CA VAL B 487 21.60 1.57 43.78
C VAL B 487 20.91 1.45 42.43
N VAL B 488 20.90 0.23 41.87
CA VAL B 488 20.25 -0.06 40.60
C VAL B 488 19.08 -0.99 40.86
N LEU B 489 17.88 -0.59 40.44
CA LEU B 489 16.67 -1.37 40.62
C LEU B 489 16.24 -1.96 39.30
N SER B 490 15.97 -3.27 39.30
CA SER B 490 15.58 -3.98 38.09
C SER B 490 14.28 -4.73 38.34
N PHE B 491 13.37 -4.69 37.37
CA PHE B 491 12.07 -5.32 37.52
C PHE B 491 11.51 -5.66 36.14
N GLU B 492 10.38 -6.37 36.14
CA GLU B 492 9.58 -6.63 34.95
C GLU B 492 8.20 -6.03 35.15
N LEU B 493 7.47 -5.85 34.04
CA LEU B 493 6.18 -5.17 34.06
C LEU B 493 5.15 -5.94 33.24
N LEU B 494 3.99 -6.18 33.87
CA LEU B 494 2.73 -6.52 33.19
C LEU B 494 2.76 -7.86 32.45
N ASN B 495 3.58 -8.80 32.91
CA ASN B 495 3.62 -10.11 32.28
C ASN B 495 3.69 -11.28 33.25
N ALA B 496 3.75 -11.03 34.55
CA ALA B 496 4.03 -12.06 35.54
C ALA B 496 3.27 -11.72 36.81
N PRO B 497 3.06 -12.69 37.71
CA PRO B 497 2.53 -12.35 39.03
C PRO B 497 3.46 -11.40 39.77
N ALA B 498 2.85 -10.48 40.52
CA ALA B 498 3.58 -9.37 41.11
C ALA B 498 3.26 -9.26 42.59
N THR B 499 4.23 -8.77 43.36
CA THR B 499 4.05 -8.60 44.79
C THR B 499 4.61 -7.29 45.34
N VAL B 500 5.14 -6.41 44.50
CA VAL B 500 5.57 -5.07 44.90
C VAL B 500 4.75 -4.08 44.10
N CYS B 501 3.76 -3.46 44.73
CA CYS B 501 2.80 -2.58 44.08
C CYS B 501 2.99 -1.14 44.56
N GLY B 502 2.18 -0.24 43.98
CA GLY B 502 2.11 1.13 44.40
C GLY B 502 1.03 1.36 45.44
N PRO B 503 0.89 2.59 45.91
CA PRO B 503 -0.01 2.87 47.04
C PRO B 503 -1.47 3.08 46.65
N LYS B 504 -1.86 2.67 45.45
CA LYS B 504 -3.23 2.88 44.97
C LYS B 504 -4.24 2.07 45.79
N LEU B 505 -5.44 2.63 45.95
CA LEU B 505 -6.51 1.98 46.71
C LEU B 505 -7.41 1.17 45.79
N SER B 506 -8.00 0.11 46.34
CA SER B 506 -8.78 -0.85 45.57
C SER B 506 -10.28 -0.53 45.63
N THR B 507 -11.02 -1.20 44.76
CA THR B 507 -12.45 -1.03 44.63
C THR B 507 -13.07 -2.41 44.43
N ASP B 508 -14.32 -2.57 44.83
CA ASP B 508 -15.00 -3.85 44.68
C ASP B 508 -15.29 -4.15 43.22
N LEU B 509 -15.52 -5.43 42.92
CA LEU B 509 -15.74 -5.87 41.55
C LEU B 509 -17.14 -5.50 41.07
N ILE B 510 -17.23 -5.12 39.80
CA ILE B 510 -18.49 -4.87 39.11
C ILE B 510 -18.51 -5.75 37.86
N LYS B 511 -19.49 -6.65 37.78
CA LYS B 511 -19.54 -7.64 36.72
C LYS B 511 -20.70 -7.37 35.76
N ASN B 512 -20.56 -7.95 34.56
CA ASN B 512 -21.58 -7.91 33.51
C ASN B 512 -21.98 -6.49 33.14
N GLN B 513 -20.98 -5.61 33.02
CA GLN B 513 -21.21 -4.21 32.71
C GLN B 513 -19.92 -3.63 32.17
N CYS B 514 -20.02 -2.71 31.21
CA CYS B 514 -18.84 -2.11 30.59
C CYS B 514 -18.26 -1.07 31.54
N VAL B 515 -17.10 -1.38 32.12
CA VAL B 515 -16.45 -0.56 33.13
C VAL B 515 -15.01 -0.29 32.68
N ASN B 516 -14.32 0.52 33.47
CA ASN B 516 -12.89 0.73 33.34
C ASN B 516 -12.19 -0.04 34.46
N PHE B 517 -11.21 -0.87 34.10
CA PHE B 517 -10.59 -1.73 35.08
C PHE B 517 -9.11 -1.42 35.23
N ASN B 518 -8.53 -1.95 36.31
CA ASN B 518 -7.11 -1.79 36.60
C ASN B 518 -6.69 -3.01 37.43
N PHE B 519 -6.11 -4.00 36.77
CA PHE B 519 -5.68 -5.24 37.42
C PHE B 519 -4.17 -5.26 37.44
N ASN B 520 -3.60 -4.93 38.61
CA ASN B 520 -2.15 -4.92 38.84
C ASN B 520 -1.41 -4.01 37.86
N GLY B 521 -2.05 -2.91 37.46
CA GLY B 521 -1.48 -1.97 36.54
C GLY B 521 -2.00 -2.08 35.12
N LEU B 522 -2.68 -3.17 34.78
CA LEU B 522 -3.20 -3.38 33.43
C LEU B 522 -4.54 -2.68 33.30
N THR B 523 -4.56 -1.54 32.62
CA THR B 523 -5.77 -0.77 32.43
C THR B 523 -6.52 -1.23 31.18
N GLY B 524 -7.71 -0.68 30.99
CA GLY B 524 -8.51 -1.02 29.84
C GLY B 524 -9.97 -0.70 30.09
N THR B 525 -10.80 -1.19 29.17
CA THR B 525 -12.25 -0.99 29.22
C THR B 525 -12.92 -2.23 28.65
N GLY B 526 -13.88 -2.79 29.38
CA GLY B 526 -14.52 -3.99 28.91
C GLY B 526 -15.58 -4.48 29.89
N VAL B 527 -15.99 -5.72 29.70
CA VAL B 527 -17.06 -6.35 30.46
C VAL B 527 -16.48 -7.54 31.20
N LEU B 528 -16.68 -7.61 32.51
CA LEU B 528 -16.12 -8.64 33.36
C LEU B 528 -17.15 -9.72 33.60
N THR B 529 -16.81 -10.96 33.25
CA THR B 529 -17.64 -12.13 33.45
C THR B 529 -16.80 -13.27 34.00
N PRO B 530 -17.40 -14.18 34.77
CA PRO B 530 -16.64 -15.33 35.27
C PRO B 530 -16.25 -16.28 34.15
N SER B 531 -15.16 -17.02 34.39
CA SER B 531 -14.56 -17.89 33.38
C SER B 531 -14.38 -19.28 33.93
N SER B 532 -14.22 -20.23 33.01
CA SER B 532 -14.03 -21.64 33.35
C SER B 532 -12.61 -22.13 33.07
N LYS B 533 -11.67 -21.22 32.82
CA LYS B 533 -10.31 -21.62 32.52
C LYS B 533 -9.58 -22.08 33.79
N ARG B 534 -8.45 -22.74 33.59
CA ARG B 534 -7.57 -23.16 34.68
C ARG B 534 -6.17 -22.62 34.41
N PHE B 535 -5.66 -21.84 35.35
CA PHE B 535 -4.35 -21.21 35.21
C PHE B 535 -3.31 -21.97 36.01
N GLN B 536 -2.10 -22.06 35.48
CA GLN B 536 -0.98 -22.59 36.22
C GLN B 536 -0.59 -21.62 37.35
N PRO B 537 0.09 -22.11 38.39
CA PRO B 537 0.49 -21.21 39.48
C PRO B 537 1.45 -20.10 39.07
N PHE B 538 2.17 -20.25 37.97
CA PHE B 538 3.12 -19.24 37.52
C PHE B 538 2.54 -18.33 36.45
N GLN B 539 1.23 -18.39 36.21
CA GLN B 539 0.58 -17.60 35.16
C GLN B 539 -0.44 -16.64 35.77
N GLN B 540 -0.51 -15.44 35.21
CA GLN B 540 -1.41 -14.40 35.70
C GLN B 540 -2.36 -13.90 34.62
N PHE B 541 -1.90 -13.72 33.39
CA PHE B 541 -2.70 -13.18 32.30
C PHE B 541 -2.91 -14.22 31.22
N GLY B 542 -3.91 -13.99 30.38
CA GLY B 542 -4.18 -14.85 29.25
C GLY B 542 -4.40 -14.02 28.00
N ARG B 543 -3.96 -14.56 26.87
CA ARG B 543 -3.96 -13.84 25.62
C ARG B 543 -4.81 -14.56 24.58
N ASP B 544 -5.38 -13.77 23.66
CA ASP B 544 -6.24 -14.27 22.60
C ASP B 544 -5.40 -14.54 21.35
N VAL B 545 -6.07 -14.84 20.23
CA VAL B 545 -5.35 -15.11 18.99
C VAL B 545 -4.83 -13.82 18.36
N SER B 546 -5.38 -12.68 18.76
CA SER B 546 -4.89 -11.38 18.33
C SER B 546 -4.01 -10.72 19.39
N ASP B 547 -3.52 -11.51 20.35
CA ASP B 547 -2.69 -11.04 21.48
C ASP B 547 -3.38 -9.94 22.27
N PHE B 548 -4.69 -10.07 22.41
CA PHE B 548 -5.50 -9.16 23.22
C PHE B 548 -5.79 -9.85 24.55
N THR B 549 -5.57 -9.13 25.65
CA THR B 549 -5.74 -9.71 26.97
C THR B 549 -7.21 -9.94 27.26
N ASP B 550 -7.60 -11.22 27.36
CA ASP B 550 -8.98 -11.59 27.59
C ASP B 550 -9.20 -12.31 28.92
N SER B 551 -8.15 -12.70 29.62
CA SER B 551 -8.28 -13.43 30.88
C SER B 551 -7.31 -12.86 31.89
N VAL B 552 -7.74 -12.84 33.15
CA VAL B 552 -6.92 -12.31 34.24
C VAL B 552 -7.35 -13.01 35.52
N ARG B 553 -6.37 -13.34 36.35
CA ARG B 553 -6.64 -13.92 37.66
C ARG B 553 -6.73 -12.78 38.68
N ASP B 554 -7.81 -12.78 39.45
CA ASP B 554 -8.05 -11.73 40.43
C ASP B 554 -7.03 -11.84 41.57
N PRO B 555 -6.23 -10.80 41.83
CA PRO B 555 -5.16 -10.94 42.84
C PRO B 555 -5.65 -11.04 44.27
N LYS B 556 -6.90 -10.67 44.57
CA LYS B 556 -7.41 -10.80 45.93
C LYS B 556 -8.10 -12.14 46.14
N THR B 557 -9.17 -12.39 45.39
CA THR B 557 -9.90 -13.66 45.44
C THR B 557 -9.55 -14.43 44.18
N SER B 558 -8.68 -15.44 44.32
CA SER B 558 -7.97 -16.02 43.18
C SER B 558 -8.94 -16.82 42.31
N GLU B 559 -9.64 -16.09 41.44
CA GLU B 559 -10.51 -16.67 40.44
C GLU B 559 -10.15 -16.10 39.08
N ILE B 560 -10.70 -16.70 38.03
CA ILE B 560 -10.41 -16.31 36.66
C ILE B 560 -11.61 -15.56 36.10
N LEU B 561 -11.35 -14.47 35.39
CA LEU B 561 -12.39 -13.65 34.79
C LEU B 561 -12.11 -13.46 33.31
N ASP B 562 -13.18 -13.30 32.53
CA ASP B 562 -13.10 -13.11 31.09
C ASP B 562 -13.47 -11.68 30.75
N ILE B 563 -12.58 -11.00 30.04
CA ILE B 563 -12.80 -9.61 29.64
C ILE B 563 -13.22 -9.59 28.18
N SER B 564 -14.35 -8.93 27.91
CA SER B 564 -14.91 -8.83 26.58
C SER B 564 -15.21 -7.37 26.26
N PRO B 565 -15.15 -6.98 24.99
CA PRO B 565 -15.55 -5.62 24.61
C PRO B 565 -17.05 -5.41 24.82
N CYS B 566 -17.42 -4.16 25.06
CA CYS B 566 -18.82 -3.82 25.25
C CYS B 566 -19.48 -3.28 23.99
N SER B 567 -18.77 -3.28 22.86
CA SER B 567 -19.33 -2.91 21.57
C SER B 567 -19.42 -4.14 20.68
N PHE B 568 -20.60 -4.40 20.12
CA PHE B 568 -20.83 -5.62 19.36
C PHE B 568 -21.97 -5.39 18.38
N GLY B 569 -21.75 -5.76 17.13
CA GLY B 569 -22.76 -5.65 16.10
C GLY B 569 -22.69 -4.34 15.34
N GLY B 570 -23.36 -4.33 14.19
CA GLY B 570 -23.46 -3.15 13.36
C GLY B 570 -24.78 -2.44 13.54
N VAL B 571 -24.81 -1.17 13.13
CA VAL B 571 -26.02 -0.37 13.14
C VAL B 571 -26.15 0.29 11.77
N SER B 572 -27.31 0.16 11.14
CA SER B 572 -27.56 0.79 9.86
C SER B 572 -28.68 1.81 9.99
N VAL B 573 -28.59 2.88 9.22
CA VAL B 573 -29.58 3.95 9.22
C VAL B 573 -30.24 3.99 7.85
N ILE B 574 -31.56 3.79 7.84
CA ILE B 574 -32.38 3.88 6.64
C ILE B 574 -33.04 5.25 6.65
N THR B 575 -32.83 6.02 5.59
CA THR B 575 -33.40 7.36 5.56
C THR B 575 -33.85 7.69 4.15
N PRO B 576 -34.90 8.50 4.02
CA PRO B 576 -35.09 9.26 2.78
C PRO B 576 -34.12 10.43 2.74
N GLY B 577 -34.31 11.30 1.75
CA GLY B 577 -33.48 12.48 1.67
C GLY B 577 -33.67 13.39 2.86
N THR B 578 -32.60 14.10 3.22
CA THR B 578 -32.67 15.05 4.32
C THR B 578 -33.61 16.21 3.99
N ASN B 579 -33.71 16.56 2.71
CA ASN B 579 -34.68 17.58 2.31
C ASN B 579 -36.11 17.06 2.41
N ALA B 580 -36.31 15.75 2.24
CA ALA B 580 -37.65 15.18 2.32
C ALA B 580 -38.17 15.21 3.75
N SER B 581 -37.37 14.74 4.70
CA SER B 581 -37.77 14.71 6.10
C SER B 581 -36.52 14.59 6.96
N SER B 582 -36.73 14.56 8.27
CA SER B 582 -35.66 14.35 9.24
C SER B 582 -35.91 13.09 10.07
N GLU B 583 -36.74 12.18 9.56
CA GLU B 583 -37.09 10.95 10.25
C GLU B 583 -36.27 9.80 9.67
N VAL B 584 -35.79 8.90 10.54
CA VAL B 584 -34.96 7.78 10.14
C VAL B 584 -35.50 6.51 10.77
N ALA B 585 -35.06 5.38 10.22
CA ALA B 585 -35.25 4.07 10.83
C ALA B 585 -33.88 3.44 11.06
N VAL B 586 -33.80 2.55 12.04
CA VAL B 586 -32.52 1.98 12.46
C VAL B 586 -32.63 0.47 12.42
N LEU B 587 -31.66 -0.17 11.75
CA LEU B 587 -31.61 -1.62 11.63
C LEU B 587 -30.45 -2.17 12.45
N TYR B 588 -30.71 -3.18 13.26
CA TYR B 588 -29.68 -3.89 14.01
C TYR B 588 -29.54 -5.29 13.44
N GLN B 589 -28.34 -5.64 12.99
CA GLN B 589 -28.17 -6.92 12.29
C GLN B 589 -28.15 -8.10 13.25
N ASP B 590 -27.19 -8.13 14.17
CA ASP B 590 -26.86 -9.37 14.85
C ASP B 590 -27.47 -9.48 16.24
N VAL B 591 -28.67 -8.94 16.45
CA VAL B 591 -29.38 -9.09 17.70
C VAL B 591 -30.85 -9.39 17.46
N ASN B 592 -31.46 -10.11 18.39
CA ASN B 592 -32.90 -10.03 18.57
C ASN B 592 -33.22 -8.69 19.24
N CYS B 593 -34.42 -8.20 19.01
CA CYS B 593 -34.95 -7.14 19.84
C CYS B 593 -36.02 -7.62 20.80
N THR B 594 -35.89 -8.85 21.27
CA THR B 594 -36.10 -9.12 22.68
C THR B 594 -34.88 -8.66 23.49
N ASP B 595 -33.70 -8.69 22.87
CA ASP B 595 -32.42 -8.53 23.56
C ASP B 595 -31.55 -7.41 22.99
N VAL B 596 -32.12 -6.23 22.72
CA VAL B 596 -31.25 -5.10 22.39
C VAL B 596 -30.78 -4.35 23.63
N SER B 597 -31.53 -4.43 24.73
CA SER B 597 -31.21 -3.65 25.92
C SER B 597 -29.86 -4.05 26.50
N THR B 598 -29.57 -5.35 26.55
CA THR B 598 -28.27 -5.80 27.02
C THR B 598 -27.17 -5.52 26.00
N ALA B 599 -27.50 -5.57 24.70
CA ALA B 599 -26.47 -5.54 23.67
C ALA B 599 -25.91 -4.14 23.44
N ILE B 600 -26.75 -3.10 23.56
CA ILE B 600 -26.33 -1.76 23.20
C ILE B 600 -26.08 -0.90 24.45
N HIS B 601 -26.42 -1.41 25.63
CA HIS B 601 -26.41 -0.66 26.90
C HIS B 601 -27.28 0.59 26.78
N ALA B 602 -28.58 0.34 26.58
CA ALA B 602 -29.52 1.41 26.25
C ALA B 602 -29.73 2.38 27.41
N ASP B 603 -29.44 1.95 28.65
CA ASP B 603 -29.68 2.80 29.82
C ASP B 603 -28.81 4.04 29.84
N GLN B 604 -27.59 3.97 29.30
CA GLN B 604 -26.68 5.09 29.38
C GLN B 604 -26.94 6.17 28.33
N LEU B 605 -27.84 5.90 27.39
CA LEU B 605 -28.03 6.79 26.25
C LEU B 605 -29.00 7.93 26.57
N THR B 606 -29.02 8.92 25.68
CA THR B 606 -29.94 10.04 25.77
C THR B 606 -31.38 9.55 25.56
N PRO B 607 -32.38 10.27 26.10
CA PRO B 607 -33.78 9.85 25.90
C PRO B 607 -34.19 9.66 24.45
N ALA B 608 -33.72 10.52 23.53
CA ALA B 608 -34.03 10.36 22.13
C ALA B 608 -33.43 9.09 21.53
N TRP B 609 -32.49 8.46 22.21
CA TRP B 609 -32.00 7.15 21.80
C TRP B 609 -32.81 6.00 22.38
N ARG B 610 -33.47 6.21 23.54
CA ARG B 610 -34.26 5.10 24.08
C ARG B 610 -35.62 4.94 23.40
N ILE B 611 -36.05 5.92 22.61
CA ILE B 611 -37.26 5.71 21.80
C ILE B 611 -36.97 4.87 20.57
N TYR B 612 -35.70 4.70 20.22
CA TYR B 612 -35.30 3.91 19.05
C TYR B 612 -34.75 2.55 19.44
N SER B 613 -35.02 2.08 20.65
CA SER B 613 -34.59 0.76 21.09
C SER B 613 -35.76 -0.14 21.47
N THR B 614 -36.82 0.43 22.03
CA THR B 614 -38.05 -0.28 22.34
C THR B 614 -39.23 0.56 21.87
N GLY B 615 -40.33 -0.11 21.58
CA GLY B 615 -41.51 0.59 21.12
C GLY B 615 -42.49 -0.35 20.46
N ASN B 616 -43.33 0.24 19.62
CA ASN B 616 -44.40 -0.50 18.96
C ASN B 616 -44.04 -0.82 17.51
N ASN B 617 -43.33 0.08 16.83
CA ASN B 617 -42.93 -0.11 15.45
C ASN B 617 -41.69 -1.00 15.29
N VAL B 618 -41.33 -1.77 16.31
CA VAL B 618 -40.25 -2.74 16.14
C VAL B 618 -40.74 -3.88 15.26
N PHE B 619 -39.82 -4.44 14.47
CA PHE B 619 -40.20 -5.51 13.55
C PHE B 619 -39.01 -6.41 13.30
N GLN B 620 -39.18 -7.70 13.54
CA GLN B 620 -38.09 -8.68 13.46
C GLN B 620 -38.03 -9.22 12.04
N THR B 621 -37.01 -8.80 11.29
CA THR B 621 -36.71 -9.32 9.97
C THR B 621 -35.68 -10.44 10.07
N GLN B 622 -35.27 -10.97 8.92
CA GLN B 622 -34.19 -11.94 8.90
C GLN B 622 -32.82 -11.29 8.85
N ALA B 623 -32.75 -10.01 8.49
CA ALA B 623 -31.47 -9.31 8.41
C ALA B 623 -31.09 -8.67 9.74
N GLY B 624 -31.98 -8.71 10.71
CA GLY B 624 -31.82 -7.97 11.95
C GLY B 624 -33.19 -7.77 12.54
N CYS B 625 -33.36 -6.66 13.25
CA CYS B 625 -34.69 -6.10 13.39
C CYS B 625 -34.65 -4.59 13.22
N LEU B 626 -35.78 -4.05 12.79
CA LEU B 626 -35.90 -2.69 12.32
C LEU B 626 -36.77 -1.92 13.29
N ILE B 627 -36.33 -0.71 13.65
CA ILE B 627 -37.04 0.15 14.58
C ILE B 627 -37.27 1.50 13.90
N GLY B 628 -38.53 1.93 13.86
CA GLY B 628 -38.89 3.22 13.29
C GLY B 628 -39.65 3.17 11.99
N ALA B 629 -40.09 1.99 11.55
CA ALA B 629 -40.84 1.86 10.30
C ALA B 629 -42.04 0.97 10.53
N GLU B 630 -43.08 1.20 9.72
CA GLU B 630 -44.34 0.47 9.85
C GLU B 630 -44.39 -0.68 8.86
N HIS B 631 -44.76 -1.86 9.35
CA HIS B 631 -44.81 -3.08 8.55
C HIS B 631 -46.19 -3.22 7.92
N VAL B 632 -46.20 -3.54 6.62
CA VAL B 632 -47.44 -3.74 5.88
C VAL B 632 -47.40 -5.11 5.22
N ASP B 633 -48.58 -5.57 4.78
CA ASP B 633 -48.70 -6.86 4.13
C ASP B 633 -48.90 -6.75 2.62
N THR B 634 -48.72 -5.56 2.06
CA THR B 634 -48.80 -5.36 0.62
C THR B 634 -47.39 -5.33 0.04
N SER B 635 -47.18 -6.06 -1.05
CA SER B 635 -45.87 -6.19 -1.66
C SER B 635 -45.72 -5.23 -2.82
N TYR B 636 -44.62 -4.47 -2.82
CA TYR B 636 -44.31 -3.52 -3.87
C TYR B 636 -42.93 -3.84 -4.44
N GLU B 637 -42.68 -3.38 -5.65
CA GLU B 637 -41.30 -3.38 -6.14
C GLU B 637 -40.56 -2.22 -5.48
N CYS B 638 -39.36 -2.50 -4.98
CA CYS B 638 -38.78 -1.65 -3.94
C CYS B 638 -37.65 -0.78 -4.46
N ASP B 639 -37.35 0.25 -3.68
CA ASP B 639 -36.31 1.24 -3.98
C ASP B 639 -35.16 1.23 -3.00
N ILE B 640 -35.43 1.10 -1.70
CA ILE B 640 -34.38 0.99 -0.69
C ILE B 640 -34.33 -0.47 -0.24
N PRO B 641 -33.27 -1.21 -0.57
CA PRO B 641 -33.16 -2.61 -0.14
C PRO B 641 -32.62 -2.69 1.29
N ILE B 642 -33.42 -3.23 2.19
CA ILE B 642 -32.92 -3.53 3.53
C ILE B 642 -32.13 -4.82 3.53
N GLY B 643 -32.71 -5.89 2.98
CA GLY B 643 -32.02 -7.15 2.94
C GLY B 643 -32.88 -8.33 3.34
N ALA B 644 -32.43 -9.53 2.97
CA ALA B 644 -33.12 -10.80 3.23
C ALA B 644 -34.55 -10.80 2.71
N GLY B 645 -34.80 -10.08 1.63
CA GLY B 645 -36.12 -9.98 1.06
C GLY B 645 -36.94 -8.79 1.50
N ILE B 646 -36.48 -8.04 2.50
CA ILE B 646 -37.21 -6.90 3.02
C ILE B 646 -36.71 -5.64 2.33
N CYS B 647 -37.64 -4.79 1.93
CA CYS B 647 -37.34 -3.48 1.35
C CYS B 647 -38.14 -2.42 2.11
N ALA B 648 -37.75 -1.15 1.91
CA ALA B 648 -38.39 -0.05 2.61
C ALA B 648 -38.57 1.12 1.66
N SER B 649 -39.52 1.99 1.98
CA SER B 649 -39.81 3.15 1.16
C SER B 649 -40.53 4.21 2.00
N TYR B 650 -40.83 5.33 1.36
CA TYR B 650 -41.43 6.49 2.01
C TYR B 650 -42.81 6.72 1.40
N HIS B 651 -43.82 6.05 1.95
CA HIS B 651 -45.17 6.12 1.45
C HIS B 651 -46.07 6.89 2.43
N THR B 652 -47.36 6.94 2.12
CA THR B 652 -48.33 7.61 2.98
C THR B 652 -49.31 6.60 3.59
N GLN B 661 -49.85 12.33 5.93
CA GLN B 661 -49.06 11.65 6.96
C GLN B 661 -48.04 10.71 6.33
N LYS B 662 -46.91 11.27 5.93
CA LYS B 662 -45.82 10.47 5.38
C LYS B 662 -45.19 9.62 6.48
N SER B 663 -44.74 8.42 6.10
CA SER B 663 -44.07 7.54 7.03
C SER B 663 -43.19 6.57 6.24
N ILE B 664 -42.25 5.95 6.94
CA ILE B 664 -41.37 4.96 6.34
C ILE B 664 -42.00 3.59 6.54
N VAL B 665 -42.21 2.88 5.44
CA VAL B 665 -42.85 1.57 5.47
C VAL B 665 -41.84 0.52 5.02
N ALA B 666 -42.04 -0.71 5.52
CA ALA B 666 -41.18 -1.84 5.20
C ALA B 666 -42.04 -3.02 4.79
N TYR B 667 -41.67 -3.67 3.69
CA TYR B 667 -42.49 -4.71 3.10
C TYR B 667 -41.58 -5.79 2.51
N THR B 668 -42.20 -6.84 1.99
CA THR B 668 -41.52 -7.86 1.22
C THR B 668 -41.60 -7.51 -0.25
N MET B 669 -40.46 -7.55 -0.93
CA MET B 669 -40.41 -7.09 -2.31
C MET B 669 -41.12 -8.06 -3.24
N SER B 670 -41.54 -7.56 -4.39
CA SER B 670 -42.34 -8.31 -5.34
C SER B 670 -41.43 -8.87 -6.43
N LEU B 671 -41.57 -10.17 -6.70
CA LEU B 671 -40.75 -10.81 -7.72
C LEU B 671 -41.21 -10.46 -9.12
N GLY B 672 -42.52 -10.32 -9.32
CA GLY B 672 -43.04 -10.00 -10.63
C GLY B 672 -44.53 -10.28 -10.68
N ALA B 673 -45.07 -10.15 -11.89
CA ALA B 673 -46.50 -10.38 -12.10
C ALA B 673 -46.80 -11.88 -12.09
N ASP B 674 -48.07 -12.20 -11.85
CA ASP B 674 -48.54 -13.56 -11.84
C ASP B 674 -49.14 -13.92 -13.19
N SER B 675 -48.93 -15.16 -13.62
CA SER B 675 -49.43 -15.60 -14.91
C SER B 675 -49.73 -17.09 -14.86
N SER B 676 -50.50 -17.55 -15.85
CA SER B 676 -50.80 -18.97 -16.01
C SER B 676 -51.01 -19.24 -17.49
N ILE B 677 -50.30 -20.22 -18.02
CA ILE B 677 -50.41 -20.62 -19.42
C ILE B 677 -51.01 -22.02 -19.45
N ALA B 678 -52.11 -22.16 -20.18
CA ALA B 678 -52.84 -23.42 -20.25
C ALA B 678 -52.13 -24.35 -21.22
N TYR B 679 -51.42 -25.35 -20.69
CA TYR B 679 -50.79 -26.36 -21.52
C TYR B 679 -51.84 -27.27 -22.14
N SER B 680 -51.69 -27.53 -23.44
CA SER B 680 -52.52 -28.50 -24.14
C SER B 680 -51.65 -29.23 -25.15
N ASN B 681 -52.06 -30.46 -25.47
CA ASN B 681 -51.32 -31.28 -26.41
C ASN B 681 -51.75 -31.09 -27.86
N ASN B 682 -52.82 -30.33 -28.13
CA ASN B 682 -53.23 -30.14 -29.50
C ASN B 682 -53.72 -28.72 -29.81
N THR B 683 -53.26 -27.71 -29.09
CA THR B 683 -53.59 -26.33 -29.42
C THR B 683 -52.30 -25.51 -29.52
N ILE B 684 -52.28 -24.57 -30.46
CA ILE B 684 -51.13 -23.70 -30.66
C ILE B 684 -51.60 -22.26 -30.73
N ALA B 685 -50.72 -21.34 -30.31
CA ALA B 685 -51.00 -19.92 -30.34
C ALA B 685 -50.11 -19.26 -31.38
N ILE B 686 -50.72 -18.48 -32.27
CA ILE B 686 -49.98 -17.88 -33.37
C ILE B 686 -50.24 -16.39 -33.38
N PRO B 687 -49.21 -15.55 -33.49
CA PRO B 687 -49.43 -14.10 -33.59
C PRO B 687 -50.04 -13.73 -34.92
N THR B 688 -50.89 -12.70 -34.90
CA THR B 688 -51.54 -12.23 -36.11
C THR B 688 -51.17 -10.82 -36.51
N ASN B 689 -50.43 -10.07 -35.68
CA ASN B 689 -50.14 -8.69 -36.01
C ASN B 689 -48.80 -8.37 -35.39
N PHE B 690 -48.24 -7.20 -35.66
CA PHE B 690 -46.92 -6.92 -35.14
C PHE B 690 -46.74 -5.43 -34.88
N SER B 691 -45.61 -5.10 -34.28
CA SER B 691 -45.22 -3.73 -34.03
C SER B 691 -43.72 -3.60 -34.21
N ILE B 692 -43.29 -2.37 -34.48
CA ILE B 692 -41.87 -2.02 -34.62
C ILE B 692 -41.48 -1.20 -33.41
N SER B 693 -40.49 -1.67 -32.66
CA SER B 693 -40.07 -0.98 -31.45
C SER B 693 -38.61 -0.57 -31.56
N ILE B 694 -38.28 0.58 -31.00
CA ILE B 694 -36.89 1.04 -30.95
C ILE B 694 -36.49 1.22 -29.50
N THR B 695 -35.39 0.60 -29.12
CA THR B 695 -34.93 0.55 -27.74
C THR B 695 -33.54 1.18 -27.67
N THR B 696 -33.28 1.93 -26.61
CA THR B 696 -32.00 2.59 -26.44
C THR B 696 -31.11 1.78 -25.50
N GLU B 697 -29.80 1.89 -25.70
CA GLU B 697 -28.83 1.25 -24.81
C GLU B 697 -27.59 2.13 -24.74
N VAL B 698 -27.17 2.51 -23.53
CA VAL B 698 -26.06 3.44 -23.33
C VAL B 698 -24.89 2.69 -22.70
N MET B 699 -23.70 2.86 -23.29
CA MET B 699 -22.51 2.12 -22.86
C MET B 699 -21.31 3.06 -22.72
N PRO B 700 -20.58 3.02 -21.60
CA PRO B 700 -19.38 3.83 -21.45
C PRO B 700 -18.21 3.26 -22.25
N VAL B 701 -17.35 4.16 -22.73
CA VAL B 701 -16.26 3.80 -23.61
C VAL B 701 -14.90 4.21 -23.03
N SER B 702 -14.79 5.45 -22.56
CA SER B 702 -13.52 5.97 -22.07
C SER B 702 -13.75 6.76 -20.79
N MET B 703 -12.67 7.06 -20.10
CA MET B 703 -12.68 7.97 -18.96
C MET B 703 -11.58 9.01 -19.15
N ALA B 704 -11.46 9.92 -18.18
CA ALA B 704 -10.55 11.04 -18.30
C ALA B 704 -9.10 10.62 -18.09
N LYS B 705 -8.23 11.05 -19.00
CA LYS B 705 -6.79 10.80 -18.88
C LYS B 705 -6.17 11.80 -17.92
N THR B 706 -5.36 11.33 -16.99
CA THR B 706 -4.84 12.16 -15.93
C THR B 706 -3.35 11.95 -15.77
N SER B 707 -2.70 12.92 -15.11
CA SER B 707 -1.28 12.88 -14.87
C SER B 707 -0.99 13.56 -13.53
N VAL B 708 0.06 13.10 -12.85
CA VAL B 708 0.48 13.67 -11.59
C VAL B 708 1.97 13.98 -11.64
N ASP B 709 2.38 14.91 -10.79
CA ASP B 709 3.78 15.27 -10.58
C ASP B 709 4.11 15.04 -9.11
N CYS B 710 5.00 14.09 -8.83
CA CYS B 710 5.34 13.77 -7.44
C CYS B 710 5.98 14.94 -6.72
N ASN B 711 6.82 15.70 -7.43
CA ASN B 711 7.60 16.72 -6.74
C ASN B 711 6.72 17.87 -6.26
N MET B 712 5.71 18.26 -7.05
CA MET B 712 4.78 19.27 -6.59
C MET B 712 3.80 18.73 -5.56
N TYR B 713 3.41 17.46 -5.67
CA TYR B 713 2.43 16.94 -4.73
C TYR B 713 3.04 16.69 -3.36
N ILE B 714 4.23 16.10 -3.31
CA ILE B 714 4.82 15.72 -2.04
C ILE B 714 5.54 16.89 -1.39
N CYS B 715 6.39 17.58 -2.15
CA CYS B 715 7.26 18.59 -1.58
C CYS B 715 6.82 20.01 -1.87
N GLY B 716 6.18 20.26 -3.01
CA GLY B 716 5.81 21.61 -3.37
C GLY B 716 6.99 22.40 -3.90
N ASP B 717 7.40 23.43 -3.18
CA ASP B 717 8.47 24.31 -3.63
C ASP B 717 9.73 24.18 -2.79
N SER B 718 9.74 23.33 -1.77
CA SER B 718 10.91 23.17 -0.92
C SER B 718 12.02 22.43 -1.65
N THR B 719 13.25 22.95 -1.53
CA THR B 719 14.39 22.25 -2.09
C THR B 719 14.95 21.20 -1.14
N GLU B 720 14.70 21.35 0.16
CA GLU B 720 15.16 20.35 1.12
C GLU B 720 14.38 19.05 0.97
N CYS B 721 13.05 19.14 0.84
CA CYS B 721 12.25 17.96 0.56
C CYS B 721 12.59 17.37 -0.80
N ALA B 722 12.87 18.24 -1.77
CA ALA B 722 13.23 17.77 -3.11
C ALA B 722 14.54 17.00 -3.11
N ASN B 723 15.48 17.42 -2.27
CA ASN B 723 16.73 16.67 -2.13
C ASN B 723 16.53 15.40 -1.32
N LEU B 724 15.61 15.41 -0.36
CA LEU B 724 15.29 14.19 0.36
C LEU B 724 14.48 13.20 -0.48
N LEU B 725 13.94 13.64 -1.61
CA LEU B 725 13.16 12.77 -2.50
C LEU B 725 14.01 12.06 -3.55
N LEU B 726 15.33 12.29 -3.58
CA LEU B 726 16.16 11.51 -4.50
C LEU B 726 16.33 10.07 -4.06
N GLN B 727 16.03 9.73 -2.80
CA GLN B 727 16.05 8.33 -2.41
C GLN B 727 14.90 7.57 -3.05
N TYR B 728 13.71 8.13 -3.00
CA TYR B 728 12.52 7.48 -3.58
C TYR B 728 12.35 7.88 -5.04
N GLY B 729 13.41 7.72 -5.83
CA GLY B 729 13.35 8.11 -7.23
C GLY B 729 12.68 7.11 -8.12
N SER B 730 12.74 5.83 -7.77
CA SER B 730 12.14 4.77 -8.57
C SER B 730 10.65 4.58 -8.27
N PHE B 731 10.12 5.25 -7.25
CA PHE B 731 8.72 5.08 -6.88
C PHE B 731 7.79 6.08 -7.56
N CYS B 732 8.31 6.96 -8.41
CA CYS B 732 7.47 7.83 -9.22
C CYS B 732 7.54 7.56 -10.71
N THR B 733 8.66 7.06 -11.23
CA THR B 733 8.68 6.63 -12.62
C THR B 733 7.71 5.47 -12.85
N GLN B 734 7.49 4.65 -11.82
CA GLN B 734 6.56 3.55 -11.92
C GLN B 734 5.11 4.05 -11.97
N LEU B 735 4.78 5.04 -11.14
CA LEU B 735 3.44 5.64 -11.19
C LEU B 735 3.20 6.36 -12.51
N ASN B 736 4.21 7.06 -13.03
CA ASN B 736 4.07 7.72 -14.32
C ASN B 736 3.85 6.72 -15.44
N ARG B 737 4.56 5.59 -15.39
CA ARG B 737 4.39 4.55 -16.39
C ARG B 737 2.97 3.97 -16.33
N ALA B 738 2.44 3.76 -15.13
CA ALA B 738 1.08 3.22 -14.98
C ALA B 738 0.04 4.19 -15.53
N LEU B 739 0.14 5.47 -15.16
CA LEU B 739 -0.85 6.45 -15.60
C LEU B 739 -0.77 6.70 -17.10
N SER B 740 0.44 6.65 -17.67
CA SER B 740 0.56 6.82 -19.12
C SER B 740 0.03 5.61 -19.88
N GLY B 741 0.16 4.42 -19.31
CA GLY B 741 -0.48 3.26 -19.91
C GLY B 741 -2.00 3.39 -19.95
N ILE B 742 -2.59 3.87 -18.85
CA ILE B 742 -4.03 4.12 -18.82
C ILE B 742 -4.44 5.16 -19.87
N ALA B 743 -3.66 6.24 -19.97
CA ALA B 743 -3.98 7.33 -20.88
C ALA B 743 -3.93 6.87 -22.34
N ALA B 744 -2.97 6.01 -22.69
CA ALA B 744 -2.96 5.49 -24.06
C ALA B 744 -4.08 4.47 -24.30
N GLU B 745 -4.45 3.71 -23.26
CA GLU B 745 -5.52 2.74 -23.39
C GLU B 745 -6.86 3.40 -23.69
N GLN B 746 -7.09 4.61 -23.17
CA GLN B 746 -8.36 5.28 -23.44
C GLN B 746 -8.52 5.63 -24.92
N ASP B 747 -7.46 6.13 -25.54
CA ASP B 747 -7.50 6.45 -26.97
C ASP B 747 -7.62 5.18 -27.81
N ARG B 748 -6.98 4.10 -27.36
CA ARG B 748 -7.17 2.81 -28.03
C ARG B 748 -8.63 2.36 -27.98
N ASN B 749 -9.28 2.57 -26.82
CA ASN B 749 -10.69 2.20 -26.66
C ASN B 749 -11.58 2.96 -27.64
N THR B 750 -11.42 4.28 -27.69
CA THR B 750 -12.25 5.09 -28.59
C THR B 750 -12.01 4.73 -30.04
N ARG B 751 -10.74 4.55 -30.43
CA ARG B 751 -10.41 4.21 -31.81
C ARG B 751 -10.98 2.86 -32.22
N GLU B 752 -10.94 1.87 -31.33
CA GLU B 752 -11.45 0.57 -31.74
C GLU B 752 -12.96 0.46 -31.64
N VAL B 753 -13.63 1.39 -30.95
CA VAL B 753 -15.09 1.39 -31.02
C VAL B 753 -15.58 2.11 -32.27
N PHE B 754 -15.05 3.31 -32.56
CA PHE B 754 -15.69 4.18 -33.55
C PHE B 754 -15.09 4.09 -34.95
N ALA B 755 -13.81 3.78 -35.10
CA ALA B 755 -13.17 3.80 -36.42
C ALA B 755 -13.27 2.45 -37.12
N GLN B 756 -14.51 1.97 -37.24
CA GLN B 756 -14.75 0.64 -37.80
C GLN B 756 -14.77 0.64 -39.32
N VAL B 757 -14.86 1.81 -39.96
CA VAL B 757 -14.98 1.88 -41.41
C VAL B 757 -13.80 2.62 -41.99
N LYS B 758 -13.51 2.33 -43.27
CA LYS B 758 -12.37 2.92 -43.96
C LYS B 758 -12.75 4.09 -44.86
N GLN B 759 -14.03 4.26 -45.17
CA GLN B 759 -14.47 5.34 -46.04
C GLN B 759 -15.52 6.18 -45.34
N MET B 760 -15.44 7.50 -45.54
CA MET B 760 -16.35 8.44 -44.89
C MET B 760 -17.42 8.83 -45.89
N TYR B 761 -18.52 8.09 -45.88
CA TYR B 761 -19.63 8.34 -46.80
C TYR B 761 -20.29 9.66 -46.48
N LYS B 762 -20.56 10.46 -47.51
CA LYS B 762 -21.17 11.76 -47.30
C LYS B 762 -22.65 11.61 -46.99
N THR B 763 -23.13 12.52 -46.14
CA THR B 763 -24.53 12.50 -45.75
C THR B 763 -25.42 12.81 -46.95
N PRO B 764 -26.40 11.98 -47.26
CA PRO B 764 -27.23 12.22 -48.44
C PRO B 764 -28.11 13.45 -48.27
N THR B 765 -28.45 14.06 -49.41
CA THR B 765 -29.21 15.30 -49.38
C THR B 765 -30.67 15.06 -49.02
N LEU B 766 -31.23 13.93 -49.45
CA LEU B 766 -32.61 13.58 -49.13
C LEU B 766 -32.63 12.62 -47.95
N LYS B 767 -33.45 12.92 -46.96
CA LYS B 767 -33.54 12.12 -45.74
C LYS B 767 -34.84 11.34 -45.66
N TYR B 768 -35.36 10.90 -46.80
CA TYR B 768 -36.65 10.20 -46.86
C TYR B 768 -36.49 9.01 -47.81
N PHE B 769 -36.37 7.82 -47.25
CA PHE B 769 -36.06 6.61 -48.01
C PHE B 769 -37.25 5.66 -47.94
N GLY B 770 -38.17 5.81 -48.89
CA GLY B 770 -39.31 4.92 -48.95
C GLY B 770 -40.32 5.07 -47.84
N GLY B 771 -40.40 6.25 -47.24
CA GLY B 771 -41.32 6.50 -46.15
C GLY B 771 -40.68 6.54 -44.78
N PHE B 772 -39.39 6.24 -44.68
CA PHE B 772 -38.69 6.21 -43.40
C PHE B 772 -37.97 7.54 -43.21
N ASN B 773 -38.13 8.14 -42.03
CA ASN B 773 -37.66 9.49 -41.76
C ASN B 773 -36.35 9.40 -41.00
N PHE B 774 -35.24 9.70 -41.69
CA PHE B 774 -33.91 9.62 -41.11
C PHE B 774 -33.36 10.96 -40.70
N SER B 775 -34.21 11.99 -40.62
CA SER B 775 -33.70 13.35 -40.43
C SER B 775 -33.23 13.59 -39.00
N GLN B 776 -33.85 12.93 -38.02
CA GLN B 776 -33.48 13.17 -36.63
C GLN B 776 -32.15 12.53 -36.25
N ILE B 777 -31.67 11.56 -37.02
CA ILE B 777 -30.43 10.85 -36.71
C ILE B 777 -29.31 11.20 -37.68
N LEU B 778 -29.48 12.26 -38.47
CA LEU B 778 -28.48 12.68 -39.43
C LEU B 778 -28.26 14.18 -39.31
N PRO B 779 -27.06 14.67 -39.61
CA PRO B 779 -26.81 16.11 -39.57
C PRO B 779 -27.43 16.80 -40.78
N ASP B 780 -27.96 18.00 -40.56
CA ASP B 780 -28.40 18.82 -41.67
C ASP B 780 -27.41 19.95 -41.92
N PRO B 781 -27.30 20.46 -43.14
CA PRO B 781 -26.38 21.58 -43.37
C PRO B 781 -26.98 22.93 -43.07
N LEU B 782 -28.09 22.97 -42.33
CA LEU B 782 -28.79 24.19 -42.00
C LEU B 782 -28.81 24.43 -40.49
N LYS B 783 -27.79 23.95 -39.78
CA LYS B 783 -27.64 24.19 -38.36
C LYS B 783 -26.16 24.39 -38.09
N PRO B 784 -25.79 25.14 -37.03
CA PRO B 784 -24.36 25.48 -36.84
C PRO B 784 -23.52 24.33 -36.33
N THR B 785 -24.11 23.37 -35.63
CA THR B 785 -23.36 22.22 -35.17
C THR B 785 -23.32 21.14 -36.23
N LYS B 786 -22.36 20.22 -36.09
CA LYS B 786 -22.16 19.16 -37.06
C LYS B 786 -22.71 17.81 -36.58
N ARG B 787 -23.51 17.81 -35.53
CA ARG B 787 -24.07 16.59 -34.98
C ARG B 787 -25.59 16.59 -35.16
N SER B 788 -26.21 15.48 -34.76
CA SER B 788 -27.63 15.28 -34.97
C SER B 788 -28.44 16.03 -33.92
N PHE B 789 -29.78 15.89 -34.01
CA PHE B 789 -30.65 16.42 -32.97
C PHE B 789 -30.57 15.58 -31.70
N ILE B 790 -30.63 14.25 -31.86
CA ILE B 790 -30.58 13.35 -30.72
C ILE B 790 -29.21 13.41 -30.04
N GLU B 791 -28.15 13.60 -30.83
CA GLU B 791 -26.82 13.78 -30.25
C GLU B 791 -26.74 15.07 -29.44
N ASP B 792 -27.41 16.14 -29.91
CA ASP B 792 -27.47 17.38 -29.14
C ASP B 792 -28.19 17.18 -27.81
N LEU B 793 -29.30 16.43 -27.82
CA LEU B 793 -29.99 16.14 -26.57
C LEU B 793 -29.11 15.33 -25.63
N LEU B 794 -28.41 14.32 -26.15
CA LEU B 794 -27.55 13.49 -25.32
C LEU B 794 -26.41 14.30 -24.72
N PHE B 795 -25.83 15.23 -25.49
CA PHE B 795 -24.77 16.06 -24.95
C PHE B 795 -25.30 17.07 -23.94
N ASN B 796 -26.58 17.46 -24.06
CA ASN B 796 -27.16 18.30 -23.02
C ASN B 796 -27.47 17.54 -21.74
N LYS B 797 -27.69 16.22 -21.82
CA LYS B 797 -28.14 15.50 -20.64
C LYS B 797 -27.03 15.18 -19.63
N VAL B 798 -25.76 15.33 -19.98
CA VAL B 798 -24.65 14.99 -19.09
C VAL B 798 -23.83 16.24 -18.84
N THR B 799 -23.77 16.65 -17.57
CA THR B 799 -23.07 17.87 -17.17
C THR B 799 -21.60 17.55 -16.98
N LEU B 800 -20.76 18.02 -17.90
CA LEU B 800 -19.34 17.76 -17.83
C LEU B 800 -18.68 18.55 -16.71
N ALA B 801 -17.50 18.10 -16.32
CA ALA B 801 -16.75 18.73 -15.23
C ALA B 801 -15.25 18.58 -15.45
N GLY B 804 -13.78 23.00 -21.50
CA GLY B 804 -12.49 23.05 -22.16
C GLY B 804 -11.40 22.32 -21.41
N PHE B 805 -10.15 22.54 -21.79
CA PHE B 805 -9.02 21.90 -21.12
C PHE B 805 -7.86 22.86 -20.88
N MET B 806 -8.11 24.16 -20.82
CA MET B 806 -7.07 25.15 -20.61
C MET B 806 -7.48 26.11 -19.52
N LYS B 807 -6.60 26.34 -18.56
CA LYS B 807 -6.80 27.35 -17.53
C LYS B 807 -5.49 28.11 -17.35
N GLN B 808 -5.50 29.38 -17.68
CA GLN B 808 -4.28 30.18 -17.65
C GLN B 808 -3.88 30.50 -16.22
N TYR B 809 -2.63 30.92 -16.06
CA TYR B 809 -2.11 31.24 -14.73
C TYR B 809 -2.80 32.44 -14.13
N GLY B 810 -3.07 33.47 -14.94
CA GLY B 810 -3.78 34.63 -14.44
C GLY B 810 -5.24 34.39 -14.15
N GLU B 811 -5.83 33.34 -14.73
CA GLU B 811 -7.23 33.03 -14.46
C GLU B 811 -7.40 32.37 -13.09
N CYS B 812 -6.46 31.49 -12.70
CA CYS B 812 -6.46 30.99 -11.32
C CYS B 812 -5.90 32.02 -10.35
N LEU B 813 -5.00 32.88 -10.79
CA LEU B 813 -4.43 33.89 -9.91
C LEU B 813 -5.46 34.97 -9.60
N GLY B 814 -6.16 35.46 -10.62
CA GLY B 814 -7.28 36.34 -10.39
C GLY B 814 -8.52 35.57 -9.97
N ASP B 815 -9.46 36.29 -9.37
CA ASP B 815 -10.69 35.73 -8.80
C ASP B 815 -10.37 34.60 -7.82
N ILE B 816 -9.36 34.83 -6.98
CA ILE B 816 -8.91 33.81 -6.04
C ILE B 816 -9.87 33.62 -4.88
N ASN B 817 -10.87 34.51 -4.73
CA ASN B 817 -11.86 34.36 -3.68
C ASN B 817 -12.77 33.16 -3.93
N ALA B 818 -13.07 32.88 -5.19
CA ALA B 818 -13.84 31.68 -5.52
C ALA B 818 -13.00 30.44 -5.28
N ARG B 819 -13.53 29.51 -4.48
CA ARG B 819 -12.82 28.27 -4.19
C ARG B 819 -13.05 27.30 -5.35
N ASP B 820 -12.27 27.50 -6.41
CA ASP B 820 -12.34 26.64 -7.57
C ASP B 820 -11.62 25.32 -7.29
N LEU B 821 -12.24 24.21 -7.71
CA LEU B 821 -11.63 22.91 -7.50
C LEU B 821 -10.50 22.63 -8.48
N ILE B 822 -10.66 23.10 -9.72
CA ILE B 822 -9.67 22.81 -10.75
C ILE B 822 -8.37 23.55 -10.48
N CYS B 823 -8.47 24.79 -9.95
CA CYS B 823 -7.27 25.53 -9.60
C CYS B 823 -6.51 24.86 -8.46
N ALA B 824 -7.25 24.37 -7.45
CA ALA B 824 -6.62 23.67 -6.35
C ALA B 824 -6.00 22.35 -6.79
N GLN B 825 -6.61 21.68 -7.76
CA GLN B 825 -5.99 20.48 -8.32
C GLN B 825 -4.73 20.82 -9.09
N LYS B 826 -4.75 21.90 -9.86
CA LYS B 826 -3.62 22.24 -10.72
C LYS B 826 -2.45 22.79 -9.93
N PHE B 827 -2.71 23.41 -8.78
CA PHE B 827 -1.62 23.95 -7.98
C PHE B 827 -0.84 22.88 -7.23
N ASN B 828 -1.38 21.67 -7.14
CA ASN B 828 -0.71 20.56 -6.48
C ASN B 828 -0.20 19.51 -7.46
N GLY B 829 -0.12 19.84 -8.74
CA GLY B 829 0.51 18.96 -9.71
C GLY B 829 -0.36 17.91 -10.34
N LEU B 830 -1.68 18.06 -10.31
CA LEU B 830 -2.61 17.09 -10.90
C LEU B 830 -3.24 17.71 -12.13
N THR B 831 -3.11 17.03 -13.28
CA THR B 831 -3.58 17.59 -14.54
C THR B 831 -4.41 16.56 -15.31
N VAL B 832 -5.27 17.07 -16.19
CA VAL B 832 -6.13 16.25 -17.03
C VAL B 832 -5.79 16.55 -18.49
N LEU B 833 -5.52 15.49 -19.27
CA LEU B 833 -5.10 15.57 -20.65
C LEU B 833 -6.29 15.47 -21.60
N PRO B 834 -6.25 16.14 -22.76
CA PRO B 834 -7.38 16.10 -23.69
C PRO B 834 -7.43 14.80 -24.46
N PRO B 835 -8.61 14.35 -24.86
CA PRO B 835 -8.71 13.18 -25.73
C PRO B 835 -8.15 13.45 -27.12
N LEU B 836 -7.68 12.38 -27.76
CA LEU B 836 -7.09 12.53 -29.09
C LEU B 836 -8.15 12.87 -30.14
N LEU B 837 -9.33 12.30 -30.03
CA LEU B 837 -10.40 12.51 -31.01
C LEU B 837 -11.38 13.53 -30.48
N THR B 838 -11.60 14.59 -31.26
CA THR B 838 -12.56 15.63 -30.94
C THR B 838 -13.98 15.07 -31.05
N ASP B 839 -14.93 15.70 -30.35
CA ASP B 839 -16.35 15.36 -30.48
C ASP B 839 -16.83 15.46 -31.92
N ASP B 840 -16.28 16.40 -32.69
CA ASP B 840 -16.65 16.55 -34.10
C ASP B 840 -16.25 15.32 -34.91
N MET B 841 -15.09 14.74 -34.63
CA MET B 841 -14.66 13.56 -35.38
C MET B 841 -15.49 12.34 -35.02
N ILE B 842 -15.90 12.22 -33.75
CA ILE B 842 -16.76 11.11 -33.37
C ILE B 842 -18.14 11.26 -33.99
N ALA B 843 -18.65 12.50 -34.06
CA ALA B 843 -19.92 12.74 -34.74
C ALA B 843 -19.81 12.45 -36.23
N ALA B 844 -18.67 12.77 -36.84
CA ALA B 844 -18.45 12.45 -38.25
C ALA B 844 -18.43 10.95 -38.49
N TYR B 845 -17.79 10.20 -37.59
CA TYR B 845 -17.77 8.75 -37.69
C TYR B 845 -19.17 8.16 -37.59
N THR B 846 -19.97 8.62 -36.63
CA THR B 846 -21.32 8.08 -36.48
C THR B 846 -22.20 8.47 -37.65
N ALA B 847 -22.03 9.68 -38.20
CA ALA B 847 -22.78 10.08 -39.38
C ALA B 847 -22.43 9.21 -40.57
N ALA B 848 -21.14 8.89 -40.74
CA ALA B 848 -20.74 8.01 -41.84
C ALA B 848 -21.32 6.61 -41.68
N LEU B 849 -21.35 6.10 -40.45
CA LEU B 849 -21.94 4.78 -40.20
C LEU B 849 -23.44 4.77 -40.53
N VAL B 850 -24.17 5.80 -40.09
CA VAL B 850 -25.61 5.83 -40.32
C VAL B 850 -25.92 6.02 -41.80
N SER B 851 -25.14 6.85 -42.50
CA SER B 851 -25.34 7.03 -43.94
C SER B 851 -25.06 5.75 -44.70
N GLY B 852 -23.99 5.03 -44.34
CA GLY B 852 -23.70 3.77 -44.98
C GLY B 852 -24.76 2.72 -44.74
N THR B 853 -25.35 2.71 -43.54
CA THR B 853 -26.48 1.81 -43.28
C THR B 853 -27.68 2.18 -44.13
N ALA B 854 -28.00 3.47 -44.22
CA ALA B 854 -29.20 3.88 -44.95
C ALA B 854 -29.03 3.79 -46.46
N THR B 855 -27.80 3.67 -46.97
CA THR B 855 -27.60 3.61 -48.41
C THR B 855 -27.14 2.24 -48.90
N ALA B 856 -26.15 1.63 -48.24
CA ALA B 856 -25.58 0.37 -48.72
C ALA B 856 -25.96 -0.83 -47.89
N GLY B 857 -26.59 -0.65 -46.73
CA GLY B 857 -27.04 -1.78 -45.94
C GLY B 857 -25.97 -2.49 -45.15
N TRP B 858 -25.82 -3.78 -45.41
CA TRP B 858 -24.93 -4.66 -44.64
C TRP B 858 -23.65 -4.99 -45.37
N THR B 859 -23.52 -4.59 -46.63
CA THR B 859 -22.42 -5.04 -47.47
C THR B 859 -21.10 -4.35 -47.15
N PHE B 860 -21.15 -3.11 -46.68
CA PHE B 860 -19.92 -2.34 -46.50
C PHE B 860 -19.12 -2.76 -45.28
N GLY B 861 -19.70 -3.56 -44.38
CA GLY B 861 -18.92 -4.11 -43.28
C GLY B 861 -17.90 -5.13 -43.74
N ALA B 862 -18.28 -5.98 -44.70
CA ALA B 862 -17.37 -7.00 -45.22
C ALA B 862 -16.36 -6.42 -46.20
N GLY B 863 -16.85 -5.73 -47.23
CA GLY B 863 -15.98 -5.14 -48.23
C GLY B 863 -16.40 -3.74 -48.65
N ALA B 864 -16.54 -3.53 -49.95
CA ALA B 864 -16.99 -2.25 -50.47
C ALA B 864 -18.49 -2.10 -50.30
N ALA B 865 -18.97 -0.88 -50.48
CA ALA B 865 -20.39 -0.58 -50.34
C ALA B 865 -21.14 -1.00 -51.60
N LEU B 866 -22.21 -1.77 -51.41
CA LEU B 866 -23.09 -2.19 -52.50
C LEU B 866 -24.46 -1.57 -52.27
N GLN B 867 -24.85 -0.67 -53.17
CA GLN B 867 -26.10 0.05 -53.02
C GLN B 867 -27.30 -0.87 -53.16
N ILE B 868 -28.38 -0.51 -52.49
CA ILE B 868 -29.66 -1.22 -52.57
C ILE B 868 -30.73 -0.24 -52.09
N PRO B 869 -31.90 -0.19 -52.72
CA PRO B 869 -32.98 0.63 -52.18
C PRO B 869 -33.42 0.14 -50.81
N PHE B 870 -33.87 1.08 -49.97
CA PHE B 870 -34.08 0.79 -48.56
C PHE B 870 -35.20 -0.21 -48.32
N ALA B 871 -36.23 -0.20 -49.17
CA ALA B 871 -37.33 -1.15 -49.01
C ALA B 871 -36.88 -2.57 -49.27
N MET B 872 -36.05 -2.79 -50.29
CA MET B 872 -35.56 -4.14 -50.54
C MET B 872 -34.62 -4.62 -49.45
N GLN B 873 -33.83 -3.71 -48.89
CA GLN B 873 -33.00 -4.06 -47.74
C GLN B 873 -33.85 -4.43 -46.54
N MET B 874 -34.94 -3.70 -46.29
CA MET B 874 -35.82 -4.05 -45.17
C MET B 874 -36.55 -5.36 -45.43
N ALA B 875 -36.81 -5.71 -46.69
CA ALA B 875 -37.37 -7.01 -47.00
C ALA B 875 -36.37 -8.13 -46.75
N TYR B 876 -35.09 -7.87 -47.04
CA TYR B 876 -34.04 -8.83 -46.71
C TYR B 876 -33.91 -9.01 -45.20
N ARG B 877 -34.09 -7.93 -44.44
CA ARG B 877 -34.05 -8.05 -42.97
C ARG B 877 -35.26 -8.82 -42.45
N PHE B 878 -36.43 -8.62 -43.05
CA PHE B 878 -37.61 -9.39 -42.66
C PHE B 878 -37.44 -10.87 -42.98
N ASN B 879 -36.82 -11.18 -44.12
CA ASN B 879 -36.61 -12.57 -44.51
C ASN B 879 -35.66 -13.30 -43.57
N GLY B 880 -34.78 -12.57 -42.89
CA GLY B 880 -33.83 -13.15 -41.96
C GLY B 880 -34.34 -13.44 -40.58
N ILE B 881 -35.60 -13.13 -40.31
CA ILE B 881 -36.26 -13.50 -39.06
C ILE B 881 -37.12 -14.75 -39.24
N GLY B 882 -37.76 -14.86 -40.40
CA GLY B 882 -38.65 -15.98 -40.67
C GLY B 882 -39.88 -15.51 -41.41
N VAL B 883 -40.20 -14.23 -41.24
CA VAL B 883 -41.32 -13.63 -41.93
C VAL B 883 -40.99 -13.51 -43.41
N THR B 884 -41.96 -13.80 -44.27
CA THR B 884 -41.69 -13.82 -45.71
C THR B 884 -41.59 -12.40 -46.27
N GLN B 885 -41.21 -12.34 -47.54
CA GLN B 885 -40.86 -11.07 -48.16
C GLN B 885 -42.10 -10.22 -48.48
N ASN B 886 -43.24 -10.87 -48.71
CA ASN B 886 -44.45 -10.16 -49.10
C ASN B 886 -45.03 -9.33 -47.95
N VAL B 887 -44.74 -9.70 -46.71
CA VAL B 887 -45.34 -9.06 -45.55
C VAL B 887 -44.88 -7.60 -45.44
N LEU B 888 -43.62 -7.34 -45.78
CA LEU B 888 -43.15 -5.96 -45.85
C LEU B 888 -43.86 -5.19 -46.96
N TYR B 889 -43.85 -5.74 -48.18
CA TYR B 889 -44.30 -4.99 -49.35
C TYR B 889 -45.79 -4.73 -49.32
N GLU B 890 -46.56 -5.58 -48.66
CA GLU B 890 -48.00 -5.37 -48.57
C GLU B 890 -48.40 -4.49 -47.39
N ASN B 891 -47.50 -4.21 -46.45
CA ASN B 891 -47.78 -3.40 -45.28
C ASN B 891 -46.69 -2.35 -45.08
N GLN B 892 -46.24 -1.73 -46.17
CA GLN B 892 -45.08 -0.84 -46.08
C GLN B 892 -45.40 0.45 -45.34
N LYS B 893 -46.58 1.02 -45.58
CA LYS B 893 -46.93 2.29 -44.97
C LYS B 893 -47.08 2.19 -43.46
N GLN B 894 -47.68 1.10 -42.98
CA GLN B 894 -47.85 0.91 -41.54
C GLN B 894 -46.50 0.75 -40.85
N ILE B 895 -45.58 0.01 -41.46
CA ILE B 895 -44.27 -0.21 -40.87
C ILE B 895 -43.46 1.09 -40.86
N ALA B 896 -43.56 1.88 -41.93
CA ALA B 896 -42.88 3.17 -41.96
C ALA B 896 -43.45 4.13 -40.91
N ASN B 897 -44.78 4.13 -40.75
CA ASN B 897 -45.41 4.99 -39.74
C ASN B 897 -45.01 4.58 -38.33
N GLN B 898 -44.93 3.27 -38.06
CA GLN B 898 -44.52 2.80 -36.75
C GLN B 898 -43.07 3.15 -36.47
N PHE B 899 -42.21 3.06 -37.49
CA PHE B 899 -40.81 3.46 -37.34
C PHE B 899 -40.69 4.94 -36.99
N ASN B 900 -41.40 5.80 -37.73
CA ASN B 900 -41.35 7.23 -37.47
C ASN B 900 -41.90 7.59 -36.10
N LYS B 901 -42.98 6.93 -35.70
CA LYS B 901 -43.57 7.20 -34.39
C LYS B 901 -42.66 6.76 -33.26
N ALA B 902 -41.94 5.64 -33.43
CA ALA B 902 -41.01 5.21 -32.40
C ALA B 902 -39.81 6.14 -32.30
N ILE B 903 -39.34 6.67 -33.43
CA ILE B 903 -38.26 7.65 -33.41
C ILE B 903 -38.71 8.91 -32.67
N SER B 904 -39.92 9.38 -32.97
CA SER B 904 -40.44 10.56 -32.26
C SER B 904 -40.68 10.29 -30.79
N GLN B 905 -41.04 9.06 -30.42
CA GLN B 905 -41.20 8.72 -29.01
C GLN B 905 -39.89 8.79 -28.25
N ILE B 906 -38.81 8.27 -28.84
CA ILE B 906 -37.50 8.38 -28.20
C ILE B 906 -37.06 9.85 -28.12
N GLN B 907 -37.30 10.62 -29.17
CA GLN B 907 -36.91 12.03 -29.17
C GLN B 907 -37.67 12.81 -28.10
N GLU B 908 -38.96 12.52 -27.92
CA GLU B 908 -39.73 13.19 -26.87
C GLU B 908 -39.35 12.70 -25.49
N SER B 909 -38.92 11.45 -25.36
CA SER B 909 -38.53 10.93 -24.06
C SER B 909 -37.19 11.45 -23.60
N LEU B 910 -36.27 11.75 -24.54
CA LEU B 910 -34.94 12.17 -24.13
C LEU B 910 -34.92 13.60 -23.59
N THR B 911 -35.91 14.42 -23.95
CA THR B 911 -35.96 15.77 -23.40
C THR B 911 -36.47 15.79 -21.98
N THR B 912 -37.27 14.79 -21.59
CA THR B 912 -37.96 14.81 -20.30
C THR B 912 -37.18 14.11 -19.19
N THR B 913 -36.91 12.81 -19.37
CA THR B 913 -36.35 11.99 -18.30
C THR B 913 -34.87 12.28 -18.10
N SER B 914 -34.42 12.09 -16.86
CA SER B 914 -33.03 12.35 -16.49
C SER B 914 -32.32 11.11 -15.95
N THR B 915 -33.02 10.00 -15.76
CA THR B 915 -32.37 8.78 -15.27
C THR B 915 -31.53 8.11 -16.35
N ALA B 916 -31.87 8.33 -17.61
CA ALA B 916 -31.06 7.82 -18.70
C ALA B 916 -29.72 8.57 -18.75
N LEU B 917 -28.74 7.96 -19.39
CA LEU B 917 -27.34 8.39 -19.36
C LEU B 917 -26.84 8.51 -17.92
N GLY B 918 -27.22 7.53 -17.10
CA GLY B 918 -26.90 7.57 -15.68
C GLY B 918 -25.59 6.96 -15.29
N LYS B 919 -24.90 6.29 -16.21
CA LYS B 919 -23.59 5.71 -15.92
C LYS B 919 -22.42 6.52 -16.47
N LEU B 920 -22.63 7.29 -17.55
CA LEU B 920 -21.61 8.25 -17.96
C LEU B 920 -21.41 9.32 -16.89
N GLN B 921 -22.51 9.74 -16.27
CA GLN B 921 -22.42 10.66 -15.14
C GLN B 921 -21.68 10.03 -13.97
N ASP B 922 -21.89 8.73 -13.74
CA ASP B 922 -21.17 8.04 -12.68
C ASP B 922 -19.66 8.02 -12.96
N VAL B 923 -19.30 7.83 -14.23
CA VAL B 923 -17.89 7.84 -14.61
C VAL B 923 -17.24 9.20 -14.30
N VAL B 924 -17.90 10.28 -14.75
CA VAL B 924 -17.29 11.60 -14.54
C VAL B 924 -17.30 11.97 -13.06
N ASN B 925 -18.33 11.57 -12.31
CA ASN B 925 -18.39 11.83 -10.87
C ASN B 925 -17.27 11.12 -10.13
N GLN B 926 -17.00 9.86 -10.49
CA GLN B 926 -15.97 9.10 -9.81
C GLN B 926 -14.58 9.68 -10.08
N ASN B 927 -14.32 10.13 -11.31
CA ASN B 927 -13.03 10.76 -11.60
C ASN B 927 -12.84 12.05 -10.79
N ALA B 928 -13.88 12.88 -10.76
CA ALA B 928 -13.79 14.14 -10.00
C ALA B 928 -13.60 13.89 -8.52
N GLN B 929 -14.31 12.90 -7.97
CA GLN B 929 -14.21 12.61 -6.55
C GLN B 929 -12.84 12.06 -6.18
N ALA B 930 -12.24 11.24 -7.07
CA ALA B 930 -10.90 10.74 -6.80
C ALA B 930 -9.87 11.87 -6.74
N LEU B 931 -9.94 12.82 -7.67
CA LEU B 931 -8.98 13.92 -7.65
C LEU B 931 -9.18 14.82 -6.42
N ASN B 932 -10.44 15.08 -6.05
CA ASN B 932 -10.68 15.91 -4.87
C ASN B 932 -10.25 15.21 -3.58
N THR B 933 -10.36 13.88 -3.53
CA THR B 933 -9.87 13.15 -2.37
C THR B 933 -8.35 13.21 -2.28
N LEU B 934 -7.64 13.15 -3.42
CA LEU B 934 -6.20 13.38 -3.38
C LEU B 934 -5.85 14.75 -2.83
N VAL B 935 -6.59 15.79 -3.24
CA VAL B 935 -6.29 17.13 -2.74
C VAL B 935 -6.57 17.21 -1.24
N LYS B 936 -7.67 16.62 -0.76
CA LYS B 936 -8.02 16.74 0.65
C LYS B 936 -7.20 15.85 1.57
N GLN B 937 -6.58 14.78 1.06
CA GLN B 937 -5.71 13.94 1.89
C GLN B 937 -4.39 14.61 2.22
N LEU B 938 -4.13 15.79 1.67
CA LEU B 938 -2.83 16.44 1.77
C LEU B 938 -2.72 17.29 3.03
N SER B 939 -3.76 17.29 3.88
CA SER B 939 -3.80 18.04 5.12
C SER B 939 -3.64 17.14 6.33
N SER B 940 -3.09 15.95 6.15
CA SER B 940 -2.78 15.04 7.23
C SER B 940 -1.30 15.18 7.57
N ASN B 941 -0.95 14.84 8.81
CA ASN B 941 0.44 14.96 9.24
C ASN B 941 1.13 13.63 9.45
N PHE B 942 0.38 12.52 9.45
CA PHE B 942 0.94 11.16 9.47
C PHE B 942 1.81 10.91 10.70
N GLY B 943 1.45 11.49 11.83
CA GLY B 943 2.26 11.36 13.03
C GLY B 943 3.45 12.28 13.11
N ALA B 944 3.40 13.44 12.47
CA ALA B 944 4.41 14.49 12.59
C ALA B 944 3.81 15.69 13.31
N ILE B 945 4.64 16.70 13.52
CA ILE B 945 4.23 17.85 14.32
C ILE B 945 3.19 18.69 13.57
N SER B 946 3.31 18.78 12.25
CA SER B 946 2.33 19.50 11.44
C SER B 946 2.44 18.98 10.02
N SER B 947 1.47 19.37 9.19
CA SER B 947 1.44 18.97 7.80
C SER B 947 2.18 19.94 6.89
N VAL B 948 2.61 21.08 7.41
CA VAL B 948 3.31 22.09 6.62
C VAL B 948 4.80 21.83 6.74
N LEU B 949 5.49 21.76 5.60
CA LEU B 949 6.93 21.56 5.62
C LEU B 949 7.66 22.81 6.12
N ASN B 950 7.09 23.98 5.85
CA ASN B 950 7.72 25.23 6.25
C ASN B 950 7.75 25.38 7.77
N ASP B 951 6.70 24.90 8.44
CA ASP B 951 6.67 24.99 9.90
C ASP B 951 7.63 24.02 10.56
N ILE B 952 7.85 22.85 9.94
CA ILE B 952 8.86 21.94 10.46
C ILE B 952 10.26 22.49 10.23
N LEU B 953 10.49 23.09 9.06
CA LEU B 953 11.81 23.61 8.76
C LEU B 953 12.12 24.92 9.48
N SER B 954 11.09 25.65 9.91
CA SER B 954 11.29 26.96 10.53
C SER B 954 11.67 26.90 11.99
N ARG B 955 11.48 25.77 12.67
CA ARG B 955 11.78 25.72 14.10
C ARG B 955 12.46 24.44 14.56
N LEU B 956 12.78 23.51 13.68
CA LEU B 956 13.58 22.35 14.04
C LEU B 956 14.86 22.32 13.21
N CYS B 957 15.92 21.83 13.83
CA CYS B 957 17.21 21.64 13.17
C CYS B 957 17.33 20.22 12.64
N LYS B 958 18.46 19.94 11.99
CA LYS B 958 18.49 19.11 10.78
C LYS B 958 18.02 17.67 11.03
N VAL B 959 18.52 17.04 12.09
CA VAL B 959 18.20 15.62 12.32
C VAL B 959 16.74 15.44 12.68
N GLU B 960 16.24 16.27 13.60
CA GLU B 960 14.84 16.21 14.00
C GLU B 960 13.91 16.56 12.85
N ALA B 961 14.29 17.58 12.07
CA ALA B 961 13.48 17.99 10.93
C ALA B 961 13.41 16.90 9.88
N GLU B 962 14.52 16.22 9.62
CA GLU B 962 14.51 15.13 8.64
C GLU B 962 13.65 13.96 9.14
N VAL B 963 13.73 13.65 10.43
CA VAL B 963 12.88 12.62 11.02
C VAL B 963 11.41 12.96 10.83
N GLN B 964 11.04 14.23 11.03
CA GLN B 964 9.64 14.62 10.84
C GLN B 964 9.24 14.62 9.37
N ILE B 965 10.16 14.99 8.47
CA ILE B 965 9.82 15.15 7.06
C ILE B 965 9.61 13.80 6.37
N ASP B 966 10.40 12.79 6.78
CA ASP B 966 10.29 11.48 6.13
C ASP B 966 8.93 10.82 6.35
N ARG B 967 8.28 11.09 7.49
CA ARG B 967 6.94 10.58 7.74
C ARG B 967 5.95 11.13 6.72
N LEU B 968 6.02 12.43 6.45
CA LEU B 968 5.14 13.06 5.47
C LEU B 968 5.43 12.53 4.07
N ILE B 969 6.70 12.33 3.73
CA ILE B 969 7.04 11.80 2.40
C ILE B 969 6.45 10.42 2.21
N THR B 970 6.59 9.53 3.21
CA THR B 970 6.04 8.19 3.06
C THR B 970 4.52 8.19 3.00
N GLY B 971 3.86 9.03 3.81
CA GLY B 971 2.41 9.10 3.75
C GLY B 971 1.87 9.62 2.43
N ARG B 972 2.49 10.67 1.89
CA ARG B 972 2.01 11.22 0.63
C ARG B 972 2.28 10.28 -0.53
N LEU B 973 3.43 9.60 -0.52
CA LEU B 973 3.72 8.62 -1.56
C LEU B 973 2.74 7.45 -1.49
N GLN B 974 2.32 7.08 -0.28
CA GLN B 974 1.31 6.04 -0.13
C GLN B 974 -0.05 6.48 -0.67
N SER B 975 -0.42 7.74 -0.47
CA SER B 975 -1.66 8.26 -1.04
C SER B 975 -1.65 8.22 -2.56
N LEU B 976 -0.51 8.59 -3.15
CA LEU B 976 -0.39 8.51 -4.61
C LEU B 976 -0.50 7.08 -5.12
N GLN B 977 0.11 6.13 -4.41
CA GLN B 977 0.02 4.72 -4.81
C GLN B 977 -1.42 4.21 -4.75
N THR B 978 -2.18 4.62 -3.71
CA THR B 978 -3.57 4.22 -3.63
C THR B 978 -4.40 4.77 -4.79
N TYR B 979 -4.16 6.04 -5.15
CA TYR B 979 -4.86 6.63 -6.29
C TYR B 979 -4.57 5.88 -7.59
N VAL B 980 -3.31 5.52 -7.81
CA VAL B 980 -2.94 4.83 -9.04
C VAL B 980 -3.55 3.43 -9.10
N THR B 981 -3.61 2.74 -7.95
CA THR B 981 -4.21 1.40 -7.94
C THR B 981 -5.70 1.43 -8.27
N GLN B 982 -6.43 2.39 -7.69
CA GLN B 982 -7.86 2.49 -8.02
C GLN B 982 -8.08 2.90 -9.46
N GLN B 983 -7.18 3.72 -10.01
CA GLN B 983 -7.30 4.08 -11.44
C GLN B 983 -7.08 2.86 -12.33
N LEU B 984 -6.15 1.98 -11.96
CA LEU B 984 -5.92 0.77 -12.75
C LEU B 984 -7.13 -0.15 -12.76
N ILE B 985 -7.77 -0.32 -11.60
CA ILE B 985 -8.95 -1.19 -11.53
C ILE B 985 -10.11 -0.60 -12.34
N ARG B 986 -10.34 0.71 -12.21
CA ARG B 986 -11.41 1.35 -12.98
C ARG B 986 -11.13 1.30 -14.48
N ALA B 987 -9.86 1.38 -14.87
CA ALA B 987 -9.51 1.27 -16.28
C ALA B 987 -9.78 -0.12 -16.83
N ALA B 988 -9.58 -1.15 -16.01
CA ALA B 988 -9.93 -2.52 -16.43
C ALA B 988 -11.43 -2.66 -16.68
N GLU B 989 -12.25 -2.09 -15.78
CA GLU B 989 -13.70 -2.17 -15.99
C GLU B 989 -14.14 -1.41 -17.25
N ILE B 990 -13.58 -0.22 -17.45
CA ILE B 990 -13.90 0.58 -18.65
C ILE B 990 -13.49 -0.15 -19.92
N ARG B 991 -12.33 -0.83 -19.89
CA ARG B 991 -11.88 -1.57 -21.07
C ARG B 991 -12.81 -2.73 -21.40
N ALA B 992 -13.30 -3.45 -20.38
CA ALA B 992 -14.28 -4.51 -20.64
C ALA B 992 -15.54 -3.95 -21.29
N SER B 993 -16.04 -2.82 -20.76
CA SER B 993 -17.22 -2.20 -21.33
C SER B 993 -16.99 -1.75 -22.78
N ALA B 994 -15.81 -1.22 -23.08
CA ALA B 994 -15.51 -0.75 -24.43
C ALA B 994 -15.35 -1.90 -25.41
N ASN B 995 -14.80 -3.03 -24.97
CA ASN B 995 -14.75 -4.22 -25.82
C ASN B 995 -16.14 -4.72 -26.16
N LEU B 996 -17.05 -4.71 -25.17
CA LEU B 996 -18.43 -5.11 -25.44
C LEU B 996 -19.11 -4.14 -26.40
N ALA B 997 -18.85 -2.84 -26.26
CA ALA B 997 -19.43 -1.87 -27.19
C ALA B 997 -18.90 -2.04 -28.61
N ALA B 998 -17.61 -2.36 -28.74
CA ALA B 998 -17.03 -2.57 -30.06
C ALA B 998 -17.63 -3.80 -30.75
N THR B 999 -17.78 -4.91 -30.01
CA THR B 999 -18.37 -6.08 -30.64
C THR B 999 -19.86 -5.89 -30.92
N LYS B 1000 -20.54 -5.06 -30.11
CA LYS B 1000 -21.93 -4.75 -30.40
C LYS B 1000 -22.08 -3.92 -31.68
N MET B 1001 -21.22 -2.92 -31.87
CA MET B 1001 -21.29 -2.14 -33.10
C MET B 1001 -20.91 -2.96 -34.31
N SER B 1002 -19.97 -3.90 -34.15
CA SER B 1002 -19.60 -4.76 -35.26
C SER B 1002 -20.75 -5.70 -35.64
N GLU B 1003 -21.33 -6.39 -34.68
CA GLU B 1003 -22.31 -7.43 -35.00
C GLU B 1003 -23.74 -6.92 -35.14
N CYS B 1004 -24.03 -5.68 -34.79
CA CYS B 1004 -25.40 -5.21 -34.83
C CYS B 1004 -25.64 -4.02 -35.74
N VAL B 1005 -24.65 -3.17 -35.96
CA VAL B 1005 -24.79 -2.10 -36.93
C VAL B 1005 -24.35 -2.55 -38.32
N LEU B 1006 -23.29 -3.35 -38.39
CA LEU B 1006 -22.72 -3.80 -39.64
C LEU B 1006 -23.28 -5.14 -40.09
N GLY B 1007 -24.34 -5.62 -39.45
CA GLY B 1007 -24.95 -6.88 -39.83
C GLY B 1007 -26.21 -7.09 -39.01
N GLN B 1008 -26.82 -8.25 -39.21
CA GLN B 1008 -28.00 -8.65 -38.47
C GLN B 1008 -27.66 -9.86 -37.62
N SER B 1009 -27.90 -9.76 -36.31
CA SER B 1009 -27.50 -10.79 -35.36
C SER B 1009 -28.67 -11.71 -35.04
N LYS B 1010 -28.37 -13.00 -34.92
CA LYS B 1010 -29.34 -14.00 -34.51
C LYS B 1010 -29.23 -14.35 -33.03
N ARG B 1011 -28.30 -13.74 -32.31
CA ARG B 1011 -28.15 -14.01 -30.89
C ARG B 1011 -29.27 -13.36 -30.08
N VAL B 1012 -29.84 -14.10 -29.14
CA VAL B 1012 -31.00 -13.63 -28.39
C VAL B 1012 -30.57 -12.58 -27.38
N ASP B 1013 -31.26 -11.44 -27.40
CA ASP B 1013 -31.10 -10.32 -26.46
C ASP B 1013 -29.73 -9.67 -26.53
N PHE B 1014 -28.95 -9.93 -27.58
CA PHE B 1014 -27.71 -9.21 -27.75
C PHE B 1014 -27.97 -7.75 -28.13
N CYS B 1015 -28.98 -7.53 -28.97
CA CYS B 1015 -29.31 -6.18 -29.43
C CYS B 1015 -30.82 -5.99 -29.38
N GLY B 1016 -31.32 -5.55 -28.22
CA GLY B 1016 -32.71 -5.20 -28.08
C GLY B 1016 -33.53 -6.32 -27.46
N LYS B 1017 -34.83 -6.07 -27.39
CA LYS B 1017 -35.81 -6.99 -26.83
C LYS B 1017 -36.78 -7.38 -27.92
N GLY B 1018 -36.47 -8.46 -28.62
CA GLY B 1018 -37.29 -8.92 -29.71
C GLY B 1018 -36.42 -9.50 -30.81
N TYR B 1019 -36.98 -9.56 -32.01
CA TYR B 1019 -36.25 -10.03 -33.18
C TYR B 1019 -35.55 -8.84 -33.81
N HIS B 1020 -34.23 -8.91 -33.90
CA HIS B 1020 -33.42 -7.76 -34.29
C HIS B 1020 -33.58 -7.47 -35.78
N LEU B 1021 -33.85 -6.21 -36.11
CA LEU B 1021 -33.90 -5.77 -37.49
C LEU B 1021 -32.71 -4.87 -37.84
N MET B 1022 -32.54 -3.73 -37.14
CA MET B 1022 -31.40 -2.84 -37.42
C MET B 1022 -30.91 -2.20 -36.14
N SER B 1023 -29.86 -1.38 -36.26
CA SER B 1023 -29.33 -0.60 -35.16
C SER B 1023 -28.65 0.65 -35.71
N PHE B 1024 -28.67 1.72 -34.91
CA PHE B 1024 -28.04 2.98 -35.27
C PHE B 1024 -27.20 3.48 -34.09
N PRO B 1025 -25.98 3.96 -34.33
CA PRO B 1025 -25.17 4.52 -33.26
C PRO B 1025 -25.27 6.04 -33.16
N GLN B 1026 -25.15 6.54 -31.92
CA GLN B 1026 -25.03 7.96 -31.65
C GLN B 1026 -23.96 8.17 -30.59
N ALA B 1027 -23.28 9.31 -30.68
CA ALA B 1027 -22.19 9.62 -29.77
C ALA B 1027 -22.70 10.30 -28.52
N ALA B 1028 -22.12 9.94 -27.37
CA ALA B 1028 -22.46 10.50 -26.09
C ALA B 1028 -21.17 10.87 -25.39
N PRO B 1029 -21.22 11.81 -24.42
CA PRO B 1029 -20.01 12.13 -23.65
C PRO B 1029 -19.40 10.92 -22.95
N HIS B 1030 -18.20 10.55 -23.38
CA HIS B 1030 -17.45 9.36 -22.91
C HIS B 1030 -18.20 8.07 -23.21
N GLY B 1031 -19.04 8.02 -24.24
CA GLY B 1031 -19.74 6.78 -24.48
C GLY B 1031 -20.52 6.77 -25.77
N VAL B 1032 -21.30 5.70 -25.93
CA VAL B 1032 -22.08 5.49 -27.15
C VAL B 1032 -23.50 5.10 -26.76
N VAL B 1033 -24.44 5.40 -27.64
CA VAL B 1033 -25.84 5.01 -27.49
C VAL B 1033 -26.26 4.26 -28.75
N PHE B 1034 -26.83 3.08 -28.56
CA PHE B 1034 -27.35 2.27 -29.66
C PHE B 1034 -28.87 2.34 -29.65
N LEU B 1035 -29.45 2.64 -30.80
CA LEU B 1035 -30.89 2.54 -31.01
C LEU B 1035 -31.16 1.27 -31.81
N HIS B 1036 -31.74 0.27 -31.16
CA HIS B 1036 -32.04 -1.01 -31.78
C HIS B 1036 -33.47 -1.02 -32.28
N VAL B 1037 -33.66 -1.35 -33.55
CA VAL B 1037 -34.97 -1.48 -34.16
C VAL B 1037 -35.29 -2.96 -34.24
N THR B 1038 -36.38 -3.36 -33.58
CA THR B 1038 -36.77 -4.74 -33.43
C THR B 1038 -38.23 -4.94 -33.80
N TYR B 1039 -38.56 -6.19 -34.14
CA TYR B 1039 -39.89 -6.62 -34.56
C TYR B 1039 -40.52 -7.38 -33.40
N VAL B 1040 -41.69 -6.94 -32.96
CA VAL B 1040 -42.38 -7.56 -31.84
C VAL B 1040 -43.71 -8.13 -32.32
N PRO B 1041 -43.97 -9.42 -32.13
CA PRO B 1041 -45.28 -9.97 -32.51
C PRO B 1041 -46.33 -9.66 -31.46
N SER B 1042 -47.60 -9.66 -31.89
CA SER B 1042 -48.70 -9.33 -31.00
C SER B 1042 -50.00 -9.86 -31.59
N GLN B 1043 -51.04 -9.83 -30.75
CA GLN B 1043 -52.41 -10.24 -31.09
C GLN B 1043 -52.47 -11.69 -31.56
N GLU B 1044 -52.13 -12.60 -30.64
CA GLU B 1044 -52.13 -14.01 -30.96
C GLU B 1044 -53.55 -14.59 -30.86
N ARG B 1045 -53.70 -15.78 -31.43
CA ARG B 1045 -54.96 -16.51 -31.34
C ARG B 1045 -54.69 -18.01 -31.36
N ASN B 1046 -55.69 -18.78 -30.92
CA ASN B 1046 -55.59 -20.22 -30.75
C ASN B 1046 -55.96 -20.95 -32.04
N PHE B 1047 -55.38 -22.12 -32.24
CA PHE B 1047 -55.70 -22.98 -33.37
C PHE B 1047 -55.54 -24.42 -32.93
N THR B 1048 -56.21 -25.33 -33.64
CA THR B 1048 -56.03 -26.76 -33.39
C THR B 1048 -54.91 -27.25 -34.31
N THR B 1049 -54.01 -28.07 -33.78
CA THR B 1049 -52.83 -28.43 -34.55
C THR B 1049 -52.69 -29.94 -34.66
N ALA B 1050 -51.77 -30.36 -35.52
CA ALA B 1050 -51.49 -31.76 -35.79
C ALA B 1050 -50.06 -31.90 -36.29
N PRO B 1051 -49.38 -32.99 -35.95
CA PRO B 1051 -47.99 -33.15 -36.41
C PRO B 1051 -47.86 -33.45 -37.89
N ALA B 1052 -48.77 -34.24 -38.44
CA ALA B 1052 -48.69 -34.67 -39.83
C ALA B 1052 -50.10 -35.04 -40.27
N ILE B 1053 -50.27 -35.24 -41.58
CA ILE B 1053 -51.57 -35.66 -42.11
C ILE B 1053 -51.40 -36.95 -42.90
N CYS B 1054 -52.35 -37.87 -42.74
CA CYS B 1054 -52.33 -39.13 -43.46
C CYS B 1054 -53.26 -39.04 -44.66
N HIS B 1055 -52.68 -39.20 -45.85
CA HIS B 1055 -53.44 -39.21 -47.09
C HIS B 1055 -52.99 -40.41 -47.91
N GLU B 1056 -53.97 -41.18 -48.39
CA GLU B 1056 -53.75 -42.33 -49.29
C GLU B 1056 -52.77 -43.35 -48.71
N GLY B 1057 -52.75 -43.46 -47.38
CA GLY B 1057 -51.87 -44.41 -46.73
C GLY B 1057 -50.45 -43.94 -46.51
N LYS B 1058 -50.17 -42.65 -46.67
CA LYS B 1058 -48.82 -42.14 -46.39
C LYS B 1058 -48.92 -40.84 -45.62
N ALA B 1059 -47.83 -40.50 -44.93
CA ALA B 1059 -47.80 -39.38 -44.01
C ALA B 1059 -47.11 -38.18 -44.64
N TYR B 1060 -47.70 -37.01 -44.46
CA TYR B 1060 -47.21 -35.75 -45.02
C TYR B 1060 -46.86 -34.81 -43.87
N PHE B 1061 -45.63 -34.27 -43.91
CA PHE B 1061 -45.06 -33.36 -42.94
C PHE B 1061 -44.83 -31.99 -43.58
N PRO B 1062 -45.01 -30.90 -42.84
CA PRO B 1062 -44.76 -29.58 -43.41
C PRO B 1062 -43.27 -29.33 -43.60
N ARG B 1063 -42.95 -28.50 -44.59
CA ARG B 1063 -41.55 -28.09 -44.78
C ARG B 1063 -41.20 -26.92 -43.88
N GLU B 1064 -41.88 -25.79 -44.06
CA GLU B 1064 -41.65 -24.59 -43.28
C GLU B 1064 -43.00 -24.09 -42.77
N GLY B 1065 -43.32 -24.40 -41.53
CA GLY B 1065 -44.56 -23.96 -40.93
C GLY B 1065 -45.17 -25.04 -40.08
N VAL B 1066 -46.43 -24.84 -39.72
CA VAL B 1066 -47.21 -25.79 -38.95
C VAL B 1066 -48.57 -25.95 -39.61
N PHE B 1067 -49.19 -27.10 -39.37
CA PHE B 1067 -50.56 -27.35 -39.78
C PHE B 1067 -51.51 -26.77 -38.75
N VAL B 1068 -52.48 -25.98 -39.20
CA VAL B 1068 -53.44 -25.36 -38.30
C VAL B 1068 -54.86 -25.64 -38.78
N PHE B 1069 -55.77 -25.66 -37.82
CA PHE B 1069 -57.20 -25.83 -38.06
C PHE B 1069 -57.89 -24.66 -37.39
N ASN B 1070 -58.64 -23.90 -38.19
CA ASN B 1070 -59.26 -22.65 -37.80
C ASN B 1070 -60.77 -22.76 -37.63
N GLY B 1071 -61.34 -23.95 -37.80
CA GLY B 1071 -62.76 -24.19 -37.64
C GLY B 1071 -63.39 -24.93 -38.80
N THR B 1072 -62.92 -24.68 -40.02
CA THR B 1072 -63.52 -25.29 -41.21
C THR B 1072 -62.57 -26.26 -41.90
N SER B 1073 -61.37 -25.82 -42.28
CA SER B 1073 -60.45 -26.65 -43.04
C SER B 1073 -59.05 -26.52 -42.46
N TRP B 1074 -58.12 -27.27 -43.02
CA TRP B 1074 -56.75 -27.32 -42.53
C TRP B 1074 -55.84 -26.54 -43.45
N PHE B 1075 -55.00 -25.68 -42.87
CA PHE B 1075 -54.06 -24.88 -43.62
C PHE B 1075 -52.65 -25.10 -43.08
N ILE B 1076 -51.68 -24.49 -43.75
CA ILE B 1076 -50.29 -24.54 -43.33
C ILE B 1076 -49.79 -23.09 -43.26
N THR B 1077 -49.11 -22.75 -42.17
CA THR B 1077 -48.76 -21.36 -41.94
C THR B 1077 -47.37 -21.24 -41.34
N GLN B 1078 -46.78 -20.06 -41.48
CA GLN B 1078 -45.53 -19.75 -40.81
C GLN B 1078 -45.78 -19.41 -39.35
N ARG B 1079 -44.75 -19.60 -38.53
CA ARG B 1079 -44.92 -19.54 -37.08
C ARG B 1079 -45.04 -18.12 -36.54
N ASN B 1080 -44.42 -17.14 -37.18
CA ASN B 1080 -44.32 -15.80 -36.60
C ASN B 1080 -45.40 -14.84 -37.10
N PHE B 1081 -46.01 -15.13 -38.23
CA PHE B 1081 -47.10 -14.33 -38.76
C PHE B 1081 -48.18 -15.27 -39.24
N PHE B 1082 -49.44 -14.84 -39.16
CA PHE B 1082 -50.56 -15.68 -39.56
C PHE B 1082 -50.93 -15.40 -41.00
N SER B 1083 -50.73 -16.38 -41.88
CA SER B 1083 -51.14 -16.29 -43.28
C SER B 1083 -51.37 -17.71 -43.76
N PRO B 1084 -52.62 -18.14 -43.87
CA PRO B 1084 -52.89 -19.54 -44.21
C PRO B 1084 -52.70 -19.83 -45.68
N GLN B 1085 -52.12 -21.00 -45.97
CA GLN B 1085 -51.86 -21.45 -47.32
C GLN B 1085 -52.48 -22.82 -47.54
N ILE B 1086 -52.83 -23.10 -48.80
CA ILE B 1086 -53.43 -24.39 -49.13
C ILE B 1086 -52.36 -25.48 -49.08
N ILE B 1087 -52.72 -26.64 -48.55
CA ILE B 1087 -51.78 -27.75 -48.41
C ILE B 1087 -51.64 -28.42 -49.78
N THR B 1088 -50.47 -28.29 -50.38
CA THR B 1088 -50.16 -28.90 -51.66
C THR B 1088 -48.95 -29.82 -51.51
N THR B 1089 -48.46 -30.34 -52.64
CA THR B 1089 -47.29 -31.22 -52.61
C THR B 1089 -45.98 -30.46 -52.63
N ASP B 1090 -46.01 -29.14 -52.75
CA ASP B 1090 -44.78 -28.37 -52.62
C ASP B 1090 -44.57 -27.88 -51.19
N ASN B 1091 -45.67 -27.64 -50.46
CA ASN B 1091 -45.56 -27.24 -49.06
C ASN B 1091 -45.07 -28.38 -48.17
N THR B 1092 -45.40 -29.62 -48.52
CA THR B 1092 -45.21 -30.77 -47.66
C THR B 1092 -44.29 -31.78 -48.30
N PHE B 1093 -43.78 -32.70 -47.49
CA PHE B 1093 -43.01 -33.83 -47.99
C PHE B 1093 -43.47 -35.12 -47.32
N VAL B 1094 -43.05 -36.24 -47.91
CA VAL B 1094 -43.59 -37.56 -47.63
C VAL B 1094 -42.52 -38.42 -46.96
N SER B 1095 -42.91 -39.15 -45.91
CA SER B 1095 -42.01 -40.09 -45.26
C SER B 1095 -42.83 -41.12 -44.51
N GLY B 1096 -42.78 -42.37 -44.96
CA GLY B 1096 -43.43 -43.45 -44.24
C GLY B 1096 -44.93 -43.51 -44.47
N ASN B 1097 -45.58 -44.27 -43.60
CA ASN B 1097 -47.02 -44.46 -43.64
C ASN B 1097 -47.62 -44.02 -42.31
N CYS B 1098 -48.92 -43.73 -42.34
CA CYS B 1098 -49.62 -43.23 -41.15
C CYS B 1098 -49.92 -44.39 -40.21
N ASP B 1099 -48.87 -44.85 -39.53
CA ASP B 1099 -48.97 -45.98 -38.60
C ASP B 1099 -48.27 -45.75 -37.28
N VAL B 1100 -47.35 -44.80 -37.17
CA VAL B 1100 -46.53 -44.66 -35.97
C VAL B 1100 -46.53 -43.26 -35.39
N VAL B 1101 -46.92 -42.23 -36.14
CA VAL B 1101 -46.90 -40.86 -35.63
C VAL B 1101 -48.10 -40.66 -34.71
N ILE B 1102 -47.85 -40.18 -33.50
CA ILE B 1102 -48.90 -39.95 -32.52
C ILE B 1102 -49.57 -38.62 -32.82
N GLY B 1103 -50.85 -38.65 -33.16
CA GLY B 1103 -51.58 -37.46 -33.55
C GLY B 1103 -51.86 -37.33 -35.03
N ILE B 1104 -51.65 -38.40 -35.80
CA ILE B 1104 -51.88 -38.37 -37.24
C ILE B 1104 -53.38 -38.20 -37.52
N ILE B 1105 -53.70 -37.41 -38.55
CA ILE B 1105 -55.08 -37.12 -38.92
C ILE B 1105 -55.28 -37.37 -40.41
N ASN B 1106 -56.55 -37.43 -40.81
CA ASN B 1106 -56.93 -37.66 -42.20
C ASN B 1106 -57.20 -36.31 -42.85
N ASN B 1107 -56.64 -36.09 -44.03
CA ASN B 1107 -56.98 -34.90 -44.82
C ASN B 1107 -56.65 -35.18 -46.28
N THR B 1108 -56.78 -34.14 -47.10
CA THR B 1108 -56.47 -34.21 -48.52
C THR B 1108 -55.32 -33.27 -48.85
N VAL B 1109 -54.54 -33.64 -49.85
CA VAL B 1109 -53.42 -32.84 -50.33
C VAL B 1109 -53.73 -32.46 -51.77
N TYR B 1110 -53.77 -31.16 -52.04
CA TYR B 1110 -54.08 -30.70 -53.39
C TYR B 1110 -52.91 -30.98 -54.33
N ASP B 1111 -53.24 -31.25 -55.59
CA ASP B 1111 -52.24 -31.56 -56.59
C ASP B 1111 -52.28 -30.54 -57.72
N PRO B 1112 -51.13 -30.04 -58.17
CA PRO B 1112 -51.13 -29.08 -59.28
C PRO B 1112 -51.66 -29.63 -60.59
N LEU B 1113 -51.63 -30.95 -60.78
CA LEU B 1113 -52.14 -31.55 -62.00
C LEU B 1113 -53.06 -32.73 -61.68
N THR C 21 37.24 37.67 -23.67
CA THR C 21 37.09 37.65 -22.23
C THR C 21 35.71 37.14 -21.82
N GLN C 22 35.15 36.28 -22.66
CA GLN C 22 33.84 35.68 -22.38
C GLN C 22 33.74 34.42 -23.22
N HIS C 23 33.75 33.25 -22.57
CA HIS C 23 33.68 31.98 -23.29
C HIS C 23 32.67 31.08 -22.60
N THR C 24 32.56 29.84 -23.08
CA THR C 24 31.62 28.87 -22.55
C THR C 24 32.36 27.63 -22.08
N SER C 25 31.76 26.94 -21.11
CA SER C 25 32.32 25.72 -20.53
C SER C 25 31.53 24.54 -21.09
N SER C 26 31.97 24.02 -22.23
CA SER C 26 31.26 22.96 -22.94
C SER C 26 31.59 21.63 -22.28
N MET C 27 30.73 21.21 -21.35
CA MET C 27 30.79 19.91 -20.67
C MET C 27 32.10 19.74 -19.89
N ARG C 28 32.40 20.73 -19.06
CA ARG C 28 33.62 20.74 -18.27
C ARG C 28 33.28 20.72 -16.78
N GLY C 29 34.22 20.22 -15.98
CA GLY C 29 34.10 20.28 -14.54
C GLY C 29 33.33 19.15 -13.90
N VAL C 30 33.72 17.91 -14.19
CA VAL C 30 33.10 16.73 -13.61
C VAL C 30 34.19 15.97 -12.89
N TYR C 31 33.92 15.61 -11.63
CA TYR C 31 34.89 14.91 -10.78
C TYR C 31 34.22 13.73 -10.10
N TYR C 32 35.04 12.83 -9.55
CA TYR C 32 34.52 11.68 -8.82
C TYR C 32 33.92 12.13 -7.49
N PRO C 33 32.65 11.86 -7.24
CA PRO C 33 32.01 12.39 -6.03
C PRO C 33 32.32 11.60 -4.78
N ASP C 34 32.67 10.32 -4.93
CA ASP C 34 32.88 9.42 -3.80
C ASP C 34 34.25 8.75 -3.92
N GLU C 35 34.49 7.77 -3.06
CA GLU C 35 35.63 6.89 -3.13
C GLU C 35 35.17 5.45 -3.24
N ILE C 36 33.96 5.26 -3.76
CA ILE C 36 33.35 3.96 -3.93
C ILE C 36 33.46 3.56 -5.39
N PHE C 37 33.90 2.33 -5.63
CA PHE C 37 34.07 1.81 -6.98
C PHE C 37 32.73 1.36 -7.56
N ARG C 38 32.41 1.85 -8.74
CA ARG C 38 31.20 1.46 -9.46
C ARG C 38 31.57 1.20 -10.91
N SER C 39 30.88 0.25 -11.54
CA SER C 39 31.19 -0.12 -12.92
C SER C 39 29.93 -0.55 -13.63
N ASP C 40 29.80 -0.13 -14.90
CA ASP C 40 28.67 -0.48 -15.78
C ASP C 40 27.33 -0.06 -15.19
N THR C 41 27.29 1.09 -14.53
CA THR C 41 26.08 1.59 -13.88
C THR C 41 25.82 3.02 -14.31
N LEU C 42 24.74 3.58 -13.77
CA LEU C 42 24.45 5.01 -13.81
C LEU C 42 24.24 5.48 -12.38
N TYR C 43 24.58 6.74 -12.10
CA TYR C 43 24.48 7.27 -10.76
C TYR C 43 23.87 8.67 -10.80
N LEU C 44 22.80 8.87 -10.06
CA LEU C 44 22.22 10.20 -9.87
C LEU C 44 22.75 10.81 -8.58
N THR C 45 23.17 12.07 -8.64
CA THR C 45 23.70 12.74 -7.46
C THR C 45 23.47 14.24 -7.57
N GLN C 46 23.54 14.97 -6.47
CA GLN C 46 23.46 16.42 -6.56
C GLN C 46 24.54 17.02 -5.67
N ASP C 47 25.22 18.03 -6.19
CA ASP C 47 26.46 18.52 -5.59
C ASP C 47 26.78 19.91 -6.10
N LEU C 48 28.00 20.39 -5.86
CA LEU C 48 28.46 21.65 -6.41
C LEU C 48 29.17 21.39 -7.75
N PHE C 49 28.40 21.54 -8.83
CA PHE C 49 28.92 21.25 -10.15
C PHE C 49 28.92 22.51 -11.01
N LEU C 50 29.84 22.53 -11.97
CA LEU C 50 29.86 23.60 -12.97
C LEU C 50 28.85 23.26 -14.06
N PRO C 51 27.81 24.08 -14.25
CA PRO C 51 26.74 23.71 -15.19
C PRO C 51 27.22 23.70 -16.63
N PHE C 52 26.50 22.94 -17.45
CA PHE C 52 26.90 22.73 -18.84
C PHE C 52 26.61 23.96 -19.68
N TYR C 53 27.57 24.32 -20.52
CA TYR C 53 27.52 25.50 -21.40
C TYR C 53 27.24 26.78 -20.61
N SER C 54 27.98 26.95 -19.52
CA SER C 54 27.88 28.15 -18.71
C SER C 54 29.02 29.11 -19.03
N ASN C 55 28.88 30.34 -18.54
CA ASN C 55 29.87 31.37 -18.80
C ASN C 55 31.16 31.10 -18.07
N VAL C 56 32.29 31.32 -18.74
CA VAL C 56 33.59 31.37 -18.09
C VAL C 56 34.27 32.67 -18.50
N THR C 57 35.01 33.26 -17.57
CA THR C 57 35.75 34.49 -17.82
C THR C 57 37.19 34.13 -18.15
N GLY C 58 37.69 34.68 -19.24
CA GLY C 58 39.05 34.40 -19.69
C GLY C 58 39.97 35.57 -19.38
N PHE C 59 41.18 35.24 -18.96
CA PHE C 59 42.21 36.22 -18.65
C PHE C 59 43.43 35.89 -19.51
N HIS C 60 43.82 36.85 -20.34
CA HIS C 60 44.89 36.68 -21.33
C HIS C 60 46.04 37.62 -20.97
N THR C 61 47.25 37.07 -20.99
CA THR C 61 48.43 37.86 -20.66
C THR C 61 49.63 37.42 -21.49
N ASN C 68 46.52 40.36 -13.18
CA ASN C 68 45.90 39.38 -12.32
C ASN C 68 45.14 40.00 -11.14
N PRO C 69 43.88 40.36 -11.38
CA PRO C 69 43.08 41.00 -10.33
C PRO C 69 42.60 40.03 -9.25
N VAL C 70 41.79 40.52 -8.33
CA VAL C 70 41.24 39.71 -7.24
C VAL C 70 39.84 39.26 -7.64
N ILE C 71 39.67 37.96 -7.80
CA ILE C 71 38.41 37.37 -8.26
C ILE C 71 37.67 36.83 -7.04
N PRO C 72 36.36 37.08 -6.92
CA PRO C 72 35.60 36.46 -5.83
C PRO C 72 35.48 34.95 -5.99
N PHE C 73 35.31 34.27 -4.87
CA PHE C 73 35.38 32.82 -4.77
C PHE C 73 34.01 32.15 -4.68
N LYS C 74 32.93 32.92 -4.81
CA LYS C 74 31.70 32.79 -4.01
C LYS C 74 31.34 31.40 -3.49
N ASP C 75 31.26 30.39 -4.36
CA ASP C 75 30.83 29.07 -3.94
C ASP C 75 31.81 27.96 -4.30
N GLY C 76 32.95 28.30 -4.87
CA GLY C 76 33.87 27.29 -5.38
C GLY C 76 34.11 27.56 -6.84
N ILE C 77 35.30 27.27 -7.35
CA ILE C 77 35.65 27.68 -8.70
C ILE C 77 36.18 26.51 -9.50
N TYR C 78 35.97 26.60 -10.81
CA TYR C 78 36.68 25.81 -11.80
C TYR C 78 37.74 26.71 -12.42
N PHE C 79 38.99 26.32 -12.30
CA PHE C 79 40.12 27.06 -12.81
C PHE C 79 40.78 26.25 -13.90
N ALA C 80 40.98 26.86 -15.07
CA ALA C 80 41.63 26.17 -16.17
C ALA C 80 42.79 27.02 -16.65
N ALA C 81 43.89 26.37 -17.03
CA ALA C 81 45.06 27.08 -17.51
C ALA C 81 45.53 26.44 -18.80
N THR C 82 45.70 27.27 -19.84
CA THR C 82 46.28 26.87 -21.11
C THR C 82 47.63 27.58 -21.24
N GLU C 83 48.70 26.80 -21.40
CA GLU C 83 50.03 27.36 -21.40
C GLU C 83 50.97 26.47 -22.18
N LYS C 84 51.98 27.08 -22.80
CA LYS C 84 53.10 26.36 -23.39
C LYS C 84 54.24 26.24 -22.39
N SER C 85 54.66 27.35 -21.82
CA SER C 85 55.61 27.37 -20.71
C SER C 85 54.87 27.51 -19.39
N ASN C 86 55.53 27.13 -18.32
CA ASN C 86 54.92 27.09 -17.00
C ASN C 86 54.88 28.50 -16.43
N VAL C 87 53.76 29.18 -16.65
CA VAL C 87 53.61 30.59 -16.27
C VAL C 87 52.80 30.74 -14.99
N VAL C 88 51.65 30.08 -14.90
CA VAL C 88 50.86 30.08 -13.69
C VAL C 88 51.44 29.06 -12.72
N ARG C 89 51.72 29.49 -11.50
CA ARG C 89 52.39 28.62 -10.54
C ARG C 89 51.63 28.34 -9.26
N GLY C 90 50.54 29.06 -8.99
CA GLY C 90 49.82 28.81 -7.76
C GLY C 90 48.80 29.90 -7.49
N TRP C 91 48.24 29.85 -6.29
CA TRP C 91 47.14 30.73 -5.91
C TRP C 91 47.29 31.16 -4.46
N VAL C 92 46.65 32.29 -4.15
CA VAL C 92 46.54 32.82 -2.79
C VAL C 92 45.06 32.93 -2.47
N PHE C 93 44.60 32.14 -1.51
CA PHE C 93 43.21 32.19 -1.06
C PHE C 93 43.14 32.89 0.28
N GLY C 94 42.07 33.66 0.49
CA GLY C 94 41.88 34.35 1.74
C GLY C 94 40.58 35.13 1.73
N SER C 95 40.47 36.07 2.65
CA SER C 95 39.30 36.95 2.72
C SER C 95 39.65 38.41 2.53
N THR C 96 40.59 38.94 3.30
CA THR C 96 40.91 40.37 3.28
C THR C 96 42.08 40.69 2.37
N MET C 97 42.92 39.68 2.05
CA MET C 97 44.17 39.83 1.31
C MET C 97 45.16 40.74 2.04
N ASN C 98 45.04 40.82 3.37
CA ASN C 98 45.84 41.74 4.17
C ASN C 98 46.57 41.02 5.30
N ASN C 99 47.17 41.81 6.19
CA ASN C 99 47.84 41.30 7.38
C ASN C 99 46.88 40.94 8.49
N LYS C 100 45.60 41.28 8.37
CA LYS C 100 44.64 41.18 9.46
C LYS C 100 43.85 39.87 9.46
N SER C 101 44.11 38.96 8.52
CA SER C 101 43.36 37.71 8.49
C SER C 101 44.24 36.62 7.92
N GLN C 102 43.85 35.38 8.19
CA GLN C 102 44.60 34.21 7.74
C GLN C 102 44.43 34.02 6.24
N SER C 103 45.49 33.57 5.58
CA SER C 103 45.47 33.28 4.16
C SER C 103 46.34 32.07 3.89
N VAL C 104 46.03 31.36 2.80
CA VAL C 104 46.77 30.18 2.40
C VAL C 104 47.33 30.40 1.00
N ILE C 105 48.59 30.05 0.81
CA ILE C 105 49.21 30.04 -0.51
C ILE C 105 49.48 28.60 -0.90
N ILE C 106 49.14 28.26 -2.13
CA ILE C 106 49.49 26.97 -2.74
C ILE C 106 50.36 27.31 -3.93
N ILE C 107 51.65 26.98 -3.86
CA ILE C 107 52.58 27.48 -4.86
C ILE C 107 53.57 26.40 -5.26
N ASN C 108 53.95 26.43 -6.54
CA ASN C 108 54.92 25.52 -7.13
C ASN C 108 56.20 26.29 -7.39
N ASN C 109 57.23 26.03 -6.59
CA ASN C 109 58.57 26.50 -6.90
C ASN C 109 59.20 25.62 -7.97
N SER C 110 60.51 25.75 -8.18
CA SER C 110 61.18 24.86 -9.10
C SER C 110 61.19 23.42 -8.61
N THR C 111 61.20 23.22 -7.28
CA THR C 111 61.49 21.92 -6.68
C THR C 111 60.23 21.19 -6.19
N ASN C 112 59.45 21.82 -5.31
CA ASN C 112 58.42 21.13 -4.54
C ASN C 112 57.04 21.68 -4.87
N VAL C 113 56.05 21.27 -4.09
CA VAL C 113 54.72 21.87 -4.07
C VAL C 113 54.43 22.22 -2.64
N VAL C 114 54.38 23.51 -2.31
CA VAL C 114 54.32 23.95 -0.93
C VAL C 114 53.01 24.68 -0.67
N ILE C 115 52.32 24.28 0.40
CA ILE C 115 51.09 24.89 0.86
C ILE C 115 51.36 25.46 2.26
N ARG C 116 50.94 26.69 2.49
CA ARG C 116 51.23 27.35 3.75
C ARG C 116 50.09 28.28 4.12
N ALA C 117 49.55 28.10 5.32
CA ALA C 117 48.45 28.92 5.83
C ALA C 117 48.93 29.69 7.04
N CYS C 118 49.06 31.02 6.88
CA CYS C 118 49.61 31.92 7.89
C CYS C 118 48.97 33.30 7.74
N ASN C 119 49.46 34.25 8.52
CA ASN C 119 49.11 35.67 8.35
C ASN C 119 50.17 36.30 7.45
N PHE C 120 49.85 36.45 6.18
CA PHE C 120 50.81 36.94 5.19
C PHE C 120 50.64 38.43 4.96
N GLU C 121 51.75 39.13 4.81
CA GLU C 121 51.77 40.50 4.31
C GLU C 121 51.89 40.40 2.80
N LEU C 122 50.75 40.47 2.12
CA LEU C 122 50.69 40.17 0.70
C LEU C 122 50.90 41.44 -0.13
N CYS C 123 51.82 41.37 -1.08
CA CYS C 123 52.11 42.48 -1.97
C CYS C 123 51.04 42.55 -3.05
N ASP C 124 51.12 43.56 -3.91
CA ASP C 124 50.14 43.76 -4.97
C ASP C 124 50.43 42.91 -6.19
N ASN C 125 51.69 42.63 -6.49
CA ASN C 125 52.09 41.91 -7.68
C ASN C 125 52.99 40.74 -7.29
N PRO C 126 52.43 39.56 -7.05
CA PRO C 126 53.27 38.35 -6.98
C PRO C 126 53.89 38.06 -8.34
N PHE C 127 55.16 37.63 -8.32
CA PHE C 127 55.87 37.33 -9.55
C PHE C 127 57.01 36.36 -9.24
N PHE C 128 57.55 35.76 -10.30
CA PHE C 128 58.71 34.88 -10.27
C PHE C 128 58.54 33.75 -9.26
N ALA C 129 57.34 33.16 -9.28
CA ALA C 129 56.98 32.12 -8.34
C ALA C 129 57.77 30.83 -8.55
N MET C 141 58.16 39.63 -4.06
CA MET C 141 58.24 38.26 -4.55
C MET C 141 56.84 37.63 -4.39
N ILE C 142 56.51 37.18 -3.19
CA ILE C 142 55.18 36.68 -2.88
C ILE C 142 54.60 37.34 -1.61
N PHE C 143 55.36 37.35 -0.52
CA PHE C 143 54.97 38.03 0.70
C PHE C 143 56.17 38.77 1.27
N ASP C 144 55.90 39.62 2.26
CA ASP C 144 56.96 40.34 2.97
C ASP C 144 57.48 39.49 4.14
N ASN C 145 56.60 39.14 5.07
CA ASN C 145 56.92 38.21 6.13
C ASN C 145 55.66 37.44 6.49
N ALA C 146 55.73 36.65 7.56
CA ALA C 146 54.59 35.87 8.00
C ALA C 146 54.69 35.63 9.50
N PHE C 147 53.54 35.43 10.14
CA PHE C 147 53.48 35.14 11.56
C PHE C 147 52.17 34.42 11.84
N ASN C 148 52.12 33.75 13.00
CA ASN C 148 50.99 32.93 13.44
C ASN C 148 50.64 31.89 12.38
N CYS C 149 51.62 31.06 12.05
CA CYS C 149 51.44 30.07 11.00
C CYS C 149 50.62 28.90 11.51
N THR C 150 49.59 28.53 10.74
CA THR C 150 48.63 27.51 11.13
C THR C 150 48.86 26.19 10.42
N PHE C 151 49.06 26.21 9.10
CA PHE C 151 49.18 24.97 8.34
C PHE C 151 50.42 25.00 7.47
N GLU C 152 51.03 23.83 7.29
CA GLU C 152 52.25 23.68 6.51
C GLU C 152 52.23 22.33 5.81
N TYR C 153 52.59 22.31 4.53
CA TYR C 153 52.76 21.05 3.82
C TYR C 153 53.79 21.25 2.71
N ILE C 154 54.79 20.38 2.67
CA ILE C 154 55.80 20.38 1.61
C ILE C 154 55.84 18.99 1.00
N SER C 155 55.77 18.92 -0.32
CA SER C 155 55.74 17.65 -1.03
C SER C 155 57.16 17.19 -1.35
N ASP C 156 57.28 16.18 -2.21
CA ASP C 156 58.57 15.64 -2.58
C ASP C 156 59.31 16.59 -3.52
N ALA C 157 60.50 16.17 -3.96
CA ALA C 157 61.39 17.01 -4.75
C ALA C 157 61.41 16.54 -6.19
N PHE C 158 61.23 17.48 -7.12
CA PHE C 158 61.33 17.18 -8.54
C PHE C 158 61.97 18.35 -9.30
N LYS C 170 49.80 24.04 -25.48
CA LYS C 170 50.14 22.63 -25.65
C LYS C 170 49.59 21.78 -24.51
N HIS C 171 49.30 22.42 -23.38
CA HIS C 171 48.83 21.75 -22.19
C HIS C 171 47.54 22.39 -21.70
N LEU C 172 46.76 21.63 -20.95
CA LEU C 172 45.54 22.14 -20.33
C LEU C 172 45.44 21.56 -18.93
N ARG C 173 45.49 22.42 -17.92
CA ARG C 173 45.43 21.98 -16.54
C ARG C 173 44.14 22.49 -15.91
N GLU C 174 43.36 21.57 -15.34
CA GLU C 174 42.05 21.87 -14.79
C GLU C 174 42.03 21.57 -13.31
N PHE C 175 41.46 22.48 -12.52
CA PHE C 175 41.31 22.31 -11.09
C PHE C 175 39.92 22.72 -10.67
N VAL C 176 39.41 22.05 -9.64
CA VAL C 176 38.19 22.46 -8.95
C VAL C 176 38.54 22.69 -7.50
N PHE C 177 38.19 23.87 -6.99
CA PHE C 177 38.41 24.23 -5.59
C PHE C 177 37.07 24.48 -4.93
N LYS C 178 36.80 23.78 -3.83
CA LYS C 178 35.60 24.10 -3.06
C LYS C 178 35.90 24.03 -1.57
N ASN C 179 35.04 24.65 -0.77
CA ASN C 179 35.27 24.85 0.66
C ASN C 179 34.05 24.35 1.44
N LYS C 180 34.26 23.43 2.37
CA LYS C 180 33.15 22.87 3.13
C LYS C 180 33.66 22.28 4.43
N ASP C 181 33.01 22.63 5.55
CA ASP C 181 33.28 22.07 6.89
C ASP C 181 34.73 22.23 7.31
N GLY C 182 35.32 23.38 7.01
CA GLY C 182 36.71 23.60 7.34
C GLY C 182 37.68 22.79 6.51
N PHE C 183 37.26 22.32 5.35
CA PHE C 183 38.11 21.56 4.43
C PHE C 183 38.11 22.23 3.08
N LEU C 184 39.29 22.32 2.47
CA LEU C 184 39.44 22.80 1.10
C LEU C 184 39.67 21.58 0.22
N TYR C 185 38.73 21.33 -0.68
CA TYR C 185 38.80 20.22 -1.62
C TYR C 185 39.42 20.69 -2.92
N VAL C 186 40.45 19.98 -3.38
CA VAL C 186 41.17 20.30 -4.60
C VAL C 186 41.15 19.06 -5.49
N TYR C 187 40.58 19.21 -6.69
CA TYR C 187 40.52 18.18 -7.71
C TYR C 187 41.31 18.63 -8.94
N LYS C 188 42.04 17.71 -9.56
CA LYS C 188 42.94 18.05 -10.66
C LYS C 188 42.74 17.11 -11.85
N GLY C 189 42.89 17.67 -13.05
CA GLY C 189 43.00 16.87 -14.26
C GLY C 189 43.90 17.54 -15.28
N TYR C 190 44.40 16.73 -16.21
CA TYR C 190 45.35 17.19 -17.21
C TYR C 190 44.92 16.71 -18.59
N GLN C 191 45.11 17.55 -19.61
CA GLN C 191 44.75 17.20 -20.98
C GLN C 191 45.76 17.77 -21.97
N PRO C 192 46.28 16.95 -22.90
CA PRO C 192 47.18 17.47 -23.94
C PRO C 192 46.38 18.02 -25.12
N ILE C 193 46.57 19.31 -25.40
CA ILE C 193 45.83 20.00 -26.45
C ILE C 193 46.82 20.64 -27.42
N ASP C 194 46.28 21.15 -28.53
CA ASP C 194 47.08 21.94 -29.47
C ASP C 194 46.32 23.17 -29.96
N VAL C 195 45.57 23.83 -29.07
CA VAL C 195 44.76 24.99 -29.44
C VAL C 195 45.65 26.23 -29.57
N VAL C 196 45.08 27.30 -30.11
CA VAL C 196 45.81 28.54 -30.34
C VAL C 196 45.30 29.66 -29.44
N ARG C 197 44.00 29.93 -29.45
CA ARG C 197 43.45 31.11 -28.79
C ARG C 197 42.57 30.79 -27.60
N ASP C 198 41.52 30.00 -27.76
CA ASP C 198 40.53 29.77 -26.73
C ASP C 198 40.72 28.38 -26.12
N LEU C 199 39.97 28.12 -25.05
CA LEU C 199 40.00 26.79 -24.46
C LEU C 199 39.22 25.82 -25.33
N PRO C 200 39.66 24.58 -25.45
CA PRO C 200 38.97 23.63 -26.33
C PRO C 200 37.65 23.15 -25.77
N SER C 201 37.00 22.25 -26.51
CA SER C 201 35.73 21.65 -26.11
C SER C 201 35.93 20.16 -25.93
N GLY C 202 35.31 19.60 -24.90
CA GLY C 202 35.42 18.18 -24.66
C GLY C 202 34.92 17.81 -23.29
N PHE C 203 35.29 16.60 -22.88
CA PHE C 203 34.89 16.01 -21.61
C PHE C 203 36.12 15.42 -20.94
N ASN C 204 36.38 15.82 -19.70
CA ASN C 204 37.51 15.30 -18.95
C ASN C 204 37.13 15.22 -17.49
N THR C 205 37.45 14.10 -16.85
CA THR C 205 37.06 13.85 -15.47
C THR C 205 38.25 14.09 -14.55
N LEU C 206 38.02 14.87 -13.49
CA LEU C 206 39.07 15.25 -12.56
C LEU C 206 39.11 14.28 -11.39
N LYS C 207 40.31 14.08 -10.86
CA LYS C 207 40.54 13.19 -9.73
C LYS C 207 40.85 13.97 -8.47
N PRO C 208 40.48 13.47 -7.29
CA PRO C 208 40.78 14.18 -6.05
C PRO C 208 42.26 14.05 -5.69
N ILE C 209 42.88 15.19 -5.37
CA ILE C 209 44.27 15.19 -4.92
C ILE C 209 44.40 15.72 -3.50
N PHE C 210 43.64 16.75 -3.12
CA PHE C 210 43.86 17.34 -1.81
C PHE C 210 42.57 17.57 -1.05
N LYS C 211 42.64 17.37 0.26
CA LYS C 211 41.57 17.68 1.21
C LYS C 211 42.25 18.32 2.41
N LEU C 212 42.38 19.66 2.38
CA LEU C 212 43.22 20.36 3.35
C LEU C 212 42.40 20.87 4.53
N PRO C 213 42.80 20.57 5.76
CA PRO C 213 42.07 21.03 6.97
C PRO C 213 42.50 22.42 7.46
N LEU C 214 41.98 23.46 6.80
CA LEU C 214 42.45 24.81 7.00
C LEU C 214 41.58 25.63 7.94
N GLY C 215 40.26 25.59 7.76
CA GLY C 215 39.38 26.41 8.57
C GLY C 215 39.45 27.89 8.27
N ILE C 216 39.80 28.26 7.04
CA ILE C 216 39.96 29.65 6.63
C ILE C 216 38.62 30.16 6.11
N ASN C 217 38.32 31.42 6.40
CA ASN C 217 37.23 32.14 5.74
C ASN C 217 37.70 32.59 4.37
N ILE C 218 37.24 31.93 3.31
CA ILE C 218 37.71 32.21 1.96
C ILE C 218 36.60 32.89 1.18
N THR C 219 36.83 34.14 0.82
CA THR C 219 35.90 34.88 -0.03
C THR C 219 36.52 35.40 -1.32
N ASN C 220 37.85 35.50 -1.40
CA ASN C 220 38.53 36.00 -2.58
C ASN C 220 39.71 35.10 -2.89
N PHE C 221 40.27 35.26 -4.08
CA PHE C 221 41.50 34.58 -4.44
C PHE C 221 42.20 35.38 -5.54
N ARG C 222 43.42 34.97 -5.86
CA ARG C 222 44.23 35.64 -6.87
C ARG C 222 45.31 34.68 -7.35
N ALA C 223 45.52 34.63 -8.66
CA ALA C 223 46.50 33.73 -9.23
C ALA C 223 47.90 34.30 -9.14
N ILE C 224 48.90 33.43 -9.26
CA ILE C 224 50.31 33.79 -9.19
C ILE C 224 50.98 33.42 -10.49
N LEU C 225 51.65 34.39 -11.11
CA LEU C 225 52.32 34.23 -12.39
C LEU C 225 53.81 34.47 -12.22
N THR C 226 54.54 34.31 -13.32
CA THR C 226 55.96 34.63 -13.36
C THR C 226 56.20 35.81 -14.30
N ALA C 227 57.35 36.46 -14.11
CA ALA C 227 57.72 37.61 -14.94
C ALA C 227 59.07 37.38 -15.59
N ALA C 239 51.28 34.39 -24.00
CA ALA C 239 52.04 33.21 -23.67
C ALA C 239 51.17 32.16 -22.99
N ALA C 240 50.27 32.61 -22.11
CA ALA C 240 49.40 31.72 -21.37
C ALA C 240 48.10 32.44 -21.06
N ALA C 241 47.06 31.66 -20.76
CA ALA C 241 45.77 32.22 -20.40
C ALA C 241 45.12 31.33 -19.35
N TYR C 242 44.22 31.91 -18.57
CA TYR C 242 43.48 31.12 -17.59
C TYR C 242 42.03 31.55 -17.53
N PHE C 243 41.17 30.58 -17.23
CA PHE C 243 39.72 30.75 -17.29
C PHE C 243 39.12 30.39 -15.94
N VAL C 244 38.10 31.15 -15.53
CA VAL C 244 37.44 30.97 -14.25
C VAL C 244 35.95 30.77 -14.49
N GLY C 245 35.41 29.69 -13.91
CA GLY C 245 33.98 29.48 -13.88
C GLY C 245 33.53 29.15 -12.47
N TYR C 246 32.22 29.20 -12.25
CA TYR C 246 31.65 29.09 -10.91
C TYR C 246 30.82 27.82 -10.77
N LEU C 247 30.87 27.24 -9.57
CA LEU C 247 30.11 26.04 -9.26
C LEU C 247 28.77 26.40 -8.62
N LYS C 248 27.77 25.57 -8.85
CA LYS C 248 26.41 25.78 -8.36
C LYS C 248 25.81 24.45 -7.94
N PRO C 249 24.84 24.46 -7.02
CA PRO C 249 24.18 23.20 -6.62
C PRO C 249 23.32 22.66 -7.75
N THR C 250 23.68 21.48 -8.24
CA THR C 250 23.11 20.93 -9.46
C THR C 250 23.05 19.42 -9.34
N THR C 251 22.03 18.83 -9.96
CA THR C 251 21.88 17.38 -10.05
C THR C 251 22.47 16.89 -11.36
N PHE C 252 23.31 15.85 -11.28
CA PHE C 252 23.95 15.25 -12.43
C PHE C 252 23.67 13.75 -12.44
N MET C 253 23.69 13.20 -13.65
CA MET C 253 23.64 11.75 -13.83
C MET C 253 24.89 11.29 -14.55
N LEU C 254 25.63 10.38 -13.92
CA LEU C 254 26.96 9.99 -14.37
C LEU C 254 26.95 8.55 -14.85
N LYS C 255 27.76 8.27 -15.86
CA LYS C 255 27.88 6.95 -16.44
C LYS C 255 29.27 6.40 -16.16
N TYR C 256 29.33 5.13 -15.76
CA TYR C 256 30.58 4.43 -15.50
C TYR C 256 30.76 3.35 -16.55
N ASP C 257 31.97 3.21 -17.08
CA ASP C 257 32.22 2.20 -18.09
C ASP C 257 32.60 0.88 -17.42
N GLU C 258 33.12 -0.06 -18.22
CA GLU C 258 33.49 -1.38 -17.70
C GLU C 258 34.68 -1.35 -16.78
N ASN C 259 35.50 -0.29 -16.82
CA ASN C 259 36.69 -0.20 -15.97
C ASN C 259 36.52 0.81 -14.84
N GLY C 260 35.29 1.18 -14.51
CA GLY C 260 35.06 2.09 -13.41
C GLY C 260 35.41 3.53 -13.66
N THR C 261 35.49 3.95 -14.92
CA THR C 261 35.85 5.31 -15.29
C THR C 261 34.62 6.06 -15.77
N ILE C 262 34.44 7.28 -15.28
CA ILE C 262 33.31 8.12 -15.71
C ILE C 262 33.60 8.60 -17.12
N THR C 263 32.69 8.27 -18.06
CA THR C 263 32.86 8.64 -19.45
C THR C 263 31.82 9.62 -19.97
N ASP C 264 30.65 9.72 -19.34
CA ASP C 264 29.61 10.60 -19.83
C ASP C 264 28.73 11.05 -18.67
N ALA C 265 28.02 12.14 -18.89
CA ALA C 265 27.15 12.69 -17.86
C ALA C 265 26.03 13.48 -18.51
N VAL C 266 24.96 13.67 -17.75
CA VAL C 266 23.79 14.45 -18.15
C VAL C 266 23.52 15.48 -17.07
N ASP C 267 23.42 16.74 -17.47
CA ASP C 267 23.07 17.85 -16.60
C ASP C 267 21.55 18.01 -16.65
N CYS C 268 20.88 17.74 -15.53
CA CYS C 268 19.44 17.58 -15.49
C CYS C 268 18.67 18.90 -15.54
N SER C 269 19.34 20.03 -15.74
CA SER C 269 18.67 21.32 -15.74
C SER C 269 19.04 22.18 -16.95
N GLN C 270 19.60 21.56 -17.98
CA GLN C 270 20.05 22.30 -19.16
C GLN C 270 18.92 22.54 -20.15
N ASN C 271 18.07 21.54 -20.39
CA ASN C 271 17.00 21.61 -21.36
C ASN C 271 15.99 20.51 -21.03
N PRO C 272 14.76 20.58 -21.55
CA PRO C 272 13.75 19.55 -21.20
C PRO C 272 14.12 18.13 -21.58
N LEU C 273 14.91 17.93 -22.64
CA LEU C 273 15.33 16.59 -23.01
C LEU C 273 16.20 15.95 -21.92
N ALA C 274 17.07 16.73 -21.31
CA ALA C 274 17.89 16.21 -20.21
C ALA C 274 17.05 15.96 -18.96
N GLU C 275 16.01 16.77 -18.73
CA GLU C 275 15.07 16.47 -17.65
C GLU C 275 14.39 15.14 -17.87
N LEU C 276 14.00 14.86 -19.12
CA LEU C 276 13.41 13.57 -19.45
C LEU C 276 14.39 12.43 -19.22
N LYS C 277 15.65 12.62 -19.66
CA LYS C 277 16.68 11.59 -19.49
C LYS C 277 16.95 11.30 -18.01
N CYS C 278 16.98 12.34 -17.18
CA CYS C 278 17.18 12.12 -15.75
C CYS C 278 15.95 11.52 -15.10
N SER C 279 14.76 11.79 -15.64
CA SER C 279 13.54 11.23 -15.06
C SER C 279 13.45 9.74 -15.33
N VAL C 280 13.69 9.31 -16.57
CA VAL C 280 13.58 7.89 -16.88
C VAL C 280 14.86 7.13 -16.54
N LYS C 281 15.95 7.84 -16.24
CA LYS C 281 17.25 7.28 -15.88
C LYS C 281 17.79 6.40 -17.01
N SER C 282 18.04 7.06 -18.15
CA SER C 282 18.64 6.42 -19.30
C SER C 282 19.22 7.48 -20.22
N PHE C 283 20.19 7.07 -21.03
CA PHE C 283 20.75 7.91 -22.07
C PHE C 283 20.04 7.74 -23.41
N GLU C 284 19.03 6.87 -23.46
CA GLU C 284 18.34 6.52 -24.70
C GLU C 284 16.85 6.74 -24.53
N ILE C 285 16.28 7.60 -25.36
CA ILE C 285 14.85 7.91 -25.32
C ILE C 285 14.23 7.43 -26.62
N ASP C 286 13.13 6.69 -26.50
CA ASP C 286 12.41 6.18 -27.65
C ASP C 286 11.50 7.26 -28.24
N LYS C 287 10.89 6.94 -29.37
CA LYS C 287 10.06 7.90 -30.09
C LYS C 287 8.70 8.05 -29.42
N GLY C 288 8.26 9.30 -29.26
CA GLY C 288 6.93 9.56 -28.75
C GLY C 288 6.86 10.90 -28.05
N ILE C 289 5.81 11.06 -27.24
CA ILE C 289 5.57 12.25 -26.46
C ILE C 289 5.51 11.86 -24.98
N TYR C 290 6.26 12.58 -24.15
CA TYR C 290 6.38 12.25 -22.74
C TYR C 290 6.00 13.46 -21.90
N GLN C 291 5.29 13.21 -20.81
CA GLN C 291 4.94 14.27 -19.87
C GLN C 291 6.08 14.47 -18.90
N THR C 292 6.68 15.65 -18.90
CA THR C 292 7.73 15.95 -17.94
C THR C 292 7.12 16.72 -16.77
N SER C 293 7.97 17.26 -15.91
CA SER C 293 7.48 17.97 -14.74
C SER C 293 6.89 19.32 -15.15
N ASN C 294 6.10 19.90 -14.24
CA ASN C 294 5.37 21.11 -14.51
C ASN C 294 6.31 22.30 -14.66
N PHE C 295 5.78 23.39 -15.24
CA PHE C 295 6.57 24.57 -15.50
C PHE C 295 6.92 25.28 -14.20
N ARG C 296 8.19 25.62 -14.03
CA ARG C 296 8.68 26.21 -12.79
C ARG C 296 9.39 27.52 -13.08
N VAL C 297 9.29 28.45 -12.13
CA VAL C 297 10.10 29.66 -12.13
C VAL C 297 10.88 29.70 -10.83
N VAL C 298 11.97 30.47 -10.84
CA VAL C 298 12.88 30.55 -9.70
C VAL C 298 12.56 31.81 -8.92
N PRO C 299 12.60 31.78 -7.59
CA PRO C 299 12.41 33.02 -6.81
C PRO C 299 13.51 34.04 -7.11
N SER C 300 13.12 35.31 -7.11
CA SER C 300 13.98 36.41 -7.51
C SER C 300 13.89 37.56 -6.52
N GLY C 301 13.99 37.25 -5.24
CA GLY C 301 14.01 38.29 -4.23
C GLY C 301 13.70 37.74 -2.86
N ASP C 302 13.89 38.60 -1.86
CA ASP C 302 13.62 38.26 -0.46
C ASP C 302 12.76 39.36 0.14
N VAL C 303 11.69 38.96 0.82
CA VAL C 303 10.81 39.87 1.53
C VAL C 303 10.75 39.41 2.99
N VAL C 304 11.24 40.25 3.90
CA VAL C 304 11.23 39.94 5.33
C VAL C 304 10.38 41.00 6.02
N ARG C 305 9.35 40.56 6.74
CA ARG C 305 8.42 41.46 7.41
C ARG C 305 8.33 41.08 8.88
N PHE C 306 8.73 42.00 9.74
CA PHE C 306 8.68 41.86 11.18
C PHE C 306 8.03 43.11 11.76
N PRO C 307 7.38 43.02 12.91
CA PRO C 307 6.81 44.21 13.55
C PRO C 307 7.88 45.22 13.91
N ASN C 308 7.52 46.49 13.81
CA ASN C 308 8.43 47.58 14.14
C ASN C 308 8.48 47.76 15.66
N ILE C 309 9.41 47.05 16.28
CA ILE C 309 9.58 47.03 17.73
C ILE C 309 10.95 47.58 18.06
N THR C 310 10.98 48.66 18.85
CA THR C 310 12.23 49.38 19.11
C THR C 310 12.57 49.40 20.59
N ASN C 311 12.45 48.27 21.28
CA ASN C 311 12.74 48.19 22.70
C ASN C 311 13.51 46.92 22.99
N LEU C 312 14.65 47.07 23.68
CA LEU C 312 15.37 45.91 24.16
C LEU C 312 14.58 45.24 25.28
N CYS C 313 14.76 43.94 25.40
CA CYS C 313 13.75 43.26 26.20
C CYS C 313 14.29 43.05 27.62
N PRO C 314 13.45 43.11 28.68
CA PRO C 314 13.99 43.25 30.04
C PRO C 314 14.75 42.05 30.57
N PHE C 315 15.99 41.88 30.11
CA PHE C 315 16.84 40.81 30.64
C PHE C 315 17.30 41.13 32.05
N GLY C 316 17.69 42.38 32.32
CA GLY C 316 18.20 42.73 33.62
C GLY C 316 17.12 42.75 34.69
N GLU C 317 15.89 43.09 34.32
CA GLU C 317 14.80 43.10 35.29
C GLU C 317 14.42 41.69 35.73
N VAL C 318 14.55 40.71 34.84
CA VAL C 318 14.16 39.34 35.14
C VAL C 318 15.30 38.56 35.77
N PHE C 319 16.49 38.59 35.15
CA PHE C 319 17.59 37.78 35.64
C PHE C 319 18.28 38.43 36.83
N ASN C 320 18.60 39.72 36.73
CA ASN C 320 19.33 40.41 37.79
C ASN C 320 18.36 41.09 38.76
N ALA C 321 17.42 40.32 39.29
CA ALA C 321 16.46 40.82 40.25
C ALA C 321 16.96 40.60 41.66
N THR C 322 16.60 41.52 42.55
CA THR C 322 17.14 41.49 43.91
C THR C 322 16.50 40.37 44.73
N LYS C 323 15.22 40.07 44.49
CA LYS C 323 14.53 39.03 45.24
C LYS C 323 13.87 38.05 44.30
N PHE C 324 13.92 36.77 44.66
CA PHE C 324 13.24 35.69 43.98
C PHE C 324 12.32 34.97 44.96
N PRO C 325 11.22 34.41 44.49
CA PRO C 325 10.29 33.72 45.39
C PRO C 325 10.69 32.27 45.64
N SER C 326 9.99 31.65 46.58
CA SER C 326 10.17 30.24 46.87
C SER C 326 9.53 29.38 45.78
N VAL C 327 9.89 28.10 45.76
CA VAL C 327 9.40 27.21 44.71
C VAL C 327 7.91 26.91 44.90
N TYR C 328 7.43 26.92 46.15
CA TYR C 328 6.01 26.68 46.37
C TYR C 328 5.16 27.89 46.03
N ALA C 329 5.77 29.07 45.91
CA ALA C 329 5.09 30.31 45.60
C ALA C 329 5.76 31.00 44.42
N TRP C 330 5.98 30.24 43.35
CA TRP C 330 6.71 30.75 42.19
C TRP C 330 5.94 31.87 41.51
N GLU C 331 6.66 32.76 40.84
CA GLU C 331 6.03 33.95 40.31
C GLU C 331 6.06 33.97 38.78
N ARG C 332 5.01 34.52 38.19
CA ARG C 332 4.81 34.49 36.74
C ARG C 332 4.63 35.91 36.22
N LYS C 333 5.35 36.24 35.14
CA LYS C 333 5.36 37.57 34.56
C LYS C 333 5.14 37.49 33.07
N LYS C 334 4.42 38.46 32.51
CA LYS C 334 4.13 38.50 31.08
C LYS C 334 5.16 39.39 30.38
N ILE C 335 5.68 38.90 29.25
CA ILE C 335 6.67 39.62 28.46
C ILE C 335 6.03 39.99 27.13
N SER C 336 6.15 41.26 26.74
CA SER C 336 5.51 41.71 25.51
C SER C 336 6.23 42.94 24.97
N ASN C 337 6.17 43.10 23.65
CA ASN C 337 6.61 44.29 22.92
C ASN C 337 8.10 44.56 23.12
N CYS C 338 8.91 43.57 22.77
CA CYS C 338 10.34 43.68 23.00
C CYS C 338 11.09 42.90 21.93
N VAL C 339 12.38 43.21 21.80
CA VAL C 339 13.29 42.52 20.90
C VAL C 339 14.25 41.69 21.75
N ALA C 340 14.30 40.38 21.49
CA ALA C 340 15.06 39.44 22.31
C ALA C 340 16.25 38.92 21.52
N ASP C 341 17.36 39.63 21.61
CA ASP C 341 18.58 39.24 20.90
C ASP C 341 19.58 38.49 21.79
N TYR C 342 19.54 38.72 23.11
CA TYR C 342 20.21 37.95 24.15
C TYR C 342 21.71 37.78 23.99
N SER C 343 22.33 38.52 23.08
CA SER C 343 23.79 38.55 23.01
C SER C 343 24.38 39.48 24.05
N VAL C 344 23.59 40.40 24.58
CA VAL C 344 24.03 41.34 25.61
C VAL C 344 24.38 40.65 26.91
N LEU C 345 23.99 39.39 27.08
CA LEU C 345 24.36 38.58 28.22
C LEU C 345 25.67 37.84 28.03
N TYR C 346 26.38 38.07 26.92
CA TYR C 346 27.57 37.27 26.66
C TYR C 346 28.80 37.75 27.40
N ASN C 347 28.77 38.92 28.03
CA ASN C 347 29.86 39.36 28.89
C ASN C 347 29.50 39.41 30.36
N SER C 348 28.23 39.23 30.74
CA SER C 348 27.79 39.49 32.09
C SER C 348 27.35 38.22 32.83
N THR C 349 26.37 37.49 32.30
CA THR C 349 25.78 36.38 33.04
C THR C 349 25.93 35.08 32.27
N PHE C 350 26.13 34.00 33.03
CA PHE C 350 26.43 32.68 32.48
C PHE C 350 25.59 31.65 33.19
N PHE C 351 25.00 30.73 32.42
CA PHE C 351 23.99 29.82 32.92
C PHE C 351 24.58 28.43 33.08
N SER C 352 24.36 27.83 34.26
CA SER C 352 24.82 26.46 34.46
C SER C 352 24.01 25.48 33.62
N THR C 353 22.70 25.70 33.50
CA THR C 353 21.92 24.91 32.55
C THR C 353 21.00 25.81 31.73
N PHE C 354 20.86 25.46 30.45
CA PHE C 354 19.94 26.11 29.54
C PHE C 354 19.51 25.05 28.54
N LYS C 355 18.25 24.60 28.65
CA LYS C 355 17.78 23.47 27.87
C LYS C 355 16.36 23.77 27.40
N CYS C 356 16.05 23.46 26.14
CA CYS C 356 14.68 23.74 25.74
C CYS C 356 14.07 22.79 24.73
N TYR C 357 12.75 22.95 24.60
CA TYR C 357 11.82 21.94 24.14
C TYR C 357 10.85 22.57 23.15
N GLY C 358 10.60 21.86 22.06
CA GLY C 358 9.70 22.33 21.02
C GLY C 358 10.36 23.18 19.95
N VAL C 359 11.66 23.44 20.06
CA VAL C 359 12.38 24.30 19.13
C VAL C 359 13.86 24.02 19.31
N CYS C 360 14.62 24.11 18.21
CA CYS C 360 16.07 24.03 18.30
C CYS C 360 16.62 25.38 18.74
N ALA C 361 17.72 25.33 19.49
CA ALA C 361 18.26 26.54 20.10
C ALA C 361 18.91 27.46 19.07
N THR C 362 19.39 26.92 17.96
CA THR C 362 20.09 27.72 16.97
C THR C 362 19.17 28.59 16.12
N LYS C 363 17.86 28.43 16.25
CA LYS C 363 16.91 29.18 15.44
C LYS C 363 16.13 30.23 16.20
N LEU C 364 16.43 30.42 17.49
CA LEU C 364 15.70 31.38 18.31
C LEU C 364 15.87 32.82 17.85
N ASN C 365 16.89 33.10 17.05
CA ASN C 365 17.07 34.43 16.48
C ASN C 365 16.21 34.68 15.26
N ASP C 366 15.63 33.64 14.66
CA ASP C 366 14.91 33.80 13.40
C ASP C 366 13.39 33.78 13.56
N LEU C 367 12.89 33.58 14.77
CA LEU C 367 11.46 33.37 15.00
C LEU C 367 10.84 34.60 15.63
N CYS C 368 9.56 34.48 15.97
CA CYS C 368 8.86 35.50 16.74
C CYS C 368 7.73 34.81 17.49
N PHE C 369 7.46 35.29 18.70
CA PHE C 369 6.72 34.52 19.70
C PHE C 369 5.45 35.25 20.13
N SER C 370 4.46 34.47 20.58
CA SER C 370 3.09 34.98 20.72
C SER C 370 2.72 35.38 22.15
N ASN C 371 2.78 34.45 23.09
CA ASN C 371 2.37 34.69 24.48
C ASN C 371 3.50 34.26 25.40
N VAL C 372 4.43 35.17 25.69
CA VAL C 372 5.63 34.82 26.43
C VAL C 372 5.40 35.08 27.91
N TYR C 373 5.58 34.04 28.72
CA TYR C 373 5.51 34.12 30.17
C TYR C 373 6.82 33.62 30.76
N ALA C 374 7.20 34.19 31.89
CA ALA C 374 8.42 33.82 32.59
C ALA C 374 8.11 33.53 34.04
N ASP C 375 8.52 32.36 34.50
CA ASP C 375 8.30 31.90 35.87
C ASP C 375 9.63 31.87 36.59
N SER C 376 9.66 32.42 37.79
CA SER C 376 10.89 32.53 38.57
C SER C 376 10.72 31.86 39.93
N PHE C 377 11.77 31.16 40.34
CA PHE C 377 11.86 30.61 41.70
C PHE C 377 13.31 30.22 42.00
N VAL C 378 13.53 29.72 43.21
CA VAL C 378 14.84 29.30 43.72
C VAL C 378 14.73 27.86 44.21
N VAL C 379 15.63 26.99 43.76
CA VAL C 379 15.72 25.64 44.31
C VAL C 379 17.16 25.38 44.72
N LYS C 380 17.47 24.15 45.10
CA LYS C 380 18.85 23.77 45.38
C LYS C 380 19.42 23.02 44.17
N GLY C 381 20.71 22.67 44.26
CA GLY C 381 21.41 22.14 43.10
C GLY C 381 20.91 20.78 42.65
N ASP C 382 20.54 19.92 43.60
CA ASP C 382 20.04 18.59 43.27
C ASP C 382 18.61 18.61 42.74
N ASP C 383 17.91 19.74 42.79
CA ASP C 383 16.52 19.81 42.37
C ASP C 383 16.35 20.42 40.99
N VAL C 384 17.43 20.79 40.32
CA VAL C 384 17.30 21.43 39.01
C VAL C 384 16.94 20.40 37.94
N ARG C 385 17.31 19.13 38.14
CA ARG C 385 16.97 18.10 37.18
C ARG C 385 15.48 17.77 37.17
N GLN C 386 14.75 18.11 38.23
CA GLN C 386 13.32 17.85 38.30
C GLN C 386 12.49 18.86 37.53
N ILE C 387 13.08 19.95 37.07
CA ILE C 387 12.34 20.96 36.29
C ILE C 387 12.49 20.54 34.83
N ALA C 388 11.63 19.61 34.42
CA ALA C 388 11.61 19.03 33.09
C ALA C 388 10.30 18.27 32.94
N PRO C 389 9.81 18.10 31.71
CA PRO C 389 8.61 17.29 31.50
C PRO C 389 8.82 15.84 31.93
N GLY C 390 7.77 15.26 32.51
CA GLY C 390 7.76 13.85 32.87
C GLY C 390 8.68 13.44 34.00
N GLN C 391 8.88 14.31 34.98
CA GLN C 391 9.73 14.01 36.12
C GLN C 391 8.91 13.72 37.35
N THR C 392 9.53 13.04 38.31
CA THR C 392 8.95 12.85 39.63
C THR C 392 9.94 13.31 40.67
N GLY C 393 9.43 13.64 41.85
CA GLY C 393 10.22 14.24 42.89
C GLY C 393 9.34 15.17 43.70
N VAL C 394 9.92 15.72 44.76
CA VAL C 394 9.13 16.55 45.68
C VAL C 394 8.73 17.85 45.00
N ILE C 395 9.62 18.41 44.17
CA ILE C 395 9.30 19.62 43.42
C ILE C 395 8.28 19.33 42.33
N ALA C 396 8.45 18.24 41.60
CA ALA C 396 7.56 17.92 40.51
C ALA C 396 6.20 17.45 40.97
N ASP C 397 6.11 16.89 42.18
CA ASP C 397 4.82 16.44 42.70
C ASP C 397 4.07 17.54 43.43
N TYR C 398 4.75 18.31 44.29
CA TYR C 398 4.03 19.19 45.20
C TYR C 398 4.27 20.67 45.00
N ASN C 399 5.23 21.07 44.17
CA ASN C 399 5.55 22.49 44.04
C ASN C 399 5.37 23.03 42.63
N TYR C 400 5.99 22.41 41.63
CA TYR C 400 5.99 22.98 40.28
C TYR C 400 6.00 21.87 39.26
N LYS C 401 4.97 21.79 38.42
CA LYS C 401 4.89 20.80 37.36
C LYS C 401 4.83 21.48 36.00
N LEU C 402 5.42 20.82 35.01
CA LEU C 402 5.38 21.21 33.61
C LEU C 402 4.50 20.26 32.81
N PRO C 403 3.87 20.71 31.73
CA PRO C 403 3.12 19.80 30.88
C PRO C 403 4.03 18.86 30.12
N ASP C 404 3.43 17.79 29.60
CA ASP C 404 4.18 16.85 28.77
C ASP C 404 4.61 17.50 27.46
N ASP C 405 3.77 18.35 26.88
CA ASP C 405 4.08 19.07 25.64
C ASP C 405 4.32 20.53 25.97
N PHE C 406 5.58 20.87 26.25
CA PHE C 406 5.88 22.13 26.90
C PHE C 406 6.05 23.28 25.90
N MET C 407 7.02 23.15 24.98
CA MET C 407 7.42 24.24 24.07
C MET C 407 7.87 25.47 24.86
N GLY C 408 9.07 25.40 25.44
CA GLY C 408 9.64 26.55 26.11
C GLY C 408 11.05 26.23 26.54
N CYS C 409 11.69 27.17 27.25
CA CYS C 409 13.07 27.01 27.65
C CYS C 409 13.29 27.19 29.15
N VAL C 410 14.12 26.31 29.73
CA VAL C 410 14.44 26.32 31.15
C VAL C 410 15.88 26.79 31.33
N LEU C 411 16.09 27.80 32.18
CA LEU C 411 17.39 28.39 32.45
C LEU C 411 17.63 28.38 33.95
N ALA C 412 18.85 28.02 34.37
CA ALA C 412 19.16 28.07 35.79
C ALA C 412 20.64 28.33 35.99
N TRP C 413 20.93 29.08 37.06
CA TRP C 413 22.31 29.47 37.36
C TRP C 413 22.55 29.52 38.86
N ASN C 414 23.83 29.35 39.24
CA ASN C 414 24.23 29.27 40.64
C ASN C 414 24.32 30.66 41.24
N THR C 415 23.75 30.82 42.42
CA THR C 415 23.63 32.10 43.10
C THR C 415 24.01 31.91 44.58
N ARG C 416 25.21 31.36 44.82
CA ARG C 416 25.65 31.12 46.18
C ARG C 416 26.17 32.39 46.85
N ASN C 417 26.74 33.32 46.09
CA ASN C 417 27.27 34.54 46.66
C ASN C 417 26.19 35.51 47.11
N ILE C 418 24.93 35.27 46.78
CA ILE C 418 23.83 36.14 47.12
C ILE C 418 22.86 35.47 48.11
N ASP C 419 22.44 34.25 47.80
CA ASP C 419 21.37 33.61 48.55
C ASP C 419 21.86 32.80 49.74
N ALA C 420 23.17 32.59 49.91
CA ALA C 420 23.71 31.81 51.00
C ALA C 420 24.55 32.70 51.89
N THR C 421 24.29 32.64 53.20
CA THR C 421 25.06 33.36 54.20
C THR C 421 25.83 32.38 55.07
N SER C 422 26.74 32.91 55.87
CA SER C 422 27.65 32.08 56.66
C SER C 422 26.91 31.32 57.75
N THR C 423 25.97 31.97 58.43
CA THR C 423 25.24 31.35 59.52
C THR C 423 23.98 30.61 59.07
N GLY C 424 23.62 30.71 57.79
CA GLY C 424 22.43 30.06 57.30
C GLY C 424 21.39 31.01 56.77
N ASN C 425 20.69 30.60 55.72
CA ASN C 425 19.63 31.40 55.11
C ASN C 425 18.40 30.52 55.01
N TYR C 426 17.38 30.80 55.84
CA TYR C 426 16.21 29.94 55.96
C TYR C 426 14.95 30.61 55.41
N ASN C 427 15.10 31.46 54.40
CA ASN C 427 13.99 32.21 53.85
C ASN C 427 13.29 31.51 52.70
N TYR C 428 13.83 30.39 52.21
CA TYR C 428 13.27 29.67 51.09
C TYR C 428 12.67 28.36 51.57
N LYS C 429 11.47 28.05 51.10
CA LYS C 429 10.68 26.94 51.62
C LYS C 429 10.12 26.12 50.46
N TYR C 430 9.78 24.87 50.77
CA TYR C 430 9.15 23.98 49.80
C TYR C 430 8.17 23.08 50.53
N ARG C 431 7.15 22.64 49.81
CA ARG C 431 6.12 21.78 50.40
C ARG C 431 6.50 20.32 50.21
N TYR C 432 6.43 19.55 51.29
CA TYR C 432 6.77 18.13 51.22
C TYR C 432 5.63 17.21 51.65
N LEU C 433 4.47 17.74 52.00
CA LEU C 433 3.32 16.93 52.39
C LEU C 433 2.09 17.45 51.67
N ARG C 434 1.34 16.56 51.03
CA ARG C 434 0.15 16.94 50.30
C ARG C 434 -0.74 15.72 50.12
N HIS C 435 -2.01 15.98 49.85
CA HIS C 435 -2.99 14.93 49.66
C HIS C 435 -3.15 14.51 48.20
N GLY C 436 -2.33 15.05 47.31
CA GLY C 436 -2.38 14.65 45.92
C GLY C 436 -1.25 15.33 45.17
N LYS C 437 -1.25 15.11 43.86
CA LYS C 437 -0.26 15.76 43.01
C LYS C 437 -0.88 16.98 42.34
N LEU C 438 0.00 17.89 41.92
CA LEU C 438 -0.44 19.12 41.27
C LEU C 438 -0.67 18.89 39.78
N ARG C 439 -1.56 19.69 39.23
CA ARG C 439 -1.74 19.79 37.79
C ARG C 439 -0.68 20.71 37.21
N PRO C 440 -0.43 20.65 35.90
CA PRO C 440 0.57 21.54 35.29
C PRO C 440 0.22 23.01 35.45
N PHE C 441 1.25 23.81 35.78
CA PHE C 441 1.18 25.26 35.96
C PHE C 441 0.15 25.65 37.02
N GLU C 442 0.06 24.83 38.07
CA GLU C 442 -0.85 25.07 39.17
C GLU C 442 -0.06 25.41 40.44
N ARG C 443 -0.63 26.28 41.27
CA ARG C 443 0.03 26.79 42.46
C ARG C 443 -0.80 26.47 43.69
N ASP C 444 -0.13 26.34 44.83
CA ASP C 444 -0.78 26.09 46.11
C ASP C 444 0.04 26.80 47.18
N ILE C 445 -0.52 27.87 47.76
CA ILE C 445 0.23 28.70 48.69
C ILE C 445 -0.38 28.68 50.10
N SER C 446 -1.25 27.72 50.38
CA SER C 446 -1.83 27.61 51.70
C SER C 446 -0.82 27.02 52.68
N ASN C 447 -1.09 27.21 53.97
CA ASN C 447 -0.25 26.70 55.04
C ASN C 447 -1.09 26.08 56.15
N VAL C 448 -2.10 25.30 55.75
CA VAL C 448 -2.91 24.54 56.71
C VAL C 448 -2.09 23.38 57.26
N PRO C 449 -2.19 23.05 58.55
CA PRO C 449 -1.51 21.85 59.05
C PRO C 449 -2.05 20.58 58.40
N PHE C 450 -1.18 19.59 58.28
CA PHE C 450 -1.44 18.40 57.48
C PHE C 450 -1.61 17.19 58.40
N SER C 451 -2.55 16.32 58.03
CA SER C 451 -2.78 15.06 58.71
C SER C 451 -2.81 13.94 57.68
N PRO C 452 -2.29 12.76 58.02
CA PRO C 452 -2.33 11.64 57.06
C PRO C 452 -3.73 11.22 56.65
N ASP C 453 -4.71 11.35 57.54
CA ASP C 453 -6.10 11.30 57.14
C ASP C 453 -6.62 12.70 56.88
N GLY C 454 -7.81 12.79 56.29
CA GLY C 454 -8.30 14.10 55.87
C GLY C 454 -8.79 15.01 56.97
N LYS C 455 -8.86 14.53 58.20
CA LYS C 455 -9.48 15.30 59.28
C LYS C 455 -8.56 16.41 59.75
N PRO C 456 -9.09 17.60 60.02
CA PRO C 456 -8.26 18.69 60.55
C PRO C 456 -7.79 18.41 61.98
N CYS C 457 -6.68 19.04 62.34
CA CYS C 457 -6.06 18.79 63.63
C CYS C 457 -5.33 20.04 64.11
N THR C 458 -5.10 20.09 65.43
CA THR C 458 -4.31 21.11 66.09
C THR C 458 -2.82 20.84 65.87
N PRO C 459 -2.00 21.89 65.73
CA PRO C 459 -0.59 21.71 65.31
C PRO C 459 0.26 20.90 66.29
N PRO C 460 0.37 21.23 67.58
CA PRO C 460 1.43 20.59 68.37
C PRO C 460 1.11 19.16 68.80
N ALA C 461 -0.03 18.61 68.42
CA ALA C 461 -0.44 17.28 68.85
C ALA C 461 0.25 16.21 67.99
N LEU C 462 -0.23 14.97 68.12
CA LEU C 462 0.35 13.84 67.41
C LEU C 462 -0.27 13.69 66.04
N ASN C 463 0.57 13.30 65.06
CA ASN C 463 0.16 13.08 63.67
C ASN C 463 -0.48 14.32 63.05
N CYS C 464 0.15 15.47 63.26
CA CYS C 464 -0.30 16.72 62.68
C CYS C 464 0.93 17.57 62.43
N TYR C 465 1.32 17.72 61.17
CA TYR C 465 2.59 18.32 60.79
C TYR C 465 2.36 19.62 60.04
N TRP C 466 3.41 20.44 59.99
CA TRP C 466 3.43 21.62 59.13
C TRP C 466 3.96 21.22 57.77
N PRO C 467 3.24 21.50 56.68
CA PRO C 467 3.60 20.93 55.37
C PRO C 467 4.78 21.61 54.69
N LEU C 468 5.25 22.76 55.17
CA LEU C 468 6.35 23.46 54.53
C LEU C 468 7.66 23.16 55.25
N ASN C 469 8.75 23.24 54.51
CA ASN C 469 10.06 22.82 55.00
C ASN C 469 11.13 23.78 54.47
N ASP C 470 12.17 23.99 55.26
CA ASP C 470 13.15 25.04 55.02
C ASP C 470 14.37 24.50 54.28
N TYR C 471 14.67 25.09 53.12
CA TYR C 471 16.06 25.17 52.66
C TYR C 471 16.91 25.95 53.64
N GLY C 472 17.97 25.31 54.12
CA GLY C 472 18.98 26.01 54.88
C GLY C 472 20.25 26.12 54.06
N PHE C 473 20.59 27.32 53.63
CA PHE C 473 21.69 27.53 52.71
C PHE C 473 22.89 28.12 53.45
N TYR C 474 24.02 27.42 53.37
CA TYR C 474 25.27 27.86 53.97
C TYR C 474 26.32 28.05 52.89
N THR C 475 27.31 28.87 53.19
CA THR C 475 28.39 29.13 52.24
C THR C 475 29.36 27.96 52.13
N THR C 476 29.42 27.09 53.14
CA THR C 476 30.44 26.06 53.26
C THR C 476 29.87 24.66 53.10
N THR C 477 28.99 24.45 52.13
CA THR C 477 28.43 23.14 51.85
C THR C 477 28.67 22.76 50.40
N GLY C 478 28.40 21.49 50.07
CA GLY C 478 28.64 20.97 48.74
C GLY C 478 27.68 21.54 47.71
N ILE C 479 28.02 21.33 46.43
CA ILE C 479 27.29 21.96 45.34
C ILE C 479 25.88 21.42 45.18
N GLY C 480 25.58 20.24 45.75
CA GLY C 480 24.23 19.76 45.70
C GLY C 480 23.29 20.47 46.66
N TYR C 481 23.83 21.21 47.62
CA TYR C 481 23.04 21.96 48.59
C TYR C 481 23.23 23.46 48.47
N GLN C 482 23.66 23.92 47.33
CA GLN C 482 23.82 25.34 47.08
C GLN C 482 22.61 25.88 46.33
N PRO C 483 22.25 27.15 46.53
CA PRO C 483 21.06 27.69 45.89
C PRO C 483 21.26 27.96 44.40
N TYR C 484 20.18 27.78 43.65
CA TYR C 484 20.13 28.02 42.21
C TYR C 484 18.88 28.80 41.89
N ARG C 485 19.01 29.78 40.99
CA ARG C 485 17.89 30.55 40.50
C ARG C 485 17.43 29.99 39.16
N VAL C 486 16.11 29.82 39.01
CA VAL C 486 15.51 29.18 37.86
C VAL C 486 14.48 30.10 37.24
N VAL C 487 14.59 30.29 35.92
CA VAL C 487 13.61 31.00 35.11
C VAL C 487 13.14 30.08 34.00
N VAL C 488 11.83 29.91 33.89
CA VAL C 488 11.20 29.07 32.88
C VAL C 488 10.40 29.96 31.95
N LEU C 489 10.69 29.89 30.65
CA LEU C 489 10.02 30.70 29.64
C LEU C 489 9.10 29.84 28.81
N SER C 490 7.84 30.26 28.68
CA SER C 490 6.83 29.54 27.92
C SER C 490 6.25 30.46 26.85
N PHE C 491 6.07 29.93 25.65
CA PHE C 491 5.59 30.71 24.52
C PHE C 491 4.92 29.81 23.50
N GLU C 492 4.36 30.43 22.46
CA GLU C 492 3.78 29.75 21.31
C GLU C 492 4.51 30.17 20.04
N LEU C 493 4.24 29.46 18.95
CA LEU C 493 5.00 29.66 17.71
C LEU C 493 4.10 29.55 16.49
N LEU C 494 4.08 30.62 15.69
CA LEU C 494 3.52 30.63 14.33
C LEU C 494 2.03 30.27 14.31
N ASN C 495 1.28 30.73 15.31
CA ASN C 495 -0.15 30.48 15.35
C ASN C 495 -0.98 31.73 15.66
N ALA C 496 -0.42 32.72 16.33
CA ALA C 496 -1.20 33.83 16.87
C ALA C 496 -0.45 35.12 16.53
N PRO C 497 -1.09 36.28 16.72
CA PRO C 497 -0.33 37.54 16.66
C PRO C 497 0.80 37.57 17.67
N ALA C 498 1.93 38.12 17.24
CA ALA C 498 3.20 37.99 17.95
C ALA C 498 3.77 39.36 18.28
N THR C 499 4.27 39.51 19.50
CA THR C 499 4.80 40.79 19.97
C THR C 499 6.23 40.72 20.48
N VAL C 500 6.87 39.56 20.50
CA VAL C 500 8.25 39.42 20.95
C VAL C 500 9.01 38.76 19.82
N CYS C 501 9.85 39.52 19.12
CA CYS C 501 10.50 39.08 17.89
C CYS C 501 12.01 39.07 18.05
N GLY C 502 12.67 38.48 17.06
CA GLY C 502 14.11 38.43 17.01
C GLY C 502 14.74 39.66 16.39
N PRO C 503 16.07 39.73 16.39
CA PRO C 503 16.76 40.94 15.92
C PRO C 503 16.92 41.04 14.40
N LYS C 504 16.17 40.26 13.64
CA LYS C 504 16.27 40.26 12.19
C LYS C 504 15.72 41.57 11.60
N LEU C 505 16.36 42.05 10.53
CA LEU C 505 15.97 43.28 9.85
C LEU C 505 14.90 43.01 8.79
N SER C 506 14.13 44.04 8.46
CA SER C 506 13.00 43.95 7.55
C SER C 506 13.33 44.56 6.20
N THR C 507 12.42 44.32 5.25
CA THR C 507 12.58 44.76 3.86
C THR C 507 11.19 45.13 3.34
N ASP C 508 11.15 46.02 2.35
CA ASP C 508 9.88 46.45 1.77
C ASP C 508 9.24 45.32 0.95
N LEU C 509 7.94 45.47 0.71
CA LEU C 509 7.14 44.45 0.03
C LEU C 509 7.40 44.45 -1.47
N ILE C 510 7.17 43.30 -2.08
CA ILE C 510 7.25 43.11 -3.52
C ILE C 510 5.99 42.38 -3.97
N LYS C 511 5.29 42.93 -4.96
CA LYS C 511 4.02 42.38 -5.42
C LYS C 511 4.18 41.70 -6.78
N ASN C 512 3.41 40.63 -6.99
CA ASN C 512 3.25 39.96 -8.28
C ASN C 512 4.57 39.43 -8.82
N GLN C 513 5.26 38.65 -7.99
CA GLN C 513 6.57 38.09 -8.33
C GLN C 513 6.88 36.98 -7.33
N CYS C 514 7.41 35.87 -7.84
CA CYS C 514 7.77 34.77 -6.95
C CYS C 514 9.02 35.15 -6.16
N VAL C 515 8.88 35.28 -4.84
CA VAL C 515 9.94 35.67 -3.94
C VAL C 515 9.95 34.72 -2.75
N ASN C 516 11.05 34.75 -2.01
CA ASN C 516 11.13 34.09 -0.71
C ASN C 516 10.63 35.07 0.35
N PHE C 517 9.65 34.64 1.15
CA PHE C 517 9.09 35.49 2.17
C PHE C 517 9.34 34.92 3.55
N ASN C 518 9.38 35.82 4.53
CA ASN C 518 9.57 35.52 5.95
C ASN C 518 8.63 36.46 6.71
N PHE C 519 7.43 35.98 7.01
CA PHE C 519 6.40 36.77 7.69
C PHE C 519 6.29 36.30 9.13
N ASN C 520 6.84 37.10 10.06
CA ASN C 520 6.82 36.84 11.50
C ASN C 520 7.46 35.50 11.84
N GLY C 521 8.46 35.09 11.05
CA GLY C 521 9.09 33.80 11.23
C GLY C 521 8.54 32.70 10.35
N LEU C 522 7.50 32.97 9.59
CA LEU C 522 6.93 31.98 8.66
C LEU C 522 7.63 32.13 7.32
N THR C 523 8.44 31.13 6.97
CA THR C 523 9.23 31.18 5.75
C THR C 523 8.53 30.42 4.63
N GLY C 524 8.81 30.84 3.40
CA GLY C 524 8.25 30.14 2.25
C GLY C 524 8.65 30.83 0.96
N THR C 525 8.08 30.33 -0.13
CA THR C 525 8.35 30.86 -1.46
C THR C 525 7.04 30.94 -2.24
N GLY C 526 6.74 32.10 -2.78
CA GLY C 526 5.51 32.25 -3.52
C GLY C 526 5.30 33.65 -4.05
N VAL C 527 4.07 33.91 -4.49
CA VAL C 527 3.66 35.17 -5.09
C VAL C 527 2.64 35.81 -4.17
N LEU C 528 2.83 37.10 -3.85
CA LEU C 528 1.98 37.82 -2.92
C LEU C 528 1.04 38.75 -3.67
N THR C 529 -0.24 38.70 -3.34
CA THR C 529 -1.25 39.53 -3.99
C THR C 529 -2.17 40.15 -2.95
N PRO C 530 -2.75 41.32 -3.25
CA PRO C 530 -3.74 41.90 -2.33
C PRO C 530 -5.00 41.03 -2.23
N SER C 531 -5.66 41.12 -1.07
CA SER C 531 -6.76 40.23 -0.74
C SER C 531 -8.02 41.01 -0.41
N SER C 532 -9.15 40.32 -0.51
CA SER C 532 -10.44 40.84 -0.07
C SER C 532 -10.97 40.09 1.15
N LYS C 533 -10.15 39.23 1.77
CA LYS C 533 -10.58 38.53 2.96
C LYS C 533 -10.60 39.46 4.16
N ARG C 534 -11.43 39.10 5.14
CA ARG C 534 -11.66 39.93 6.32
C ARG C 534 -11.23 39.15 7.54
N PHE C 535 -10.20 39.64 8.23
CA PHE C 535 -9.62 38.94 9.36
C PHE C 535 -10.14 39.54 10.67
N GLN C 536 -10.46 38.66 11.61
CA GLN C 536 -10.74 39.09 12.97
C GLN C 536 -9.44 39.58 13.61
N PRO C 537 -9.53 40.44 14.64
CA PRO C 537 -8.31 40.96 15.27
C PRO C 537 -7.45 39.90 15.96
N PHE C 538 -8.01 38.74 16.29
CA PHE C 538 -7.24 37.69 16.95
C PHE C 538 -6.65 36.68 15.97
N GLN C 539 -6.76 36.93 14.67
CA GLN C 539 -6.26 36.01 13.65
C GLN C 539 -5.14 36.68 12.85
N GLN C 540 -4.11 35.90 12.55
CA GLN C 540 -2.97 36.36 11.77
C GLN C 540 -2.75 35.58 10.49
N PHE C 541 -2.97 34.26 10.51
CA PHE C 541 -2.74 33.41 9.36
C PHE C 541 -4.07 32.79 8.92
N GLY C 542 -4.05 32.19 7.74
CA GLY C 542 -5.22 31.50 7.21
C GLY C 542 -4.81 30.29 6.40
N ARG C 543 -5.68 29.28 6.42
CA ARG C 543 -5.40 28.00 5.79
C ARG C 543 -6.53 27.59 4.86
N ASP C 544 -6.17 26.85 3.82
CA ASP C 544 -7.13 26.35 2.85
C ASP C 544 -7.56 24.92 3.20
N VAL C 545 -8.22 24.26 2.26
CA VAL C 545 -8.75 22.92 2.47
C VAL C 545 -7.63 21.89 2.70
N SER C 546 -6.44 22.13 2.18
CA SER C 546 -5.31 21.21 2.34
C SER C 546 -4.31 21.69 3.38
N ASP C 547 -4.73 22.58 4.29
CA ASP C 547 -3.90 23.13 5.37
C ASP C 547 -2.58 23.71 4.85
N PHE C 548 -2.67 24.50 3.81
CA PHE C 548 -1.55 25.28 3.30
C PHE C 548 -1.81 26.74 3.64
N THR C 549 -0.80 27.41 4.19
CA THR C 549 -0.97 28.79 4.63
C THR C 549 -1.12 29.69 3.42
N ASP C 550 -2.34 30.20 3.21
CA ASP C 550 -2.63 30.96 2.00
C ASP C 550 -2.85 32.45 2.22
N SER C 551 -3.18 32.86 3.43
CA SER C 551 -3.44 34.27 3.72
C SER C 551 -2.58 34.73 4.88
N VAL C 552 -2.12 35.97 4.82
CA VAL C 552 -1.28 36.53 5.85
C VAL C 552 -1.66 37.99 6.05
N ARG C 553 -1.48 38.50 7.27
CA ARG C 553 -1.65 39.92 7.57
C ARG C 553 -0.28 40.54 7.81
N ASP C 554 -0.01 41.64 7.13
CA ASP C 554 1.30 42.30 7.22
C ASP C 554 1.49 42.89 8.61
N PRO C 555 2.60 42.58 9.30
CA PRO C 555 2.78 43.11 10.66
C PRO C 555 3.08 44.59 10.74
N LYS C 556 3.51 45.22 9.64
CA LYS C 556 3.81 46.65 9.65
C LYS C 556 2.61 47.48 9.20
N THR C 557 2.16 47.26 7.97
CA THR C 557 1.00 47.96 7.41
C THR C 557 -0.11 46.92 7.25
N SER C 558 -1.04 46.89 8.20
CA SER C 558 -1.88 45.71 8.41
C SER C 558 -2.88 45.48 7.30
N GLU C 559 -2.44 44.83 6.23
CA GLU C 559 -3.29 44.44 5.11
C GLU C 559 -3.18 42.93 4.90
N ILE C 560 -4.19 42.37 4.25
CA ILE C 560 -4.27 40.94 4.03
C ILE C 560 -3.76 40.63 2.63
N LEU C 561 -2.93 39.58 2.52
CA LEU C 561 -2.32 39.18 1.27
C LEU C 561 -2.52 37.69 1.05
N ASP C 562 -2.76 37.30 -0.20
CA ASP C 562 -2.79 35.91 -0.60
C ASP C 562 -1.39 35.50 -1.06
N ILE C 563 -1.05 34.25 -0.79
CA ILE C 563 0.18 33.63 -1.26
C ILE C 563 -0.19 32.53 -2.23
N SER C 564 0.36 32.59 -3.43
CA SER C 564 0.12 31.57 -4.44
C SER C 564 1.43 30.90 -4.84
N PRO C 565 1.40 29.63 -5.21
CA PRO C 565 2.62 29.01 -5.74
C PRO C 565 2.99 29.59 -7.09
N CYS C 566 4.26 29.49 -7.44
CA CYS C 566 4.73 30.03 -8.71
C CYS C 566 5.16 28.94 -9.68
N SER C 567 4.63 27.73 -9.56
CA SER C 567 4.77 26.68 -10.56
C SER C 567 3.39 26.22 -10.99
N PHE C 568 3.16 26.17 -12.30
CA PHE C 568 1.81 25.97 -12.82
C PHE C 568 1.89 25.55 -14.28
N GLY C 569 1.05 24.60 -14.66
CA GLY C 569 0.93 24.18 -16.05
C GLY C 569 1.75 22.95 -16.39
N GLY C 570 1.21 22.09 -17.25
CA GLY C 570 1.89 20.87 -17.61
C GLY C 570 2.69 21.01 -18.90
N VAL C 571 3.80 20.25 -18.98
CA VAL C 571 4.75 20.35 -20.07
C VAL C 571 4.96 18.96 -20.66
N SER C 572 4.90 18.87 -21.99
CA SER C 572 5.19 17.63 -22.71
C SER C 572 6.32 17.85 -23.69
N VAL C 573 7.11 16.79 -23.92
CA VAL C 573 8.23 16.82 -24.84
C VAL C 573 7.94 15.79 -25.94
N ILE C 574 7.94 16.26 -27.19
CA ILE C 574 7.74 15.43 -28.36
C ILE C 574 9.11 15.18 -28.98
N THR C 575 9.46 13.91 -29.11
CA THR C 575 10.75 13.57 -29.70
C THR C 575 10.61 12.39 -30.64
N PRO C 576 11.44 12.33 -31.68
CA PRO C 576 11.70 11.06 -32.34
C PRO C 576 12.71 10.26 -31.53
N GLY C 577 13.23 9.18 -32.08
CA GLY C 577 14.24 8.41 -31.36
C GLY C 577 15.50 9.23 -31.12
N THR C 578 16.21 8.88 -30.04
CA THR C 578 17.48 9.54 -29.74
C THR C 578 18.51 9.26 -30.83
N ASN C 579 18.53 8.04 -31.35
CA ASN C 579 19.43 7.72 -32.46
C ASN C 579 19.02 8.38 -33.77
N ALA C 580 17.80 8.88 -33.86
CA ALA C 580 17.37 9.58 -35.07
C ALA C 580 17.85 11.04 -35.06
N SER C 581 17.54 11.76 -33.99
CA SER C 581 17.94 13.16 -33.88
C SER C 581 17.97 13.55 -32.41
N SER C 582 18.59 14.70 -32.15
CA SER C 582 18.60 15.29 -30.81
C SER C 582 17.73 16.52 -30.71
N GLU C 583 16.86 16.75 -31.68
CA GLU C 583 15.95 17.89 -31.67
C GLU C 583 14.61 17.46 -31.11
N VAL C 584 14.02 18.31 -30.26
CA VAL C 584 12.76 18.03 -29.60
C VAL C 584 11.82 19.21 -29.79
N ALA C 585 10.54 18.95 -29.57
CA ALA C 585 9.52 19.99 -29.53
C ALA C 585 8.89 20.00 -28.15
N VAL C 586 8.47 21.19 -27.70
CA VAL C 586 7.90 21.33 -26.37
C VAL C 586 6.47 21.85 -26.50
N LEU C 587 5.55 21.17 -25.84
CA LEU C 587 4.16 21.60 -25.78
C LEU C 587 3.85 22.06 -24.36
N TYR C 588 3.32 23.26 -24.25
CA TYR C 588 2.89 23.83 -22.98
C TYR C 588 1.38 23.89 -22.99
N GLN C 589 0.74 23.10 -22.13
CA GLN C 589 -0.66 23.31 -21.84
C GLN C 589 -0.81 24.58 -21.01
N ASP C 590 -2.06 25.07 -20.95
CA ASP C 590 -2.47 26.13 -20.04
C ASP C 590 -1.77 27.46 -20.34
N VAL C 591 -1.33 27.66 -21.58
CA VAL C 591 -0.75 28.94 -21.98
C VAL C 591 -1.23 29.26 -23.40
N ASN C 592 -1.37 30.55 -23.69
CA ASN C 592 -1.91 31.02 -24.95
C ASN C 592 -0.83 31.83 -25.67
N CYS C 593 -0.57 31.48 -26.92
CA CYS C 593 0.41 32.18 -27.73
C CYS C 593 -0.25 32.86 -28.93
N TRP C 609 5.61 35.31 -22.25
CA TRP C 609 4.76 34.23 -21.76
C TRP C 609 5.52 33.31 -20.81
N ARG C 610 4.82 32.29 -20.30
CA ARG C 610 5.40 31.35 -19.35
C ARG C 610 5.90 30.11 -20.11
N ILE C 611 7.04 30.30 -20.78
CA ILE C 611 7.72 29.26 -21.53
C ILE C 611 9.19 29.25 -21.13
N TYR C 612 9.90 28.20 -21.54
CA TYR C 612 11.33 28.12 -21.25
C TYR C 612 12.14 28.94 -22.25
N SER C 613 11.83 28.83 -23.53
CA SER C 613 12.56 29.55 -24.57
C SER C 613 11.67 29.67 -25.80
N THR C 614 11.80 30.78 -26.51
CA THR C 614 10.98 31.01 -27.69
C THR C 614 11.47 30.17 -28.86
N GLY C 615 12.71 30.40 -29.28
CA GLY C 615 13.23 29.69 -30.44
C GLY C 615 12.54 30.15 -31.71
N ASN C 616 12.03 29.19 -32.47
CA ASN C 616 11.34 29.47 -33.72
C ASN C 616 10.17 28.50 -33.82
N ASN C 617 9.22 28.82 -34.70
CA ASN C 617 8.00 28.04 -34.93
C ASN C 617 7.18 27.89 -33.63
N VAL C 618 6.72 29.02 -33.13
CA VAL C 618 5.82 29.07 -31.98
C VAL C 618 4.42 29.25 -32.51
N PHE C 619 3.54 28.28 -32.28
CA PHE C 619 2.17 28.43 -32.76
C PHE C 619 1.20 27.71 -31.84
N GLN C 620 -0.06 28.13 -31.93
CA GLN C 620 -1.09 27.75 -30.97
C GLN C 620 -1.99 26.67 -31.54
N THR C 621 -2.08 25.55 -30.83
CA THR C 621 -2.97 24.45 -31.16
C THR C 621 -4.15 24.44 -30.20
N GLN C 622 -5.01 23.44 -30.36
CA GLN C 622 -6.12 23.26 -29.44
C GLN C 622 -5.69 22.54 -28.17
N ALA C 623 -4.50 21.93 -28.17
CA ALA C 623 -3.96 21.28 -26.99
C ALA C 623 -3.06 22.19 -26.16
N GLY C 624 -2.79 23.39 -26.62
CA GLY C 624 -1.89 24.31 -25.95
C GLY C 624 -1.02 25.03 -26.96
N CYS C 625 0.15 25.45 -26.50
CA CYS C 625 1.13 26.14 -27.34
C CYS C 625 2.25 25.17 -27.70
N LEU C 626 2.51 25.02 -29.00
CA LEU C 626 3.54 24.12 -29.49
C LEU C 626 4.72 24.95 -29.97
N ILE C 627 5.92 24.58 -29.52
CA ILE C 627 7.14 25.30 -29.85
C ILE C 627 8.16 24.31 -30.37
N GLY C 628 8.65 24.54 -31.58
CA GLY C 628 9.71 23.73 -32.16
C GLY C 628 9.32 22.90 -33.36
N ALA C 629 8.08 22.98 -33.83
CA ALA C 629 7.62 22.18 -34.94
C ALA C 629 6.92 23.06 -35.97
N GLU C 630 7.15 22.75 -37.25
CA GLU C 630 6.48 23.48 -38.33
C GLU C 630 5.07 22.97 -38.53
N HIS C 631 4.19 23.86 -38.97
CA HIS C 631 2.79 23.52 -39.21
C HIS C 631 2.56 23.38 -40.71
N VAL C 632 2.11 22.19 -41.12
CA VAL C 632 1.72 21.94 -42.50
C VAL C 632 0.20 21.93 -42.57
N ASP C 633 -0.32 22.01 -43.78
CA ASP C 633 -1.75 22.04 -44.02
C ASP C 633 -2.25 20.81 -44.75
N THR C 634 -1.56 19.68 -44.61
CA THR C 634 -1.93 18.44 -45.28
C THR C 634 -2.18 17.37 -44.24
N SER C 635 -3.26 16.60 -44.41
CA SER C 635 -3.68 15.62 -43.42
C SER C 635 -3.10 14.26 -43.73
N TYR C 636 -2.50 13.63 -42.73
CA TYR C 636 -1.91 12.30 -42.82
C TYR C 636 -2.54 11.40 -41.76
N GLU C 637 -2.35 10.10 -41.92
CA GLU C 637 -2.49 9.20 -40.79
C GLU C 637 -1.30 9.40 -39.87
N CYS C 638 -1.54 9.51 -38.57
CA CYS C 638 -0.52 10.02 -37.67
C CYS C 638 0.00 8.92 -36.76
N ASP C 639 1.28 9.07 -36.38
CA ASP C 639 2.00 8.12 -35.56
C ASP C 639 2.18 8.59 -34.12
N ILE C 640 2.55 9.84 -33.90
CA ILE C 640 2.72 10.40 -32.57
C ILE C 640 1.47 11.21 -32.25
N PRO C 641 0.59 10.75 -31.37
CA PRO C 641 -0.61 11.52 -31.02
C PRO C 641 -0.26 12.64 -30.04
N ILE C 642 -0.53 13.87 -30.44
CA ILE C 642 -0.42 15.01 -29.54
C ILE C 642 -1.72 15.24 -28.79
N GLY C 643 -2.84 15.28 -29.50
CA GLY C 643 -4.10 15.49 -28.84
C GLY C 643 -4.95 16.57 -29.48
N ALA C 644 -6.25 16.55 -29.19
CA ALA C 644 -7.25 17.47 -29.75
C ALA C 644 -7.23 17.45 -31.28
N GLY C 645 -6.99 16.28 -31.86
CA GLY C 645 -6.91 16.15 -33.29
C GLY C 645 -5.59 16.53 -33.91
N ILE C 646 -4.58 16.85 -33.10
CA ILE C 646 -3.27 17.26 -33.59
C ILE C 646 -2.32 16.09 -33.45
N CYS C 647 -1.53 15.83 -34.50
CA CYS C 647 -0.51 14.80 -34.48
C CYS C 647 0.79 15.37 -35.05
N ALA C 648 1.91 14.71 -34.74
CA ALA C 648 3.23 15.17 -35.15
C ALA C 648 4.04 14.04 -35.73
N SER C 649 5.00 14.39 -36.57
CA SER C 649 5.83 13.38 -37.23
C SER C 649 7.17 14.01 -37.61
N TYR C 650 8.09 13.15 -38.02
CA TYR C 650 9.44 13.54 -38.41
C TYR C 650 9.55 13.39 -39.93
N HIS C 651 9.50 14.50 -40.66
CA HIS C 651 9.41 14.47 -42.11
C HIS C 651 10.55 15.27 -42.72
N THR C 652 10.78 15.02 -44.00
CA THR C 652 11.82 15.71 -44.75
C THR C 652 11.41 17.13 -45.09
N GLN C 661 17.93 18.82 -42.89
CA GLN C 661 16.99 18.36 -43.89
C GLN C 661 15.65 17.98 -43.24
N LYS C 662 15.71 16.98 -42.35
CA LYS C 662 14.52 16.55 -41.64
C LYS C 662 14.12 17.57 -40.57
N SER C 663 12.84 17.55 -40.23
CA SER C 663 12.29 18.43 -39.20
C SER C 663 11.04 17.78 -38.63
N ILE C 664 10.49 18.40 -37.59
CA ILE C 664 9.26 17.93 -36.95
C ILE C 664 8.11 18.75 -37.49
N VAL C 665 7.05 18.07 -37.93
CA VAL C 665 5.88 18.71 -38.52
C VAL C 665 4.65 18.33 -37.72
N ALA C 666 3.74 19.29 -37.56
CA ALA C 666 2.50 19.10 -36.83
C ALA C 666 1.32 19.36 -37.76
N TYR C 667 0.32 18.49 -37.70
CA TYR C 667 -0.78 18.53 -38.65
C TYR C 667 -2.05 18.03 -37.96
N THR C 668 -3.15 18.14 -38.69
CA THR C 668 -4.44 17.59 -38.27
C THR C 668 -4.61 16.22 -38.91
N MET C 669 -4.94 15.23 -38.08
CA MET C 669 -5.01 13.86 -38.56
C MET C 669 -6.27 13.66 -39.42
N SER C 670 -6.17 12.72 -40.34
CA SER C 670 -7.24 12.44 -41.29
C SER C 670 -8.06 11.25 -40.82
N LEU C 671 -9.39 11.37 -40.92
CA LEU C 671 -10.27 10.32 -40.43
C LEU C 671 -10.28 9.11 -41.36
N GLY C 672 -10.24 9.36 -42.67
CA GLY C 672 -10.25 8.27 -43.62
C GLY C 672 -10.42 8.80 -45.03
N ALA C 673 -10.53 7.87 -45.97
CA ALA C 673 -10.76 8.23 -47.36
C ALA C 673 -12.16 8.81 -47.52
N ASP C 674 -12.29 9.77 -48.42
CA ASP C 674 -13.57 10.43 -48.68
C ASP C 674 -14.20 9.82 -49.94
N SER C 675 -15.40 9.27 -49.79
CA SER C 675 -16.09 8.61 -50.88
C SER C 675 -17.54 9.05 -50.90
N SER C 676 -18.22 8.74 -52.00
CA SER C 676 -19.63 9.03 -52.14
C SER C 676 -20.29 7.93 -52.94
N ILE C 677 -21.45 7.47 -52.47
CA ILE C 677 -22.25 6.47 -53.17
C ILE C 677 -23.64 7.05 -53.42
N ALA C 678 -24.09 6.96 -54.66
CA ALA C 678 -25.36 7.54 -55.05
C ALA C 678 -26.52 6.64 -54.62
N TYR C 679 -27.56 7.26 -54.07
CA TYR C 679 -28.76 6.55 -53.70
C TYR C 679 -29.78 6.67 -54.82
N SER C 680 -30.13 5.54 -55.42
CA SER C 680 -31.23 5.45 -56.37
C SER C 680 -32.18 4.39 -55.86
N ASN C 681 -33.47 4.58 -56.13
CA ASN C 681 -34.51 3.74 -55.57
C ASN C 681 -34.95 2.62 -56.49
N ASN C 682 -34.26 2.41 -57.61
CA ASN C 682 -34.56 1.26 -58.47
C ASN C 682 -33.32 0.59 -59.04
N THR C 683 -32.12 0.88 -58.55
CA THR C 683 -30.90 0.26 -59.05
C THR C 683 -30.21 -0.50 -57.92
N ILE C 684 -29.57 -1.60 -58.28
CA ILE C 684 -28.87 -2.44 -57.32
C ILE C 684 -27.48 -2.74 -57.85
N ALA C 685 -26.55 -3.00 -56.93
CA ALA C 685 -25.17 -3.33 -57.27
C ALA C 685 -24.91 -4.77 -56.88
N ILE C 686 -24.33 -5.55 -57.79
CA ILE C 686 -24.12 -6.97 -57.56
C ILE C 686 -22.70 -7.35 -57.98
N PRO C 687 -21.97 -8.10 -57.15
CA PRO C 687 -20.61 -8.49 -57.52
C PRO C 687 -20.58 -9.57 -58.59
N THR C 688 -19.52 -9.55 -59.39
CA THR C 688 -19.33 -10.55 -60.43
C THR C 688 -18.07 -11.39 -60.26
N ASN C 689 -17.23 -11.09 -59.28
CA ASN C 689 -16.01 -11.87 -59.05
C ASN C 689 -15.77 -11.92 -57.55
N PHE C 690 -14.74 -12.66 -57.16
CA PHE C 690 -14.40 -12.76 -55.76
C PHE C 690 -12.92 -13.05 -55.60
N SER C 691 -12.45 -12.95 -54.37
CA SER C 691 -11.09 -13.29 -54.03
C SER C 691 -11.07 -14.01 -52.69
N ILE C 692 -9.99 -14.72 -52.44
CA ILE C 692 -9.76 -15.46 -51.20
C ILE C 692 -8.67 -14.74 -50.43
N SER C 693 -8.99 -14.31 -49.21
CA SER C 693 -8.01 -13.60 -48.41
C SER C 693 -7.67 -14.42 -47.18
N ILE C 694 -6.42 -14.31 -46.73
CA ILE C 694 -5.95 -14.96 -45.51
C ILE C 694 -5.39 -13.87 -44.62
N THR C 695 -5.90 -13.78 -43.39
CA THR C 695 -5.61 -12.69 -42.48
C THR C 695 -5.11 -13.26 -41.16
N THR C 696 -4.09 -12.62 -40.58
CA THR C 696 -3.51 -13.08 -39.33
C THR C 696 -4.10 -12.35 -38.14
N GLU C 697 -4.06 -12.99 -36.98
CA GLU C 697 -4.51 -12.37 -35.74
C GLU C 697 -3.72 -12.94 -34.56
N VAL C 698 -3.13 -12.07 -33.76
CA VAL C 698 -2.19 -12.44 -32.72
C VAL C 698 -2.84 -12.22 -31.36
N MET C 699 -2.82 -13.25 -30.50
CA MET C 699 -3.49 -13.17 -29.21
C MET C 699 -2.57 -13.69 -28.10
N PRO C 700 -2.35 -12.91 -27.04
CA PRO C 700 -1.63 -13.43 -25.87
C PRO C 700 -2.47 -14.45 -25.11
N VAL C 701 -1.79 -15.41 -24.48
CA VAL C 701 -2.42 -16.50 -23.76
C VAL C 701 -1.97 -16.56 -22.31
N SER C 702 -0.65 -16.52 -22.08
CA SER C 702 -0.11 -16.68 -20.73
C SER C 702 0.95 -15.62 -20.49
N MET C 703 1.52 -15.63 -19.28
CA MET C 703 2.70 -14.84 -18.97
C MET C 703 3.59 -15.63 -18.03
N ALA C 704 4.70 -15.03 -17.63
CA ALA C 704 5.71 -15.76 -16.87
C ALA C 704 5.28 -15.97 -15.42
N LYS C 705 5.52 -17.18 -14.93
CA LYS C 705 5.23 -17.55 -13.55
C LYS C 705 6.43 -17.24 -12.67
N THR C 706 6.21 -16.53 -11.59
CA THR C 706 7.30 -16.04 -10.76
C THR C 706 7.06 -16.38 -9.29
N SER C 707 8.12 -16.29 -8.50
CA SER C 707 8.07 -16.61 -7.09
C SER C 707 9.13 -15.78 -6.36
N VAL C 708 8.84 -15.43 -5.11
CA VAL C 708 9.76 -14.64 -4.31
C VAL C 708 10.02 -15.34 -2.98
N ASP C 709 11.23 -15.13 -2.46
CA ASP C 709 11.60 -15.48 -1.10
C ASP C 709 11.71 -14.19 -0.31
N CYS C 710 10.83 -14.01 0.68
CA CYS C 710 10.85 -12.78 1.48
C CYS C 710 12.14 -12.63 2.26
N ASN C 711 12.65 -13.73 2.80
CA ASN C 711 13.80 -13.66 3.70
C ASN C 711 15.05 -13.21 2.96
N MET C 712 15.25 -13.70 1.73
CA MET C 712 16.41 -13.26 0.96
C MET C 712 16.24 -11.83 0.45
N TYR C 713 15.02 -11.44 0.08
CA TYR C 713 14.84 -10.11 -0.48
C TYR C 713 14.94 -9.04 0.59
N ILE C 714 14.35 -9.28 1.76
CA ILE C 714 14.29 -8.24 2.79
C ILE C 714 15.56 -8.25 3.63
N CYS C 715 15.98 -9.42 4.10
CA CYS C 715 17.09 -9.50 5.04
C CYS C 715 18.40 -9.91 4.38
N GLY C 716 18.41 -11.00 3.62
CA GLY C 716 19.59 -11.38 2.88
C GLY C 716 20.75 -11.88 3.73
N ASP C 717 20.58 -13.07 4.32
CA ASP C 717 21.65 -13.82 4.99
C ASP C 717 22.14 -13.14 6.26
N SER C 718 21.29 -12.37 6.94
CA SER C 718 21.63 -11.83 8.25
C SER C 718 20.58 -12.29 9.25
N THR C 719 21.05 -12.86 10.36
CA THR C 719 20.13 -13.50 11.31
C THR C 719 19.39 -12.50 12.18
N GLU C 720 19.95 -11.32 12.43
CA GLU C 720 19.29 -10.32 13.25
C GLU C 720 18.04 -9.78 12.57
N CYS C 721 18.12 -9.49 11.27
CA CYS C 721 16.95 -9.09 10.51
C CYS C 721 15.93 -10.21 10.45
N ALA C 722 16.38 -11.45 10.33
CA ALA C 722 15.47 -12.59 10.27
C ALA C 722 14.72 -12.76 11.58
N ASN C 723 15.39 -12.54 12.72
CA ASN C 723 14.68 -12.56 14.00
C ASN C 723 13.72 -11.40 14.12
N LEU C 724 14.07 -10.24 13.56
CA LEU C 724 13.15 -9.10 13.61
C LEU C 724 11.98 -9.25 12.64
N LEU C 725 12.09 -10.12 11.63
CA LEU C 725 11.06 -10.27 10.62
C LEU C 725 9.91 -11.17 11.06
N LEU C 726 10.07 -11.94 12.14
CA LEU C 726 9.05 -12.90 12.55
C LEU C 726 7.75 -12.24 12.99
N GLN C 727 7.78 -10.96 13.35
CA GLN C 727 6.54 -10.24 13.66
C GLN C 727 5.66 -10.08 12.43
N TYR C 728 6.26 -9.79 11.28
CA TYR C 728 5.51 -9.68 10.03
C TYR C 728 5.46 -11.03 9.30
N GLY C 729 5.04 -12.07 10.01
CA GLY C 729 5.09 -13.40 9.43
C GLY C 729 3.93 -13.69 8.48
N SER C 730 2.76 -13.13 8.77
CA SER C 730 1.59 -13.38 7.96
C SER C 730 1.46 -12.43 6.78
N PHE C 731 2.41 -11.53 6.59
CA PHE C 731 2.41 -10.66 5.42
C PHE C 731 3.13 -11.26 4.23
N CYS C 732 3.83 -12.38 4.40
CA CYS C 732 4.56 -13.03 3.34
C CYS C 732 3.92 -14.30 2.84
N THR C 733 3.25 -15.05 3.72
CA THR C 733 2.44 -16.18 3.26
C THR C 733 1.31 -15.70 2.36
N GLN C 734 0.80 -14.49 2.60
CA GLN C 734 -0.21 -13.89 1.74
C GLN C 734 0.34 -13.63 0.34
N LEU C 735 1.55 -13.07 0.27
CA LEU C 735 2.19 -12.78 -1.01
C LEU C 735 2.45 -14.06 -1.80
N ASN C 736 2.96 -15.09 -1.12
CA ASN C 736 3.20 -16.37 -1.78
C ASN C 736 1.90 -17.00 -2.26
N ARG C 737 0.84 -16.89 -1.48
CA ARG C 737 -0.47 -17.42 -1.87
C ARG C 737 -0.99 -16.74 -3.14
N ALA C 738 -0.86 -15.41 -3.21
CA ALA C 738 -1.29 -14.69 -4.41
C ALA C 738 -0.46 -15.08 -5.63
N LEU C 739 0.86 -15.17 -5.47
CA LEU C 739 1.72 -15.51 -6.60
C LEU C 739 1.47 -16.93 -7.10
N SER C 740 1.23 -17.88 -6.20
CA SER C 740 0.97 -19.24 -6.64
C SER C 740 -0.41 -19.38 -7.28
N GLY C 741 -1.38 -18.57 -6.85
CA GLY C 741 -2.64 -18.50 -7.58
C GLY C 741 -2.46 -18.05 -9.01
N ILE C 742 -1.68 -16.98 -9.22
CA ILE C 742 -1.38 -16.52 -10.57
C ILE C 742 -0.70 -17.61 -11.40
N ALA C 743 0.28 -18.29 -10.79
CA ALA C 743 1.07 -19.29 -11.51
C ALA C 743 0.22 -20.50 -11.93
N ALA C 744 -0.74 -20.89 -11.10
CA ALA C 744 -1.63 -21.98 -11.51
C ALA C 744 -2.60 -21.51 -12.61
N GLU C 745 -3.06 -20.26 -12.51
CA GLU C 745 -3.97 -19.72 -13.51
C GLU C 745 -3.35 -19.68 -14.90
N GLN C 746 -2.03 -19.45 -14.99
CA GLN C 746 -1.38 -19.40 -16.31
C GLN C 746 -1.44 -20.75 -17.03
N ASP C 747 -1.19 -21.84 -16.29
CA ASP C 747 -1.28 -23.17 -16.88
C ASP C 747 -2.71 -23.51 -17.23
N ARG C 748 -3.66 -23.06 -16.41
CA ARG C 748 -5.07 -23.25 -16.76
C ARG C 748 -5.42 -22.53 -18.06
N ASN C 749 -4.88 -21.32 -18.26
CA ASN C 749 -5.13 -20.57 -19.49
C ASN C 749 -4.63 -21.33 -20.71
N THR C 750 -3.38 -21.78 -20.66
CA THR C 750 -2.81 -22.52 -21.79
C THR C 750 -3.59 -23.79 -22.08
N ARG C 751 -3.95 -24.54 -21.03
CA ARG C 751 -4.67 -25.79 -21.21
C ARG C 751 -6.06 -25.56 -21.80
N GLU C 752 -6.77 -24.54 -21.34
CA GLU C 752 -8.12 -24.34 -21.87
C GLU C 752 -8.12 -23.66 -23.23
N VAL C 753 -7.00 -23.11 -23.70
CA VAL C 753 -6.94 -22.66 -25.09
C VAL C 753 -6.55 -23.81 -26.03
N PHE C 754 -5.49 -24.55 -25.72
CA PHE C 754 -4.93 -25.46 -26.72
C PHE C 754 -5.44 -26.89 -26.64
N ALA C 755 -5.94 -27.35 -25.50
CA ALA C 755 -6.38 -28.74 -25.36
C ALA C 755 -7.88 -28.85 -25.61
N GLN C 756 -8.26 -28.59 -26.86
CA GLN C 756 -9.67 -28.60 -27.25
C GLN C 756 -10.15 -29.97 -27.71
N VAL C 757 -9.34 -30.71 -28.46
CA VAL C 757 -9.72 -32.00 -29.01
C VAL C 757 -9.01 -33.11 -28.24
N LYS C 758 -9.72 -34.21 -28.03
CA LYS C 758 -9.24 -35.26 -27.15
C LYS C 758 -8.35 -36.28 -27.85
N GLN C 759 -8.39 -36.35 -29.18
CA GLN C 759 -7.64 -37.35 -29.92
C GLN C 759 -6.58 -36.66 -30.77
N MET C 760 -5.37 -37.22 -30.76
CA MET C 760 -4.25 -36.66 -31.50
C MET C 760 -4.21 -37.31 -32.87
N TYR C 761 -4.69 -36.60 -33.88
CA TYR C 761 -4.72 -37.13 -35.23
C TYR C 761 -3.32 -37.11 -35.84
N LYS C 762 -2.98 -38.18 -36.55
CA LYS C 762 -1.68 -38.28 -37.19
C LYS C 762 -1.62 -37.37 -38.41
N THR C 763 -0.45 -36.77 -38.63
CA THR C 763 -0.27 -35.91 -39.79
C THR C 763 -0.23 -36.77 -41.05
N PRO C 764 -1.04 -36.46 -42.07
CA PRO C 764 -1.07 -37.30 -43.27
C PRO C 764 0.23 -37.20 -44.06
N THR C 765 0.47 -38.23 -44.88
CA THR C 765 1.67 -38.26 -45.70
C THR C 765 1.54 -37.33 -46.89
N LEU C 766 0.35 -37.23 -47.46
CA LEU C 766 0.08 -36.30 -48.54
C LEU C 766 -0.34 -34.94 -47.98
N LYS C 767 0.23 -33.88 -48.53
CA LYS C 767 -0.10 -32.52 -48.11
C LYS C 767 -0.82 -31.74 -49.20
N TYR C 768 -1.42 -32.43 -50.15
CA TYR C 768 -2.05 -31.80 -51.32
C TYR C 768 -3.48 -32.32 -51.42
N PHE C 769 -4.44 -31.53 -50.95
CA PHE C 769 -5.84 -31.95 -50.85
C PHE C 769 -6.66 -31.17 -51.87
N GLY C 770 -6.80 -31.72 -53.07
CA GLY C 770 -7.59 -31.08 -54.09
C GLY C 770 -6.97 -29.87 -54.74
N GLY C 771 -5.65 -29.68 -54.62
CA GLY C 771 -4.99 -28.51 -55.15
C GLY C 771 -4.59 -27.47 -54.13
N PHE C 772 -4.71 -27.78 -52.85
CA PHE C 772 -4.37 -26.85 -51.77
C PHE C 772 -3.14 -27.40 -51.05
N ASN C 773 -2.06 -26.62 -50.99
CA ASN C 773 -1.00 -26.93 -50.04
C ASN C 773 -1.43 -26.68 -48.60
N PHE C 774 -1.21 -27.69 -47.77
CA PHE C 774 -1.20 -27.55 -46.32
C PHE C 774 0.19 -27.76 -45.77
N SER C 775 1.21 -27.78 -46.64
CA SER C 775 2.55 -28.18 -46.24
C SER C 775 3.24 -27.11 -45.42
N GLN C 776 2.93 -25.85 -45.65
CA GLN C 776 3.57 -24.77 -44.90
C GLN C 776 3.01 -24.62 -43.50
N ILE C 777 1.84 -25.20 -43.22
CA ILE C 777 1.22 -25.11 -41.91
C ILE C 777 1.14 -26.47 -41.23
N LEU C 778 1.92 -27.45 -41.70
CA LEU C 778 1.99 -28.77 -41.13
C LEU C 778 3.45 -29.14 -40.89
N PRO C 779 3.73 -30.02 -39.94
CA PRO C 779 5.13 -30.40 -39.70
C PRO C 779 5.69 -31.22 -40.86
N ASP C 780 7.00 -31.06 -41.07
CA ASP C 780 7.70 -31.82 -42.11
C ASP C 780 8.61 -32.85 -41.48
N PRO C 781 8.54 -34.11 -41.90
CA PRO C 781 9.40 -35.14 -41.29
C PRO C 781 10.88 -35.01 -41.64
N LEU C 782 11.21 -34.33 -42.74
CA LEU C 782 12.58 -34.21 -43.21
C LEU C 782 13.29 -33.00 -42.61
N LYS C 783 12.83 -32.51 -41.48
CA LYS C 783 13.33 -31.29 -40.85
C LYS C 783 13.57 -31.56 -39.37
N PRO C 784 14.66 -31.02 -38.80
CA PRO C 784 14.97 -31.31 -37.38
C PRO C 784 13.91 -30.82 -36.40
N THR C 785 13.23 -29.72 -36.68
CA THR C 785 12.16 -29.26 -35.80
C THR C 785 10.86 -29.98 -36.11
N LYS C 786 10.06 -30.21 -35.06
CA LYS C 786 8.80 -30.92 -35.16
C LYS C 786 7.63 -29.97 -35.43
N ARG C 787 7.88 -28.68 -35.57
CA ARG C 787 6.85 -27.69 -35.76
C ARG C 787 6.79 -27.24 -37.22
N SER C 788 5.83 -26.39 -37.53
CA SER C 788 5.61 -25.91 -38.89
C SER C 788 6.69 -24.91 -39.31
N PHE C 789 6.72 -24.61 -40.61
CA PHE C 789 7.62 -23.57 -41.10
C PHE C 789 7.16 -22.20 -40.64
N ILE C 790 5.86 -21.94 -40.69
CA ILE C 790 5.31 -20.67 -40.23
C ILE C 790 5.50 -20.53 -38.72
N GLU C 791 5.41 -21.63 -37.98
CA GLU C 791 5.70 -21.58 -36.56
C GLU C 791 7.17 -21.30 -36.28
N ASP C 792 8.08 -21.78 -37.14
CA ASP C 792 9.49 -21.39 -37.04
C ASP C 792 9.67 -19.89 -37.27
N LEU C 793 9.01 -19.34 -38.29
CA LEU C 793 9.10 -17.91 -38.53
C LEU C 793 8.50 -17.10 -37.38
N LEU C 794 7.48 -17.64 -36.72
CA LEU C 794 6.87 -16.96 -35.58
C LEU C 794 7.78 -17.03 -34.36
N PHE C 795 8.47 -18.15 -34.16
CA PHE C 795 9.33 -18.30 -33.00
C PHE C 795 10.66 -17.58 -33.18
N ASN C 796 11.03 -17.21 -34.40
CA ASN C 796 12.23 -16.41 -34.63
C ASN C 796 11.94 -14.91 -34.65
N LYS C 797 10.82 -14.45 -34.08
CA LYS C 797 10.48 -13.05 -34.09
C LYS C 797 10.22 -12.45 -32.72
N VAL C 798 10.19 -13.27 -31.66
CA VAL C 798 10.09 -12.78 -30.30
C VAL C 798 11.32 -13.26 -29.55
N THR C 799 12.09 -12.31 -29.00
CA THR C 799 13.32 -12.63 -28.29
C THR C 799 13.01 -12.90 -26.84
N LEU C 800 13.02 -14.16 -26.44
CA LEU C 800 12.71 -14.55 -25.07
C LEU C 800 13.87 -14.19 -24.15
N ALA C 801 13.54 -13.70 -22.96
CA ALA C 801 14.56 -13.28 -22.01
C ALA C 801 15.22 -14.45 -21.31
N ASP C 802 14.48 -15.51 -21.01
CA ASP C 802 15.02 -16.60 -20.18
C ASP C 802 15.98 -17.48 -20.96
N ALA C 803 15.47 -18.14 -22.01
CA ALA C 803 16.20 -19.12 -22.82
C ALA C 803 16.80 -20.22 -21.94
N GLY C 804 15.93 -20.95 -21.29
CA GLY C 804 16.32 -22.01 -20.37
C GLY C 804 16.06 -21.60 -18.93
N PHE C 805 15.52 -22.52 -18.15
CA PHE C 805 15.13 -22.25 -16.77
C PHE C 805 16.06 -22.90 -15.75
N MET C 806 17.31 -23.14 -16.12
CA MET C 806 18.32 -23.62 -15.18
C MET C 806 19.55 -22.73 -15.27
N LYS C 807 19.97 -22.18 -14.14
CA LYS C 807 21.18 -21.36 -14.05
C LYS C 807 21.98 -21.85 -12.86
N GLN C 808 23.06 -22.56 -13.12
CA GLN C 808 23.83 -23.19 -12.06
C GLN C 808 24.62 -22.15 -11.26
N TYR C 809 24.98 -22.53 -10.04
CA TYR C 809 25.67 -21.62 -9.14
C TYR C 809 27.07 -21.28 -9.63
N GLY C 810 27.78 -22.28 -10.15
CA GLY C 810 29.10 -22.02 -10.69
C GLY C 810 29.09 -21.17 -11.94
N GLU C 811 27.98 -21.18 -12.68
CA GLU C 811 27.87 -20.34 -13.86
C GLU C 811 27.72 -18.86 -13.49
N CYS C 812 26.94 -18.56 -12.45
CA CYS C 812 26.84 -17.18 -11.97
C CYS C 812 28.06 -16.77 -11.17
N LEU C 813 28.75 -17.73 -10.54
CA LEU C 813 29.91 -17.39 -9.72
C LEU C 813 31.09 -16.97 -10.58
N GLY C 814 31.38 -17.73 -11.62
CA GLY C 814 32.25 -17.25 -12.67
C GLY C 814 31.51 -16.28 -13.56
N ASP C 815 32.27 -15.63 -14.44
CA ASP C 815 31.76 -14.54 -15.30
C ASP C 815 31.08 -13.47 -14.45
N ILE C 816 31.70 -13.15 -13.32
CA ILE C 816 31.11 -12.20 -12.38
C ILE C 816 31.36 -10.75 -12.82
N ASN C 817 32.30 -10.52 -13.75
CA ASN C 817 32.49 -9.19 -14.29
C ASN C 817 31.33 -8.76 -15.17
N ALA C 818 30.70 -9.70 -15.86
CA ALA C 818 29.49 -9.41 -16.63
C ALA C 818 28.33 -9.24 -15.65
N ARG C 819 27.69 -8.07 -15.68
CA ARG C 819 26.57 -7.78 -14.80
C ARG C 819 25.30 -8.39 -15.40
N ASP C 820 25.18 -9.70 -15.25
CA ASP C 820 24.00 -10.40 -15.75
C ASP C 820 22.79 -10.09 -14.87
N LEU C 821 21.66 -9.84 -15.51
CA LEU C 821 20.46 -9.45 -14.77
C LEU C 821 19.80 -10.65 -14.09
N ILE C 822 19.85 -11.83 -14.74
CA ILE C 822 19.20 -13.01 -14.18
C ILE C 822 19.94 -13.49 -12.94
N CYS C 823 21.27 -13.40 -12.93
CA CYS C 823 22.03 -13.71 -11.72
C CYS C 823 21.70 -12.75 -10.58
N ALA C 824 21.54 -11.47 -10.90
CA ALA C 824 21.22 -10.48 -9.88
C ALA C 824 19.81 -10.68 -9.34
N GLN C 825 18.89 -11.15 -10.18
CA GLN C 825 17.56 -11.48 -9.68
C GLN C 825 17.59 -12.73 -8.81
N LYS C 826 18.38 -13.73 -9.21
CA LYS C 826 18.42 -14.99 -8.47
C LYS C 826 19.15 -14.85 -7.14
N PHE C 827 20.06 -13.88 -7.02
CA PHE C 827 20.76 -13.66 -5.76
C PHE C 827 19.93 -12.93 -4.73
N ASN C 828 18.79 -12.35 -5.13
CA ASN C 828 17.92 -11.63 -4.23
C ASN C 828 16.57 -12.32 -4.05
N GLY C 829 16.48 -13.61 -4.38
CA GLY C 829 15.31 -14.39 -4.05
C GLY C 829 14.17 -14.34 -5.04
N LEU C 830 14.40 -13.90 -6.26
CA LEU C 830 13.35 -13.79 -7.28
C LEU C 830 13.60 -14.85 -8.33
N THR C 831 12.61 -15.73 -8.54
CA THR C 831 12.79 -16.85 -9.47
C THR C 831 11.63 -16.91 -10.46
N VAL C 832 11.92 -17.46 -11.64
CA VAL C 832 10.93 -17.73 -12.68
C VAL C 832 10.80 -19.24 -12.83
N LEU C 833 9.54 -19.74 -12.80
CA LEU C 833 9.15 -21.14 -12.88
C LEU C 833 8.82 -21.55 -14.31
N PRO C 834 9.09 -22.79 -14.70
CA PRO C 834 8.84 -23.22 -16.08
C PRO C 834 7.38 -23.49 -16.33
N PRO C 835 6.92 -23.36 -17.57
CA PRO C 835 5.54 -23.73 -17.90
C PRO C 835 5.35 -25.24 -17.90
N LEU C 836 4.10 -25.65 -17.65
CA LEU C 836 3.80 -27.08 -17.57
C LEU C 836 3.90 -27.74 -18.93
N LEU C 837 3.44 -27.07 -19.98
CA LEU C 837 3.46 -27.62 -21.34
C LEU C 837 4.63 -26.99 -22.09
N THR C 838 5.55 -27.83 -22.56
CA THR C 838 6.65 -27.35 -23.38
C THR C 838 6.14 -27.02 -24.78
N ASP C 839 7.04 -26.46 -25.59
CA ASP C 839 6.64 -25.98 -26.91
C ASP C 839 6.38 -27.12 -27.88
N ASP C 840 7.03 -28.27 -27.67
CA ASP C 840 6.75 -29.44 -28.50
C ASP C 840 5.33 -29.93 -28.32
N MET C 841 4.81 -29.88 -27.09
CA MET C 841 3.46 -30.33 -26.83
C MET C 841 2.43 -29.41 -27.47
N ILE C 842 2.66 -28.09 -27.40
CA ILE C 842 1.75 -27.14 -28.03
C ILE C 842 1.80 -27.27 -29.54
N ALA C 843 2.99 -27.52 -30.10
CA ALA C 843 3.11 -27.72 -31.54
C ALA C 843 2.39 -29.00 -31.97
N ALA C 844 2.44 -30.05 -31.14
CA ALA C 844 1.70 -31.27 -31.42
C ALA C 844 0.20 -31.03 -31.39
N TYR C 845 -0.28 -30.24 -30.44
CA TYR C 845 -1.71 -29.92 -30.37
C TYR C 845 -2.17 -29.15 -31.60
N THR C 846 -1.39 -28.17 -32.05
CA THR C 846 -1.80 -27.41 -33.23
C THR C 846 -1.71 -28.25 -34.49
N ALA C 847 -0.72 -29.15 -34.59
CA ALA C 847 -0.65 -30.05 -35.72
C ALA C 847 -1.85 -30.99 -35.78
N ALA C 848 -2.29 -31.48 -34.62
CA ALA C 848 -3.48 -32.31 -34.56
C ALA C 848 -4.73 -31.55 -34.99
N LEU C 849 -4.84 -30.28 -34.56
CA LEU C 849 -6.00 -29.47 -34.95
C LEU C 849 -6.03 -29.23 -36.46
N VAL C 850 -4.87 -28.89 -37.05
CA VAL C 850 -4.84 -28.62 -38.49
C VAL C 850 -5.08 -29.89 -39.29
N SER C 851 -4.55 -31.02 -38.84
CA SER C 851 -4.78 -32.28 -39.54
C SER C 851 -6.23 -32.70 -39.46
N GLY C 852 -6.87 -32.53 -38.30
CA GLY C 852 -8.28 -32.86 -38.19
C GLY C 852 -9.18 -31.93 -38.96
N THR C 853 -8.74 -30.67 -39.16
CA THR C 853 -9.50 -29.78 -40.03
C THR C 853 -9.38 -30.20 -41.49
N ALA C 854 -8.16 -30.56 -41.93
CA ALA C 854 -7.96 -30.95 -43.32
C ALA C 854 -8.50 -32.33 -43.63
N THR C 855 -8.79 -33.16 -42.63
CA THR C 855 -9.23 -34.53 -42.87
C THR C 855 -10.73 -34.72 -42.61
N ALA C 856 -11.22 -34.26 -41.47
CA ALA C 856 -12.61 -34.50 -41.10
C ALA C 856 -13.50 -33.28 -41.23
N GLY C 857 -12.94 -32.08 -41.19
CA GLY C 857 -13.73 -30.88 -41.41
C GLY C 857 -14.21 -30.19 -40.15
N TRP C 858 -15.50 -30.28 -39.89
CA TRP C 858 -16.14 -29.59 -38.78
C TRP C 858 -16.80 -30.55 -37.79
N THR C 859 -16.77 -31.85 -38.06
CA THR C 859 -17.48 -32.82 -37.25
C THR C 859 -16.64 -33.38 -36.11
N PHE C 860 -15.34 -33.08 -36.08
CA PHE C 860 -14.45 -33.61 -35.06
C PHE C 860 -14.46 -32.79 -33.78
N GLY C 861 -15.25 -31.70 -33.74
CA GLY C 861 -15.41 -30.93 -32.53
C GLY C 861 -16.79 -31.12 -31.92
N ALA C 862 -17.75 -31.53 -32.75
CA ALA C 862 -19.09 -31.81 -32.24
C ALA C 862 -19.17 -33.20 -31.63
N GLY C 863 -18.93 -34.23 -32.44
CA GLY C 863 -18.89 -35.59 -31.94
C GLY C 863 -17.61 -36.31 -32.31
N ALA C 864 -17.73 -37.42 -33.02
CA ALA C 864 -16.59 -38.16 -33.53
C ALA C 864 -16.24 -37.67 -34.93
N ALA C 865 -14.96 -37.83 -35.30
CA ALA C 865 -14.48 -37.36 -36.58
C ALA C 865 -15.08 -38.16 -37.72
N LEU C 866 -15.53 -37.47 -38.76
CA LEU C 866 -16.13 -38.08 -39.93
C LEU C 866 -15.39 -37.61 -41.17
N GLN C 867 -14.85 -38.55 -41.94
CA GLN C 867 -14.05 -38.20 -43.10
C GLN C 867 -14.91 -37.62 -44.21
N ILE C 868 -14.33 -36.67 -44.94
CA ILE C 868 -14.95 -36.07 -46.11
C ILE C 868 -13.82 -35.56 -46.99
N PRO C 869 -13.90 -35.69 -48.31
CA PRO C 869 -12.90 -35.06 -49.18
C PRO C 869 -12.96 -33.55 -49.06
N PHE C 870 -11.82 -32.90 -49.29
CA PHE C 870 -11.67 -31.49 -48.95
C PHE C 870 -12.52 -30.59 -49.85
N ALA C 871 -12.67 -30.94 -51.12
CA ALA C 871 -13.46 -30.11 -52.03
C ALA C 871 -14.93 -30.08 -51.64
N MET C 872 -15.48 -31.22 -51.21
CA MET C 872 -16.86 -31.25 -50.75
C MET C 872 -17.04 -30.49 -49.45
N GLN C 873 -16.05 -30.52 -48.56
CA GLN C 873 -16.10 -29.71 -47.37
C GLN C 873 -16.10 -28.22 -47.71
N MET C 874 -15.28 -27.82 -48.68
CA MET C 874 -15.23 -26.41 -49.07
C MET C 874 -16.52 -25.98 -49.76
N ALA C 875 -17.17 -26.90 -50.49
CA ALA C 875 -18.49 -26.60 -51.05
C ALA C 875 -19.53 -26.39 -49.96
N TYR C 876 -19.48 -27.23 -48.92
CA TYR C 876 -20.35 -27.04 -47.75
C TYR C 876 -20.10 -25.70 -47.09
N ARG C 877 -18.84 -25.27 -47.01
CA ARG C 877 -18.55 -23.94 -46.44
C ARG C 877 -19.04 -22.83 -47.35
N PHE C 878 -19.08 -23.07 -48.66
CA PHE C 878 -19.64 -22.05 -49.57
C PHE C 878 -21.15 -21.92 -49.41
N ASN C 879 -21.84 -23.03 -49.14
CA ASN C 879 -23.28 -22.92 -48.86
C ASN C 879 -23.58 -22.06 -47.64
N GLY C 880 -22.76 -22.16 -46.59
CA GLY C 880 -23.00 -21.40 -45.38
C GLY C 880 -22.83 -19.91 -45.54
N ILE C 881 -22.08 -19.48 -46.55
CA ILE C 881 -21.96 -18.06 -46.86
C ILE C 881 -23.21 -17.55 -47.56
N GLY C 882 -23.75 -18.33 -48.49
CA GLY C 882 -24.89 -17.92 -49.27
C GLY C 882 -24.62 -18.04 -50.76
N VAL C 883 -23.62 -18.82 -51.11
CA VAL C 883 -23.23 -19.08 -52.49
C VAL C 883 -23.48 -20.54 -52.80
N THR C 884 -23.99 -20.83 -54.00
CA THR C 884 -24.35 -22.20 -54.34
C THR C 884 -23.09 -23.03 -54.59
N GLN C 885 -23.30 -24.36 -54.69
CA GLN C 885 -22.18 -25.30 -54.73
C GLN C 885 -21.43 -25.28 -56.04
N ASN C 886 -22.11 -24.94 -57.15
CA ASN C 886 -21.48 -24.97 -58.46
C ASN C 886 -20.36 -23.96 -58.59
N VAL C 887 -20.47 -22.84 -57.86
CA VAL C 887 -19.49 -21.77 -57.95
C VAL C 887 -18.11 -22.26 -57.52
N LEU C 888 -18.07 -23.17 -56.55
CA LEU C 888 -16.79 -23.81 -56.23
C LEU C 888 -16.39 -24.81 -57.30
N TYR C 889 -17.35 -25.60 -57.81
CA TYR C 889 -17.00 -26.79 -58.57
C TYR C 889 -16.49 -26.46 -59.97
N GLU C 890 -16.99 -25.41 -60.60
CA GLU C 890 -16.36 -24.99 -61.86
C GLU C 890 -15.55 -23.71 -61.72
N ASN C 891 -15.02 -23.42 -60.53
CA ASN C 891 -13.98 -22.42 -60.36
C ASN C 891 -12.93 -22.92 -59.36
N GLN C 892 -12.72 -24.24 -59.34
CA GLN C 892 -11.91 -24.84 -58.28
C GLN C 892 -10.43 -24.47 -58.42
N LYS C 893 -9.92 -24.44 -59.65
CA LYS C 893 -8.49 -24.17 -59.85
C LYS C 893 -8.14 -22.74 -59.47
N GLN C 894 -9.00 -21.78 -59.82
CA GLN C 894 -8.76 -20.38 -59.45
C GLN C 894 -8.78 -20.19 -57.94
N ILE C 895 -9.72 -20.86 -57.25
CA ILE C 895 -9.80 -20.74 -55.79
C ILE C 895 -8.58 -21.37 -55.13
N ALA C 896 -8.13 -22.52 -55.63
CA ALA C 896 -6.94 -23.16 -55.07
C ALA C 896 -5.69 -22.31 -55.29
N ASN C 897 -5.58 -21.69 -56.47
CA ASN C 897 -4.44 -20.82 -56.74
C ASN C 897 -4.46 -19.58 -55.85
N GLN C 898 -5.65 -19.01 -55.62
CA GLN C 898 -5.75 -17.85 -54.73
C GLN C 898 -5.38 -18.23 -53.30
N PHE C 899 -5.79 -19.42 -52.85
CA PHE C 899 -5.44 -19.90 -51.52
C PHE C 899 -3.92 -20.04 -51.37
N ASN C 900 -3.28 -20.69 -52.34
CA ASN C 900 -1.83 -20.90 -52.28
C ASN C 900 -1.07 -19.58 -52.36
N LYS C 901 -1.56 -18.65 -53.17
CA LYS C 901 -0.91 -17.34 -53.27
C LYS C 901 -1.03 -16.56 -51.96
N ALA C 902 -2.18 -16.64 -51.29
CA ALA C 902 -2.34 -15.95 -50.02
C ALA C 902 -1.46 -16.56 -48.93
N ILE C 903 -1.29 -17.89 -48.96
CA ILE C 903 -0.37 -18.55 -48.03
C ILE C 903 1.06 -18.08 -48.26
N SER C 904 1.47 -17.98 -49.53
CA SER C 904 2.81 -17.50 -49.84
C SER C 904 3.00 -16.04 -49.41
N GLN C 905 1.96 -15.22 -49.56
CA GLN C 905 2.04 -13.83 -49.12
C GLN C 905 2.21 -13.73 -47.60
N ILE C 906 1.47 -14.54 -46.85
CA ILE C 906 1.63 -14.57 -45.40
C ILE C 906 3.03 -15.01 -45.02
N GLN C 907 3.55 -16.02 -45.72
CA GLN C 907 4.89 -16.54 -45.47
C GLN C 907 5.96 -15.48 -45.71
N GLU C 908 5.86 -14.74 -46.82
CA GLU C 908 6.88 -13.74 -47.11
C GLU C 908 6.75 -12.52 -46.20
N SER C 909 5.53 -12.18 -45.78
CA SER C 909 5.36 -11.05 -44.87
C SER C 909 5.87 -11.37 -43.48
N LEU C 910 5.78 -12.64 -43.06
CA LEU C 910 6.40 -13.03 -41.80
C LEU C 910 7.91 -13.18 -41.93
N THR C 911 8.39 -13.56 -43.11
CA THR C 911 9.84 -13.66 -43.32
C THR C 911 10.50 -12.29 -43.26
N THR C 912 9.87 -11.28 -43.85
CA THR C 912 10.35 -9.91 -43.69
C THR C 912 10.09 -9.45 -42.27
N THR C 913 11.14 -8.94 -41.61
CA THR C 913 11.00 -8.46 -40.24
C THR C 913 10.13 -7.20 -40.20
N SER C 914 9.35 -7.08 -39.12
CA SER C 914 8.38 -6.00 -39.00
C SER C 914 8.08 -5.78 -37.53
N THR C 915 7.15 -4.85 -37.27
CA THR C 915 6.67 -4.58 -35.92
C THR C 915 5.41 -5.36 -35.59
N ALA C 916 4.99 -6.27 -36.46
CA ALA C 916 3.91 -7.17 -36.14
C ALA C 916 4.35 -8.17 -35.09
N LEU C 917 3.38 -8.87 -34.50
CA LEU C 917 3.59 -9.85 -33.43
C LEU C 917 4.23 -9.16 -32.22
N GLY C 918 3.75 -7.95 -31.92
CA GLY C 918 4.39 -7.07 -30.96
C GLY C 918 3.85 -7.10 -29.54
N LYS C 919 2.64 -7.60 -29.34
CA LYS C 919 2.08 -7.62 -28.00
C LYS C 919 2.65 -8.77 -27.15
N LEU C 920 3.10 -9.85 -27.77
CA LEU C 920 3.84 -10.86 -27.01
C LEU C 920 5.18 -10.31 -26.56
N GLN C 921 5.83 -9.51 -27.40
CA GLN C 921 7.03 -8.79 -27.00
C GLN C 921 6.73 -7.80 -25.87
N ASP C 922 5.54 -7.19 -25.90
CA ASP C 922 5.14 -6.32 -24.79
C ASP C 922 5.01 -7.09 -23.49
N VAL C 923 4.49 -8.32 -23.56
CA VAL C 923 4.34 -9.13 -22.36
C VAL C 923 5.71 -9.47 -21.75
N VAL C 924 6.64 -9.93 -22.59
CA VAL C 924 7.96 -10.28 -22.05
C VAL C 924 8.70 -9.04 -21.55
N ASN C 925 8.52 -7.89 -22.22
CA ASN C 925 9.14 -6.65 -21.76
C ASN C 925 8.61 -6.22 -20.40
N GLN C 926 7.28 -6.35 -20.19
CA GLN C 926 6.70 -5.95 -18.91
C GLN C 926 7.19 -6.83 -17.76
N ASN C 927 7.31 -8.13 -18.01
CA ASN C 927 7.82 -9.01 -16.95
C ASN C 927 9.25 -8.67 -16.58
N ALA C 928 10.11 -8.48 -17.59
CA ALA C 928 11.51 -8.15 -17.32
C ALA C 928 11.64 -6.81 -16.60
N GLN C 929 10.84 -5.82 -17.00
CA GLN C 929 10.88 -4.51 -16.37
C GLN C 929 10.47 -4.57 -14.91
N ALA C 930 9.43 -5.34 -14.59
CA ALA C 930 8.99 -5.45 -13.20
C ALA C 930 10.05 -6.10 -12.31
N LEU C 931 10.70 -7.16 -12.81
CA LEU C 931 11.73 -7.81 -12.00
C LEU C 931 12.94 -6.90 -11.80
N ASN C 932 13.34 -6.16 -12.84
CA ASN C 932 14.47 -5.24 -12.70
C ASN C 932 14.14 -4.09 -11.76
N THR C 933 12.88 -3.64 -11.76
CA THR C 933 12.45 -2.60 -10.83
C THR C 933 12.54 -3.08 -9.38
N LEU C 934 12.12 -4.33 -9.12
CA LEU C 934 12.31 -4.87 -7.77
C LEU C 934 13.78 -4.93 -7.37
N VAL C 935 14.66 -5.32 -8.28
CA VAL C 935 16.08 -5.39 -7.94
C VAL C 935 16.64 -3.99 -7.65
N LYS C 936 16.28 -3.00 -8.45
CA LYS C 936 16.81 -1.65 -8.28
C LYS C 936 16.21 -0.90 -7.09
N GLN C 937 14.99 -1.23 -6.67
CA GLN C 937 14.39 -0.56 -5.51
C GLN C 937 15.03 -0.96 -4.18
N LEU C 938 16.05 -1.79 -4.20
CA LEU C 938 16.65 -2.36 -3.00
C LEU C 938 17.79 -1.48 -2.47
N SER C 939 18.04 -0.34 -3.10
CA SER C 939 19.09 0.58 -2.69
C SER C 939 18.56 1.82 -1.98
N SER C 940 17.24 1.98 -1.90
CA SER C 940 16.67 3.06 -1.12
C SER C 940 16.82 2.75 0.36
N ASN C 941 16.80 3.81 1.19
CA ASN C 941 16.97 3.63 2.61
C ASN C 941 15.74 4.02 3.44
N PHE C 942 14.72 4.62 2.81
CA PHE C 942 13.39 4.83 3.41
C PHE C 942 13.44 5.63 4.69
N GLY C 943 14.35 6.60 4.77
CA GLY C 943 14.48 7.40 5.97
C GLY C 943 15.39 6.82 7.03
N ALA C 944 16.30 5.94 6.66
CA ALA C 944 17.34 5.43 7.55
C ALA C 944 18.67 6.07 7.19
N ILE C 945 19.73 5.62 7.85
CA ILE C 945 21.03 6.24 7.63
C ILE C 945 21.77 5.58 6.48
N SER C 946 21.45 4.32 6.16
CA SER C 946 22.02 3.63 5.01
C SER C 946 21.08 2.49 4.64
N SER C 947 21.26 1.99 3.42
CA SER C 947 20.46 0.88 2.92
C SER C 947 21.10 -0.47 3.20
N VAL C 948 22.32 -0.50 3.73
CA VAL C 948 23.03 -1.73 4.04
C VAL C 948 22.71 -2.11 5.48
N LEU C 949 22.32 -3.36 5.71
CA LEU C 949 22.08 -3.81 7.07
C LEU C 949 23.39 -4.02 7.82
N ASN C 950 24.44 -4.39 7.08
CA ASN C 950 25.72 -4.75 7.69
C ASN C 950 26.38 -3.55 8.35
N ASP C 951 26.43 -2.40 7.66
CA ASP C 951 27.15 -1.28 8.23
C ASP C 951 26.37 -0.53 9.30
N ILE C 952 25.06 -0.77 9.43
CA ILE C 952 24.33 -0.21 10.56
C ILE C 952 24.26 -1.19 11.73
N LEU C 953 24.46 -2.48 11.49
CA LEU C 953 24.72 -3.38 12.60
C LEU C 953 26.17 -3.30 13.08
N SER C 954 27.06 -2.76 12.26
CA SER C 954 28.48 -2.71 12.59
C SER C 954 28.85 -1.54 13.50
N ARG C 955 28.07 -0.47 13.50
CA ARG C 955 28.44 0.72 14.26
C ARG C 955 27.34 1.31 15.12
N LEU C 956 26.08 0.97 14.90
CA LEU C 956 25.04 1.36 15.82
C LEU C 956 24.72 0.24 16.80
N CYS C 957 23.83 0.55 17.71
CA CYS C 957 23.75 -0.08 19.00
C CYS C 957 22.30 -0.54 19.14
N LYS C 958 22.07 -1.55 20.00
CA LYS C 958 21.02 -2.56 19.75
C LYS C 958 19.65 -1.97 19.45
N VAL C 959 19.17 -1.03 20.28
CA VAL C 959 17.82 -0.53 20.04
C VAL C 959 17.80 0.52 18.93
N GLU C 960 18.88 1.30 18.76
CA GLU C 960 18.95 2.17 17.59
C GLU C 960 19.01 1.35 16.30
N ALA C 961 19.76 0.25 16.32
CA ALA C 961 19.84 -0.62 15.16
C ALA C 961 18.47 -1.22 14.84
N GLU C 962 17.72 -1.62 15.87
CA GLU C 962 16.37 -2.13 15.64
C GLU C 962 15.46 -1.05 15.06
N VAL C 963 15.61 0.20 15.52
CA VAL C 963 14.79 1.30 15.01
C VAL C 963 15.05 1.53 13.52
N GLN C 964 16.31 1.51 13.09
CA GLN C 964 16.60 1.70 11.67
C GLN C 964 16.18 0.51 10.82
N ILE C 965 16.44 -0.71 11.32
CA ILE C 965 16.14 -1.92 10.57
C ILE C 965 14.63 -2.09 10.38
N ASP C 966 13.82 -1.61 11.33
CA ASP C 966 12.37 -1.65 11.16
C ASP C 966 11.92 -0.78 9.98
N ARG C 967 12.52 0.39 9.80
CA ARG C 967 12.18 1.25 8.66
C ARG C 967 12.55 0.57 7.35
N LEU C 968 13.73 -0.06 7.31
CA LEU C 968 14.13 -0.78 6.09
C LEU C 968 13.18 -1.93 5.79
N ILE C 969 12.73 -2.65 6.83
CA ILE C 969 11.83 -3.78 6.65
C ILE C 969 10.49 -3.33 6.09
N THR C 970 9.95 -2.23 6.61
CA THR C 970 8.67 -1.73 6.11
C THR C 970 8.77 -1.26 4.67
N GLY C 971 9.88 -0.59 4.32
CA GLY C 971 10.05 -0.16 2.92
C GLY C 971 10.12 -1.33 1.95
N ARG C 972 10.88 -2.37 2.29
CA ARG C 972 10.99 -3.49 1.39
C ARG C 972 9.71 -4.31 1.30
N LEU C 973 8.95 -4.40 2.40
CA LEU C 973 7.64 -5.05 2.35
C LEU C 973 6.67 -4.28 1.46
N GLN C 974 6.73 -2.94 1.50
CA GLN C 974 5.88 -2.14 0.63
C GLN C 974 6.22 -2.36 -0.84
N SER C 975 7.52 -2.47 -1.15
CA SER C 975 7.94 -2.76 -2.52
C SER C 975 7.36 -4.09 -3.00
N LEU C 976 7.44 -5.13 -2.17
CA LEU C 976 6.90 -6.44 -2.54
C LEU C 976 5.39 -6.40 -2.72
N GLN C 977 4.68 -5.65 -1.86
CA GLN C 977 3.23 -5.52 -1.98
C GLN C 977 2.83 -4.89 -3.31
N THR C 978 3.52 -3.81 -3.69
CA THR C 978 3.21 -3.13 -4.95
C THR C 978 3.45 -4.05 -6.15
N TYR C 979 4.55 -4.81 -6.11
CA TYR C 979 4.82 -5.77 -7.20
C TYR C 979 3.70 -6.80 -7.33
N VAL C 980 3.24 -7.37 -6.20
CA VAL C 980 2.22 -8.41 -6.27
C VAL C 980 0.89 -7.85 -6.76
N THR C 981 0.54 -6.62 -6.35
CA THR C 981 -0.71 -6.02 -6.83
C THR C 981 -0.70 -5.80 -8.34
N GLN C 982 0.41 -5.28 -8.87
CA GLN C 982 0.48 -5.08 -10.31
C GLN C 982 0.46 -6.40 -11.08
N GLN C 983 1.06 -7.45 -10.50
CA GLN C 983 1.01 -8.77 -11.13
C GLN C 983 -0.42 -9.31 -11.19
N LEU C 984 -1.20 -9.08 -10.12
CA LEU C 984 -2.59 -9.53 -10.12
C LEU C 984 -3.41 -8.84 -11.21
N ILE C 985 -3.22 -7.52 -11.37
CA ILE C 985 -3.99 -6.81 -12.40
C ILE C 985 -3.58 -7.25 -13.81
N ARG C 986 -2.28 -7.45 -14.05
CA ARG C 986 -1.82 -7.94 -15.33
C ARG C 986 -2.36 -9.34 -15.62
N ALA C 987 -2.45 -10.19 -14.59
CA ALA C 987 -3.00 -11.53 -14.77
C ALA C 987 -4.48 -11.48 -15.14
N ALA C 988 -5.22 -10.50 -14.60
CA ALA C 988 -6.61 -10.33 -15.01
C ALA C 988 -6.74 -9.99 -16.50
N GLU C 989 -5.86 -9.09 -17.00
CA GLU C 989 -5.89 -8.77 -18.43
C GLU C 989 -5.54 -9.98 -19.30
N ILE C 990 -4.52 -10.75 -18.91
CA ILE C 990 -4.15 -11.94 -19.65
C ILE C 990 -5.26 -12.99 -19.63
N ARG C 991 -5.98 -13.10 -18.51
CA ARG C 991 -7.07 -14.07 -18.44
C ARG C 991 -8.22 -13.70 -19.36
N ALA C 992 -8.53 -12.39 -19.47
CA ALA C 992 -9.54 -11.97 -20.43
C ALA C 992 -9.13 -12.31 -21.86
N SER C 993 -7.86 -12.05 -22.19
CA SER C 993 -7.38 -12.35 -23.54
C SER C 993 -7.40 -13.84 -23.82
N ALA C 994 -7.07 -14.67 -22.83
CA ALA C 994 -7.07 -16.12 -23.05
C ALA C 994 -8.48 -16.69 -23.17
N ASN C 995 -9.45 -16.13 -22.45
CA ASN C 995 -10.84 -16.54 -22.65
C ASN C 995 -11.32 -16.21 -24.06
N LEU C 996 -10.95 -15.02 -24.56
CA LEU C 996 -11.30 -14.68 -25.94
C LEU C 996 -10.63 -15.61 -26.94
N ALA C 997 -9.36 -15.98 -26.69
CA ALA C 997 -8.67 -16.91 -27.57
C ALA C 997 -9.32 -18.29 -27.57
N ALA C 998 -9.77 -18.75 -26.41
CA ALA C 998 -10.43 -20.05 -26.32
C ALA C 998 -11.75 -20.06 -27.07
N THR C 999 -12.57 -19.00 -26.93
CA THR C 999 -13.83 -19.00 -27.66
C THR C 999 -13.62 -18.79 -29.16
N LYS C 1000 -12.56 -18.10 -29.56
CA LYS C 1000 -12.26 -17.97 -30.99
C LYS C 1000 -11.80 -19.30 -31.57
N MET C 1001 -10.98 -20.05 -30.84
CA MET C 1001 -10.57 -21.39 -31.28
C MET C 1001 -11.78 -22.31 -31.41
N SER C 1002 -12.72 -22.22 -30.46
CA SER C 1002 -13.88 -23.10 -30.52
C SER C 1002 -14.83 -22.73 -31.64
N GLU C 1003 -15.06 -21.44 -31.88
CA GLU C 1003 -16.09 -21.03 -32.84
C GLU C 1003 -15.57 -20.77 -34.24
N CYS C 1004 -14.25 -20.81 -34.48
CA CYS C 1004 -13.77 -20.49 -35.81
C CYS C 1004 -12.89 -21.56 -36.40
N VAL C 1005 -12.23 -22.34 -35.56
CA VAL C 1005 -11.46 -23.48 -36.04
C VAL C 1005 -12.32 -24.73 -36.09
N LEU C 1006 -13.14 -24.95 -35.07
CA LEU C 1006 -13.99 -26.13 -34.98
C LEU C 1006 -15.32 -25.96 -35.69
N GLY C 1007 -15.61 -24.78 -36.21
CA GLY C 1007 -16.86 -24.55 -36.91
C GLY C 1007 -16.74 -23.38 -37.86
N GLN C 1008 -17.89 -22.99 -38.41
CA GLN C 1008 -18.01 -21.83 -39.27
C GLN C 1008 -18.93 -20.83 -38.58
N SER C 1009 -18.49 -19.59 -38.44
CA SER C 1009 -19.20 -18.61 -37.63
C SER C 1009 -19.88 -17.56 -38.52
N LYS C 1010 -21.09 -17.18 -38.14
CA LYS C 1010 -21.86 -16.16 -38.83
C LYS C 1010 -21.79 -14.81 -38.15
N ARG C 1011 -21.01 -14.68 -37.08
CA ARG C 1011 -20.85 -13.39 -36.41
C ARG C 1011 -19.95 -12.49 -37.24
N VAL C 1012 -20.38 -11.24 -37.42
CA VAL C 1012 -19.69 -10.31 -38.31
C VAL C 1012 -18.38 -9.86 -37.67
N ASP C 1013 -17.29 -9.97 -38.42
CA ASP C 1013 -15.94 -9.52 -38.07
C ASP C 1013 -15.40 -10.21 -36.82
N PHE C 1014 -15.98 -11.34 -36.42
CA PHE C 1014 -15.43 -12.11 -35.33
C PHE C 1014 -14.18 -12.88 -35.76
N CYS C 1015 -14.11 -13.26 -37.04
CA CYS C 1015 -12.96 -13.98 -37.56
C CYS C 1015 -12.63 -13.45 -38.95
N GLY C 1016 -11.75 -12.44 -38.99
CA GLY C 1016 -11.31 -11.88 -40.25
C GLY C 1016 -12.23 -10.79 -40.76
N LYS C 1017 -11.88 -10.28 -41.94
CA LYS C 1017 -12.68 -9.30 -42.65
C LYS C 1017 -13.29 -9.96 -43.88
N GLY C 1018 -14.61 -10.05 -43.90
CA GLY C 1018 -15.31 -10.70 -44.98
C GLY C 1018 -16.21 -11.80 -44.48
N TYR C 1019 -16.55 -12.75 -45.34
CA TYR C 1019 -17.37 -13.89 -44.95
C TYR C 1019 -16.43 -15.03 -44.55
N HIS C 1020 -16.58 -15.51 -43.33
CA HIS C 1020 -15.65 -16.52 -42.80
C HIS C 1020 -15.81 -17.84 -43.52
N LEU C 1021 -14.70 -18.42 -43.95
CA LEU C 1021 -14.68 -19.76 -44.52
C LEU C 1021 -13.97 -20.75 -43.61
N MET C 1022 -12.71 -20.51 -43.27
CA MET C 1022 -11.96 -21.46 -42.43
C MET C 1022 -10.99 -20.69 -41.53
N SER C 1023 -10.36 -21.42 -40.61
CA SER C 1023 -9.32 -20.84 -39.78
C SER C 1023 -8.34 -21.93 -39.36
N PHE C 1024 -7.08 -21.54 -39.20
CA PHE C 1024 -6.02 -22.45 -38.78
C PHE C 1024 -5.26 -21.83 -37.62
N PRO C 1025 -4.96 -22.59 -36.57
CA PRO C 1025 -4.15 -22.08 -35.47
C PRO C 1025 -2.67 -22.41 -35.60
N GLN C 1026 -1.84 -21.49 -35.12
CA GLN C 1026 -0.40 -21.70 -35.02
C GLN C 1026 0.06 -21.20 -33.65
N ALA C 1027 1.10 -21.84 -33.11
CA ALA C 1027 1.60 -21.51 -31.80
C ALA C 1027 2.67 -20.44 -31.88
N ALA C 1028 2.66 -19.53 -30.92
CA ALA C 1028 3.62 -18.44 -30.83
C ALA C 1028 4.11 -18.37 -29.39
N PRO C 1029 5.28 -17.74 -29.14
CA PRO C 1029 5.75 -17.58 -27.75
C PRO C 1029 4.76 -16.84 -26.87
N HIS C 1030 4.23 -17.55 -25.87
CA HIS C 1030 3.19 -17.06 -24.96
C HIS C 1030 1.90 -16.68 -25.68
N GLY C 1031 1.61 -17.29 -26.83
CA GLY C 1031 0.41 -16.85 -27.51
C GLY C 1031 0.01 -17.75 -28.66
N VAL C 1032 -1.05 -17.32 -29.34
CA VAL C 1032 -1.58 -18.05 -30.48
C VAL C 1032 -1.73 -17.07 -31.64
N VAL C 1033 -1.65 -17.60 -32.86
CA VAL C 1033 -1.86 -16.84 -34.08
C VAL C 1033 -2.89 -17.57 -34.91
N PHE C 1034 -3.91 -16.85 -35.37
CA PHE C 1034 -4.97 -17.43 -36.19
C PHE C 1034 -4.83 -16.93 -37.62
N LEU C 1035 -4.87 -17.86 -38.57
CA LEU C 1035 -4.96 -17.53 -39.98
C LEU C 1035 -6.40 -17.76 -40.41
N HIS C 1036 -7.11 -16.68 -40.72
CA HIS C 1036 -8.52 -16.72 -41.10
C HIS C 1036 -8.62 -16.64 -42.62
N VAL C 1037 -9.30 -17.61 -43.22
CA VAL C 1037 -9.53 -17.67 -44.65
C VAL C 1037 -10.96 -17.19 -44.91
N THR C 1038 -11.08 -16.11 -45.67
CA THR C 1038 -12.35 -15.44 -45.90
C THR C 1038 -12.58 -15.20 -47.39
N TYR C 1039 -13.84 -15.02 -47.73
CA TYR C 1039 -14.34 -14.79 -49.08
C TYR C 1039 -14.68 -13.32 -49.24
N VAL C 1040 -14.09 -12.65 -50.23
CA VAL C 1040 -14.29 -11.22 -50.43
C VAL C 1040 -14.91 -10.99 -51.81
N PRO C 1041 -16.11 -10.41 -51.90
CA PRO C 1041 -16.68 -10.10 -53.22
C PRO C 1041 -16.03 -8.89 -53.87
N SER C 1042 -16.07 -8.86 -55.20
CA SER C 1042 -15.42 -7.80 -55.95
C SER C 1042 -16.00 -7.72 -57.35
N GLN C 1043 -15.64 -6.63 -58.05
CA GLN C 1043 -16.01 -6.36 -59.45
C GLN C 1043 -17.53 -6.32 -59.64
N GLU C 1044 -18.14 -5.32 -59.01
CA GLU C 1044 -19.59 -5.22 -59.05
C GLU C 1044 -20.06 -4.44 -60.28
N ARG C 1045 -21.34 -4.58 -60.58
CA ARG C 1045 -21.98 -3.77 -61.61
C ARG C 1045 -23.43 -3.54 -61.23
N ASN C 1046 -24.03 -2.54 -61.87
CA ASN C 1046 -25.36 -2.09 -61.47
C ASN C 1046 -26.40 -2.59 -62.46
N PHE C 1047 -27.51 -3.07 -61.91
CA PHE C 1047 -28.66 -3.54 -62.67
C PHE C 1047 -29.89 -2.78 -62.21
N THR C 1048 -30.97 -2.88 -63.00
CA THR C 1048 -32.24 -2.32 -62.57
C THR C 1048 -32.99 -3.40 -61.80
N THR C 1049 -33.78 -3.00 -60.81
CA THR C 1049 -34.44 -3.97 -59.97
C THR C 1049 -35.88 -3.60 -59.70
N ALA C 1050 -36.67 -4.60 -59.34
CA ALA C 1050 -38.08 -4.47 -59.01
C ALA C 1050 -38.39 -5.34 -57.81
N PRO C 1051 -39.37 -4.96 -56.98
CA PRO C 1051 -39.70 -5.80 -55.83
C PRO C 1051 -40.43 -7.08 -56.20
N ALA C 1052 -41.37 -7.02 -57.13
CA ALA C 1052 -42.17 -8.16 -57.53
C ALA C 1052 -42.55 -7.98 -59.00
N ILE C 1053 -43.06 -9.05 -59.62
CA ILE C 1053 -43.52 -8.96 -61.00
C ILE C 1053 -44.98 -9.36 -61.07
N CYS C 1054 -45.79 -8.60 -61.80
CA CYS C 1054 -47.21 -8.89 -61.96
C CYS C 1054 -47.42 -9.67 -63.25
N HIS C 1055 -47.95 -10.88 -63.12
CA HIS C 1055 -48.24 -11.73 -64.26
C HIS C 1055 -49.63 -12.31 -64.08
N GLU C 1056 -50.47 -12.19 -65.11
CA GLU C 1056 -51.83 -12.72 -65.14
C GLU C 1056 -52.69 -12.21 -63.98
N GLY C 1057 -52.40 -11.00 -63.52
CA GLY C 1057 -53.16 -10.43 -62.42
C GLY C 1057 -52.74 -10.89 -61.04
N LYS C 1058 -51.61 -11.58 -60.90
CA LYS C 1058 -51.12 -11.95 -59.57
C LYS C 1058 -49.64 -11.58 -59.46
N ALA C 1059 -49.22 -11.31 -58.22
CA ALA C 1059 -47.89 -10.79 -57.93
C ALA C 1059 -46.96 -11.92 -57.51
N TYR C 1060 -45.81 -12.01 -58.18
CA TYR C 1060 -44.82 -13.04 -57.93
C TYR C 1060 -43.62 -12.39 -57.26
N PHE C 1061 -43.20 -12.98 -56.13
CA PHE C 1061 -42.06 -12.56 -55.33
C PHE C 1061 -40.97 -13.63 -55.43
N PRO C 1062 -39.69 -13.23 -55.42
CA PRO C 1062 -38.63 -14.24 -55.47
C PRO C 1062 -38.51 -15.01 -54.17
N ARG C 1063 -38.00 -16.23 -54.27
CA ARG C 1063 -37.79 -17.05 -53.07
C ARG C 1063 -36.50 -16.65 -52.37
N GLU C 1064 -35.37 -16.80 -53.06
CA GLU C 1064 -34.05 -16.48 -52.50
C GLU C 1064 -33.24 -15.83 -53.62
N GLY C 1065 -33.30 -14.52 -53.68
CA GLY C 1065 -32.62 -13.77 -54.73
C GLY C 1065 -33.33 -12.46 -54.97
N VAL C 1066 -32.89 -11.77 -56.02
CA VAL C 1066 -33.46 -10.51 -56.44
C VAL C 1066 -33.71 -10.55 -57.94
N PHE C 1067 -34.73 -9.81 -58.38
CA PHE C 1067 -35.00 -9.62 -59.80
C PHE C 1067 -34.06 -8.56 -60.34
N VAL C 1068 -33.39 -8.86 -61.45
CA VAL C 1068 -32.49 -7.90 -62.08
C VAL C 1068 -32.84 -7.77 -63.54
N PHE C 1069 -32.59 -6.58 -64.07
CA PHE C 1069 -32.74 -6.25 -65.48
C PHE C 1069 -31.40 -5.74 -65.97
N ASN C 1070 -30.88 -6.36 -67.03
CA ASN C 1070 -29.57 -6.07 -67.56
C ASN C 1070 -29.63 -5.39 -68.93
N GLY C 1071 -30.78 -4.82 -69.29
CA GLY C 1071 -30.94 -4.09 -70.52
C GLY C 1071 -31.72 -4.81 -71.60
N THR C 1072 -31.84 -6.14 -71.50
CA THR C 1072 -32.63 -6.90 -72.47
C THR C 1072 -33.80 -7.63 -71.83
N SER C 1073 -33.56 -8.41 -70.79
CA SER C 1073 -34.62 -9.22 -70.19
C SER C 1073 -34.39 -9.33 -68.70
N TRP C 1074 -35.43 -9.78 -68.00
CA TRP C 1074 -35.41 -9.87 -66.55
C TRP C 1074 -35.00 -11.27 -66.10
N PHE C 1075 -34.04 -11.32 -65.18
CA PHE C 1075 -33.58 -12.58 -64.60
C PHE C 1075 -33.72 -12.50 -63.09
N ILE C 1076 -33.46 -13.63 -62.43
CA ILE C 1076 -33.42 -13.70 -60.97
C ILE C 1076 -32.04 -14.20 -60.57
N THR C 1077 -31.43 -13.54 -59.59
CA THR C 1077 -30.06 -13.88 -59.22
C THR C 1077 -29.91 -13.97 -57.70
N GLN C 1078 -28.88 -14.68 -57.27
CA GLN C 1078 -28.46 -14.63 -55.88
C GLN C 1078 -27.71 -13.32 -55.62
N ARG C 1079 -27.76 -12.88 -54.36
CA ARG C 1079 -27.32 -11.53 -54.05
C ARG C 1079 -25.80 -11.39 -53.94
N ASN C 1080 -25.09 -12.49 -53.71
CA ASN C 1080 -23.65 -12.42 -53.47
C ASN C 1080 -22.81 -12.69 -54.70
N PHE C 1081 -23.35 -13.41 -55.68
CA PHE C 1081 -22.65 -13.72 -56.92
C PHE C 1081 -23.61 -13.48 -58.07
N PHE C 1082 -23.08 -13.01 -59.20
CA PHE C 1082 -23.92 -12.76 -60.37
C PHE C 1082 -23.97 -14.01 -61.23
N SER C 1083 -25.11 -14.69 -61.22
CA SER C 1083 -25.37 -15.82 -62.11
C SER C 1083 -26.84 -15.78 -62.48
N PRO C 1084 -27.18 -15.33 -63.69
CA PRO C 1084 -28.58 -15.13 -64.04
C PRO C 1084 -29.32 -16.46 -64.20
N GLN C 1085 -30.58 -16.46 -63.79
CA GLN C 1085 -31.48 -17.57 -63.99
C GLN C 1085 -32.78 -17.04 -64.56
N ILE C 1086 -33.43 -17.85 -65.41
CA ILE C 1086 -34.72 -17.46 -65.94
C ILE C 1086 -35.76 -17.54 -64.84
N ILE C 1087 -36.85 -16.81 -65.00
CA ILE C 1087 -37.90 -16.75 -63.99
C ILE C 1087 -38.93 -17.81 -64.33
N THR C 1088 -39.05 -18.81 -63.46
CA THR C 1088 -40.05 -19.86 -63.59
C THR C 1088 -40.97 -19.83 -62.38
N THR C 1089 -41.85 -20.81 -62.30
CA THR C 1089 -42.75 -20.93 -61.16
C THR C 1089 -42.01 -21.47 -59.94
N ASP C 1090 -40.91 -22.20 -60.17
CA ASP C 1090 -40.18 -22.79 -59.04
C ASP C 1090 -39.31 -21.75 -58.33
N ASN C 1091 -38.82 -20.75 -59.06
CA ASN C 1091 -38.00 -19.72 -58.45
C ASN C 1091 -38.80 -18.77 -57.57
N THR C 1092 -40.09 -18.61 -57.84
CA THR C 1092 -40.90 -17.55 -57.26
C THR C 1092 -42.00 -18.14 -56.38
N PHE C 1093 -42.82 -17.25 -55.83
CA PHE C 1093 -44.06 -17.66 -55.16
C PHE C 1093 -45.06 -16.52 -55.24
N VAL C 1094 -46.34 -16.88 -55.22
CA VAL C 1094 -47.44 -15.95 -55.49
C VAL C 1094 -48.02 -15.46 -54.18
N SER C 1095 -48.41 -14.18 -54.13
CA SER C 1095 -49.07 -13.63 -52.97
C SER C 1095 -49.90 -12.42 -53.40
N GLY C 1096 -51.21 -12.62 -53.52
CA GLY C 1096 -52.12 -11.51 -53.77
C GLY C 1096 -52.14 -11.05 -55.21
N ASN C 1097 -52.70 -9.87 -55.41
CA ASN C 1097 -52.83 -9.25 -56.72
C ASN C 1097 -51.91 -8.04 -56.81
N CYS C 1098 -51.58 -7.68 -58.05
CA CYS C 1098 -50.58 -6.64 -58.32
C CYS C 1098 -51.25 -5.26 -58.31
N ASP C 1099 -51.66 -4.85 -57.11
CA ASP C 1099 -52.24 -3.52 -56.93
C ASP C 1099 -51.75 -2.79 -55.69
N VAL C 1100 -51.07 -3.46 -54.76
CA VAL C 1100 -50.66 -2.84 -53.51
C VAL C 1100 -49.15 -2.68 -53.38
N VAL C 1101 -48.35 -3.41 -54.15
CA VAL C 1101 -46.91 -3.28 -54.11
C VAL C 1101 -46.50 -2.02 -54.86
N ILE C 1102 -45.54 -1.28 -54.31
CA ILE C 1102 -45.00 -0.10 -54.96
C ILE C 1102 -43.76 -0.50 -55.74
N GLY C 1103 -43.78 -0.23 -57.04
CA GLY C 1103 -42.71 -0.67 -57.92
C GLY C 1103 -42.99 -1.94 -58.69
N ILE C 1104 -44.23 -2.44 -58.65
CA ILE C 1104 -44.61 -3.65 -59.38
C ILE C 1104 -44.50 -3.41 -60.88
N ILE C 1105 -44.04 -4.44 -61.60
CA ILE C 1105 -43.84 -4.37 -63.05
C ILE C 1105 -44.54 -5.54 -63.70
N ASN C 1106 -44.62 -5.48 -65.03
CA ASN C 1106 -45.21 -6.54 -65.84
C ASN C 1106 -44.13 -7.35 -66.52
N ASN C 1107 -44.21 -8.67 -66.41
CA ASN C 1107 -43.34 -9.59 -67.14
C ASN C 1107 -44.05 -10.93 -67.24
N THR C 1108 -43.32 -11.97 -67.63
CA THR C 1108 -43.86 -13.29 -67.82
C THR C 1108 -43.11 -14.30 -66.97
N VAL C 1109 -43.80 -15.39 -66.63
CA VAL C 1109 -43.27 -16.46 -65.80
C VAL C 1109 -43.40 -17.77 -66.58
N TYR C 1110 -42.30 -18.50 -66.73
CA TYR C 1110 -42.27 -19.69 -67.54
C TYR C 1110 -42.78 -20.89 -66.74
N ASP C 1111 -43.89 -21.46 -67.18
CA ASP C 1111 -44.44 -22.70 -66.63
C ASP C 1111 -43.98 -23.88 -67.47
N PRO C 1112 -43.50 -24.97 -66.87
CA PRO C 1112 -42.94 -26.07 -67.66
C PRO C 1112 -43.98 -26.83 -68.48
N LEU C 1113 -45.26 -26.71 -68.16
CA LEU C 1113 -46.30 -27.37 -68.96
C LEU C 1113 -47.58 -26.54 -68.96
#